data_6WSG
#
_entry.id   6WSG
#
_cell.length_a   1.00
_cell.length_b   1.00
_cell.length_c   1.00
_cell.angle_alpha   90.00
_cell.angle_beta   90.00
_cell.angle_gamma   90.00
#
_symmetry.space_group_name_H-M   'P 1'
#
loop_
_entity.id
_entity.type
_entity.pdbx_description
1 polymer 'ATP-dependent Clp protease ATP-binding subunit ClpX'
2 polymer 'ATP-dependent Clp protease proteolytic subunit'
3 polymer 'Green fluorescent protein, + ssrA tag'
4 non-polymer 'PHOSPHOTHIOPHOSPHORIC ACID-ADENYLATE ESTER'
5 non-polymer 'MAGNESIUM ION'
6 water water
#
loop_
_entity_poly.entity_id
_entity_poly.type
_entity_poly.pdbx_seq_one_letter_code
_entity_poly.pdbx_strand_id
1 'polypeptide(L)'
;MGSSHHHHHHDYDIPTTENLYFQGSSALPTPHEIRNHLDDYVIGQEQAKKVLAVAVYNHYKRLRNGDTSNGVELGKSNIL
LIGPTGSGKTLLAETLARLLDVPFTMADATTLTEAGYVGEDVENIIQKLLQKSDYDVQKAQRGIVYIDEIDKISRKSDNP
SITRDVSGEGVQQALLKLIEGTVAAVPPQGGRKHPQQEFLQVDTSKILFICGGAFAGLDKVISHRVETGSGIGFGATVKA
KSDKASEGELLAQVEPEDLIKFGLIPEFIGRLPVVATLNELSEEALIQILKEPKNALTKQYQALFNLEGVDLEFRDEALD
AIAKKAMARKTGARGLRSIVEAALLDTMYDLPSMEDVEKVVIDESVIDGQSEPLLIYGKPEAQQASGE
;
A,B,C,D,E,F
2 'polypeptide(L)'
;LVPMVIEQTSRGERSFDIYSRLLKERVIFLTGQVEDHMANLIVAQMLFLEAENPEKDIYLYINSPGGVITAGMSIYDTMQ
FIKPDVSTICMGQAASMGAFLLTAGAKGKRFCLPNSRVMIHQPLGGYQGQATDIEIHAREILKVKGRMNELMALHTGQSL
EQIERDTERDRFLSAPEAVEYGLVDSILTHRNENLYFQSLEHHHHHH
;
L,K,J,I,H,N,M
3 'polypeptide(L)'
;MGSSHHHHHHDYDIPTTENLYFQGSRKGEELFTGVVPILVELDGDVNGHKFSVSGEGEGDATYGKLTLKFICTTGKLPVP
WPTLVTTFGYGVQCFARYPDHMKQHDFFKSAMPEGYVQERTIFFKDDGNYKTRAEVKFEGDTLVNRIELKGIDFKEDGNI
LGHKLEYNYNSHNVYIMADKQKNGIKVNFKIRHNIEDGSVQLADHYQQNTPIGDGPVLLPDNHYLSTQSALSKDPNEKRD
HMVLLEFVTAAGIGGGYGGGGGGGGGSENYALAA
;
S
#
# COMPACT_ATOMS: atom_id res chain seq x y z
N PRO A 29 14.58 -58.71 -18.80
CA PRO A 29 13.20 -58.91 -18.36
C PRO A 29 12.22 -57.97 -19.05
N THR A 30 11.04 -58.47 -19.38
CA THR A 30 10.04 -57.68 -20.07
C THR A 30 9.21 -56.88 -19.07
N PRO A 31 8.53 -55.82 -19.53
CA PRO A 31 7.69 -55.04 -18.62
C PRO A 31 6.60 -55.86 -17.94
N HIS A 32 6.12 -56.91 -18.59
CA HIS A 32 5.07 -57.74 -18.00
C HIS A 32 5.58 -58.48 -16.77
N GLU A 33 6.66 -59.24 -16.94
CA GLU A 33 7.20 -60.04 -15.83
C GLU A 33 7.77 -59.16 -14.73
N ILE A 34 8.43 -58.05 -15.09
CA ILE A 34 8.99 -57.19 -14.05
C ILE A 34 7.88 -56.56 -13.22
N ARG A 35 6.76 -56.22 -13.86
CA ARG A 35 5.63 -55.66 -13.11
C ARG A 35 5.04 -56.70 -12.17
N ASN A 36 4.97 -57.96 -12.62
CA ASN A 36 4.40 -59.02 -11.78
C ASN A 36 5.21 -59.18 -10.50
N HIS A 37 6.51 -58.90 -10.56
CA HIS A 37 7.33 -59.00 -9.35
C HIS A 37 7.00 -57.87 -8.40
N LEU A 38 6.82 -56.65 -8.91
CA LEU A 38 6.48 -55.52 -8.05
C LEU A 38 5.07 -55.61 -7.53
N ASP A 39 4.18 -56.29 -8.26
CA ASP A 39 2.80 -56.42 -7.80
C ASP A 39 2.74 -57.15 -6.47
N ASP A 40 3.62 -58.13 -6.27
CA ASP A 40 3.65 -58.88 -5.02
C ASP A 40 4.07 -58.00 -3.85
N TYR A 41 5.04 -57.12 -4.07
CA TYR A 41 5.56 -56.25 -3.03
C TYR A 41 4.88 -54.88 -2.96
N VAL A 42 4.28 -54.43 -4.07
CA VAL A 42 3.61 -53.13 -4.13
C VAL A 42 2.20 -53.33 -4.66
N ILE A 43 1.24 -52.68 -4.02
CA ILE A 43 -0.17 -52.77 -4.38
C ILE A 43 -0.78 -51.39 -4.43
N GLY A 44 -1.60 -51.15 -5.45
CA GLY A 44 -2.28 -49.88 -5.65
C GLY A 44 -1.55 -48.88 -6.52
N GLN A 45 -0.38 -49.22 -7.05
CA GLN A 45 0.41 -48.35 -7.91
C GLN A 45 0.57 -48.97 -9.29
N GLU A 46 -0.53 -49.53 -9.81
CA GLU A 46 -0.50 -50.19 -11.12
C GLU A 46 -0.03 -49.26 -12.24
N GLN A 47 -0.53 -48.01 -12.25
CA GLN A 47 -0.12 -47.09 -13.31
C GLN A 47 1.36 -46.75 -13.21
N ALA A 48 1.83 -46.46 -12.00
CA ALA A 48 3.23 -46.11 -11.82
C ALA A 48 4.14 -47.28 -12.12
N LYS A 49 3.73 -48.50 -11.76
CA LYS A 49 4.56 -49.67 -12.04
C LYS A 49 4.75 -49.86 -13.53
N LYS A 50 3.68 -49.64 -14.31
CA LYS A 50 3.77 -49.77 -15.75
C LYS A 50 4.74 -48.75 -16.32
N VAL A 51 4.70 -47.52 -15.82
CA VAL A 51 5.58 -46.46 -16.29
C VAL A 51 7.04 -46.81 -16.00
N LEU A 52 7.32 -47.29 -14.79
CA LEU A 52 8.70 -47.61 -14.43
C LEU A 52 9.20 -48.84 -15.16
N ALA A 53 8.33 -49.81 -15.41
CA ALA A 53 8.73 -51.01 -16.11
C ALA A 53 9.18 -50.68 -17.53
N VAL A 54 8.39 -49.86 -18.22
CA VAL A 54 8.75 -49.46 -19.57
C VAL A 54 9.99 -48.58 -19.57
N ALA A 55 10.06 -47.64 -18.62
CA ALA A 55 11.21 -46.75 -18.55
C ALA A 55 12.48 -47.50 -18.21
N VAL A 56 12.42 -48.41 -17.24
CA VAL A 56 13.62 -49.16 -16.86
C VAL A 56 13.99 -50.16 -17.96
N TYR A 57 13.01 -50.82 -18.55
CA TYR A 57 13.30 -51.79 -19.61
C TYR A 57 13.91 -51.10 -20.81
N ASN A 58 13.41 -49.92 -21.16
CA ASN A 58 13.96 -49.17 -22.29
C ASN A 58 15.41 -48.80 -22.04
N HIS A 59 15.69 -48.24 -20.86
CA HIS A 59 17.05 -47.81 -20.50
C HIS A 59 18.05 -48.93 -20.64
N TYR A 60 17.80 -50.06 -19.98
CA TYR A 60 18.74 -51.17 -20.03
C TYR A 60 18.83 -51.74 -21.43
N LYS A 61 17.71 -51.81 -22.14
CA LYS A 61 17.75 -52.31 -23.51
C LYS A 61 18.55 -51.36 -24.40
N ARG A 62 18.48 -50.05 -24.14
CA ARG A 62 19.24 -49.11 -24.94
C ARG A 62 20.73 -49.35 -24.79
N LEU A 63 21.16 -49.73 -23.58
CA LEU A 63 22.56 -50.01 -23.33
C LEU A 63 23.05 -51.16 -24.20
N ARG A 64 22.20 -52.14 -24.47
CA ARG A 64 22.55 -53.27 -25.32
C ARG A 64 22.92 -52.80 -26.72
N VAL A 72 20.70 -39.97 -34.61
CA VAL A 72 19.78 -39.68 -33.52
C VAL A 72 20.50 -39.86 -32.18
N GLU A 73 20.23 -38.94 -31.25
CA GLU A 73 20.82 -38.99 -29.91
C GLU A 73 19.69 -38.86 -28.90
N LEU A 74 19.11 -40.00 -28.53
CA LEU A 74 18.04 -40.00 -27.55
C LEU A 74 18.59 -39.68 -26.17
N GLY A 75 17.86 -38.84 -25.44
CA GLY A 75 18.29 -38.48 -24.11
C GLY A 75 18.04 -39.60 -23.11
N LYS A 76 18.81 -39.58 -22.03
CA LYS A 76 18.66 -40.59 -21.00
C LYS A 76 17.28 -40.51 -20.37
N SER A 77 16.65 -41.68 -20.20
CA SER A 77 15.32 -41.76 -19.62
C SER A 77 15.47 -41.94 -18.11
N ASN A 78 15.23 -40.87 -17.37
CA ASN A 78 15.30 -40.86 -15.91
C ASN A 78 13.91 -40.63 -15.35
N ILE A 79 13.48 -41.50 -14.48
CA ILE A 79 12.15 -41.43 -13.90
C ILE A 79 12.11 -40.39 -12.79
N LEU A 80 10.94 -39.78 -12.65
CA LEU A 80 10.64 -38.80 -11.61
C LEU A 80 9.38 -39.28 -10.92
N LEU A 81 9.49 -39.67 -9.65
CA LEU A 81 8.37 -40.21 -8.91
C LEU A 81 7.68 -39.11 -8.11
N ILE A 82 6.38 -38.97 -8.32
CA ILE A 82 5.55 -37.99 -7.64
C ILE A 82 4.63 -38.80 -6.74
N GLY A 83 5.01 -38.92 -5.47
CA GLY A 83 4.22 -39.65 -4.51
C GLY A 83 4.32 -39.07 -3.12
N PRO A 84 3.27 -39.20 -2.30
CA PRO A 84 3.33 -38.67 -0.94
C PRO A 84 4.16 -39.59 -0.05
N THR A 85 4.31 -39.17 1.20
CA THR A 85 5.09 -39.93 2.18
C THR A 85 4.62 -41.38 2.27
N GLY A 86 5.57 -42.30 2.20
CA GLY A 86 5.29 -43.72 2.31
C GLY A 86 4.19 -44.24 1.42
N SER A 87 4.26 -43.91 0.13
CA SER A 87 3.29 -44.36 -0.86
C SER A 87 3.89 -45.38 -1.82
N GLY A 88 4.94 -46.07 -1.39
CA GLY A 88 5.62 -47.03 -2.23
C GLY A 88 6.67 -46.43 -3.12
N LYS A 89 6.96 -45.14 -2.95
CA LYS A 89 7.97 -44.47 -3.75
C LYS A 89 9.35 -45.07 -3.51
N THR A 90 9.73 -45.22 -2.24
CA THR A 90 11.03 -45.78 -1.90
C THR A 90 11.10 -47.27 -2.24
N LEU A 91 10.02 -48.00 -1.96
CA LEU A 91 9.99 -49.44 -2.20
C LEU A 91 10.07 -49.79 -3.67
N LEU A 92 9.42 -49.00 -4.53
CA LEU A 92 9.41 -49.31 -5.96
C LEU A 92 10.82 -49.32 -6.54
N ALA A 93 11.61 -48.30 -6.24
CA ALA A 93 12.97 -48.24 -6.77
C ALA A 93 13.83 -49.36 -6.22
N GLU A 94 13.72 -49.62 -4.92
CA GLU A 94 14.50 -50.69 -4.29
C GLU A 94 14.18 -52.04 -4.91
N THR A 95 12.88 -52.31 -5.11
CA THR A 95 12.47 -53.60 -5.66
C THR A 95 12.96 -53.78 -7.08
N LEU A 96 12.90 -52.73 -7.90
CA LEU A 96 13.32 -52.83 -9.30
C LEU A 96 14.77 -53.23 -9.42
N ALA A 97 15.62 -52.71 -8.54
CA ALA A 97 17.04 -53.04 -8.57
C ALA A 97 17.38 -54.27 -7.74
N ARG A 98 16.59 -54.57 -6.71
CA ARG A 98 16.88 -55.73 -5.90
C ARG A 98 16.61 -57.01 -6.69
N LEU A 99 15.54 -57.04 -7.49
CA LEU A 99 15.29 -58.21 -8.32
C LEU A 99 16.40 -58.39 -9.34
N LEU A 100 16.94 -57.28 -9.84
CA LEU A 100 18.03 -57.30 -10.79
C LEU A 100 19.36 -57.44 -10.05
N ASP A 101 20.41 -57.72 -10.81
CA ASP A 101 21.74 -57.90 -10.25
C ASP A 101 22.54 -56.60 -10.23
N VAL A 102 21.98 -55.50 -10.71
CA VAL A 102 22.67 -54.21 -10.74
C VAL A 102 22.75 -53.63 -9.33
N PRO A 103 23.76 -52.82 -9.02
CA PRO A 103 23.83 -52.25 -7.66
C PRO A 103 22.81 -51.15 -7.45
N PHE A 104 22.35 -51.03 -6.21
CA PHE A 104 21.38 -50.02 -5.81
C PHE A 104 21.90 -49.22 -4.64
N THR A 105 21.93 -47.90 -4.80
CA THR A 105 22.34 -46.98 -3.75
C THR A 105 21.22 -45.96 -3.58
N MET A 106 21.25 -45.27 -2.44
CA MET A 106 20.26 -44.25 -2.12
C MET A 106 20.96 -42.96 -1.73
N ALA A 107 20.35 -41.84 -2.10
CA ALA A 107 20.88 -40.52 -1.79
C ALA A 107 19.75 -39.66 -1.26
N ASP A 108 20.13 -38.53 -0.65
CA ASP A 108 19.19 -37.58 -0.10
C ASP A 108 19.58 -36.18 -0.58
N ALA A 109 18.61 -35.27 -0.53
CA ALA A 109 18.80 -33.90 -0.97
C ALA A 109 19.18 -32.94 0.16
N THR A 110 19.30 -33.43 1.40
CA THR A 110 19.65 -32.55 2.50
C THR A 110 21.03 -31.94 2.32
N THR A 111 21.99 -32.73 1.84
CA THR A 111 23.35 -32.25 1.64
C THR A 111 23.39 -31.20 0.52
N ASP A 121 28.09 -31.86 -1.56
CA ASP A 121 28.98 -33.00 -1.43
C ASP A 121 28.32 -34.28 -1.94
N VAL A 122 28.24 -34.41 -3.27
CA VAL A 122 27.63 -35.58 -3.90
C VAL A 122 28.64 -36.63 -4.32
N GLU A 123 29.93 -36.40 -4.07
CA GLU A 123 30.93 -37.41 -4.43
C GLU A 123 30.74 -38.67 -3.60
N ASN A 124 30.26 -38.53 -2.37
CA ASN A 124 30.01 -39.68 -1.50
C ASN A 124 28.94 -40.60 -2.08
N ILE A 125 27.98 -40.05 -2.82
CA ILE A 125 26.90 -40.86 -3.39
C ILE A 125 27.48 -41.92 -4.32
N ILE A 126 28.42 -41.53 -5.18
CA ILE A 126 29.04 -42.51 -6.05
C ILE A 126 29.90 -43.45 -5.22
N GLN A 127 30.48 -42.94 -4.13
CA GLN A 127 31.30 -43.78 -3.27
C GLN A 127 30.46 -44.89 -2.65
N LYS A 128 29.21 -44.58 -2.28
CA LYS A 128 28.33 -45.60 -1.74
C LYS A 128 28.05 -46.68 -2.78
N LEU A 129 27.80 -46.27 -4.02
CA LEU A 129 27.54 -47.23 -5.09
C LEU A 129 28.73 -48.12 -5.32
N LEU A 130 29.94 -47.54 -5.27
CA LEU A 130 31.15 -48.33 -5.50
C LEU A 130 31.32 -49.37 -4.40
N GLN A 131 30.95 -49.02 -3.17
CA GLN A 131 31.06 -49.96 -2.06
C GLN A 131 30.16 -51.16 -2.28
N LYS A 132 28.92 -50.92 -2.72
CA LYS A 132 27.99 -52.02 -2.97
C LYS A 132 28.39 -52.82 -4.19
N SER A 133 29.09 -52.20 -5.14
CA SER A 133 29.54 -52.88 -6.35
C SER A 133 30.92 -53.50 -6.20
N ASP A 134 31.50 -53.46 -5.00
CA ASP A 134 32.84 -53.99 -4.75
C ASP A 134 33.86 -53.31 -5.66
N TYR A 135 33.74 -51.99 -5.77
CA TYR A 135 34.61 -51.13 -6.57
C TYR A 135 34.88 -51.71 -7.97
N ASP A 136 33.78 -52.05 -8.66
CA ASP A 136 33.83 -52.58 -10.01
C ASP A 136 33.24 -51.54 -10.95
N VAL A 137 34.05 -51.10 -11.92
CA VAL A 137 33.61 -50.07 -12.85
C VAL A 137 32.47 -50.58 -13.73
N GLN A 138 32.58 -51.79 -14.26
CA GLN A 138 31.55 -52.31 -15.16
C GLN A 138 30.22 -52.49 -14.45
N LYS A 139 30.24 -53.02 -13.23
CA LYS A 139 29.00 -53.23 -12.49
C LYS A 139 28.34 -51.90 -12.14
N ALA A 140 29.12 -50.91 -11.74
CA ALA A 140 28.57 -49.62 -11.35
C ALA A 140 27.99 -48.82 -12.51
N GLN A 141 28.42 -49.08 -13.74
CA GLN A 141 27.90 -48.33 -14.88
C GLN A 141 26.39 -48.47 -15.02
N ARG A 142 25.86 -49.66 -14.74
CA ARG A 142 24.44 -49.95 -14.85
C ARG A 142 23.68 -49.72 -13.55
N GLY A 143 24.36 -49.26 -12.50
CA GLY A 143 23.70 -49.04 -11.22
C GLY A 143 22.58 -48.03 -11.29
N ILE A 144 21.70 -48.14 -10.30
CA ILE A 144 20.56 -47.25 -10.12
C ILE A 144 20.82 -46.37 -8.91
N VAL A 145 20.49 -45.09 -9.03
CA VAL A 145 20.71 -44.10 -7.97
C VAL A 145 19.38 -43.40 -7.71
N TYR A 146 18.62 -43.90 -6.74
CA TYR A 146 17.38 -43.25 -6.38
C TYR A 146 17.71 -42.05 -5.50
N ILE A 147 17.28 -40.86 -5.93
CA ILE A 147 17.53 -39.63 -5.21
C ILE A 147 16.24 -39.28 -4.48
N ASP A 148 16.20 -39.59 -3.19
CA ASP A 148 15.01 -39.35 -2.39
C ASP A 148 14.87 -37.87 -2.05
N GLU A 149 13.62 -37.47 -1.85
CA GLU A 149 13.24 -36.11 -1.45
C GLU A 149 13.90 -35.03 -2.32
N ILE A 150 13.63 -35.11 -3.62
CA ILE A 150 14.15 -34.10 -4.53
C ILE A 150 13.41 -32.78 -4.33
N ASP A 151 12.21 -32.83 -3.76
CA ASP A 151 11.41 -31.63 -3.48
C ASP A 151 12.07 -30.73 -2.44
N LYS A 152 12.92 -31.29 -1.58
CA LYS A 152 13.56 -30.50 -0.53
C LYS A 152 14.38 -29.35 -1.10
N ILE A 153 15.02 -29.57 -2.26
CA ILE A 153 15.86 -28.54 -2.88
C ILE A 153 15.08 -27.67 -3.86
N SER A 154 13.79 -27.91 -4.04
CA SER A 154 12.99 -27.10 -4.96
C SER A 154 12.94 -25.65 -4.50
N ARG A 155 13.02 -24.74 -5.46
CA ARG A 155 12.97 -23.31 -5.18
C ARG A 155 11.57 -22.92 -4.76
N GLY A 170 23.21 -24.46 -4.98
CA GLY A 170 23.29 -25.07 -6.28
C GLY A 170 23.34 -26.58 -6.21
N VAL A 171 22.42 -27.15 -5.43
CA VAL A 171 22.38 -28.60 -5.28
C VAL A 171 22.01 -29.25 -6.60
N GLN A 172 21.00 -28.71 -7.28
CA GLN A 172 20.55 -29.25 -8.56
C GLN A 172 21.67 -29.26 -9.58
N GLN A 173 22.46 -28.18 -9.64
CA GLN A 173 23.56 -28.09 -10.59
C GLN A 173 24.56 -29.22 -10.37
N ALA A 174 24.86 -29.54 -9.12
CA ALA A 174 25.79 -30.63 -8.85
C ALA A 174 25.26 -31.95 -9.40
N LEU A 175 23.95 -32.18 -9.23
CA LEU A 175 23.34 -33.39 -9.76
C LEU A 175 23.34 -33.39 -11.28
N LEU A 176 23.14 -32.22 -11.88
CA LEU A 176 23.10 -32.11 -13.34
C LEU A 176 24.37 -32.65 -13.97
N LYS A 177 25.53 -32.34 -13.38
CA LYS A 177 26.78 -32.86 -13.91
C LYS A 177 26.77 -34.38 -13.85
N LEU A 178 26.24 -34.92 -12.75
CA LEU A 178 26.15 -36.36 -12.58
C LEU A 178 25.13 -36.96 -13.55
N ILE A 179 23.99 -36.27 -13.72
CA ILE A 179 22.95 -36.76 -14.61
C ILE A 179 23.43 -36.74 -16.06
N GLU A 180 24.09 -35.65 -16.46
CA GLU A 180 24.59 -35.55 -17.83
C GLU A 180 25.71 -36.54 -18.10
N GLY A 181 26.49 -36.88 -17.08
CA GLY A 181 27.60 -37.80 -17.20
C GLY A 181 28.94 -37.15 -17.03
N THR A 182 29.54 -37.33 -15.85
CA THR A 182 30.84 -36.78 -15.50
C THR A 182 31.67 -37.87 -14.87
N VAL A 183 32.92 -38.00 -15.31
CA VAL A 183 33.81 -39.02 -14.78
C VAL A 183 34.41 -38.55 -13.47
N VAL A 202 34.80 -43.08 -12.36
CA VAL A 202 33.74 -43.90 -12.93
C VAL A 202 32.81 -43.04 -13.78
N ASP A 203 32.36 -43.57 -14.90
CA ASP A 203 31.46 -42.84 -15.79
C ASP A 203 30.03 -42.96 -15.29
N THR A 204 29.37 -41.81 -15.14
CA THR A 204 27.99 -41.74 -14.70
C THR A 204 27.02 -41.46 -15.84
N SER A 205 27.50 -41.46 -17.08
CA SER A 205 26.62 -41.18 -18.21
C SER A 205 25.54 -42.24 -18.37
N LYS A 206 25.90 -43.51 -18.19
CA LYS A 206 24.97 -44.61 -18.33
C LYS A 206 24.22 -44.96 -17.06
N ILE A 207 24.57 -44.34 -15.92
CA ILE A 207 23.89 -44.64 -14.68
C ILE A 207 22.47 -44.08 -14.73
N LEU A 208 21.52 -44.84 -14.18
CA LEU A 208 20.11 -44.46 -14.15
C LEU A 208 19.80 -43.81 -12.81
N PHE A 209 19.26 -42.61 -12.85
CA PHE A 209 18.91 -41.82 -11.68
C PHE A 209 17.41 -41.64 -11.60
N ILE A 210 16.82 -41.97 -10.45
CA ILE A 210 15.40 -41.78 -10.21
C ILE A 210 15.27 -40.71 -9.14
N CYS A 211 14.71 -39.57 -9.51
CA CYS A 211 14.53 -38.45 -8.59
C CYS A 211 13.07 -38.40 -8.15
N GLY A 212 12.78 -38.98 -6.99
CA GLY A 212 11.44 -39.03 -6.44
C GLY A 212 11.32 -38.12 -5.22
N GLY A 213 10.23 -37.36 -5.17
CA GLY A 213 9.99 -36.47 -4.04
C GLY A 213 8.53 -36.31 -3.72
N ALA A 214 8.27 -35.78 -2.53
CA ALA A 214 6.92 -35.52 -2.03
C ALA A 214 6.51 -34.13 -2.51
N PHE A 215 5.98 -34.05 -3.73
CA PHE A 215 5.61 -32.77 -4.32
C PHE A 215 4.24 -32.33 -3.79
N ALA A 216 4.26 -31.90 -2.53
CA ALA A 216 3.06 -31.42 -1.86
C ALA A 216 2.76 -30.00 -2.32
N GLY A 217 1.49 -29.71 -2.53
CA GLY A 217 1.07 -28.42 -3.03
C GLY A 217 1.16 -28.30 -4.54
N LEU A 218 1.41 -29.41 -5.23
CA LEU A 218 1.52 -29.42 -6.68
C LEU A 218 0.15 -29.35 -7.34
N ASP A 219 -0.86 -29.97 -6.73
CA ASP A 219 -2.22 -29.94 -7.25
C ASP A 219 -2.68 -28.52 -7.54
N LYS A 220 -2.32 -27.57 -6.67
CA LYS A 220 -2.71 -26.19 -6.87
C LYS A 220 -2.08 -25.62 -8.13
N VAL A 221 -0.82 -25.96 -8.39
CA VAL A 221 -0.14 -25.46 -9.58
C VAL A 221 -0.81 -26.00 -10.83
N ILE A 222 -1.16 -27.28 -10.84
CA ILE A 222 -1.82 -27.85 -12.01
C ILE A 222 -3.23 -27.28 -12.14
N SER A 223 -3.90 -27.01 -11.03
CA SER A 223 -5.25 -26.49 -11.07
C SER A 223 -5.31 -25.15 -11.79
N HIS A 224 -4.35 -24.27 -11.51
CA HIS A 224 -4.35 -22.96 -12.15
C HIS A 224 -4.24 -23.07 -13.67
N ARG A 225 -3.48 -24.06 -14.15
CA ARG A 225 -3.29 -24.24 -15.59
C ARG A 225 -4.45 -24.99 -16.24
N VAL A 226 -4.71 -26.21 -15.77
CA VAL A 226 -5.73 -27.06 -16.41
C VAL A 226 -7.11 -26.43 -16.30
N GLU A 227 -7.43 -25.81 -15.18
CA GLU A 227 -8.75 -25.23 -15.02
C GLU A 227 -8.82 -23.93 -15.82
N THR A 228 -9.75 -23.89 -16.77
CA THR A 228 -9.92 -22.70 -17.60
C THR A 228 -10.47 -21.52 -16.80
N GLY A 229 -11.28 -21.81 -15.79
CA GLY A 229 -11.89 -20.79 -14.95
C GLY A 229 -13.40 -20.91 -14.97
N SER A 230 -14.06 -20.27 -14.02
CA SER A 230 -15.50 -20.31 -13.89
C SER A 230 -16.09 -18.94 -14.19
N GLY A 231 -17.07 -18.92 -15.08
CA GLY A 231 -17.73 -17.70 -15.43
C GLY A 231 -18.82 -17.37 -14.44
N ILE A 232 -19.33 -16.14 -14.56
CA ILE A 232 -20.36 -15.66 -13.65
C ILE A 232 -21.76 -15.75 -14.24
N GLY A 233 -21.90 -15.97 -15.53
CA GLY A 233 -23.21 -16.02 -16.16
C GLY A 233 -23.96 -17.32 -15.93
N PHE A 234 -25.17 -17.35 -16.49
CA PHE A 234 -26.00 -18.54 -16.41
C PHE A 234 -25.33 -19.71 -17.11
N GLY A 235 -24.92 -19.50 -18.37
CA GLY A 235 -24.27 -20.52 -19.16
C GLY A 235 -22.94 -20.99 -18.59
N ALA A 236 -22.28 -20.14 -17.80
CA ALA A 236 -21.00 -20.49 -17.21
C ALA A 236 -21.09 -21.77 -16.40
N THR A 237 -19.95 -22.46 -16.31
CA THR A 237 -19.84 -23.72 -15.58
C THR A 237 -19.21 -23.46 -14.23
N VAL A 238 -20.03 -23.60 -13.18
CA VAL A 238 -19.58 -23.45 -11.79
C VAL A 238 -19.78 -24.79 -11.12
N LYS A 239 -18.73 -25.28 -10.46
CA LYS A 239 -18.79 -26.56 -9.77
C LYS A 239 -18.18 -26.43 -8.39
N ALA A 240 -18.74 -27.20 -7.45
CA ALA A 240 -18.29 -27.18 -6.07
C ALA A 240 -17.07 -28.08 -5.90
N LYS A 241 -16.53 -28.08 -4.67
CA LYS A 241 -15.35 -28.87 -4.35
C LYS A 241 -15.49 -30.34 -4.70
N SER A 242 -16.70 -30.87 -4.63
CA SER A 242 -16.93 -32.28 -4.96
C SER A 242 -16.44 -32.61 -6.37
N ASP A 243 -16.62 -31.68 -7.31
CA ASP A 243 -16.21 -31.85 -8.70
C ASP A 243 -15.33 -30.68 -9.16
N LYS A 244 -14.37 -30.28 -8.33
CA LYS A 244 -13.46 -29.16 -8.63
C LYS A 244 -12.01 -29.58 -8.45
N ALA A 245 -11.42 -30.11 -9.52
CA ALA A 245 -10.01 -30.50 -9.56
C ALA A 245 -9.59 -31.37 -8.38
N SER A 246 -10.23 -32.53 -8.27
CA SER A 246 -9.87 -33.48 -7.23
C SER A 246 -8.40 -33.83 -7.35
N GLU A 247 -7.73 -34.05 -6.21
CA GLU A 247 -6.31 -34.40 -6.23
C GLU A 247 -6.06 -35.59 -7.12
N GLY A 248 -6.97 -36.56 -7.09
CA GLY A 248 -6.89 -37.68 -8.00
C GLY A 248 -7.29 -37.23 -9.39
N GLU A 249 -6.53 -37.69 -10.39
CA GLU A 249 -6.71 -37.37 -11.81
C GLU A 249 -6.15 -35.99 -12.13
N LEU A 250 -5.56 -35.27 -11.18
CA LEU A 250 -4.95 -33.98 -11.44
C LEU A 250 -3.47 -34.08 -11.69
N LEU A 251 -2.83 -35.16 -11.24
CA LEU A 251 -1.42 -35.36 -11.48
C LEU A 251 -1.16 -36.08 -12.80
N ALA A 252 -2.19 -36.64 -13.42
CA ALA A 252 -2.02 -37.28 -14.71
C ALA A 252 -1.71 -36.24 -15.78
N GLN A 253 -2.27 -35.05 -15.64
CA GLN A 253 -2.05 -33.95 -16.58
C GLN A 253 -0.81 -33.14 -16.25
N VAL A 254 0.00 -33.59 -15.28
CA VAL A 254 1.22 -32.87 -14.92
C VAL A 254 2.12 -32.79 -16.15
N GLU A 255 2.65 -31.60 -16.40
CA GLU A 255 3.54 -31.32 -17.51
C GLU A 255 4.80 -30.67 -16.97
N PRO A 256 5.86 -30.59 -17.77
CA PRO A 256 7.09 -29.95 -17.28
C PRO A 256 6.90 -28.51 -16.86
N GLU A 257 6.00 -27.77 -17.50
CA GLU A 257 5.79 -26.38 -17.13
C GLU A 257 5.29 -26.25 -15.70
N ASP A 258 4.39 -27.16 -15.30
CA ASP A 258 3.86 -27.12 -13.94
C ASP A 258 4.97 -27.41 -12.92
N LEU A 259 5.83 -28.37 -13.24
CA LEU A 259 6.92 -28.72 -12.34
C LEU A 259 7.91 -27.57 -12.21
N ILE A 260 8.11 -26.80 -13.28
CA ILE A 260 9.04 -25.67 -13.21
C ILE A 260 8.51 -24.63 -12.23
N LYS A 261 7.20 -24.45 -12.18
CA LYS A 261 6.62 -23.50 -11.23
C LYS A 261 6.93 -23.94 -9.81
N PHE A 262 7.00 -25.25 -9.58
CA PHE A 262 7.32 -25.78 -8.26
C PHE A 262 8.76 -25.49 -7.82
N GLY A 263 9.58 -24.90 -8.70
CA GLY A 263 10.95 -24.54 -8.38
C GLY A 263 12.00 -25.31 -9.16
N LEU A 264 11.65 -26.46 -9.72
CA LEU A 264 12.62 -27.23 -10.49
C LEU A 264 13.08 -26.44 -11.71
N ILE A 265 14.39 -26.33 -11.88
CA ILE A 265 14.93 -25.58 -13.00
C ILE A 265 14.65 -26.36 -14.29
N PRO A 266 14.44 -25.69 -15.44
CA PRO A 266 14.17 -26.44 -16.68
C PRO A 266 15.24 -27.43 -17.06
N GLU A 267 16.51 -27.08 -16.82
CA GLU A 267 17.60 -27.99 -17.17
C GLU A 267 17.45 -29.33 -16.46
N PHE A 268 17.00 -29.31 -15.20
CA PHE A 268 16.83 -30.54 -14.45
C PHE A 268 15.67 -31.36 -14.97
N ILE A 269 14.54 -30.72 -15.29
CA ILE A 269 13.40 -31.48 -15.79
C ILE A 269 13.65 -31.99 -17.20
N GLY A 270 14.55 -31.36 -17.95
CA GLY A 270 14.84 -31.85 -19.29
C GLY A 270 15.43 -33.24 -19.27
N ARG A 271 16.24 -33.55 -18.26
CA ARG A 271 16.84 -34.86 -18.12
C ARG A 271 15.94 -35.86 -17.43
N LEU A 272 14.73 -35.45 -17.00
CA LEU A 272 13.76 -36.31 -16.33
C LEU A 272 12.46 -36.27 -17.11
N PRO A 273 12.42 -36.91 -18.28
CA PRO A 273 11.18 -36.86 -19.08
C PRO A 273 10.03 -37.62 -18.46
N VAL A 274 10.30 -38.81 -17.94
CA VAL A 274 9.25 -39.65 -17.37
C VAL A 274 8.87 -39.11 -15.99
N VAL A 275 7.58 -38.91 -15.78
CA VAL A 275 7.06 -38.41 -14.50
C VAL A 275 5.98 -39.38 -14.05
N ALA A 276 6.36 -40.34 -13.21
CA ALA A 276 5.41 -41.30 -12.68
C ALA A 276 4.73 -40.71 -11.46
N THR A 277 3.43 -40.98 -11.34
CA THR A 277 2.62 -40.48 -10.24
C THR A 277 2.09 -41.66 -9.42
N LEU A 278 2.19 -41.52 -8.11
CA LEU A 278 1.71 -42.53 -7.17
C LEU A 278 0.49 -42.00 -6.43
N ASN A 279 -0.23 -42.93 -5.83
CA ASN A 279 -1.43 -42.65 -5.06
C ASN A 279 -1.19 -42.95 -3.59
N GLU A 280 -2.01 -42.35 -2.74
CA GLU A 280 -1.88 -42.61 -1.32
C GLU A 280 -2.30 -44.05 -1.06
N LEU A 281 -1.66 -44.67 -0.07
CA LEU A 281 -1.94 -46.07 0.25
C LEU A 281 -3.41 -46.25 0.58
N SER A 282 -4.01 -47.27 -0.02
CA SER A 282 -5.42 -47.54 0.17
C SER A 282 -5.63 -48.28 1.48
N GLU A 283 -6.91 -48.42 1.86
CA GLU A 283 -7.26 -49.09 3.11
C GLU A 283 -6.75 -50.52 3.12
N GLU A 284 -6.87 -51.22 2.00
CA GLU A 284 -6.39 -52.59 1.92
C GLU A 284 -4.87 -52.66 2.01
N ALA A 285 -4.18 -51.66 1.46
CA ALA A 285 -2.72 -51.66 1.53
C ALA A 285 -2.24 -51.46 2.97
N LEU A 286 -2.89 -50.56 3.71
CA LEU A 286 -2.51 -50.33 5.09
C LEU A 286 -2.75 -51.58 5.91
N ILE A 287 -3.86 -52.28 5.65
CA ILE A 287 -4.16 -53.51 6.37
C ILE A 287 -3.05 -54.53 6.16
N GLN A 288 -2.50 -54.58 4.95
CA GLN A 288 -1.42 -55.52 4.67
C GLN A 288 -0.18 -55.18 5.48
N ILE A 289 0.14 -53.90 5.60
CA ILE A 289 1.32 -53.47 6.35
C ILE A 289 1.15 -53.81 7.82
N LEU A 290 -0.07 -53.73 8.33
CA LEU A 290 -0.34 -54.04 9.73
C LEU A 290 -0.18 -55.51 10.06
N LYS A 291 -0.45 -56.41 9.10
CA LYS A 291 -0.41 -57.85 9.35
C LYS A 291 0.72 -58.61 8.67
N GLU A 292 0.94 -58.41 7.37
CA GLU A 292 1.94 -59.22 6.68
C GLU A 292 3.38 -58.99 7.13
N PRO A 293 3.88 -57.77 7.29
CA PRO A 293 5.27 -57.59 7.70
C PRO A 293 5.59 -58.21 9.05
N LYS A 294 6.86 -58.62 9.20
CA LYS A 294 7.34 -59.26 10.41
C LYS A 294 7.34 -58.30 11.61
N ASN A 295 7.63 -57.03 11.38
CA ASN A 295 7.71 -56.02 12.42
C ASN A 295 6.55 -55.03 12.33
N ALA A 296 5.37 -55.55 11.98
CA ALA A 296 4.19 -54.72 11.86
C ALA A 296 3.66 -54.33 13.23
N LEU A 297 2.72 -53.41 13.22
CA LEU A 297 2.14 -52.90 14.47
C LEU A 297 1.42 -54.02 15.24
N THR A 298 0.59 -54.80 14.54
CA THR A 298 -0.15 -55.84 15.24
C THR A 298 0.77 -56.89 15.83
N LYS A 299 1.79 -57.29 15.09
CA LYS A 299 2.74 -58.27 15.62
C LYS A 299 3.51 -57.71 16.80
N GLN A 300 3.81 -56.42 16.77
CA GLN A 300 4.56 -55.80 17.86
C GLN A 300 3.77 -55.81 19.16
N TYR A 301 2.58 -55.19 19.14
CA TYR A 301 1.75 -55.15 20.34
C TYR A 301 1.32 -56.55 20.77
N GLN A 302 1.15 -57.46 19.81
CA GLN A 302 0.83 -58.84 20.19
C GLN A 302 1.94 -59.42 21.04
N ALA A 303 3.19 -59.18 20.65
CA ALA A 303 4.33 -59.65 21.42
C ALA A 303 4.47 -58.88 22.72
N LEU A 304 4.14 -57.58 22.69
CA LEU A 304 4.23 -56.76 23.88
C LEU A 304 3.33 -57.29 24.98
N PHE A 305 2.17 -57.80 24.60
CA PHE A 305 1.23 -58.36 25.56
C PHE A 305 1.57 -59.82 25.89
N ASN A 306 2.27 -60.51 24.99
CA ASN A 306 2.59 -61.92 25.19
C ASN A 306 3.47 -62.13 26.43
N LEU A 307 4.51 -61.30 26.58
CA LEU A 307 5.40 -61.48 27.73
C LEU A 307 4.68 -61.27 29.05
N GLU A 308 3.57 -60.54 29.04
CA GLU A 308 2.76 -60.33 30.24
C GLU A 308 1.84 -61.50 30.52
N GLY A 309 1.94 -62.59 29.76
CA GLY A 309 1.03 -63.70 29.96
C GLY A 309 -0.36 -63.39 29.47
N VAL A 310 -0.47 -62.50 28.49
CA VAL A 310 -1.75 -62.06 27.94
C VAL A 310 -1.67 -62.11 26.42
N ASP A 311 -2.76 -62.48 25.80
CA ASP A 311 -2.86 -62.56 24.35
C ASP A 311 -3.59 -61.33 23.83
N LEU A 312 -3.48 -61.13 22.53
CA LEU A 312 -4.10 -59.99 21.87
C LEU A 312 -4.76 -60.48 20.59
N GLU A 313 -5.85 -59.81 20.22
CA GLU A 313 -6.60 -60.13 19.03
C GLU A 313 -6.94 -58.85 18.30
N PHE A 314 -6.98 -58.94 16.98
CA PHE A 314 -7.26 -57.81 16.11
C PHE A 314 -8.25 -58.26 15.06
N ARG A 315 -9.48 -57.78 15.14
CA ARG A 315 -10.50 -58.15 14.18
C ARG A 315 -10.37 -57.30 12.93
N ASP A 316 -10.82 -57.87 11.80
CA ASP A 316 -10.73 -57.15 10.53
C ASP A 316 -11.54 -55.87 10.57
N GLU A 317 -12.65 -55.85 11.31
CA GLU A 317 -13.44 -54.64 11.43
C GLU A 317 -12.67 -53.55 12.15
N ALA A 318 -11.81 -53.94 13.10
CA ALA A 318 -11.02 -52.97 13.84
C ALA A 318 -9.97 -52.33 12.95
N LEU A 319 -9.26 -53.14 12.16
CA LEU A 319 -8.24 -52.63 11.27
C LEU A 319 -8.84 -51.72 10.20
N ASP A 320 -10.10 -51.96 9.83
CA ASP A 320 -10.73 -51.12 8.82
C ASP A 320 -10.90 -49.70 9.33
N ALA A 321 -11.35 -49.54 10.58
CA ALA A 321 -11.52 -48.21 11.15
C ALA A 321 -10.17 -47.52 11.31
N ILE A 322 -9.13 -48.29 11.66
CA ILE A 322 -7.80 -47.72 11.82
C ILE A 322 -7.31 -47.17 10.49
N ALA A 323 -7.53 -47.92 9.41
CA ALA A 323 -7.10 -47.47 8.10
C ALA A 323 -7.86 -46.21 7.68
N LYS A 324 -9.16 -46.18 7.92
CA LYS A 324 -9.96 -45.01 7.57
C LYS A 324 -9.50 -43.79 8.37
N LYS A 325 -9.21 -43.99 9.65
CA LYS A 325 -8.76 -42.89 10.49
C LYS A 325 -7.41 -42.35 10.00
N ALA A 326 -6.51 -43.25 9.61
CA ALA A 326 -5.22 -42.82 9.13
C ALA A 326 -5.35 -41.99 7.86
N MET A 327 -6.21 -42.42 6.94
CA MET A 327 -6.42 -41.67 5.70
C MET A 327 -7.03 -40.31 5.99
N ALA A 328 -7.97 -40.25 6.94
CA ALA A 328 -8.59 -38.99 7.30
C ALA A 328 -7.57 -38.00 7.84
N ARG A 329 -6.56 -38.51 8.55
CA ARG A 329 -5.50 -37.67 9.09
C ARG A 329 -4.47 -37.28 8.04
N LYS A 330 -4.46 -37.96 6.89
CA LYS A 330 -3.53 -37.69 5.80
C LYS A 330 -2.08 -37.79 6.28
N THR A 331 -1.73 -38.99 6.77
CA THR A 331 -0.38 -39.27 7.22
C THR A 331 0.14 -40.62 6.73
N GLY A 332 -0.66 -41.40 6.02
CA GLY A 332 -0.16 -42.66 5.51
C GLY A 332 0.01 -43.70 6.61
N ALA A 333 0.96 -44.60 6.38
CA ALA A 333 1.26 -45.65 7.33
C ALA A 333 2.00 -45.12 8.55
N ARG A 334 2.80 -44.07 8.36
CA ARG A 334 3.54 -43.47 9.46
C ARG A 334 2.62 -43.06 10.60
N GLY A 335 1.42 -42.58 10.26
CA GLY A 335 0.46 -42.15 11.25
C GLY A 335 -0.44 -43.24 11.79
N LEU A 336 -0.05 -44.50 11.63
CA LEU A 336 -0.85 -45.61 12.15
C LEU A 336 -0.48 -45.98 13.57
N ARG A 337 0.80 -45.85 13.93
CA ARG A 337 1.24 -46.18 15.27
C ARG A 337 0.52 -45.34 16.32
N SER A 338 0.26 -44.08 15.99
CA SER A 338 -0.44 -43.20 16.92
C SER A 338 -1.86 -43.67 17.19
N ILE A 339 -2.56 -44.10 16.15
CA ILE A 339 -3.95 -44.51 16.28
C ILE A 339 -4.09 -45.77 17.13
N VAL A 340 -3.25 -46.77 16.85
CA VAL A 340 -3.32 -48.01 17.62
C VAL A 340 -3.02 -47.75 19.08
N GLU A 341 -2.06 -46.88 19.37
CA GLU A 341 -1.71 -46.59 20.75
C GLU A 341 -2.84 -45.88 21.47
N ALA A 342 -3.54 -44.97 20.79
CA ALA A 342 -4.63 -44.26 21.42
C ALA A 342 -5.77 -45.20 21.79
N ALA A 343 -5.94 -46.29 21.05
CA ALA A 343 -7.00 -47.25 21.36
C ALA A 343 -6.59 -48.17 22.50
N LEU A 344 -5.31 -48.54 22.54
CA LEU A 344 -4.78 -49.40 23.58
C LEU A 344 -4.20 -48.63 24.76
N LEU A 345 -4.34 -47.30 24.76
CA LEU A 345 -3.80 -46.51 25.86
C LEU A 345 -4.47 -46.87 27.17
N ASP A 346 -5.78 -46.68 27.26
CA ASP A 346 -6.51 -47.02 28.48
C ASP A 346 -6.37 -48.49 28.81
N THR A 347 -6.28 -49.35 27.79
CA THR A 347 -6.13 -50.77 28.02
C THR A 347 -4.78 -51.09 28.64
N MET A 348 -3.70 -50.67 27.97
CA MET A 348 -2.36 -50.95 28.48
C MET A 348 -2.11 -50.33 29.84
N TYR A 349 -2.83 -49.29 30.20
CA TYR A 349 -2.65 -48.67 31.51
C TYR A 349 -3.08 -49.60 32.63
N ASP A 350 -4.27 -50.19 32.52
CA ASP A 350 -4.84 -51.06 33.53
C ASP A 350 -4.72 -52.54 33.20
N LEU A 351 -3.85 -52.91 32.26
CA LEU A 351 -3.72 -54.32 31.89
C LEU A 351 -2.91 -55.14 32.88
N PRO A 352 -1.77 -54.66 33.40
CA PRO A 352 -1.01 -55.50 34.33
C PRO A 352 -1.68 -55.65 35.68
N SER A 353 -2.48 -54.67 36.09
CA SER A 353 -3.18 -54.79 37.36
C SER A 353 -4.21 -55.89 37.31
N MET A 354 -4.84 -56.08 36.14
CA MET A 354 -5.83 -57.13 35.97
C MET A 354 -5.19 -58.50 36.11
N GLU A 355 -5.94 -59.43 36.70
CA GLU A 355 -5.49 -60.80 36.90
C GLU A 355 -6.50 -61.75 36.29
N ASP A 356 -5.99 -62.90 35.83
CA ASP A 356 -6.78 -63.95 35.20
C ASP A 356 -7.28 -63.55 33.81
N VAL A 357 -6.63 -62.57 33.18
CA VAL A 357 -7.00 -62.10 31.85
C VAL A 357 -5.96 -62.65 30.88
N GLU A 358 -6.37 -63.58 30.03
CA GLU A 358 -5.49 -64.21 29.06
C GLU A 358 -5.61 -63.66 27.65
N LYS A 359 -6.79 -63.24 27.23
CA LYS A 359 -7.01 -62.72 25.88
C LYS A 359 -7.82 -61.43 25.90
N VAL A 360 -7.43 -60.52 25.00
CA VAL A 360 -8.10 -59.24 24.81
C VAL A 360 -8.56 -59.21 23.36
N VAL A 361 -9.82 -58.82 23.15
CA VAL A 361 -10.43 -58.82 21.83
C VAL A 361 -10.89 -57.41 21.49
N ILE A 362 -10.16 -56.74 20.60
CA ILE A 362 -10.51 -55.41 20.15
C ILE A 362 -11.53 -55.54 19.02
N ASP A 363 -12.38 -54.53 18.88
CA ASP A 363 -13.40 -54.48 17.85
C ASP A 363 -13.33 -53.12 17.16
N GLU A 364 -14.25 -52.92 16.22
CA GLU A 364 -14.31 -51.62 15.53
C GLU A 364 -14.85 -50.54 16.46
N SER A 365 -15.73 -50.91 17.39
CA SER A 365 -16.29 -49.95 18.32
C SER A 365 -15.21 -49.36 19.23
N VAL A 366 -14.21 -50.16 19.58
CA VAL A 366 -13.13 -49.70 20.47
C VAL A 366 -12.39 -48.53 19.85
N ILE A 367 -12.18 -48.57 18.54
CA ILE A 367 -11.49 -47.48 17.86
C ILE A 367 -12.31 -46.21 17.95
N ASP A 368 -13.63 -46.34 17.92
CA ASP A 368 -14.50 -45.17 18.04
C ASP A 368 -14.41 -44.55 19.42
N GLY A 369 -14.13 -45.34 20.44
CA GLY A 369 -13.99 -44.87 21.80
C GLY A 369 -15.24 -44.97 22.65
N GLN A 370 -16.41 -45.18 22.03
CA GLN A 370 -17.63 -45.30 22.81
C GLN A 370 -17.59 -46.57 23.65
N SER A 371 -17.20 -47.69 23.03
CA SER A 371 -17.12 -48.97 23.69
C SER A 371 -15.73 -49.15 24.30
N GLU A 372 -15.54 -50.30 24.93
CA GLU A 372 -14.29 -50.69 25.55
C GLU A 372 -13.91 -52.07 25.02
N PRO A 373 -12.63 -52.42 25.05
CA PRO A 373 -12.23 -53.73 24.55
C PRO A 373 -12.80 -54.86 25.40
N LEU A 374 -13.15 -55.95 24.73
CA LEU A 374 -13.66 -57.12 25.42
C LEU A 374 -12.51 -57.87 26.07
N LEU A 375 -12.73 -58.32 27.30
CA LEU A 375 -11.74 -59.07 28.06
C LEU A 375 -12.23 -60.50 28.26
N ILE A 376 -11.31 -61.45 28.07
CA ILE A 376 -11.60 -62.87 28.19
C ILE A 376 -10.77 -63.43 29.34
N TYR A 377 -11.42 -64.16 30.23
CA TYR A 377 -10.78 -64.78 31.38
C TYR A 377 -10.63 -66.28 31.17
N ALA B 27 9.71 -57.50 41.15
CA ALA B 27 9.38 -57.42 39.72
C ALA B 27 9.37 -55.97 39.26
N LEU B 28 9.07 -55.77 37.98
CA LEU B 28 9.05 -54.43 37.44
C LEU B 28 7.78 -53.70 37.86
N PRO B 29 7.80 -52.38 37.92
CA PRO B 29 6.60 -51.64 38.33
C PRO B 29 5.56 -51.55 37.24
N THR B 30 4.31 -51.51 37.68
CA THR B 30 3.14 -51.40 36.81
C THR B 30 2.81 -49.94 36.58
N PRO B 31 2.11 -49.60 35.49
CA PRO B 31 1.80 -48.18 35.23
C PRO B 31 1.00 -47.51 36.33
N HIS B 32 0.15 -48.25 37.03
CA HIS B 32 -0.62 -47.67 38.11
C HIS B 32 0.30 -47.16 39.21
N GLU B 33 1.35 -47.93 39.51
CA GLU B 33 2.32 -47.52 40.52
C GLU B 33 3.07 -46.27 40.09
N ILE B 34 3.44 -46.21 38.81
CA ILE B 34 4.15 -45.05 38.29
C ILE B 34 3.30 -43.80 38.40
N ARG B 35 2.02 -43.91 38.05
CA ARG B 35 1.13 -42.77 38.12
C ARG B 35 0.96 -42.30 39.56
N ASN B 36 0.96 -43.22 40.52
CA ASN B 36 0.83 -42.82 41.91
C ASN B 36 2.02 -41.98 42.33
N HIS B 37 3.22 -42.38 41.92
CA HIS B 37 4.42 -41.61 42.23
C HIS B 37 4.33 -40.22 41.61
N LEU B 38 3.88 -40.14 40.36
CA LEU B 38 3.75 -38.85 39.70
C LEU B 38 2.71 -37.98 40.38
N ASP B 39 1.61 -38.59 40.81
CA ASP B 39 0.54 -37.84 41.46
C ASP B 39 1.02 -37.14 42.73
N ASP B 40 2.03 -37.70 43.39
CA ASP B 40 2.54 -37.10 44.61
C ASP B 40 3.09 -35.70 44.36
N TYR B 41 3.58 -35.45 43.15
CA TYR B 41 4.16 -34.17 42.78
C TYR B 41 3.42 -33.43 41.66
N VAL B 42 2.58 -34.11 40.90
CA VAL B 42 1.87 -33.52 39.78
C VAL B 42 0.37 -33.61 40.05
N ILE B 43 -0.36 -32.65 39.49
CA ILE B 43 -1.81 -32.53 39.72
C ILE B 43 -2.51 -32.12 38.43
N GLY B 44 -3.57 -32.85 38.07
CA GLY B 44 -4.40 -32.49 36.95
C GLY B 44 -3.92 -32.79 35.55
N GLN B 45 -3.15 -33.85 35.35
CA GLN B 45 -2.65 -34.23 34.04
C GLN B 45 -2.84 -35.72 33.82
N GLU B 46 -4.05 -36.19 34.14
CA GLU B 46 -4.40 -37.60 34.05
C GLU B 46 -4.08 -38.21 32.70
N GLN B 47 -4.37 -37.50 31.61
CA GLN B 47 -4.12 -38.03 30.28
C GLN B 47 -2.63 -38.26 30.04
N ALA B 48 -1.83 -37.22 30.23
CA ALA B 48 -0.40 -37.33 29.99
C ALA B 48 0.28 -38.28 30.96
N LYS B 49 -0.19 -38.35 32.20
CA LYS B 49 0.42 -39.25 33.16
C LYS B 49 0.27 -40.69 32.70
N LYS B 50 -0.89 -41.02 32.13
CA LYS B 50 -1.11 -42.36 31.59
C LYS B 50 -0.14 -42.65 30.46
N VAL B 51 0.02 -41.69 29.56
CA VAL B 51 0.90 -41.86 28.40
C VAL B 51 2.33 -42.12 28.84
N LEU B 52 2.84 -41.33 29.79
CA LEU B 52 4.21 -41.52 30.24
C LEU B 52 4.38 -42.84 30.97
N ALA B 53 3.42 -43.17 31.85
CA ALA B 53 3.50 -44.43 32.59
C ALA B 53 3.49 -45.61 31.63
N VAL B 54 2.65 -45.54 30.60
CA VAL B 54 2.55 -46.62 29.63
C VAL B 54 3.86 -46.77 28.87
N ALA B 55 4.40 -45.65 28.38
CA ALA B 55 5.64 -45.68 27.62
C ALA B 55 6.79 -46.18 28.48
N VAL B 56 6.85 -45.73 29.73
CA VAL B 56 7.91 -46.14 30.62
C VAL B 56 7.80 -47.63 30.94
N TYR B 57 6.58 -48.11 31.18
CA TYR B 57 6.39 -49.53 31.44
C TYR B 57 6.82 -50.35 30.25
N ASN B 58 6.45 -49.91 29.05
CA ASN B 58 6.85 -50.61 27.84
C ASN B 58 8.36 -50.63 27.71
N HIS B 59 9.03 -49.56 28.15
CA HIS B 59 10.49 -49.51 28.07
C HIS B 59 11.11 -50.61 28.92
N TYR B 60 10.58 -50.82 30.12
CA TYR B 60 11.10 -51.89 30.97
C TYR B 60 10.84 -53.24 30.33
N LYS B 61 9.68 -53.40 29.68
CA LYS B 61 9.37 -54.66 29.03
C LYS B 61 10.36 -54.95 27.90
N ARG B 62 10.74 -53.92 27.16
CA ARG B 62 11.72 -54.09 26.10
C ARG B 62 13.08 -54.41 26.67
N LEU B 63 13.41 -53.79 27.80
CA LEU B 63 14.68 -54.05 28.46
C LEU B 63 14.80 -55.51 28.86
N ARG B 64 13.72 -56.08 29.40
CA ARG B 64 13.75 -57.48 29.77
C ARG B 64 13.91 -58.36 28.54
N ASN B 65 13.23 -58.00 27.45
CA ASN B 65 13.31 -58.75 26.20
C ASN B 65 14.42 -58.18 25.33
N GLY B 66 15.63 -58.22 25.88
CA GLY B 66 16.81 -57.73 25.19
C GLY B 66 17.40 -58.76 24.25
N VAL B 72 10.17 -61.05 16.31
CA VAL B 72 9.65 -59.70 16.18
C VAL B 72 10.37 -58.78 17.15
N GLU B 73 10.77 -57.60 16.67
CA GLU B 73 11.46 -56.62 17.48
C GLU B 73 10.48 -55.50 17.83
N LEU B 74 10.29 -55.28 19.13
CA LEU B 74 9.38 -54.26 19.60
C LEU B 74 9.83 -52.87 19.19
N GLY B 75 8.86 -52.02 18.90
CA GLY B 75 9.10 -50.65 18.49
C GLY B 75 8.81 -49.68 19.62
N LYS B 76 9.52 -48.56 19.61
CA LYS B 76 9.37 -47.52 20.61
C LYS B 76 8.52 -46.39 20.07
N SER B 77 7.62 -45.90 20.93
CA SER B 77 6.74 -44.79 20.59
C SER B 77 7.28 -43.54 21.27
N ASN B 78 7.72 -42.58 20.46
CA ASN B 78 8.22 -41.33 21.01
C ASN B 78 7.05 -40.44 21.39
N ILE B 79 7.21 -39.70 22.46
CA ILE B 79 6.17 -38.87 23.03
C ILE B 79 6.40 -37.40 22.74
N LEU B 80 5.31 -36.66 22.61
CA LEU B 80 5.31 -35.23 22.40
C LEU B 80 4.38 -34.60 23.43
N LEU B 81 4.94 -33.80 24.33
CA LEU B 81 4.18 -33.13 25.38
C LEU B 81 3.93 -31.69 24.99
N ILE B 82 2.66 -31.36 24.79
CA ILE B 82 2.23 -30.02 24.42
C ILE B 82 1.35 -29.51 25.54
N GLY B 83 1.74 -28.39 26.12
CA GLY B 83 0.96 -27.81 27.17
C GLY B 83 1.31 -26.36 27.45
N PRO B 84 0.35 -25.57 27.92
CA PRO B 84 0.66 -24.17 28.23
C PRO B 84 1.68 -24.06 29.35
N THR B 85 2.10 -22.82 29.58
CA THR B 85 3.06 -22.53 30.63
C THR B 85 2.53 -22.93 31.99
N GLY B 86 3.41 -23.46 32.82
CA GLY B 86 3.05 -23.87 34.16
C GLY B 86 2.05 -25.00 34.21
N SER B 87 2.06 -25.88 33.21
CA SER B 87 1.13 -27.00 33.17
C SER B 87 1.68 -28.25 33.82
N GLY B 88 3.00 -28.42 33.84
CA GLY B 88 3.62 -29.58 34.44
C GLY B 88 4.41 -30.50 33.53
N LYS B 89 5.00 -29.96 32.47
CA LYS B 89 5.79 -30.80 31.56
C LYS B 89 7.14 -31.13 32.15
N THR B 90 7.94 -30.10 32.44
CA THR B 90 9.25 -30.30 33.02
C THR B 90 9.15 -30.98 34.37
N LEU B 91 8.08 -30.69 35.10
CA LEU B 91 7.86 -31.33 36.40
C LEU B 91 7.69 -32.83 36.24
N LEU B 92 6.90 -33.25 35.25
CA LEU B 92 6.69 -34.66 35.02
C LEU B 92 8.01 -35.37 34.75
N ALA B 93 8.86 -34.77 33.91
CA ALA B 93 10.14 -35.36 33.59
C ALA B 93 11.02 -35.48 34.83
N GLU B 94 11.08 -34.42 35.64
CA GLU B 94 11.90 -34.47 36.85
C GLU B 94 11.38 -35.52 37.82
N THR B 95 10.07 -35.57 38.01
CA THR B 95 9.48 -36.58 38.89
C THR B 95 9.71 -37.97 38.33
N LEU B 96 9.68 -38.08 37.00
CA LEU B 96 9.89 -39.36 36.35
C LEU B 96 11.28 -39.88 36.60
N ALA B 97 12.28 -39.00 36.53
CA ALA B 97 13.67 -39.41 36.74
C ALA B 97 13.89 -39.98 38.14
N ARG B 98 13.24 -39.39 39.13
CA ARG B 98 13.41 -39.81 40.52
C ARG B 98 13.09 -41.29 40.73
N LEU B 99 12.03 -41.79 40.09
CA LEU B 99 11.62 -43.18 40.33
C LEU B 99 12.22 -44.20 39.39
N LEU B 100 12.58 -43.82 38.17
CA LEU B 100 13.10 -44.82 37.23
C LEU B 100 14.57 -45.08 37.45
N ASP B 101 14.97 -46.33 37.17
CA ASP B 101 16.34 -46.78 37.32
C ASP B 101 17.21 -46.50 36.09
N VAL B 102 16.64 -46.60 34.89
CA VAL B 102 17.40 -46.41 33.66
C VAL B 102 17.93 -44.98 33.58
N PRO B 103 18.92 -44.70 32.72
CA PRO B 103 19.45 -43.35 32.62
C PRO B 103 18.42 -42.35 32.08
N PHE B 104 18.35 -41.19 32.74
CA PHE B 104 17.47 -40.10 32.35
C PHE B 104 18.31 -38.85 32.20
N THR B 105 18.17 -38.17 31.05
CA THR B 105 18.90 -36.94 30.77
C THR B 105 17.92 -35.88 30.30
N MET B 106 18.08 -34.67 30.82
CA MET B 106 17.26 -33.52 30.47
C MET B 106 18.10 -32.59 29.60
N ALA B 107 17.60 -32.31 28.40
CA ALA B 107 18.27 -31.44 27.45
C ALA B 107 17.40 -30.26 27.08
N ASP B 108 18.05 -29.16 26.74
CA ASP B 108 17.40 -27.93 26.32
C ASP B 108 17.71 -27.72 24.85
N ALA B 109 16.68 -27.65 24.02
CA ALA B 109 16.86 -27.50 22.59
C ALA B 109 17.43 -26.15 22.20
N THR B 110 17.38 -25.15 23.08
CA THR B 110 17.90 -23.84 22.74
C THR B 110 19.41 -23.87 22.52
N THR B 111 20.14 -24.50 23.44
CA THR B 111 21.59 -24.57 23.32
C THR B 111 22.09 -25.37 22.13
N LEU B 112 21.23 -26.13 21.47
CA LEU B 112 21.65 -26.95 20.36
C LEU B 112 21.85 -26.14 19.10
N THR B 113 22.81 -26.57 18.30
CA THR B 113 23.13 -25.95 17.03
C THR B 113 23.48 -27.01 16.00
N GLU B 114 23.60 -26.56 14.76
CA GLU B 114 23.98 -27.43 13.68
C GLU B 114 25.44 -27.83 13.86
N ALA B 115 25.78 -29.03 13.42
CA ALA B 115 27.13 -29.54 13.54
C ALA B 115 28.14 -28.60 12.90
N GLY B 116 29.22 -28.33 13.63
CA GLY B 116 30.29 -27.46 13.19
C GLY B 116 30.25 -26.05 13.73
N TYR B 117 29.15 -25.64 14.36
CA TYR B 117 29.03 -24.32 14.93
C TYR B 117 29.48 -24.33 16.39
N VAL B 118 29.58 -23.14 16.98
CA VAL B 118 30.11 -22.97 18.33
C VAL B 118 29.07 -23.07 19.42
N GLY B 119 27.79 -23.26 19.10
CA GLY B 119 26.84 -23.30 20.19
C GLY B 119 26.85 -24.60 20.95
N GLU B 120 26.51 -25.70 20.28
CA GLU B 120 26.52 -27.02 20.88
C GLU B 120 26.17 -28.02 19.79
N ASP B 121 26.50 -29.28 20.05
CA ASP B 121 26.23 -30.37 19.14
C ASP B 121 25.10 -31.23 19.70
N VAL B 122 24.34 -31.83 18.79
CA VAL B 122 23.23 -32.67 19.19
C VAL B 122 23.73 -33.92 19.93
N GLU B 123 24.82 -34.51 19.45
CA GLU B 123 25.38 -35.69 20.09
C GLU B 123 25.75 -35.45 21.55
N ASN B 124 25.92 -34.19 21.97
CA ASN B 124 26.24 -33.87 23.35
C ASN B 124 25.23 -34.47 24.30
N ILE B 125 23.97 -34.59 23.88
CA ILE B 125 22.93 -35.21 24.69
C ILE B 125 23.37 -36.58 25.16
N ILE B 126 23.83 -37.40 24.22
CA ILE B 126 24.30 -38.75 24.56
C ILE B 126 25.42 -38.69 25.58
N GLN B 127 26.35 -37.74 25.41
CA GLN B 127 27.45 -37.60 26.36
C GLN B 127 26.92 -37.42 27.77
N LYS B 128 25.94 -36.54 27.96
CA LYS B 128 25.32 -36.35 29.26
C LYS B 128 24.73 -37.66 29.76
N LEU B 129 24.07 -38.40 28.88
CA LEU B 129 23.46 -39.67 29.24
C LEU B 129 24.49 -40.63 29.81
N LEU B 130 25.64 -40.74 29.16
CA LEU B 130 26.69 -41.63 29.63
C LEU B 130 27.15 -41.27 31.04
N GLN B 131 27.13 -39.98 31.39
CA GLN B 131 27.52 -39.59 32.75
C GLN B 131 26.60 -40.25 33.76
N LYS B 132 25.31 -40.34 33.44
CA LYS B 132 24.36 -40.99 34.33
C LYS B 132 24.51 -42.50 34.27
N SER B 133 24.90 -43.02 33.11
CA SER B 133 25.12 -44.43 32.89
C SER B 133 26.54 -44.87 33.20
N ASP B 134 27.42 -43.94 33.61
CA ASP B 134 28.81 -44.24 33.93
C ASP B 134 29.53 -44.86 32.73
N TYR B 135 29.28 -44.28 31.55
CA TYR B 135 29.88 -44.72 30.30
C TYR B 135 29.67 -46.20 30.05
N ASP B 136 28.42 -46.63 30.19
CA ASP B 136 28.00 -48.01 29.94
C ASP B 136 27.01 -47.94 28.79
N VAL B 137 27.47 -48.32 27.60
CA VAL B 137 26.65 -48.25 26.40
C VAL B 137 25.41 -49.13 26.53
N GLN B 138 25.59 -50.39 26.93
CA GLN B 138 24.47 -51.30 27.07
C GLN B 138 23.43 -50.76 28.03
N LYS B 139 23.85 -49.99 29.03
CA LYS B 139 22.96 -49.38 30.00
C LYS B 139 22.42 -48.04 29.54
N ALA B 140 23.06 -47.40 28.56
CA ALA B 140 22.63 -46.11 28.05
C ALA B 140 21.68 -46.22 26.88
N GLN B 141 21.86 -47.22 26.01
CA GLN B 141 20.96 -47.38 24.87
C GLN B 141 19.52 -47.62 25.31
N ARG B 142 19.35 -48.18 26.50
CA ARG B 142 18.05 -48.44 27.09
C ARG B 142 17.53 -47.26 27.91
N GLY B 143 18.16 -46.09 27.79
CA GLY B 143 17.80 -44.95 28.59
C GLY B 143 16.67 -44.10 28.02
N ILE B 144 16.30 -43.11 28.82
CA ILE B 144 15.24 -42.16 28.51
C ILE B 144 15.89 -40.81 28.29
N VAL B 145 15.32 -40.04 27.37
CA VAL B 145 15.81 -38.71 27.03
C VAL B 145 14.63 -37.78 26.95
N TYR B 146 14.83 -36.56 27.45
CA TYR B 146 13.81 -35.51 27.45
C TYR B 146 14.41 -34.28 26.82
N ILE B 147 13.67 -33.67 25.91
CA ILE B 147 14.11 -32.48 25.18
C ILE B 147 13.06 -31.41 25.42
N ASP B 148 13.42 -30.40 26.20
CA ASP B 148 12.51 -29.33 26.52
C ASP B 148 12.73 -28.15 25.58
N GLU B 149 11.72 -27.30 25.50
CA GLU B 149 11.78 -26.12 24.66
C GLU B 149 11.98 -26.51 23.20
N ILE B 150 11.30 -27.58 22.79
CA ILE B 150 11.39 -28.06 21.42
C ILE B 150 10.78 -27.07 20.46
N ASP B 151 9.77 -26.32 20.89
CA ASP B 151 9.17 -25.31 20.03
C ASP B 151 10.12 -24.18 19.68
N LYS B 152 11.23 -24.05 20.40
CA LYS B 152 12.21 -22.99 20.17
C LYS B 152 13.18 -23.28 19.04
N ILE B 153 13.06 -24.42 18.37
CA ILE B 153 13.94 -24.78 17.26
C ILE B 153 13.10 -24.90 16.00
N SER B 154 12.01 -24.13 15.93
CA SER B 154 11.13 -24.19 14.79
C SER B 154 11.80 -23.54 13.58
N ARG B 155 11.09 -23.61 12.46
CA ARG B 155 11.54 -23.10 11.18
C ARG B 155 10.93 -21.74 10.88
N LYS B 156 11.73 -20.74 10.49
CA LYS B 156 11.29 -19.33 10.29
C LYS B 156 10.98 -19.11 8.80
N SER B 157 10.72 -17.86 8.38
CA SER B 157 10.42 -17.50 6.98
C SER B 157 11.42 -16.44 6.51
N ASP B 158 12.68 -16.87 6.37
CA ASP B 158 13.81 -16.03 5.86
C ASP B 158 14.69 -16.92 4.98
N ASN B 159 15.44 -16.34 4.04
CA ASN B 159 16.30 -17.16 3.15
C ASN B 159 17.67 -16.50 3.02
N THR B 163 21.22 -15.34 7.33
CA THR B 163 22.11 -16.50 7.41
C THR B 163 21.33 -17.73 7.83
N ARG B 164 21.87 -18.89 7.44
CA ARG B 164 21.32 -20.20 7.79
C ARG B 164 20.85 -20.25 9.24
N ASP B 165 19.64 -20.75 9.44
CA ASP B 165 19.08 -20.83 10.80
C ASP B 165 19.70 -22.05 11.45
N VAL B 166 20.82 -21.79 12.10
CA VAL B 166 21.62 -22.81 12.77
C VAL B 166 20.88 -23.47 13.93
N SER B 167 19.96 -22.74 14.57
CA SER B 167 19.24 -23.24 15.72
C SER B 167 17.83 -23.72 15.40
N GLY B 168 17.44 -23.74 14.13
CA GLY B 168 16.10 -24.15 13.75
C GLY B 168 16.03 -25.47 13.00
N GLU B 169 15.84 -25.37 11.69
CA GLU B 169 15.71 -26.55 10.85
C GLU B 169 16.94 -27.42 10.90
N GLY B 170 18.12 -26.81 11.03
CA GLY B 170 19.34 -27.60 11.11
C GLY B 170 19.35 -28.54 12.28
N VAL B 171 18.89 -28.08 13.44
CA VAL B 171 18.86 -28.90 14.63
C VAL B 171 17.82 -30.01 14.48
N GLN B 172 16.70 -29.72 13.83
CA GLN B 172 15.68 -30.74 13.64
C GLN B 172 16.19 -31.88 12.78
N GLN B 173 16.91 -31.55 11.71
CA GLN B 173 17.43 -32.59 10.83
C GLN B 173 18.44 -33.45 11.55
N ALA B 174 19.23 -32.83 12.43
CA ALA B 174 20.21 -33.59 13.20
C ALA B 174 19.52 -34.48 14.21
N LEU B 175 18.36 -34.07 14.71
CA LEU B 175 17.64 -34.89 15.68
C LEU B 175 17.00 -36.09 15.02
N LEU B 176 16.49 -35.91 13.79
CA LEU B 176 15.88 -37.01 13.05
C LEU B 176 16.77 -38.23 13.03
N LYS B 177 18.06 -38.02 12.78
CA LYS B 177 19.02 -39.12 12.79
C LYS B 177 19.09 -39.73 14.18
N LEU B 178 19.08 -38.88 15.20
CA LEU B 178 19.14 -39.33 16.58
C LEU B 178 17.86 -40.07 16.96
N ILE B 179 16.70 -39.53 16.60
CA ILE B 179 15.42 -40.14 16.95
C ILE B 179 15.21 -41.43 16.18
N GLU B 180 15.50 -41.43 14.88
CA GLU B 180 15.27 -42.62 14.07
C GLU B 180 16.18 -43.76 14.49
N GLY B 181 17.40 -43.45 14.92
CA GLY B 181 18.35 -44.44 15.37
C GLY B 181 19.57 -44.54 14.49
N THR B 182 20.73 -44.24 15.06
CA THR B 182 21.99 -44.32 14.36
C THR B 182 23.11 -44.30 15.39
N VAL B 183 24.29 -44.73 14.96
CA VAL B 183 25.45 -44.74 15.84
C VAL B 183 26.07 -43.35 15.86
N ALA B 184 26.26 -42.81 17.05
CA ALA B 184 26.82 -41.48 17.26
C ALA B 184 28.15 -41.59 17.99
N ALA B 185 29.15 -40.86 17.51
CA ALA B 185 30.46 -40.87 18.13
C ALA B 185 30.50 -39.88 19.27
N VAL B 186 30.90 -40.36 20.45
CA VAL B 186 30.96 -39.52 21.65
C VAL B 186 32.32 -39.69 22.36
N PRO B 187 32.98 -38.62 22.79
CA PRO B 187 34.26 -38.81 23.49
C PRO B 187 34.03 -39.38 24.88
N PRO B 188 34.98 -40.19 25.38
CA PRO B 188 34.77 -40.73 26.74
C PRO B 188 35.04 -39.69 27.82
N PHE B 199 36.73 -42.26 19.91
CA PHE B 199 35.44 -41.99 20.54
C PHE B 199 34.62 -43.25 20.68
N LEU B 200 33.51 -43.15 21.39
CA LEU B 200 32.61 -44.28 21.62
C LEU B 200 31.38 -44.17 20.74
N GLN B 201 30.92 -45.31 20.25
CA GLN B 201 29.74 -45.41 19.42
C GLN B 201 28.57 -45.85 20.28
N VAL B 202 27.45 -45.13 20.19
CA VAL B 202 26.28 -45.42 21.00
C VAL B 202 25.05 -45.41 20.10
N ASP B 203 24.43 -46.57 19.94
CA ASP B 203 23.21 -46.65 19.16
C ASP B 203 22.12 -45.84 19.86
N THR B 204 21.11 -45.46 19.08
CA THR B 204 20.00 -44.66 19.59
C THR B 204 18.64 -45.14 19.09
N SER B 205 18.58 -46.25 18.37
CA SER B 205 17.31 -46.73 17.86
C SER B 205 16.39 -47.18 18.99
N LYS B 206 16.97 -47.63 20.11
CA LYS B 206 16.20 -48.08 21.26
C LYS B 206 15.96 -47.00 22.30
N ILE B 207 16.71 -45.90 22.26
CA ILE B 207 16.53 -44.85 23.25
C ILE B 207 15.19 -44.16 23.04
N LEU B 208 14.51 -43.87 24.14
CA LEU B 208 13.23 -43.19 24.11
C LEU B 208 13.43 -41.70 24.21
N PHE B 209 12.55 -40.95 23.55
CA PHE B 209 12.64 -39.50 23.52
C PHE B 209 11.29 -38.88 23.80
N ILE B 210 11.29 -37.94 24.75
CA ILE B 210 10.10 -37.24 25.18
C ILE B 210 10.39 -35.76 24.92
N CYS B 211 9.93 -35.27 23.78
CA CYS B 211 10.15 -33.89 23.37
C CYS B 211 8.91 -33.08 23.69
N GLY B 212 9.07 -32.08 24.55
CA GLY B 212 7.94 -31.25 24.95
C GLY B 212 8.22 -29.78 25.08
N GLY B 213 7.26 -28.97 24.65
CA GLY B 213 7.40 -27.54 24.72
C GLY B 213 6.06 -26.85 24.67
N ALA B 214 6.03 -25.64 25.18
CA ALA B 214 4.82 -24.82 25.21
C ALA B 214 4.70 -24.14 23.87
N PHE B 215 4.00 -24.78 22.95
CA PHE B 215 3.81 -24.21 21.64
C PHE B 215 2.88 -23.03 21.76
N ALA B 216 3.43 -21.82 21.60
CA ALA B 216 2.67 -20.60 21.68
C ALA B 216 2.39 -20.12 20.26
N GLY B 217 1.14 -19.85 19.98
CA GLY B 217 0.69 -19.49 18.67
C GLY B 217 0.07 -20.65 17.93
N LEU B 218 0.29 -21.88 18.40
CA LEU B 218 -0.31 -23.05 17.78
C LEU B 218 -1.82 -22.98 17.91
N ASP B 219 -2.31 -22.45 19.02
CA ASP B 219 -3.75 -22.31 19.21
C ASP B 219 -4.36 -21.46 18.10
N LYS B 220 -3.68 -20.37 17.74
CA LYS B 220 -4.17 -19.51 16.66
C LYS B 220 -4.23 -20.26 15.35
N VAL B 221 -3.23 -21.11 15.10
CA VAL B 221 -3.18 -21.89 13.87
C VAL B 221 -4.38 -22.84 13.81
N ILE B 222 -4.64 -23.53 14.91
CA ILE B 222 -5.75 -24.47 14.97
C ILE B 222 -7.08 -23.73 14.79
N SER B 223 -7.19 -22.54 15.37
CA SER B 223 -8.44 -21.79 15.30
C SER B 223 -8.78 -21.44 13.86
N HIS B 224 -7.78 -21.02 13.08
CA HIS B 224 -8.01 -20.71 11.67
C HIS B 224 -8.58 -21.92 10.95
N ARG B 225 -7.91 -23.05 11.09
CA ARG B 225 -8.34 -24.28 10.42
C ARG B 225 -9.69 -24.78 10.94
N VAL B 226 -9.92 -24.72 12.25
CA VAL B 226 -11.13 -25.30 12.85
C VAL B 226 -12.25 -24.32 13.16
N GLU B 227 -11.92 -23.08 13.53
CA GLU B 227 -12.96 -22.12 13.93
C GLU B 227 -13.27 -21.21 12.75
N THR B 228 -14.17 -21.69 11.90
CA THR B 228 -14.64 -20.98 10.72
C THR B 228 -15.87 -20.16 11.11
N GLY B 229 -16.15 -19.13 10.30
CA GLY B 229 -17.28 -18.26 10.55
C GLY B 229 -16.97 -16.81 10.24
N SER B 230 -17.21 -15.95 11.23
CA SER B 230 -16.95 -14.52 11.11
C SER B 230 -17.75 -13.89 9.97
N GLY B 231 -19.07 -14.02 10.09
CA GLY B 231 -20.01 -13.42 9.17
C GLY B 231 -20.48 -12.08 9.72
N ILE B 232 -21.45 -11.49 9.03
CA ILE B 232 -21.98 -10.20 9.43
C ILE B 232 -23.50 -10.15 9.51
N GLY B 233 -24.19 -11.13 8.94
CA GLY B 233 -25.64 -11.11 8.91
C GLY B 233 -26.31 -11.71 10.13
N PHE B 234 -27.62 -11.87 10.02
CA PHE B 234 -28.40 -12.48 11.09
C PHE B 234 -28.05 -13.96 11.23
N GLY B 235 -28.03 -14.66 10.10
CA GLY B 235 -27.75 -16.08 10.10
C GLY B 235 -26.35 -16.41 10.59
N ALA B 236 -25.40 -15.52 10.32
CA ALA B 236 -24.03 -15.76 10.72
C ALA B 236 -23.89 -15.87 12.24
N THR B 237 -22.78 -16.46 12.65
CA THR B 237 -22.46 -16.68 14.06
C THR B 237 -21.23 -15.86 14.41
N VAL B 238 -21.41 -14.89 15.30
CA VAL B 238 -20.33 -14.01 15.74
C VAL B 238 -19.41 -14.76 16.69
N LYS B 239 -18.23 -14.18 16.92
CA LYS B 239 -17.23 -14.82 17.77
C LYS B 239 -17.76 -15.06 19.19
N ALA B 240 -18.32 -14.03 19.83
CA ALA B 240 -18.83 -14.20 21.19
C ALA B 240 -17.71 -14.68 22.11
N LYS B 241 -16.73 -13.77 22.29
CA LYS B 241 -15.48 -13.98 23.00
C LYS B 241 -15.59 -14.87 24.23
N SER B 242 -16.61 -14.68 25.07
CA SER B 242 -16.81 -15.59 26.18
C SER B 242 -16.81 -17.04 25.71
N ASP B 243 -17.49 -17.32 24.60
CA ASP B 243 -17.58 -18.67 24.05
C ASP B 243 -16.25 -19.18 23.49
N LYS B 244 -15.37 -18.29 23.02
CA LYS B 244 -14.08 -18.67 22.42
C LYS B 244 -13.36 -19.76 23.19
N ALA B 245 -12.97 -20.81 22.47
CA ALA B 245 -12.29 -21.94 23.07
C ALA B 245 -10.87 -21.57 23.47
N SER B 246 -10.50 -21.91 24.69
CA SER B 246 -9.18 -21.64 25.22
C SER B 246 -8.19 -22.66 24.69
N GLU B 247 -6.90 -22.30 24.77
CA GLU B 247 -5.80 -23.14 24.32
C GLU B 247 -5.94 -24.61 24.70
N GLY B 248 -6.24 -24.87 25.98
CA GLY B 248 -6.42 -26.25 26.43
C GLY B 248 -7.46 -26.99 25.61
N GLU B 249 -8.61 -26.36 25.40
CA GLU B 249 -9.67 -26.96 24.60
C GLU B 249 -9.32 -26.96 23.12
N LEU B 250 -8.44 -26.07 22.71
CA LEU B 250 -8.05 -25.93 21.31
C LEU B 250 -6.86 -26.82 20.95
N LEU B 251 -5.95 -27.07 21.89
CA LEU B 251 -4.81 -27.92 21.59
C LEU B 251 -5.18 -29.38 21.56
N ALA B 252 -6.29 -29.76 22.20
CA ALA B 252 -6.74 -31.15 22.15
C ALA B 252 -7.07 -31.57 20.73
N GLN B 253 -7.44 -30.61 19.87
CA GLN B 253 -7.78 -30.88 18.49
C GLN B 253 -6.58 -30.72 17.57
N VAL B 254 -5.38 -30.78 18.12
CA VAL B 254 -4.18 -30.63 17.31
C VAL B 254 -4.02 -31.83 16.37
N GLU B 255 -3.43 -31.56 15.22
CA GLU B 255 -3.14 -32.55 14.20
C GLU B 255 -1.73 -32.27 13.69
N PRO B 256 -1.10 -33.24 13.02
CA PRO B 256 0.26 -32.99 12.51
C PRO B 256 0.38 -31.79 11.60
N GLU B 257 -0.61 -31.56 10.73
CA GLU B 257 -0.56 -30.41 9.84
C GLU B 257 -0.45 -29.09 10.59
N ASP B 258 -0.98 -29.03 11.81
CA ASP B 258 -0.88 -27.81 12.60
C ASP B 258 0.56 -27.52 12.96
N LEU B 259 1.30 -28.55 13.39
CA LEU B 259 2.69 -28.37 13.76
C LEU B 259 3.54 -27.96 12.57
N ILE B 260 3.15 -28.40 11.37
CA ILE B 260 3.86 -28.02 10.16
C ILE B 260 3.85 -26.50 10.01
N LYS B 261 2.67 -25.90 10.15
CA LYS B 261 2.55 -24.45 10.04
C LYS B 261 3.30 -23.76 11.18
N PHE B 262 3.43 -24.42 12.33
CA PHE B 262 4.15 -23.80 13.44
C PHE B 262 5.64 -23.68 13.15
N GLY B 263 6.17 -24.56 12.28
CA GLY B 263 7.57 -24.51 11.91
C GLY B 263 8.37 -25.76 12.18
N LEU B 264 7.72 -26.91 12.25
CA LEU B 264 8.39 -28.18 12.46
C LEU B 264 8.40 -28.99 11.17
N ILE B 265 9.47 -29.74 10.97
CA ILE B 265 9.64 -30.55 9.78
C ILE B 265 8.62 -31.70 9.83
N PRO B 266 8.06 -32.13 8.69
CA PRO B 266 7.11 -33.25 8.76
C PRO B 266 7.72 -34.54 9.25
N GLU B 267 8.93 -34.87 8.78
CA GLU B 267 9.58 -36.10 9.24
C GLU B 267 9.78 -36.10 10.74
N PHE B 268 9.98 -34.93 11.34
CA PHE B 268 10.17 -34.84 12.78
C PHE B 268 8.92 -35.29 13.52
N ILE B 269 7.80 -34.65 13.24
CA ILE B 269 6.55 -34.98 13.92
C ILE B 269 6.13 -36.42 13.62
N GLY B 270 6.48 -36.95 12.46
CA GLY B 270 6.12 -38.32 12.15
C GLY B 270 6.83 -39.29 13.06
N ARG B 271 8.10 -39.01 13.37
CA ARG B 271 8.87 -39.85 14.27
C ARG B 271 8.28 -39.86 15.67
N LEU B 272 7.54 -38.82 16.04
CA LEU B 272 6.89 -38.70 17.34
C LEU B 272 5.40 -38.91 17.09
N PRO B 273 4.91 -40.14 17.11
CA PRO B 273 3.48 -40.36 16.83
C PRO B 273 2.57 -40.00 17.97
N VAL B 274 3.03 -40.26 19.18
CA VAL B 274 2.25 -39.98 20.36
C VAL B 274 2.27 -38.48 20.62
N VAL B 275 1.13 -37.93 21.00
CA VAL B 275 0.99 -36.52 21.28
C VAL B 275 0.15 -36.37 22.53
N ALA B 276 0.80 -36.09 23.65
CA ALA B 276 0.13 -35.90 24.92
C ALA B 276 -0.13 -34.42 25.09
N THR B 277 -1.38 -34.08 25.36
CA THR B 277 -1.79 -32.70 25.55
C THR B 277 -2.12 -32.49 27.01
N LEU B 278 -1.78 -31.31 27.50
CA LEU B 278 -2.00 -30.92 28.88
C LEU B 278 -3.00 -29.78 28.93
N ASN B 279 -3.93 -29.86 29.86
CA ASN B 279 -4.89 -28.78 30.00
C ASN B 279 -4.14 -27.58 30.55
N GLU B 280 -4.71 -26.39 30.39
CA GLU B 280 -3.98 -25.22 30.87
C GLU B 280 -3.80 -25.36 32.37
N LEU B 281 -4.89 -25.30 33.11
CA LEU B 281 -4.96 -25.56 34.53
C LEU B 281 -6.40 -25.36 34.94
N SER B 282 -6.76 -25.91 36.10
CA SER B 282 -8.09 -25.75 36.66
C SER B 282 -7.95 -25.06 38.00
N GLU B 283 -8.95 -24.24 38.34
CA GLU B 283 -8.91 -23.54 39.62
C GLU B 283 -8.89 -24.51 40.78
N GLU B 284 -9.57 -25.64 40.65
CA GLU B 284 -9.54 -26.66 41.69
C GLU B 284 -8.14 -27.23 41.81
N ALA B 285 -7.47 -27.42 40.67
CA ALA B 285 -6.11 -27.95 40.68
C ALA B 285 -5.16 -26.97 41.32
N LEU B 286 -5.37 -25.67 41.09
CA LEU B 286 -4.52 -24.66 41.68
C LEU B 286 -4.60 -24.70 43.19
N ILE B 287 -5.80 -24.94 43.72
CA ILE B 287 -5.97 -25.04 45.16
C ILE B 287 -5.31 -26.30 45.68
N GLN B 288 -5.16 -27.32 44.84
CA GLN B 288 -4.53 -28.55 45.27
C GLN B 288 -3.02 -28.44 45.23
N ILE B 289 -2.49 -27.70 44.24
CA ILE B 289 -1.06 -27.49 44.11
C ILE B 289 -0.48 -26.88 45.36
N LEU B 290 -1.27 -26.11 46.09
CA LEU B 290 -0.80 -25.45 47.29
C LEU B 290 -0.76 -26.34 48.52
N LYS B 291 -1.52 -27.44 48.54
CA LYS B 291 -1.57 -28.33 49.68
C LYS B 291 -1.11 -29.75 49.41
N GLU B 292 -1.61 -30.37 48.33
CA GLU B 292 -1.32 -31.78 48.11
C GLU B 292 0.13 -32.08 47.74
N PRO B 293 0.74 -31.44 46.74
CA PRO B 293 2.13 -31.77 46.39
C PRO B 293 3.10 -31.66 47.55
N LYS B 294 4.24 -32.33 47.38
CA LYS B 294 5.27 -32.33 48.40
C LYS B 294 5.91 -30.96 48.52
N ASN B 295 6.46 -30.46 47.42
CA ASN B 295 7.12 -29.16 47.38
C ASN B 295 6.16 -28.03 47.02
N ALA B 296 5.06 -27.94 47.76
CA ALA B 296 4.06 -26.91 47.54
C ALA B 296 4.51 -25.58 48.13
N LEU B 297 3.96 -24.50 47.57
CA LEU B 297 4.31 -23.17 48.04
C LEU B 297 4.04 -22.99 49.52
N THR B 298 2.87 -23.41 49.97
CA THR B 298 2.51 -23.28 51.38
C THR B 298 3.54 -23.95 52.25
N LYS B 299 3.96 -25.15 51.89
CA LYS B 299 4.98 -25.84 52.66
C LYS B 299 6.30 -25.10 52.58
N GLN B 300 6.60 -24.50 51.44
CA GLN B 300 7.84 -23.74 51.30
C GLN B 300 7.86 -22.54 52.23
N TYR B 301 6.82 -21.71 52.16
CA TYR B 301 6.75 -20.54 53.03
C TYR B 301 6.62 -20.93 54.48
N GLN B 302 5.92 -22.02 54.78
CA GLN B 302 5.82 -22.46 56.16
C GLN B 302 7.20 -22.82 56.68
N ALA B 303 8.01 -23.49 55.86
CA ALA B 303 9.37 -23.83 56.25
C ALA B 303 10.21 -22.57 56.38
N LEU B 304 9.95 -21.59 55.54
CA LEU B 304 10.68 -20.33 55.59
C LEU B 304 10.44 -19.63 56.92
N PHE B 305 9.18 -19.42 57.28
CA PHE B 305 8.85 -18.80 58.55
C PHE B 305 9.26 -19.68 59.72
N ASN B 306 9.18 -21.00 59.56
CA ASN B 306 9.49 -21.91 60.66
C ASN B 306 10.93 -21.77 61.13
N LEU B 307 11.89 -21.78 60.19
CA LEU B 307 13.28 -21.64 60.59
C LEU B 307 13.53 -20.27 61.21
N GLU B 308 12.68 -19.29 60.90
CA GLU B 308 12.77 -17.95 61.47
C GLU B 308 12.12 -17.88 62.85
N GLY B 309 11.33 -18.88 63.22
CA GLY B 309 10.67 -18.92 64.50
C GLY B 309 9.20 -18.58 64.48
N VAL B 310 8.53 -18.74 63.34
CA VAL B 310 7.12 -18.41 63.19
C VAL B 310 6.40 -19.53 62.46
N ASP B 311 5.17 -19.78 62.89
CA ASP B 311 4.29 -20.79 62.29
C ASP B 311 3.27 -20.07 61.42
N LEU B 312 3.28 -20.36 60.13
CA LEU B 312 2.37 -19.72 59.19
C LEU B 312 1.21 -20.66 58.90
N GLU B 313 0.00 -20.12 58.94
CA GLU B 313 -1.22 -20.86 58.68
C GLU B 313 -1.98 -20.19 57.55
N PHE B 314 -2.45 -21.01 56.63
CA PHE B 314 -3.21 -20.59 55.47
C PHE B 314 -4.64 -21.09 55.61
N ARG B 315 -5.60 -20.22 55.40
CA ARG B 315 -7.00 -20.62 55.50
C ARG B 315 -7.49 -21.06 54.13
N ASP B 316 -8.43 -22.01 54.14
CA ASP B 316 -8.98 -22.56 52.91
C ASP B 316 -9.57 -21.47 52.02
N GLU B 317 -10.19 -20.46 52.64
CA GLU B 317 -10.78 -19.38 51.87
C GLU B 317 -9.72 -18.62 51.09
N ALA B 318 -8.55 -18.42 51.71
CA ALA B 318 -7.47 -17.70 51.05
C ALA B 318 -6.95 -18.44 49.83
N LEU B 319 -6.82 -19.76 49.93
CA LEU B 319 -6.29 -20.55 48.82
C LEU B 319 -7.20 -20.45 47.61
N ASP B 320 -8.51 -20.44 47.83
CA ASP B 320 -9.43 -20.29 46.72
C ASP B 320 -9.24 -18.94 46.04
N ALA B 321 -9.03 -17.89 46.83
CA ALA B 321 -8.83 -16.56 46.26
C ALA B 321 -7.53 -16.48 45.48
N ILE B 322 -6.46 -17.06 46.02
CA ILE B 322 -5.17 -17.04 45.34
C ILE B 322 -5.28 -17.74 44.00
N ALA B 323 -5.98 -18.87 43.95
CA ALA B 323 -6.13 -19.60 42.72
C ALA B 323 -6.89 -18.80 41.67
N LYS B 324 -7.91 -18.07 42.10
CA LYS B 324 -8.67 -17.24 41.17
C LYS B 324 -7.78 -16.19 40.53
N LYS B 325 -6.98 -15.50 41.34
CA LYS B 325 -6.07 -14.48 40.84
C LYS B 325 -5.05 -15.08 39.88
N ALA B 326 -4.51 -16.24 40.23
CA ALA B 326 -3.51 -16.90 39.39
C ALA B 326 -4.05 -17.21 38.01
N MET B 327 -5.28 -17.73 37.94
CA MET B 327 -5.89 -18.05 36.66
C MET B 327 -5.99 -16.80 35.77
N ALA B 328 -6.22 -15.64 36.38
CA ALA B 328 -6.34 -14.41 35.61
C ALA B 328 -5.01 -13.99 34.99
N ARG B 329 -3.89 -14.36 35.60
CA ARG B 329 -2.59 -13.98 35.07
C ARG B 329 -2.22 -14.73 33.81
N LYS B 330 -2.82 -15.91 33.59
CA LYS B 330 -2.55 -16.73 32.41
C LYS B 330 -1.07 -17.05 32.25
N THR B 331 -0.41 -17.30 33.38
CA THR B 331 1.00 -17.70 33.41
C THR B 331 1.17 -19.05 34.08
N GLY B 332 0.08 -19.80 34.28
CA GLY B 332 0.16 -21.09 34.90
C GLY B 332 0.23 -21.01 36.40
N ALA B 333 0.72 -22.10 36.98
CA ALA B 333 0.89 -22.20 38.41
C ALA B 333 2.02 -21.33 38.92
N ARG B 334 2.97 -20.97 38.06
CA ARG B 334 4.08 -20.14 38.49
C ARG B 334 3.61 -18.75 38.87
N GLY B 335 2.60 -18.23 38.17
CA GLY B 335 2.06 -16.92 38.51
C GLY B 335 1.53 -16.89 39.92
N LEU B 336 1.08 -18.05 40.41
CA LEU B 336 0.56 -18.18 41.76
C LEU B 336 1.58 -17.78 42.81
N ARG B 337 2.86 -18.01 42.54
CA ARG B 337 3.91 -17.64 43.48
C ARG B 337 3.93 -16.14 43.73
N SER B 338 3.67 -15.35 42.70
CA SER B 338 3.69 -13.90 42.82
C SER B 338 2.67 -13.42 43.84
N ILE B 339 1.42 -13.84 43.68
CA ILE B 339 0.33 -13.45 44.56
C ILE B 339 0.70 -13.69 46.02
N VAL B 340 1.18 -14.89 46.34
CA VAL B 340 1.57 -15.21 47.70
C VAL B 340 2.63 -14.23 48.19
N GLU B 341 3.66 -14.01 47.38
CA GLU B 341 4.73 -13.09 47.73
C GLU B 341 4.19 -11.70 48.06
N ALA B 342 3.35 -11.15 47.19
CA ALA B 342 2.78 -9.83 47.40
C ALA B 342 2.02 -9.77 48.72
N ALA B 343 1.12 -10.72 48.95
CA ALA B 343 0.34 -10.77 50.17
C ALA B 343 1.20 -10.86 51.42
N LEU B 344 2.41 -11.38 51.31
CA LEU B 344 3.31 -11.57 52.44
C LEU B 344 4.48 -10.61 52.47
N LEU B 345 4.63 -9.77 51.44
CA LEU B 345 5.74 -8.83 51.36
C LEU B 345 5.90 -7.99 52.62
N ASP B 346 4.86 -7.25 52.98
CA ASP B 346 4.91 -6.41 54.16
C ASP B 346 5.22 -7.23 55.40
N THR B 347 4.62 -8.42 55.50
CA THR B 347 4.86 -9.29 56.64
C THR B 347 6.32 -9.68 56.74
N MET B 348 6.87 -10.27 55.67
CA MET B 348 8.25 -10.73 55.67
C MET B 348 9.24 -9.61 55.89
N TYR B 349 8.89 -8.37 55.57
CA TYR B 349 9.78 -7.24 55.76
C TYR B 349 9.82 -6.78 57.22
N ASP B 350 8.69 -6.87 57.92
CA ASP B 350 8.58 -6.45 59.30
C ASP B 350 8.58 -7.60 60.31
N LEU B 351 8.70 -8.84 59.85
CA LEU B 351 8.65 -9.97 60.79
C LEU B 351 9.91 -10.08 61.65
N PRO B 352 11.13 -10.00 61.11
CA PRO B 352 12.30 -10.13 61.99
C PRO B 352 12.39 -9.04 63.03
N SER B 353 11.99 -7.82 62.69
CA SER B 353 12.01 -6.73 63.65
C SER B 353 11.06 -7.03 64.80
N MET B 354 9.92 -7.62 64.50
CA MET B 354 8.96 -7.98 65.53
C MET B 354 9.54 -9.05 66.44
N GLU B 355 9.12 -9.03 67.69
CA GLU B 355 9.57 -9.99 68.69
C GLU B 355 8.34 -10.62 69.35
N ASP B 356 8.57 -11.80 69.93
CA ASP B 356 7.51 -12.53 70.61
C ASP B 356 6.34 -12.82 69.69
N VAL B 357 6.63 -13.21 68.45
CA VAL B 357 5.65 -13.56 67.43
C VAL B 357 5.75 -15.05 67.19
N GLU B 358 4.69 -15.78 67.51
CA GLU B 358 4.66 -17.24 67.38
C GLU B 358 3.78 -17.76 66.26
N LYS B 359 2.90 -16.94 65.69
CA LYS B 359 2.06 -17.45 64.62
C LYS B 359 1.51 -16.31 63.77
N VAL B 360 1.34 -16.60 62.50
CA VAL B 360 0.80 -15.67 61.50
C VAL B 360 -0.35 -16.37 60.80
N VAL B 361 -1.45 -15.66 60.61
CA VAL B 361 -2.63 -16.19 59.95
C VAL B 361 -2.99 -15.29 58.79
N ILE B 362 -3.25 -15.90 57.64
CA ILE B 362 -3.61 -15.20 56.42
C ILE B 362 -5.06 -15.51 56.10
N ASP B 363 -5.87 -14.46 56.03
CA ASP B 363 -7.29 -14.55 55.72
C ASP B 363 -7.52 -14.23 54.26
N GLU B 364 -8.76 -14.42 53.80
CA GLU B 364 -9.10 -14.14 52.42
C GLU B 364 -8.93 -12.67 52.09
N SER B 365 -9.24 -11.79 53.05
CA SER B 365 -9.12 -10.36 52.82
C SER B 365 -7.68 -9.96 52.56
N VAL B 366 -6.72 -10.65 53.20
CA VAL B 366 -5.31 -10.32 53.05
C VAL B 366 -4.88 -10.41 51.60
N ILE B 367 -5.41 -11.38 50.86
CA ILE B 367 -5.03 -11.55 49.47
C ILE B 367 -5.48 -10.35 48.65
N ASP B 368 -6.71 -9.88 48.89
CA ASP B 368 -7.21 -8.72 48.16
C ASP B 368 -6.46 -7.46 48.55
N GLY B 369 -5.92 -7.41 49.76
CA GLY B 369 -5.18 -6.25 50.25
C GLY B 369 -5.99 -5.36 51.17
N GLN B 370 -7.28 -5.65 51.35
CA GLN B 370 -8.12 -4.83 52.20
C GLN B 370 -7.71 -4.92 53.66
N SER B 371 -7.32 -6.11 54.11
CA SER B 371 -6.94 -6.36 55.48
C SER B 371 -5.44 -6.61 55.58
N GLU B 372 -4.99 -6.80 56.83
CA GLU B 372 -3.64 -7.09 57.21
C GLU B 372 -3.59 -8.47 57.88
N PRO B 373 -2.58 -9.29 57.61
CA PRO B 373 -2.53 -10.61 58.23
C PRO B 373 -2.46 -10.54 59.75
N LEU B 374 -3.24 -11.40 60.39
CA LEU B 374 -3.28 -11.45 61.84
C LEU B 374 -2.06 -12.15 62.40
N LEU B 375 -1.68 -11.75 63.59
CA LEU B 375 -0.52 -12.31 64.29
C LEU B 375 -0.92 -12.73 65.70
N ILE B 376 -0.19 -13.72 66.21
CA ILE B 376 -0.40 -14.26 67.55
C ILE B 376 0.93 -14.19 68.25
N TYR B 377 0.97 -13.55 69.41
CA TYR B 377 2.19 -13.37 70.16
C TYR B 377 2.35 -14.42 71.25
N GLY B 378 3.56 -14.48 71.79
CA GLY B 378 3.92 -15.42 72.85
C GLY B 378 4.62 -14.74 74.01
N LEU C 28 21.25 -13.44 58.36
CA LEU C 28 21.27 -12.67 59.60
C LEU C 28 20.79 -11.22 59.47
N PRO C 29 21.27 -10.47 58.47
CA PRO C 29 20.80 -9.09 58.34
C PRO C 29 19.32 -9.03 58.04
N THR C 30 18.64 -8.13 58.71
CA THR C 30 17.20 -7.99 58.54
C THR C 30 16.89 -7.07 57.37
N PRO C 31 15.67 -7.13 56.83
CA PRO C 31 15.33 -6.25 55.71
C PRO C 31 15.38 -4.79 56.08
N HIS C 32 15.11 -4.46 57.35
CA HIS C 32 15.18 -3.07 57.77
C HIS C 32 16.59 -2.54 57.62
N GLU C 33 17.57 -3.34 58.05
CA GLU C 33 18.96 -2.95 57.93
C GLU C 33 19.35 -2.80 56.47
N ILE C 34 18.91 -3.73 55.63
CA ILE C 34 19.23 -3.68 54.21
C ILE C 34 18.59 -2.46 53.56
N ARG C 35 17.33 -2.18 53.88
CA ARG C 35 16.66 -1.03 53.31
C ARG C 35 17.32 0.26 53.75
N ASN C 36 17.90 0.29 54.94
CA ASN C 36 18.57 1.50 55.41
C ASN C 36 19.79 1.79 54.55
N HIS C 37 20.56 0.75 54.21
CA HIS C 37 21.72 0.93 53.36
C HIS C 37 21.32 1.47 52.00
N LEU C 38 20.20 0.98 51.47
CA LEU C 38 19.72 1.45 50.18
C LEU C 38 19.17 2.86 50.29
N ASP C 39 18.47 3.16 51.38
CA ASP C 39 17.90 4.48 51.57
C ASP C 39 18.97 5.57 51.59
N ASP C 40 20.18 5.22 52.01
CA ASP C 40 21.27 6.19 52.03
C ASP C 40 21.58 6.72 50.63
N TYR C 41 21.42 5.87 49.61
CA TYR C 41 21.70 6.23 48.23
C TYR C 41 20.48 6.37 47.35
N VAL C 42 19.34 5.78 47.72
CA VAL C 42 18.13 5.79 46.91
C VAL C 42 17.01 6.44 47.68
N ILE C 43 16.37 7.43 47.06
CA ILE C 43 15.31 8.22 47.66
C ILE C 43 13.96 7.94 47.02
N GLY C 44 13.01 7.46 47.82
CA GLY C 44 11.62 7.33 47.41
C GLY C 44 11.13 5.99 46.88
N GLN C 45 11.99 5.05 46.58
CA GLN C 45 11.54 3.76 46.03
C GLN C 45 11.31 2.76 47.17
N GLU C 46 10.25 3.04 47.93
CA GLU C 46 9.91 2.22 49.09
C GLU C 46 9.48 0.81 48.70
N GLN C 47 8.64 0.67 47.69
CA GLN C 47 8.16 -0.65 47.32
C GLN C 47 9.29 -1.51 46.77
N ALA C 48 10.11 -0.95 45.89
CA ALA C 48 11.21 -1.71 45.33
C ALA C 48 12.25 -2.06 46.38
N LYS C 49 12.46 -1.18 47.35
CA LYS C 49 13.43 -1.47 48.39
C LYS C 49 12.95 -2.58 49.31
N LYS C 50 11.63 -2.73 49.44
CA LYS C 50 11.10 -3.82 50.25
C LYS C 50 11.29 -5.16 49.55
N VAL C 51 11.00 -5.19 48.26
CA VAL C 51 11.11 -6.43 47.48
C VAL C 51 12.54 -6.93 47.49
N LEU C 52 13.49 -6.05 47.20
CA LEU C 52 14.89 -6.45 47.16
C LEU C 52 15.37 -6.87 48.55
N ALA C 53 14.96 -6.13 49.57
CA ALA C 53 15.37 -6.47 50.93
C ALA C 53 14.84 -7.83 51.35
N VAL C 54 13.56 -8.08 51.06
CA VAL C 54 12.95 -9.35 51.40
C VAL C 54 13.59 -10.49 50.62
N ALA C 55 13.82 -10.27 49.33
CA ALA C 55 14.41 -11.31 48.50
C ALA C 55 15.82 -11.64 48.95
N VAL C 56 16.60 -10.62 49.26
CA VAL C 56 17.97 -10.84 49.71
C VAL C 56 17.96 -11.53 51.06
N TYR C 57 17.04 -11.15 51.94
CA TYR C 57 16.95 -11.81 53.25
C TYR C 57 16.53 -13.25 53.07
N ASN C 58 15.53 -13.50 52.23
CA ASN C 58 15.08 -14.85 51.98
C ASN C 58 16.17 -15.66 51.29
N HIS C 59 17.02 -14.98 50.52
CA HIS C 59 18.14 -15.68 49.89
C HIS C 59 19.06 -16.21 50.97
N TYR C 60 19.34 -15.41 51.99
CA TYR C 60 20.16 -15.85 53.10
C TYR C 60 19.51 -16.99 53.85
N LYS C 61 18.21 -16.85 54.14
CA LYS C 61 17.48 -17.91 54.82
C LYS C 61 17.56 -19.20 54.04
N ARG C 62 17.25 -19.11 52.75
CA ARG C 62 17.29 -20.25 51.85
C ARG C 62 18.70 -20.79 51.75
N LEU C 63 19.68 -19.89 51.77
CA LEU C 63 21.09 -20.28 51.74
C LEU C 63 21.50 -20.99 53.02
N ARG C 64 21.00 -20.53 54.16
CA ARG C 64 21.38 -21.13 55.43
C ARG C 64 20.94 -22.58 55.52
N ASN C 65 19.83 -22.93 54.87
CA ASN C 65 19.32 -24.29 54.87
C ASN C 65 19.79 -25.00 53.61
N GLY C 66 20.42 -26.16 53.79
CA GLY C 66 20.92 -26.94 52.68
C GLY C 66 20.00 -28.08 52.31
N VAL C 72 11.99 -30.27 52.46
CA VAL C 72 11.25 -29.68 51.36
C VAL C 72 12.12 -28.67 50.63
N GLU C 73 12.27 -28.85 49.32
CA GLU C 73 13.07 -27.94 48.53
C GLU C 73 12.43 -26.56 48.54
N LEU C 74 13.25 -25.53 48.80
CA LEU C 74 12.80 -24.16 48.84
C LEU C 74 13.05 -23.48 47.50
N GLY C 75 11.97 -23.09 46.84
CA GLY C 75 12.08 -22.40 45.57
C GLY C 75 12.42 -20.94 45.74
N LYS C 76 12.82 -20.33 44.64
CA LYS C 76 13.20 -18.94 44.59
C LYS C 76 12.28 -18.16 43.69
N SER C 77 11.99 -16.93 44.09
CA SER C 77 11.15 -16.02 43.33
C SER C 77 12.04 -14.95 42.72
N ASN C 78 12.10 -14.90 41.40
CA ASN C 78 12.90 -13.89 40.73
C ASN C 78 12.12 -12.59 40.67
N ILE C 79 12.86 -11.50 40.62
CA ILE C 79 12.30 -10.16 40.65
C ILE C 79 12.33 -9.56 39.25
N LEU C 80 11.45 -8.58 39.05
CA LEU C 80 11.36 -7.84 37.79
C LEU C 80 11.15 -6.38 38.16
N LEU C 81 12.16 -5.56 37.91
CA LEU C 81 12.12 -4.14 38.21
C LEU C 81 11.65 -3.36 37.00
N ILE C 82 10.47 -2.77 37.08
CA ILE C 82 9.89 -1.98 36.01
C ILE C 82 9.81 -0.56 36.52
N GLY C 83 10.43 0.36 35.80
CA GLY C 83 10.37 1.74 36.18
C GLY C 83 10.81 2.64 35.07
N PRO C 84 10.49 3.91 35.15
CA PRO C 84 10.87 4.85 34.10
C PRO C 84 12.34 5.21 34.21
N THR C 85 12.79 6.00 33.25
CA THR C 85 14.17 6.43 33.22
C THR C 85 14.51 7.30 34.42
N GLY C 86 15.71 7.14 34.94
CA GLY C 86 16.16 7.94 36.07
C GLY C 86 15.38 7.71 37.33
N SER C 87 14.93 6.48 37.56
CA SER C 87 14.13 6.15 38.72
C SER C 87 14.91 5.47 39.84
N GLY C 88 16.01 4.80 39.52
CA GLY C 88 16.84 4.14 40.52
C GLY C 88 16.96 2.64 40.39
N LYS C 89 16.71 2.09 39.22
CA LYS C 89 16.81 0.64 39.04
C LYS C 89 18.26 0.18 39.13
N THR C 90 19.10 0.68 38.23
CA THR C 90 20.51 0.30 38.24
C THR C 90 21.18 0.74 39.52
N LEU C 91 20.76 1.86 40.08
CA LEU C 91 21.34 2.35 41.32
C LEU C 91 21.08 1.40 42.47
N LEU C 92 19.86 0.88 42.55
CA LEU C 92 19.53 -0.07 43.61
C LEU C 92 20.45 -1.29 43.55
N ALA C 93 20.70 -1.78 42.34
CA ALA C 93 21.57 -2.92 42.17
C ALA C 93 23.00 -2.63 42.63
N GLU C 94 23.53 -1.47 42.24
CA GLU C 94 24.88 -1.11 42.63
C GLU C 94 24.98 -0.97 44.15
N THR C 95 23.96 -0.37 44.77
CA THR C 95 23.96 -0.22 46.22
C THR C 95 23.84 -1.56 46.90
N LEU C 96 23.22 -2.51 46.22
CA LEU C 96 23.03 -3.85 46.76
C LEU C 96 24.35 -4.61 46.75
N ALA C 97 25.10 -4.50 45.67
CA ALA C 97 26.37 -5.20 45.55
C ALA C 97 27.35 -4.82 46.65
N ARG C 98 27.30 -3.58 47.12
CA ARG C 98 28.22 -3.14 48.15
C ARG C 98 28.04 -3.92 49.45
N LEU C 99 26.80 -4.24 49.80
CA LEU C 99 26.47 -4.92 51.04
C LEU C 99 26.15 -6.39 50.87
N LEU C 100 26.38 -6.96 49.69
CA LEU C 100 26.07 -8.36 49.44
C LEU C 100 27.31 -9.22 49.65
N ASP C 101 27.25 -10.10 50.63
CA ASP C 101 28.37 -11.01 50.87
C ASP C 101 28.49 -12.02 49.74
N VAL C 102 27.37 -12.45 49.18
CA VAL C 102 27.38 -13.43 48.08
C VAL C 102 27.76 -12.74 46.77
N PRO C 103 28.28 -13.48 45.80
CA PRO C 103 28.66 -12.87 44.52
C PRO C 103 27.50 -12.21 43.79
N PHE C 104 27.70 -10.95 43.42
CA PHE C 104 26.74 -10.17 42.67
C PHE C 104 27.40 -9.66 41.41
N THR C 105 26.75 -9.89 40.27
CA THR C 105 27.19 -9.40 38.99
C THR C 105 26.03 -8.62 38.39
N MET C 106 26.33 -7.78 37.41
CA MET C 106 25.30 -6.98 36.76
C MET C 106 25.57 -7.02 35.25
N ALA C 107 24.82 -7.88 34.58
CA ALA C 107 24.94 -8.10 33.14
C ALA C 107 24.03 -7.16 32.38
N ASP C 108 24.09 -7.27 31.06
CA ASP C 108 23.28 -6.49 30.13
C ASP C 108 22.69 -7.43 29.11
N ALA C 109 21.43 -7.20 28.77
CA ALA C 109 20.72 -8.03 27.81
C ALA C 109 21.00 -7.66 26.37
N THR C 110 21.61 -6.51 26.12
CA THR C 110 21.89 -6.09 24.76
C THR C 110 22.96 -6.96 24.12
N THR C 111 24.05 -7.23 24.85
CA THR C 111 25.15 -8.02 24.33
C THR C 111 24.79 -9.48 24.10
N LEU C 112 23.71 -9.97 24.69
CA LEU C 112 23.33 -11.36 24.58
C LEU C 112 22.74 -11.70 23.22
N THR C 113 22.93 -12.96 22.81
CA THR C 113 22.44 -13.46 21.55
C THR C 113 22.14 -14.94 21.65
N GLU C 114 21.30 -15.42 20.73
CA GLU C 114 20.97 -16.82 20.64
C GLU C 114 22.23 -17.62 20.35
N ALA C 115 22.31 -18.81 20.92
CA ALA C 115 23.49 -19.66 20.75
C ALA C 115 23.80 -19.89 19.28
N GLY C 116 25.08 -19.88 18.95
CA GLY C 116 25.54 -20.08 17.60
C GLY C 116 25.83 -18.82 16.82
N TYR C 117 25.79 -17.65 17.48
CA TYR C 117 26.04 -16.37 16.83
C TYR C 117 27.22 -15.67 17.49
N VAL C 118 27.73 -14.66 16.80
CA VAL C 118 28.91 -13.92 17.23
C VAL C 118 28.72 -13.18 18.54
N GLY C 119 27.49 -12.86 18.90
CA GLY C 119 27.26 -12.13 20.13
C GLY C 119 27.57 -12.95 21.35
N GLU C 120 27.73 -12.25 22.47
CA GLU C 120 28.03 -12.88 23.74
C GLU C 120 26.94 -13.86 24.11
N ASP C 121 27.36 -15.01 24.64
CA ASP C 121 26.42 -16.04 25.02
C ASP C 121 25.82 -15.77 26.39
N VAL C 122 24.64 -16.35 26.61
CA VAL C 122 23.94 -16.19 27.88
C VAL C 122 24.71 -16.82 29.02
N GLU C 123 25.40 -17.92 28.76
CA GLU C 123 26.17 -18.58 29.81
C GLU C 123 27.32 -17.72 30.32
N ASN C 124 27.73 -16.70 29.55
CA ASN C 124 28.83 -15.84 29.98
C ASN C 124 28.52 -15.20 31.32
N ILE C 125 27.26 -14.91 31.60
CA ILE C 125 26.86 -14.34 32.88
C ILE C 125 27.41 -15.16 34.03
N ILE C 126 27.24 -16.48 33.94
CA ILE C 126 27.75 -17.37 34.97
C ILE C 126 29.26 -17.25 35.06
N GLN C 127 29.93 -17.21 33.92
CA GLN C 127 31.39 -17.04 33.91
C GLN C 127 31.77 -15.77 34.63
N LYS C 128 31.05 -14.69 34.35
CA LYS C 128 31.28 -13.42 35.02
C LYS C 128 31.10 -13.57 36.53
N LEU C 129 30.11 -14.35 36.93
CA LEU C 129 29.82 -14.58 38.34
C LEU C 129 31.00 -15.25 39.03
N LEU C 130 31.60 -16.24 38.37
CA LEU C 130 32.74 -16.95 38.94
C LEU C 130 33.92 -16.02 39.22
N GLN C 131 34.11 -14.99 38.39
CA GLN C 131 35.21 -14.06 38.61
C GLN C 131 35.09 -13.38 39.95
N LYS C 132 33.87 -13.11 40.39
CA LYS C 132 33.62 -12.44 41.66
C LYS C 132 33.82 -13.39 42.83
N SER C 133 33.62 -14.68 42.62
CA SER C 133 33.76 -15.70 43.66
C SER C 133 35.07 -16.45 43.61
N ASP C 134 36.05 -15.96 42.86
CA ASP C 134 37.37 -16.60 42.75
C ASP C 134 37.24 -18.03 42.21
N TYR C 135 36.34 -18.21 41.25
CA TYR C 135 36.10 -19.50 40.60
C TYR C 135 35.72 -20.58 41.60
N ASP C 136 34.76 -20.26 42.45
CA ASP C 136 34.20 -21.19 43.43
C ASP C 136 32.80 -21.51 42.93
N VAL C 137 32.59 -22.76 42.51
CA VAL C 137 31.30 -23.15 41.98
C VAL C 137 30.25 -23.15 43.09
N GLN C 138 30.58 -23.71 44.25
CA GLN C 138 29.63 -23.76 45.35
C GLN C 138 29.22 -22.35 45.79
N LYS C 139 30.13 -21.39 45.70
CA LYS C 139 29.83 -20.03 46.09
C LYS C 139 29.12 -19.24 44.99
N ALA C 140 29.20 -19.69 43.75
CA ALA C 140 28.54 -19.00 42.66
C ALA C 140 27.07 -19.37 42.56
N GLN C 141 26.74 -20.64 42.80
CA GLN C 141 25.36 -21.08 42.76
C GLN C 141 24.52 -20.32 43.77
N ARG C 142 25.13 -19.83 44.83
CA ARG C 142 24.49 -19.06 45.88
C ARG C 142 24.48 -17.57 45.57
N GLY C 143 24.66 -17.20 44.31
CA GLY C 143 24.76 -15.81 43.92
C GLY C 143 23.48 -15.15 43.48
N ILE C 144 23.62 -13.85 43.23
CA ILE C 144 22.56 -12.98 42.77
C ILE C 144 23.00 -12.37 41.45
N VAL C 145 22.10 -12.32 40.48
CA VAL C 145 22.39 -11.79 39.16
C VAL C 145 21.40 -10.69 38.82
N TYR C 146 21.91 -9.58 38.31
CA TYR C 146 21.11 -8.46 37.87
C TYR C 146 21.29 -8.32 36.37
N ILE C 147 20.17 -8.24 35.65
CA ILE C 147 20.17 -8.12 34.21
C ILE C 147 19.45 -6.83 33.88
N ASP C 148 20.17 -5.90 33.29
CA ASP C 148 19.64 -4.58 32.96
C ASP C 148 19.31 -4.51 31.48
N GLU C 149 18.42 -3.59 31.17
CA GLU C 149 17.97 -3.37 29.80
C GLU C 149 17.29 -4.63 29.28
N ILE C 150 16.46 -5.23 30.12
CA ILE C 150 15.74 -6.44 29.74
C ILE C 150 14.65 -6.12 28.73
N ASP C 151 14.14 -4.89 28.74
CA ASP C 151 13.14 -4.48 27.78
C ASP C 151 13.66 -4.41 26.35
N LYS C 152 14.97 -4.50 26.15
CA LYS C 152 15.57 -4.41 24.82
C LYS C 152 15.55 -5.72 24.06
N ILE C 153 15.26 -6.83 24.72
CA ILE C 153 15.19 -8.13 24.08
C ILE C 153 13.76 -8.55 23.79
N SER C 154 12.79 -7.69 24.08
CA SER C 154 11.40 -8.02 23.90
C SER C 154 11.02 -8.14 22.43
N ARG C 155 10.10 -9.07 22.17
CA ARG C 155 9.57 -9.24 20.84
C ARG C 155 8.91 -7.94 20.39
N LYS C 156 8.91 -7.73 19.08
CA LYS C 156 8.30 -6.51 18.57
C LYS C 156 6.79 -6.49 18.83
N SER C 157 6.12 -7.62 18.64
CA SER C 157 4.68 -7.74 18.78
C SER C 157 4.33 -8.95 19.62
N ASP C 158 3.04 -9.03 19.98
CA ASP C 158 2.53 -10.14 20.77
C ASP C 158 2.67 -11.45 20.00
N ASN C 159 2.41 -11.43 18.70
CA ASN C 159 2.51 -12.64 17.91
C ASN C 159 3.97 -12.97 17.61
N PRO C 160 4.31 -14.25 17.43
CA PRO C 160 5.71 -14.59 17.15
C PRO C 160 6.18 -14.00 15.83
N SER C 161 7.46 -13.63 15.81
CA SER C 161 8.05 -13.03 14.63
C SER C 161 8.27 -14.09 13.55
N ILE C 162 8.25 -13.63 12.29
CA ILE C 162 8.46 -14.51 11.15
C ILE C 162 9.94 -14.64 10.78
N THR C 163 10.82 -13.90 11.46
CA THR C 163 12.24 -13.95 11.23
C THR C 163 12.93 -14.24 12.56
N ARG C 164 14.13 -14.80 12.49
CA ARG C 164 14.85 -15.15 13.69
C ARG C 164 15.26 -13.88 14.44
N ASP C 165 14.83 -13.77 15.70
CA ASP C 165 15.14 -12.63 16.56
C ASP C 165 16.36 -13.06 17.36
N VAL C 166 17.53 -12.82 16.79
CA VAL C 166 18.80 -13.22 17.39
C VAL C 166 19.06 -12.51 18.71
N SER C 167 18.79 -11.21 18.77
CA SER C 167 19.06 -10.42 19.96
C SER C 167 17.82 -10.11 20.77
N GLY C 168 16.68 -10.67 20.39
CA GLY C 168 15.42 -10.47 21.09
C GLY C 168 14.92 -11.76 21.69
N GLU C 169 13.84 -12.27 21.13
CA GLU C 169 13.19 -13.51 21.53
C GLU C 169 14.20 -14.62 21.80
N GLY C 170 15.23 -14.72 20.95
CA GLY C 170 16.24 -15.74 21.14
C GLY C 170 16.90 -15.67 22.50
N VAL C 171 17.11 -14.46 23.02
CA VAL C 171 17.72 -14.32 24.33
C VAL C 171 16.76 -14.76 25.41
N GLN C 172 15.48 -14.43 25.26
CA GLN C 172 14.48 -14.83 26.24
C GLN C 172 14.41 -16.34 26.35
N GLN C 173 14.40 -17.01 25.19
CA GLN C 173 14.34 -18.47 25.15
C GLN C 173 15.52 -19.10 25.87
N ALA C 174 16.72 -18.57 25.65
CA ALA C 174 17.91 -19.12 26.28
C ALA C 174 17.97 -18.82 27.76
N LEU C 175 17.29 -17.78 28.23
CA LEU C 175 17.31 -17.42 29.63
C LEU C 175 16.37 -18.24 30.48
N LEU C 176 15.31 -18.79 29.87
CA LEU C 176 14.31 -19.57 30.59
C LEU C 176 14.92 -20.63 31.49
N LYS C 177 15.67 -21.56 30.90
CA LYS C 177 16.28 -22.62 31.69
C LYS C 177 17.33 -22.12 32.65
N LEU C 178 17.88 -20.94 32.41
CA LEU C 178 18.89 -20.40 33.30
C LEU C 178 18.26 -19.92 34.60
N ILE C 179 17.16 -19.17 34.48
CA ILE C 179 16.47 -18.65 35.64
C ILE C 179 15.83 -19.77 36.46
N GLU C 180 15.00 -20.58 35.80
CA GLU C 180 14.29 -21.66 36.49
C GLU C 180 15.26 -22.65 37.10
N GLY C 181 16.29 -23.02 36.35
CA GLY C 181 17.29 -23.94 36.82
C GLY C 181 17.72 -24.96 35.79
N THR C 182 19.02 -25.08 35.63
CA THR C 182 19.64 -26.01 34.71
C THR C 182 21.14 -25.96 34.98
N VAL C 183 21.87 -26.82 34.31
CA VAL C 183 23.32 -26.89 34.43
C VAL C 183 23.91 -26.16 33.24
N ALA C 184 24.92 -25.33 33.49
CA ALA C 184 25.58 -24.55 32.47
C ALA C 184 27.06 -24.86 32.48
N ALA C 185 27.65 -24.89 31.30
CA ALA C 185 29.07 -25.19 31.13
C ALA C 185 29.83 -23.88 31.06
N VAL C 186 30.88 -23.76 31.87
CA VAL C 186 31.69 -22.57 31.98
C VAL C 186 33.15 -22.93 31.72
N PRO C 187 33.84 -22.28 30.80
CA PRO C 187 35.26 -22.60 30.59
C PRO C 187 36.11 -22.05 31.73
N PRO C 188 36.82 -22.91 32.47
CA PRO C 188 37.64 -22.37 33.58
C PRO C 188 38.92 -21.74 33.05
N GLN C 189 39.06 -20.44 33.27
CA GLN C 189 40.23 -19.68 32.82
C GLN C 189 40.50 -19.87 31.34
N GLU C 198 37.90 -29.16 29.06
CA GLU C 198 36.95 -29.41 30.13
C GLU C 198 36.17 -28.13 30.48
N PHE C 199 34.99 -28.30 31.08
CA PHE C 199 34.13 -27.21 31.48
C PHE C 199 33.63 -27.45 32.90
N LEU C 200 33.24 -26.36 33.55
CA LEU C 200 32.72 -26.37 34.90
C LEU C 200 31.19 -26.31 34.83
N GLN C 201 30.54 -27.35 35.35
CA GLN C 201 29.09 -27.42 35.34
C GLN C 201 28.56 -26.65 36.55
N VAL C 202 27.89 -25.54 36.30
CA VAL C 202 27.34 -24.67 37.34
C VAL C 202 25.82 -24.68 37.24
N ASP C 203 25.18 -24.98 38.35
CA ASP C 203 23.73 -25.00 38.44
C ASP C 203 23.20 -23.62 38.71
N THR C 204 21.94 -23.39 38.34
CA THR C 204 21.28 -22.10 38.51
C THR C 204 19.94 -22.20 39.22
N SER C 205 19.60 -23.35 39.79
CA SER C 205 18.31 -23.48 40.47
C SER C 205 18.25 -22.60 41.71
N LYS C 206 19.40 -22.31 42.31
CA LYS C 206 19.47 -21.49 43.52
C LYS C 206 19.90 -20.05 43.27
N ILE C 207 20.34 -19.73 42.06
CA ILE C 207 20.79 -18.36 41.77
C ILE C 207 19.58 -17.48 41.58
N LEU C 208 19.63 -16.30 42.20
CA LEU C 208 18.57 -15.32 42.10
C LEU C 208 18.84 -14.43 40.90
N PHE C 209 17.76 -14.01 40.24
CA PHE C 209 17.84 -13.18 39.06
C PHE C 209 16.93 -11.99 39.23
N ILE C 210 17.49 -10.82 39.00
CA ILE C 210 16.77 -9.56 39.12
C ILE C 210 16.89 -8.88 37.77
N CYS C 211 15.89 -9.07 36.93
CA CYS C 211 15.88 -8.51 35.59
C CYS C 211 15.08 -7.23 35.62
N GLY C 212 15.72 -6.13 35.32
CA GLY C 212 15.08 -4.83 35.36
C GLY C 212 15.31 -4.02 34.11
N GLY C 213 14.27 -3.36 33.65
CA GLY C 213 14.37 -2.53 32.48
C GLY C 213 13.25 -1.51 32.44
N ALA C 214 13.53 -0.41 31.74
CA ALA C 214 12.57 0.68 31.58
C ALA C 214 11.69 0.38 30.38
N PHE C 215 10.54 -0.21 30.64
CA PHE C 215 9.64 -0.55 29.55
C PHE C 215 8.99 0.73 29.06
N ALA C 216 9.39 1.16 27.88
CA ALA C 216 8.86 2.37 27.27
C ALA C 216 7.79 1.95 26.27
N GLY C 217 6.59 2.47 26.47
CA GLY C 217 5.44 2.13 25.66
C GLY C 217 4.48 1.22 26.37
N LEU C 218 4.86 0.69 27.54
CA LEU C 218 3.98 -0.18 28.30
C LEU C 218 2.80 0.58 28.86
N ASP C 219 3.00 1.85 29.22
CA ASP C 219 1.90 2.65 29.74
C ASP C 219 0.75 2.72 28.76
N LYS C 220 1.06 2.84 27.46
CA LYS C 220 0.03 2.87 26.44
C LYS C 220 -0.74 1.56 26.41
N VAL C 221 -0.04 0.45 26.60
CA VAL C 221 -0.69 -0.86 26.57
C VAL C 221 -1.64 -0.97 27.74
N ILE C 222 -1.20 -0.56 28.93
CA ILE C 222 -2.04 -0.63 30.11
C ILE C 222 -3.24 0.27 29.98
N SER C 223 -3.07 1.44 29.35
CA SER C 223 -4.16 2.38 29.21
C SER C 223 -5.28 1.78 28.37
N HIS C 224 -4.94 1.07 27.31
CA HIS C 224 -5.96 0.45 26.47
C HIS C 224 -6.78 -0.55 27.27
N ARG C 225 -6.12 -1.40 28.04
CA ARG C 225 -6.80 -2.41 28.84
C ARG C 225 -7.56 -1.80 30.02
N VAL C 226 -7.05 -0.72 30.60
CA VAL C 226 -7.65 -0.16 31.81
C VAL C 226 -8.68 0.93 31.56
N GLU C 227 -8.59 1.65 30.44
CA GLU C 227 -9.54 2.73 30.21
C GLU C 227 -10.82 2.22 29.54
N THR C 228 -10.67 1.60 28.37
CA THR C 228 -11.80 1.01 27.61
C THR C 228 -12.99 1.96 27.51
N GLY C 229 -12.71 3.25 27.35
CA GLY C 229 -13.74 4.25 27.22
C GLY C 229 -13.43 5.29 26.18
N SER C 230 -12.58 4.94 25.23
CA SER C 230 -12.22 5.87 24.18
C SER C 230 -13.38 6.03 23.21
N GLY C 231 -13.41 7.16 22.53
CA GLY C 231 -14.45 7.42 21.57
C GLY C 231 -14.55 8.90 21.26
N ILE C 232 -15.62 9.21 20.51
CA ILE C 232 -15.90 10.55 20.04
C ILE C 232 -17.20 11.11 20.61
N GLY C 233 -18.23 10.29 20.71
CA GLY C 233 -19.52 10.77 21.15
C GLY C 233 -19.70 11.18 22.59
N PHE C 234 -20.96 11.17 23.02
CA PHE C 234 -21.30 11.54 24.38
C PHE C 234 -20.96 10.43 25.36
N GLY C 235 -21.35 9.20 25.04
CA GLY C 235 -21.07 8.08 25.92
C GLY C 235 -19.60 7.88 26.16
N ALA C 236 -18.77 8.23 25.19
CA ALA C 236 -17.33 8.06 25.32
C ALA C 236 -16.77 8.97 26.40
N THR C 237 -15.64 8.55 26.95
CA THR C 237 -14.92 9.27 28.00
C THR C 237 -13.73 9.94 27.36
N VAL C 238 -13.84 11.24 27.15
CA VAL C 238 -12.77 12.05 26.56
C VAL C 238 -12.16 12.87 27.68
N LYS C 239 -10.85 12.69 27.87
CA LYS C 239 -10.10 13.42 28.87
C LYS C 239 -8.99 14.18 28.19
N ALA C 240 -8.51 15.21 28.86
CA ALA C 240 -7.43 16.02 28.34
C ALA C 240 -6.10 15.33 28.57
N LYS C 241 -5.04 15.91 28.01
CA LYS C 241 -3.70 15.36 28.25
C LYS C 241 -3.41 15.39 29.73
N SER C 242 -3.73 16.52 30.37
CA SER C 242 -3.60 16.66 31.80
C SER C 242 -4.81 16.02 32.47
N ASP C 243 -4.68 15.78 33.77
CA ASP C 243 -5.75 15.19 34.57
C ASP C 243 -6.15 13.82 34.03
N LYS C 244 -5.16 13.02 33.63
CA LYS C 244 -5.37 11.66 33.16
C LYS C 244 -4.30 10.78 33.78
N ALA C 245 -4.48 9.47 33.63
CA ALA C 245 -3.56 8.50 34.19
C ALA C 245 -2.13 8.73 33.72
N SER C 246 -1.21 8.80 34.68
CA SER C 246 0.20 9.01 34.41
C SER C 246 0.91 7.69 34.16
N GLU C 247 2.16 7.80 33.69
CA GLU C 247 2.95 6.60 33.43
C GLU C 247 3.25 5.85 34.73
N GLY C 248 3.55 6.59 35.80
CA GLY C 248 3.86 5.95 37.06
C GLY C 248 2.68 5.20 37.64
N GLU C 249 1.50 5.80 37.58
CA GLU C 249 0.30 5.15 38.11
C GLU C 249 -0.12 3.98 37.24
N LEU C 250 0.08 4.09 35.93
CA LEU C 250 -0.30 3.00 35.04
C LEU C 250 0.56 1.76 35.26
N LEU C 251 1.85 1.94 35.51
CA LEU C 251 2.72 0.79 35.72
C LEU C 251 2.35 0.06 37.00
N ALA C 252 1.74 0.76 37.95
CA ALA C 252 1.30 0.10 39.18
C ALA C 252 0.20 -0.91 38.91
N GLN C 253 -0.51 -0.75 37.79
CA GLN C 253 -1.57 -1.67 37.40
C GLN C 253 -1.09 -2.63 36.32
N VAL C 254 0.21 -2.89 36.31
CA VAL C 254 0.78 -3.80 35.33
C VAL C 254 0.43 -5.23 35.70
N GLU C 255 0.18 -6.03 34.68
CA GLU C 255 -0.16 -7.43 34.82
C GLU C 255 0.58 -8.17 33.71
N PRO C 256 0.70 -9.48 33.77
CA PRO C 256 1.43 -10.20 32.72
C PRO C 256 0.91 -9.97 31.32
N GLU C 257 -0.41 -9.99 31.13
CA GLU C 257 -0.99 -9.80 29.80
C GLU C 257 -0.53 -8.50 29.16
N ASP C 258 -0.25 -7.48 29.98
CA ASP C 258 0.26 -6.23 29.44
C ASP C 258 1.67 -6.42 28.90
N LEU C 259 2.53 -7.09 29.66
CA LEU C 259 3.89 -7.35 29.23
C LEU C 259 3.92 -8.27 28.03
N ILE C 260 2.92 -9.13 27.90
CA ILE C 260 2.84 -10.03 26.76
C ILE C 260 2.75 -9.22 25.47
N LYS C 261 1.86 -8.25 25.45
CA LYS C 261 1.69 -7.40 24.28
C LYS C 261 2.93 -6.56 24.03
N PHE C 262 3.68 -6.23 25.07
CA PHE C 262 4.89 -5.45 24.91
C PHE C 262 5.97 -6.24 24.19
N GLY C 263 5.97 -7.56 24.35
CA GLY C 263 6.95 -8.40 23.70
C GLY C 263 7.48 -9.54 24.53
N LEU C 264 7.44 -9.42 25.85
CA LEU C 264 7.89 -10.51 26.69
C LEU C 264 7.01 -11.73 26.45
N ILE C 265 7.62 -12.90 26.35
CA ILE C 265 6.86 -14.11 26.09
C ILE C 265 6.27 -14.63 27.40
N PRO C 266 5.22 -15.45 27.37
CA PRO C 266 4.63 -15.92 28.63
C PRO C 266 5.56 -16.74 29.48
N GLU C 267 6.39 -17.57 28.86
CA GLU C 267 7.31 -18.41 29.61
C GLU C 267 8.27 -17.58 30.43
N PHE C 268 8.76 -16.49 29.87
CA PHE C 268 9.73 -15.63 30.55
C PHE C 268 9.12 -14.94 31.76
N ILE C 269 7.89 -14.46 31.64
CA ILE C 269 7.28 -13.75 32.75
C ILE C 269 7.02 -14.67 33.92
N GLY C 270 6.75 -15.95 33.67
CA GLY C 270 6.53 -16.87 34.77
C GLY C 270 7.78 -17.06 35.59
N ARG C 271 8.93 -17.07 34.94
CA ARG C 271 10.20 -17.19 35.65
C ARG C 271 10.40 -16.01 36.59
N LEU C 272 9.86 -14.85 36.23
CA LEU C 272 9.94 -13.63 37.00
C LEU C 272 8.56 -13.33 37.58
N PRO C 273 8.21 -13.92 38.71
CA PRO C 273 6.87 -13.70 39.25
C PRO C 273 6.72 -12.44 40.08
N VAL C 274 7.81 -11.99 40.67
CA VAL C 274 7.78 -10.80 41.52
C VAL C 274 8.06 -9.58 40.65
N VAL C 275 7.09 -8.70 40.56
CA VAL C 275 7.18 -7.49 39.78
C VAL C 275 7.17 -6.32 40.75
N ALA C 276 8.22 -5.52 40.71
CA ALA C 276 8.37 -4.36 41.56
C ALA C 276 8.37 -3.13 40.66
N THR C 277 7.58 -2.13 41.03
CA THR C 277 7.45 -0.92 40.26
C THR C 277 8.09 0.26 40.98
N LEU C 278 8.70 1.14 40.19
CA LEU C 278 9.33 2.35 40.67
C LEU C 278 8.57 3.51 40.08
N ASN C 279 8.17 4.45 40.92
CA ASN C 279 7.38 5.59 40.48
C ASN C 279 8.28 6.71 39.96
N GLU C 280 7.67 7.61 39.22
CA GLU C 280 8.39 8.77 38.72
C GLU C 280 8.77 9.66 39.88
N LEU C 281 10.01 10.14 39.87
CA LEU C 281 10.48 10.99 40.94
C LEU C 281 9.77 12.33 40.93
N SER C 282 9.20 12.68 42.08
CA SER C 282 8.51 13.95 42.25
C SER C 282 9.51 15.04 42.57
N GLU C 283 9.05 16.29 42.48
CA GLU C 283 9.91 17.43 42.80
C GLU C 283 10.50 17.32 44.20
N GLU C 284 9.70 16.87 45.17
CA GLU C 284 10.22 16.71 46.52
C GLU C 284 11.34 15.70 46.56
N ALA C 285 11.21 14.61 45.82
CA ALA C 285 12.25 13.60 45.78
C ALA C 285 13.51 14.13 45.14
N LEU C 286 13.36 14.86 44.03
CA LEU C 286 14.52 15.40 43.33
C LEU C 286 15.29 16.37 44.22
N ILE C 287 14.57 17.16 44.99
CA ILE C 287 15.22 18.10 45.91
C ILE C 287 16.06 17.35 46.91
N GLN C 288 15.60 16.18 47.36
CA GLN C 288 16.36 15.38 48.30
C GLN C 288 17.59 14.77 47.63
N ILE C 289 17.43 14.33 46.38
CA ILE C 289 18.52 13.71 45.64
C ILE C 289 19.72 14.64 45.53
N LEU C 290 19.47 15.93 45.42
CA LEU C 290 20.56 16.88 45.26
C LEU C 290 21.43 16.98 46.50
N LYS C 291 20.87 16.84 47.70
CA LYS C 291 21.63 16.97 48.94
C LYS C 291 21.67 15.73 49.83
N GLU C 292 20.55 15.04 50.06
CA GLU C 292 20.54 13.96 51.04
C GLU C 292 21.49 12.80 50.75
N PRO C 293 21.47 12.17 49.57
CA PRO C 293 22.41 11.07 49.32
C PRO C 293 23.86 11.45 49.53
N LYS C 294 24.67 10.43 49.78
CA LYS C 294 26.09 10.66 50.05
C LYS C 294 26.89 10.98 48.80
N ASN C 295 26.44 10.52 47.63
CA ASN C 295 27.09 10.78 46.35
C ASN C 295 26.19 11.64 45.49
N ALA C 296 25.54 12.60 46.14
CA ALA C 296 24.60 13.50 45.50
C ALA C 296 25.30 14.45 44.55
N LEU C 297 24.50 14.98 43.63
CA LEU C 297 25.01 15.89 42.60
C LEU C 297 25.66 17.12 43.20
N THR C 298 25.00 17.78 44.15
CA THR C 298 25.58 18.97 44.77
C THR C 298 26.93 18.66 45.39
N LYS C 299 27.05 17.52 46.05
CA LYS C 299 28.32 17.14 46.65
C LYS C 299 29.38 16.91 45.59
N GLN C 300 28.98 16.41 44.42
CA GLN C 300 29.94 16.18 43.35
C GLN C 300 30.57 17.49 42.89
N TYR C 301 29.73 18.49 42.60
CA TYR C 301 30.25 19.78 42.16
C TYR C 301 31.01 20.49 43.26
N GLN C 302 30.58 20.33 44.52
CA GLN C 302 31.33 20.94 45.61
C GLN C 302 32.73 20.37 45.68
N ALA C 303 32.86 19.05 45.49
CA ALA C 303 34.17 18.42 45.51
C ALA C 303 35.02 18.93 44.35
N LEU C 304 34.39 19.08 43.19
CA LEU C 304 35.09 19.58 42.01
C LEU C 304 35.62 20.98 42.28
N PHE C 305 34.74 21.88 42.72
CA PHE C 305 35.14 23.25 43.01
C PHE C 305 36.10 23.30 44.19
N ASN C 306 35.96 22.41 45.16
CA ASN C 306 36.80 22.46 46.35
C ASN C 306 38.25 22.10 46.02
N LEU C 307 38.47 21.02 45.27
CA LEU C 307 39.85 20.68 44.90
C LEU C 307 40.47 21.78 44.07
N GLU C 308 39.64 22.54 43.36
CA GLU C 308 40.11 23.68 42.58
C GLU C 308 40.45 24.85 43.49
N GLY C 309 39.86 24.90 44.68
CA GLY C 309 40.11 25.96 45.65
C GLY C 309 38.94 26.87 45.91
N VAL C 310 37.75 26.52 45.45
CA VAL C 310 36.56 27.36 45.61
C VAL C 310 35.46 26.57 46.33
N ASP C 311 34.72 27.28 47.17
CA ASP C 311 33.58 26.72 47.88
C ASP C 311 32.34 26.96 47.04
N LEU C 312 31.44 26.00 47.06
CA LEU C 312 30.19 26.07 46.30
C LEU C 312 29.02 25.91 47.25
N GLU C 313 28.15 26.91 47.27
CA GLU C 313 26.98 26.94 48.13
C GLU C 313 25.72 27.02 47.29
N PHE C 314 24.80 26.09 47.53
CA PHE C 314 23.52 26.02 46.86
C PHE C 314 22.44 26.45 47.82
N ARG C 315 21.73 27.51 47.50
CA ARG C 315 20.65 27.96 48.35
C ARG C 315 19.45 27.03 48.19
N ASP C 316 18.68 26.91 49.26
CA ASP C 316 17.51 26.02 49.24
C ASP C 316 16.51 26.39 48.16
N GLU C 317 16.35 27.68 47.88
CA GLU C 317 15.40 28.11 46.87
C GLU C 317 15.80 27.63 45.48
N ALA C 318 17.11 27.56 45.22
CA ALA C 318 17.59 27.13 43.92
C ALA C 318 17.25 25.67 43.65
N LEU C 319 17.39 24.82 44.68
CA LEU C 319 17.14 23.40 44.51
C LEU C 319 15.69 23.12 44.14
N ASP C 320 14.76 24.02 44.50
CA ASP C 320 13.37 23.83 44.12
C ASP C 320 13.14 24.18 42.66
N ALA C 321 13.94 25.11 42.14
CA ALA C 321 13.82 25.51 40.74
C ALA C 321 14.37 24.45 39.82
N ILE C 322 15.52 23.88 40.19
CA ILE C 322 16.15 22.84 39.37
C ILE C 322 15.21 21.67 39.21
N ALA C 323 14.51 21.29 40.27
CA ALA C 323 13.58 20.18 40.22
C ALA C 323 12.44 20.46 39.25
N LYS C 324 11.93 21.69 39.25
CA LYS C 324 10.85 22.06 38.35
C LYS C 324 11.27 21.90 36.89
N LYS C 325 12.43 22.45 36.55
CA LYS C 325 12.95 22.35 35.19
C LYS C 325 13.22 20.91 34.79
N ALA C 326 13.75 20.13 35.74
CA ALA C 326 14.07 18.73 35.46
C ALA C 326 12.85 17.92 35.06
N MET C 327 11.77 18.08 35.81
CA MET C 327 10.54 17.34 35.51
C MET C 327 10.08 17.59 34.09
N ALA C 328 10.25 18.81 33.60
CA ALA C 328 9.86 19.14 32.23
C ALA C 328 10.65 18.32 31.22
N ARG C 329 11.91 18.03 31.52
CA ARG C 329 12.74 17.27 30.60
C ARG C 329 12.26 15.84 30.44
N LYS C 330 11.59 15.30 31.46
CA LYS C 330 11.06 13.94 31.43
C LYS C 330 12.16 12.92 31.20
N THR C 331 13.29 13.14 31.86
CA THR C 331 14.43 12.23 31.80
C THR C 331 14.84 11.75 33.19
N GLY C 332 14.02 12.02 34.21
CA GLY C 332 14.33 11.56 35.53
C GLY C 332 15.34 12.45 36.24
N ALA C 333 15.88 11.88 37.31
CA ALA C 333 16.87 12.56 38.12
C ALA C 333 18.07 13.00 37.30
N ARG C 334 18.37 12.26 36.23
CA ARG C 334 19.50 12.63 35.38
C ARG C 334 19.34 14.02 34.80
N GLY C 335 18.09 14.49 34.65
CA GLY C 335 17.86 15.82 34.16
C GLY C 335 18.51 16.90 35.00
N LEU C 336 18.71 16.63 36.29
CA LEU C 336 19.35 17.59 37.18
C LEU C 336 20.73 17.98 36.69
N ARG C 337 21.51 17.00 36.23
CA ARG C 337 22.85 17.28 35.74
C ARG C 337 22.83 18.22 34.55
N SER C 338 21.75 18.23 33.78
CA SER C 338 21.65 19.11 32.63
C SER C 338 21.39 20.55 33.04
N ILE C 339 20.64 20.75 34.13
CA ILE C 339 20.33 22.08 34.60
C ILE C 339 21.53 22.69 35.31
N VAL C 340 22.07 21.96 36.28
CA VAL C 340 23.21 22.42 37.07
C VAL C 340 24.36 22.85 36.16
N GLU C 341 24.77 21.99 35.24
CA GLU C 341 25.87 22.31 34.34
C GLU C 341 25.61 23.58 33.56
N ALA C 342 24.44 23.67 32.91
CA ALA C 342 24.10 24.87 32.16
C ALA C 342 24.12 26.13 33.01
N ALA C 343 23.85 25.98 34.31
CA ALA C 343 23.84 27.12 35.21
C ALA C 343 25.23 27.56 35.64
N LEU C 344 26.13 26.60 35.80
CA LEU C 344 27.50 26.86 36.23
C LEU C 344 28.50 26.79 35.08
N LEU C 345 28.02 26.63 33.85
CA LEU C 345 28.91 26.55 32.69
C LEU C 345 29.87 27.74 32.62
N ASP C 346 29.31 28.95 32.54
CA ASP C 346 30.13 30.14 32.45
C ASP C 346 31.03 30.27 33.67
N THR C 347 30.50 29.97 34.86
CA THR C 347 31.29 30.05 36.08
C THR C 347 32.51 29.13 36.02
N MET C 348 32.29 27.87 35.68
CA MET C 348 33.40 26.92 35.60
C MET C 348 34.41 27.31 34.54
N TYR C 349 33.95 28.04 33.51
CA TYR C 349 34.83 28.47 32.43
C TYR C 349 35.73 29.62 32.84
N ASP C 350 35.24 30.52 33.68
CA ASP C 350 35.99 31.69 34.12
C ASP C 350 36.69 31.56 35.47
N LEU C 351 36.30 30.61 36.30
CA LEU C 351 36.88 30.51 37.64
C LEU C 351 38.37 30.20 37.69
N PRO C 352 38.91 29.25 36.93
CA PRO C 352 40.36 28.97 37.06
C PRO C 352 41.22 30.16 36.73
N SER C 353 40.84 30.95 35.72
CA SER C 353 41.60 32.15 35.41
C SER C 353 41.49 33.15 36.55
N MET C 354 40.34 33.22 37.19
CA MET C 354 40.13 34.13 38.30
C MET C 354 40.99 33.72 39.48
N GLU C 355 41.36 34.72 40.29
CA GLU C 355 42.18 34.53 41.46
C GLU C 355 41.49 35.16 42.66
N ASP C 356 41.89 34.68 43.84
CA ASP C 356 41.35 35.18 45.11
C ASP C 356 39.85 34.96 45.20
N VAL C 357 39.39 33.80 44.74
CA VAL C 357 37.98 33.40 44.80
C VAL C 357 37.88 32.28 45.82
N GLU C 358 37.13 32.53 46.90
CA GLU C 358 36.98 31.55 47.97
C GLU C 358 35.61 30.91 48.07
N LYS C 359 34.55 31.55 47.56
CA LYS C 359 33.22 30.97 47.68
C LYS C 359 32.33 31.46 46.55
N VAL C 360 31.41 30.58 46.15
CA VAL C 360 30.44 30.82 45.09
C VAL C 360 29.06 30.53 45.64
N VAL C 361 28.10 31.39 45.33
CA VAL C 361 26.72 31.24 45.78
C VAL C 361 25.80 31.27 44.57
N ILE C 362 24.82 30.35 44.49
CA ILE C 362 23.88 30.24 43.35
C ILE C 362 22.45 30.44 43.88
N ASP C 363 21.86 31.63 43.72
CA ASP C 363 20.48 31.94 44.17
C ASP C 363 19.49 31.46 43.10
N GLU C 364 18.19 31.53 43.36
CA GLU C 364 17.15 30.98 42.45
C GLU C 364 17.26 31.59 41.06
N SER C 365 17.54 32.89 40.94
CA SER C 365 17.60 33.61 39.63
C SER C 365 18.60 32.96 38.67
N VAL C 366 19.78 32.55 39.14
CA VAL C 366 20.83 31.96 38.31
C VAL C 366 20.27 30.84 37.47
N ILE C 367 19.38 30.04 38.04
CA ILE C 367 18.80 28.92 37.30
C ILE C 367 17.97 29.44 36.14
N ASP C 368 17.17 30.47 36.39
CA ASP C 368 16.33 31.05 35.35
C ASP C 368 17.13 31.76 34.27
N GLY C 369 18.34 32.23 34.61
CA GLY C 369 19.18 32.94 33.66
C GLY C 369 19.11 34.44 33.75
N GLN C 370 18.39 34.98 34.72
CA GLN C 370 18.23 36.41 34.89
C GLN C 370 19.30 37.03 35.79
N SER C 371 20.22 36.23 36.33
CA SER C 371 21.24 36.75 37.23
C SER C 371 22.53 35.97 37.02
N GLU C 372 23.57 36.43 37.71
CA GLU C 372 24.90 35.86 37.70
C GLU C 372 25.25 35.40 39.11
N PRO C 373 25.94 34.27 39.28
CA PRO C 373 26.27 33.83 40.64
C PRO C 373 27.17 34.80 41.37
N LEU C 374 26.85 35.02 42.64
CA LEU C 374 27.64 35.91 43.48
C LEU C 374 28.95 35.24 43.85
N LEU C 375 30.02 36.02 43.87
CA LEU C 375 31.36 35.55 44.21
C LEU C 375 31.88 36.29 45.42
N ILE C 376 32.60 35.56 46.26
CA ILE C 376 33.19 36.09 47.48
C ILE C 376 34.70 35.96 47.34
N TYR C 377 35.40 37.06 47.56
CA TYR C 377 36.85 37.11 47.42
C TYR C 377 37.53 37.19 48.78
N GLY C 378 38.77 36.73 48.81
CA GLY C 378 39.56 36.73 50.03
C GLY C 378 40.17 38.09 50.33
N ALA D 27 50.92 22.58 36.63
CA ALA D 27 49.61 23.17 36.44
C ALA D 27 48.76 22.32 35.52
N LEU D 28 47.57 22.82 35.19
CA LEU D 28 46.62 22.14 34.32
C LEU D 28 46.05 23.15 33.31
N PRO D 29 45.80 22.74 32.07
CA PRO D 29 45.26 23.69 31.10
C PRO D 29 43.87 24.15 31.51
N THR D 30 43.67 25.44 31.49
CA THR D 30 42.39 26.03 31.85
C THR D 30 41.49 26.13 30.64
N PRO D 31 40.18 26.33 30.84
CA PRO D 31 39.29 26.44 29.69
C PRO D 31 39.62 27.59 28.77
N HIS D 32 40.14 28.69 29.32
CA HIS D 32 40.51 29.82 28.49
C HIS D 32 41.61 29.43 27.53
N GLU D 33 42.60 28.69 28.01
CA GLU D 33 43.68 28.23 27.16
C GLU D 33 43.17 27.28 26.08
N ILE D 34 42.28 26.37 26.47
CA ILE D 34 41.75 25.39 25.53
C ILE D 34 40.96 26.09 24.44
N ARG D 35 40.14 27.07 24.80
CA ARG D 35 39.38 27.79 23.79
C ARG D 35 40.32 28.58 22.88
N ASN D 36 41.41 29.11 23.43
CA ASN D 36 42.36 29.83 22.59
C ASN D 36 42.96 28.91 21.54
N HIS D 37 43.17 27.66 21.89
CA HIS D 37 43.70 26.69 20.93
C HIS D 37 42.66 26.36 19.88
N LEU D 38 41.39 26.23 20.29
CA LEU D 38 40.33 25.93 19.34
C LEU D 38 40.07 27.11 18.42
N ASP D 39 40.15 28.33 18.95
CA ASP D 39 39.90 29.52 18.14
C ASP D 39 40.86 29.61 16.96
N ASP D 40 42.04 29.01 17.08
CA ASP D 40 43.00 29.04 15.98
C ASP D 40 42.45 28.37 14.73
N TYR D 41 41.59 27.37 14.90
CA TYR D 41 41.02 26.61 13.81
C TYR D 41 39.52 26.79 13.61
N VAL D 42 38.78 27.23 14.62
CA VAL D 42 37.33 27.35 14.58
C VAL D 42 36.91 28.76 14.90
N ILE D 43 35.86 29.23 14.23
CA ILE D 43 35.31 30.56 14.41
C ILE D 43 33.81 30.48 14.68
N GLY D 44 33.37 31.31 15.62
CA GLY D 44 31.97 31.49 15.97
C GLY D 44 31.20 30.35 16.58
N GLN D 45 31.80 29.65 17.53
CA GLN D 45 31.14 28.58 18.25
C GLN D 45 31.43 28.69 19.73
N GLU D 46 31.35 29.91 20.25
CA GLU D 46 31.66 30.22 21.63
C GLU D 46 30.97 29.28 22.61
N GLN D 47 29.69 28.99 22.39
CA GLN D 47 28.96 28.11 23.28
C GLN D 47 29.56 26.71 23.28
N ALA D 48 29.76 26.15 22.09
CA ALA D 48 30.34 24.82 21.98
C ALA D 48 31.75 24.76 22.54
N LYS D 49 32.56 25.78 22.28
CA LYS D 49 33.92 25.80 22.77
C LYS D 49 33.96 25.82 24.30
N LYS D 50 33.08 26.60 24.92
CA LYS D 50 33.00 26.64 26.37
C LYS D 50 32.68 25.27 26.93
N VAL D 51 31.68 24.62 26.34
CA VAL D 51 31.24 23.30 26.81
C VAL D 51 32.37 22.29 26.71
N LEU D 52 33.01 22.21 25.55
CA LEU D 52 34.09 21.25 25.37
C LEU D 52 35.29 21.59 26.25
N ALA D 53 35.62 22.86 26.37
CA ALA D 53 36.74 23.26 27.20
C ALA D 53 36.48 22.92 28.66
N VAL D 54 35.29 23.28 29.14
CA VAL D 54 34.91 23.01 30.52
C VAL D 54 34.93 21.53 30.82
N ALA D 55 34.36 20.73 29.91
CA ALA D 55 34.30 19.29 30.13
C ALA D 55 35.68 18.69 30.15
N VAL D 56 36.57 19.15 29.27
CA VAL D 56 37.92 18.63 29.24
C VAL D 56 38.65 19.01 30.51
N TYR D 57 38.46 20.23 30.99
CA TYR D 57 39.10 20.64 32.23
C TYR D 57 38.54 19.82 33.38
N ASN D 58 37.22 19.70 33.45
CA ASN D 58 36.60 18.90 34.49
C ASN D 58 37.01 17.45 34.36
N HIS D 59 37.17 16.98 33.12
CA HIS D 59 37.59 15.62 32.88
C HIS D 59 38.95 15.36 33.52
N TYR D 60 39.90 16.27 33.29
CA TYR D 60 41.22 16.11 33.88
C TYR D 60 41.14 16.14 35.41
N LYS D 61 40.26 16.98 35.95
CA LYS D 61 40.12 17.06 37.41
C LYS D 61 39.61 15.75 37.97
N ARG D 62 38.64 15.12 37.32
CA ARG D 62 38.10 13.87 37.81
C ARG D 62 39.11 12.75 37.75
N LEU D 63 40.18 12.90 36.99
CA LEU D 63 41.21 11.90 36.85
C LEU D 63 42.42 12.13 37.75
N ARG D 64 42.62 13.36 38.21
CA ARG D 64 43.74 13.63 39.11
C ARG D 64 43.59 12.79 40.38
N ASN D 65 42.38 12.76 40.93
CA ASN D 65 42.06 11.96 42.10
C ASN D 65 41.25 10.75 41.66
N GLY D 66 41.76 9.57 41.97
CA GLY D 66 41.06 8.34 41.61
C GLY D 66 40.00 7.96 42.62
N VAL D 72 34.07 10.58 47.86
CA VAL D 72 32.95 10.97 47.00
C VAL D 72 33.26 10.58 45.57
N GLU D 73 32.24 10.08 44.88
CA GLU D 73 32.36 9.65 43.49
C GLU D 73 31.89 10.76 42.59
N LEU D 74 32.81 11.31 41.81
CA LEU D 74 32.49 12.39 40.89
C LEU D 74 31.79 11.83 39.66
N GLY D 75 30.69 12.44 39.30
CA GLY D 75 29.92 12.00 38.17
C GLY D 75 30.45 12.51 36.87
N LYS D 76 29.88 11.99 35.79
CA LYS D 76 30.28 12.32 34.44
C LYS D 76 29.11 12.89 33.65
N SER D 77 29.41 13.90 32.84
CA SER D 77 28.43 14.56 31.99
C SER D 77 28.90 14.48 30.55
N ASN D 78 28.13 13.79 29.71
CA ASN D 78 28.45 13.65 28.31
C ASN D 78 27.83 14.79 27.52
N ILE D 79 28.52 15.17 26.47
CA ILE D 79 28.14 16.29 25.63
C ILE D 79 27.38 15.81 24.41
N LEU D 80 26.63 16.73 23.80
CA LEU D 80 25.86 16.48 22.60
C LEU D 80 25.95 17.74 21.75
N LEU D 81 26.55 17.61 20.57
CA LEU D 81 26.74 18.72 19.64
C LEU D 81 25.69 18.65 18.56
N ILE D 82 24.75 19.58 18.58
CA ILE D 82 23.66 19.67 17.62
C ILE D 82 23.93 20.91 16.79
N GLY D 83 24.37 20.71 15.55
CA GLY D 83 24.64 21.82 14.68
C GLY D 83 24.45 21.50 13.22
N PRO D 84 24.13 22.50 12.40
CA PRO D 84 23.94 22.24 10.97
C PRO D 84 25.21 21.81 10.27
N THR D 85 25.06 21.47 9.00
CA THR D 85 26.20 21.06 8.19
C THR D 85 27.20 22.19 8.04
N GLY D 86 28.48 21.83 8.07
CA GLY D 86 29.53 22.80 7.91
C GLY D 86 29.59 23.85 9.00
N SER D 87 29.43 23.44 10.25
CA SER D 87 29.46 24.36 11.39
C SER D 87 30.70 24.23 12.26
N GLY D 88 31.32 23.06 12.31
CA GLY D 88 32.51 22.86 13.11
C GLY D 88 32.41 21.77 14.16
N LYS D 89 31.51 20.81 13.97
CA LYS D 89 31.37 19.74 14.95
C LYS D 89 32.55 18.79 14.86
N THR D 90 32.73 18.17 13.70
CA THR D 90 33.84 17.26 13.50
C THR D 90 35.17 17.97 13.63
N LEU D 91 35.23 19.22 13.17
CA LEU D 91 36.46 20.00 13.25
C LEU D 91 36.85 20.26 14.69
N LEU D 92 35.87 20.56 15.54
CA LEU D 92 36.16 20.80 16.94
C LEU D 92 36.80 19.58 17.57
N ALA D 93 36.32 18.39 17.21
CA ALA D 93 36.89 17.17 17.73
C ALA D 93 38.33 16.98 17.30
N GLU D 94 38.63 17.23 16.02
CA GLU D 94 39.98 17.07 15.53
C GLU D 94 40.94 18.04 16.22
N THR D 95 40.51 19.29 16.34
CA THR D 95 41.33 20.29 17.03
C THR D 95 41.55 19.89 18.47
N LEU D 96 40.50 19.42 19.11
CA LEU D 96 40.57 18.97 20.49
C LEU D 96 41.61 17.87 20.65
N ALA D 97 41.67 16.95 19.69
CA ALA D 97 42.62 15.85 19.74
C ALA D 97 44.05 16.34 19.71
N ARG D 98 44.32 17.46 19.02
CA ARG D 98 45.66 17.97 18.93
C ARG D 98 46.19 18.38 20.30
N LEU D 99 45.35 19.00 21.11
CA LEU D 99 45.72 19.49 22.43
C LEU D 99 45.50 18.49 23.55
N LEU D 100 44.82 17.39 23.30
CA LEU D 100 44.54 16.43 24.36
C LEU D 100 45.73 15.55 24.69
N ASP D 101 45.82 15.18 25.96
CA ASP D 101 46.84 14.29 26.49
C ASP D 101 46.31 12.86 26.55
N VAL D 102 45.11 12.70 27.11
CA VAL D 102 44.45 11.40 27.24
C VAL D 102 44.05 10.89 25.87
N PRO D 103 43.85 9.57 25.70
CA PRO D 103 43.47 9.05 24.39
C PRO D 103 42.12 9.55 23.92
N PHE D 104 42.08 9.93 22.65
CA PHE D 104 40.89 10.43 21.99
C PHE D 104 40.71 9.69 20.68
N THR D 105 39.51 9.16 20.47
CA THR D 105 39.16 8.48 19.24
C THR D 105 37.97 9.21 18.61
N MET D 106 37.81 9.05 17.31
CA MET D 106 36.79 9.73 16.53
C MET D 106 36.06 8.65 15.74
N ALA D 107 34.96 8.17 16.29
CA ALA D 107 34.17 7.11 15.71
C ALA D 107 33.01 7.63 14.87
N ASP D 108 32.29 6.69 14.27
CA ASP D 108 31.12 6.95 13.45
C ASP D 108 30.00 6.06 13.97
N ALA D 109 28.76 6.54 13.85
CA ALA D 109 27.61 5.81 14.35
C ALA D 109 26.83 5.10 13.26
N THR D 110 27.37 5.00 12.06
CA THR D 110 26.68 4.32 10.99
C THR D 110 27.13 2.87 10.89
N THR D 111 28.42 2.62 11.10
CA THR D 111 28.97 1.28 11.05
C THR D 111 28.50 0.41 12.21
N LEU D 112 27.94 1.00 13.25
CA LEU D 112 27.51 0.26 14.42
C LEU D 112 26.20 -0.48 14.17
N THR D 113 26.06 -1.61 14.84
CA THR D 113 24.87 -2.44 14.75
C THR D 113 24.61 -3.12 16.07
N GLU D 114 23.41 -3.66 16.21
CA GLU D 114 23.05 -4.43 17.38
C GLU D 114 23.90 -5.69 17.42
N ALA D 115 23.96 -6.29 18.60
CA ALA D 115 24.75 -7.50 18.77
C ALA D 115 24.20 -8.62 17.91
N GLY D 116 25.10 -9.45 17.41
CA GLY D 116 24.75 -10.56 16.57
C GLY D 116 24.32 -10.14 15.19
N TYR D 117 25.05 -9.24 14.57
CA TYR D 117 24.74 -8.74 13.24
C TYR D 117 26.06 -8.43 12.54
N VAL D 118 25.95 -8.18 11.24
CA VAL D 118 27.14 -8.04 10.39
C VAL D 118 27.94 -6.79 10.74
N GLY D 119 27.28 -5.68 11.00
CA GLY D 119 27.98 -4.44 11.27
C GLY D 119 28.91 -4.51 12.46
N GLU D 120 29.82 -3.54 12.50
CA GLU D 120 30.78 -3.43 13.58
C GLU D 120 30.07 -3.32 14.91
N ASP D 121 30.62 -3.97 15.93
CA ASP D 121 29.98 -3.91 17.23
C ASP D 121 30.36 -2.62 17.93
N VAL D 122 29.50 -2.24 18.86
CA VAL D 122 29.68 -1.01 19.63
C VAL D 122 30.99 -1.05 20.41
N GLU D 123 31.32 -2.21 20.96
CA GLU D 123 32.56 -2.38 21.72
C GLU D 123 33.80 -2.03 20.91
N ASN D 124 33.73 -2.12 19.58
CA ASN D 124 34.87 -1.80 18.73
C ASN D 124 35.45 -0.43 19.03
N ILE D 125 34.60 0.52 19.44
CA ILE D 125 35.05 1.86 19.79
C ILE D 125 36.17 1.78 20.83
N ILE D 126 35.92 1.04 21.90
CA ILE D 126 36.91 0.90 22.96
C ILE D 126 38.20 0.31 22.39
N GLN D 127 38.08 -0.62 21.45
CA GLN D 127 39.26 -1.20 20.81
C GLN D 127 40.11 -0.12 20.19
N LYS D 128 39.48 0.80 19.44
CA LYS D 128 40.18 1.91 18.83
C LYS D 128 40.91 2.71 19.90
N LEU D 129 40.24 2.96 21.02
CA LEU D 129 40.84 3.70 22.12
C LEU D 129 42.09 2.99 22.64
N LEU D 130 42.00 1.67 22.82
CA LEU D 130 43.15 0.92 23.30
C LEU D 130 44.33 1.04 22.34
N GLN D 131 44.06 1.07 21.03
CA GLN D 131 45.13 1.20 20.06
C GLN D 131 45.92 2.49 20.28
N LYS D 132 45.20 3.58 20.54
CA LYS D 132 45.87 4.85 20.79
C LYS D 132 46.51 4.87 22.17
N SER D 133 45.99 4.08 23.09
CA SER D 133 46.51 3.98 24.45
C SER D 133 47.57 2.90 24.60
N ASP D 134 48.04 2.31 23.50
CA ASP D 134 49.04 1.24 23.52
C ASP D 134 48.56 0.08 24.39
N TYR D 135 47.27 -0.19 24.33
CA TYR D 135 46.63 -1.26 25.09
C TYR D 135 46.90 -1.16 26.59
N ASP D 136 46.80 0.06 27.10
CA ASP D 136 46.95 0.36 28.53
C ASP D 136 45.55 0.65 29.01
N VAL D 137 44.90 -0.38 29.58
CA VAL D 137 43.52 -0.25 30.02
C VAL D 137 43.36 0.85 31.05
N GLN D 138 44.32 0.98 31.96
CA GLN D 138 44.22 2.02 32.98
C GLN D 138 44.25 3.40 32.34
N LYS D 139 44.91 3.53 31.21
CA LYS D 139 45.01 4.78 30.49
C LYS D 139 43.87 4.99 29.50
N ALA D 140 43.13 3.92 29.18
CA ALA D 140 41.99 4.01 28.26
C ALA D 140 40.69 4.28 28.98
N GLN D 141 40.58 3.88 30.25
CA GLN D 141 39.39 4.15 31.04
C GLN D 141 39.24 5.62 31.35
N ARG D 142 40.28 6.42 31.10
CA ARG D 142 40.32 7.85 31.33
C ARG D 142 40.26 8.63 30.01
N GLY D 143 39.85 7.97 28.93
CA GLY D 143 39.83 8.59 27.62
C GLY D 143 38.57 9.34 27.28
N ILE D 144 38.61 9.90 26.07
CA ILE D 144 37.53 10.66 25.47
C ILE D 144 37.15 9.95 24.18
N VAL D 145 35.88 10.04 23.82
CA VAL D 145 35.34 9.41 22.63
C VAL D 145 34.38 10.38 21.96
N TYR D 146 34.44 10.43 20.63
CA TYR D 146 33.58 11.29 19.83
C TYR D 146 32.86 10.42 18.83
N ILE D 147 31.54 10.35 18.95
CA ILE D 147 30.68 9.54 18.10
C ILE D 147 30.02 10.52 17.13
N ASP D 148 30.48 10.51 15.90
CA ASP D 148 29.95 11.41 14.89
C ASP D 148 28.77 10.75 14.20
N GLU D 149 27.98 11.60 13.56
CA GLU D 149 26.80 11.17 12.83
C GLU D 149 25.84 10.41 13.74
N ILE D 150 25.62 10.96 14.94
CA ILE D 150 24.71 10.34 15.90
C ILE D 150 23.25 10.50 15.51
N ASP D 151 22.95 11.36 14.54
CA ASP D 151 21.59 11.52 14.08
C ASP D 151 21.16 10.40 13.14
N LYS D 152 22.10 9.61 12.65
CA LYS D 152 21.83 8.52 11.73
C LYS D 152 21.37 7.25 12.41
N ILE D 153 21.29 7.24 13.74
CA ILE D 153 20.87 6.05 14.49
C ILE D 153 19.53 6.29 15.16
N SER D 154 18.72 7.15 14.57
CA SER D 154 17.43 7.51 15.13
C SER D 154 16.29 6.88 14.33
N ARG D 155 15.36 6.25 15.04
CA ARG D 155 14.17 5.72 14.39
C ARG D 155 13.43 6.90 13.82
N LYS D 156 13.17 6.92 12.50
CA LYS D 156 12.60 8.15 11.96
C LYS D 156 11.22 8.48 12.51
N SER D 157 10.20 7.69 12.17
CA SER D 157 8.86 7.82 12.75
C SER D 157 7.93 6.81 12.08
N ASP D 158 6.85 6.48 12.77
CA ASP D 158 5.69 5.75 12.25
C ASP D 158 6.05 4.64 11.24
N ASN D 159 6.89 3.71 11.67
CA ASN D 159 7.35 2.65 10.77
C ASN D 159 6.86 1.29 11.23
N PRO D 160 6.83 0.29 10.34
CA PRO D 160 6.40 -1.05 10.76
C PRO D 160 7.28 -1.58 11.86
N SER D 161 6.65 -2.12 12.90
CA SER D 161 7.38 -2.66 14.02
C SER D 161 7.76 -4.12 13.82
N ILE D 162 7.30 -4.75 12.74
CA ILE D 162 7.63 -6.15 12.48
C ILE D 162 9.15 -6.31 12.37
N THR D 163 9.80 -5.36 11.71
CA THR D 163 11.25 -5.39 11.55
C THR D 163 11.91 -4.77 12.78
N ARG D 164 13.18 -5.13 12.97
CA ARG D 164 13.99 -4.66 14.10
C ARG D 164 14.99 -3.65 13.59
N ASP D 165 14.92 -2.43 14.11
CA ASP D 165 15.85 -1.37 13.69
C ASP D 165 17.18 -1.64 14.38
N VAL D 166 17.97 -2.51 13.74
CA VAL D 166 19.26 -2.88 14.29
C VAL D 166 20.26 -1.75 14.16
N SER D 167 20.07 -0.88 13.16
CA SER D 167 20.99 0.23 13.00
C SER D 167 20.62 1.37 13.93
N GLY D 168 19.41 1.89 13.82
CA GLY D 168 19.02 3.00 14.67
C GLY D 168 18.60 2.73 16.09
N GLU D 169 17.51 2.01 16.29
CA GLU D 169 17.05 1.76 17.64
C GLU D 169 17.89 0.72 18.36
N GLY D 170 18.65 -0.09 17.64
CA GLY D 170 19.47 -1.11 18.25
C GLY D 170 20.84 -0.67 18.62
N VAL D 171 21.25 0.51 18.18
CA VAL D 171 22.56 1.04 18.53
C VAL D 171 22.44 1.96 19.73
N GLN D 172 21.34 2.69 19.84
CA GLN D 172 21.16 3.52 21.02
C GLN D 172 21.07 2.65 22.25
N GLN D 173 20.32 1.55 22.15
CA GLN D 173 20.17 0.61 23.24
C GLN D 173 21.51 0.04 23.68
N ALA D 174 22.38 -0.22 22.72
CA ALA D 174 23.69 -0.78 23.02
C ALA D 174 24.62 0.25 23.64
N LEU D 175 24.47 1.52 23.29
CA LEU D 175 25.32 2.57 23.80
C LEU D 175 24.95 3.03 25.20
N LEU D 176 23.75 2.73 25.67
CA LEU D 176 23.30 3.18 26.98
C LEU D 176 24.25 2.76 28.09
N LYS D 177 24.49 1.46 28.22
CA LYS D 177 25.38 0.98 29.27
C LYS D 177 26.81 1.40 29.03
N LEU D 178 27.22 1.50 27.77
CA LEU D 178 28.57 1.91 27.43
C LEU D 178 28.87 3.30 27.96
N ILE D 179 27.93 4.22 27.77
CA ILE D 179 28.12 5.60 28.20
C ILE D 179 28.06 5.70 29.72
N GLU D 180 26.96 5.26 30.32
CA GLU D 180 26.81 5.34 31.76
C GLU D 180 27.88 4.56 32.50
N GLY D 181 28.34 3.46 31.92
CA GLY D 181 29.37 2.64 32.52
C GLY D 181 29.06 1.16 32.62
N THR D 182 29.96 0.35 32.07
CA THR D 182 29.83 -1.10 32.10
C THR D 182 31.19 -1.68 31.76
N VAL D 183 31.33 -2.98 32.00
CA VAL D 183 32.56 -3.70 31.71
C VAL D 183 32.47 -4.23 30.29
N ALA D 184 33.06 -3.50 29.36
CA ALA D 184 33.04 -3.88 27.96
C ALA D 184 34.07 -4.97 27.69
N ALA D 185 33.65 -5.98 26.93
CA ALA D 185 34.54 -7.07 26.54
C ALA D 185 35.18 -6.65 25.22
N VAL D 186 36.47 -6.38 25.27
CA VAL D 186 37.22 -5.87 24.13
C VAL D 186 38.16 -6.96 23.63
N PRO D 187 38.09 -7.36 22.36
CA PRO D 187 39.02 -8.36 21.85
C PRO D 187 40.46 -7.85 21.92
N PRO D 188 41.42 -8.68 22.37
CA PRO D 188 42.79 -8.16 22.43
C PRO D 188 43.49 -8.16 21.08
N GLU D 198 40.36 -15.25 25.04
CA GLU D 198 39.68 -14.43 26.05
C GLU D 198 39.62 -12.98 25.60
N PHE D 199 38.86 -12.17 26.32
CA PHE D 199 38.69 -10.76 26.04
C PHE D 199 39.17 -9.92 27.22
N LEU D 200 39.26 -8.62 26.96
CA LEU D 200 39.71 -7.63 27.94
C LEU D 200 38.49 -6.88 28.48
N GLN D 201 38.45 -6.73 29.80
CA GLN D 201 37.36 -6.03 30.46
C GLN D 201 37.80 -4.59 30.69
N VAL D 202 37.04 -3.65 30.13
CA VAL D 202 37.34 -2.22 30.20
C VAL D 202 36.13 -1.48 30.76
N ASP D 203 36.35 -0.68 31.80
CA ASP D 203 35.30 0.13 32.37
C ASP D 203 35.15 1.42 31.58
N THR D 204 33.90 1.84 31.39
CA THR D 204 33.58 3.05 30.65
C THR D 204 32.90 4.09 31.53
N SER D 205 32.97 3.92 32.85
CA SER D 205 32.31 4.87 33.75
C SER D 205 32.98 6.24 33.68
N LYS D 206 34.30 6.27 33.53
CA LYS D 206 35.04 7.53 33.46
C LYS D 206 35.26 8.04 32.05
N ILE D 207 35.10 7.18 31.05
CA ILE D 207 35.29 7.62 29.67
C ILE D 207 34.22 8.64 29.31
N LEU D 208 34.65 9.73 28.71
CA LEU D 208 33.76 10.79 28.26
C LEU D 208 33.33 10.52 26.84
N PHE D 209 32.11 10.92 26.51
CA PHE D 209 31.53 10.70 25.21
C PHE D 209 30.96 12.00 24.70
N ILE D 210 31.27 12.33 23.45
CA ILE D 210 30.81 13.54 22.80
C ILE D 210 30.14 13.10 21.51
N CYS D 211 28.83 12.93 21.55
CA CYS D 211 28.07 12.50 20.40
C CYS D 211 27.50 13.71 19.71
N GLY D 212 27.88 13.92 18.46
CA GLY D 212 27.42 15.06 17.71
C GLY D 212 26.98 14.71 16.31
N GLY D 213 25.92 15.36 15.87
CA GLY D 213 25.41 15.13 14.53
C GLY D 213 24.48 16.23 14.10
N ALA D 214 24.32 16.35 12.78
CA ALA D 214 23.44 17.32 12.17
C ALA D 214 22.03 16.77 12.16
N PHE D 215 21.22 17.22 13.10
CA PHE D 215 19.84 16.75 13.21
C PHE D 215 19.02 17.50 12.18
N ALA D 216 18.86 16.90 11.01
CA ALA D 216 18.08 17.50 9.95
C ALA D 216 16.61 17.23 10.21
N GLY D 217 15.82 18.29 10.22
CA GLY D 217 14.41 18.21 10.50
C GLY D 217 14.06 18.52 11.94
N LEU D 218 15.06 18.79 12.77
CA LEU D 218 14.80 19.10 14.16
C LEU D 218 14.21 20.50 14.31
N ASP D 219 14.61 21.42 13.44
CA ASP D 219 14.06 22.77 13.50
C ASP D 219 12.56 22.76 13.28
N LYS D 220 12.06 21.81 12.48
CA LYS D 220 10.64 21.72 12.21
C LYS D 220 9.86 21.30 13.46
N VAL D 221 10.33 20.26 14.15
CA VAL D 221 9.62 19.80 15.33
C VAL D 221 9.67 20.84 16.43
N ILE D 222 10.75 21.61 16.49
CA ILE D 222 10.85 22.65 17.50
C ILE D 222 9.86 23.77 17.20
N SER D 223 9.69 24.09 15.91
CA SER D 223 8.76 25.14 15.54
C SER D 223 7.34 24.78 15.94
N HIS D 224 6.96 23.52 15.74
CA HIS D 224 5.63 23.06 16.12
C HIS D 224 5.37 23.31 17.59
N ARG D 225 6.40 23.10 18.42
CA ARG D 225 6.28 23.30 19.86
C ARG D 225 6.43 24.76 20.27
N VAL D 226 7.36 25.50 19.66
CA VAL D 226 7.67 26.87 20.08
C VAL D 226 6.91 27.95 19.33
N GLU D 227 6.27 27.64 18.20
CA GLU D 227 5.56 28.68 17.49
C GLU D 227 4.25 28.98 18.21
N THR D 228 3.92 30.26 18.33
CA THR D 228 2.72 30.65 19.05
C THR D 228 1.50 30.16 18.28
N GLY D 229 0.87 29.13 18.83
CA GLY D 229 -0.31 28.49 18.27
C GLY D 229 -0.25 28.22 16.78
N SER D 230 -1.40 28.33 16.15
CA SER D 230 -1.58 28.14 14.72
C SER D 230 -3.05 28.41 14.45
N GLY D 231 -3.42 28.44 13.18
CA GLY D 231 -4.83 28.61 12.84
C GLY D 231 -5.02 29.41 11.57
N ILE D 232 -6.27 29.43 11.13
CA ILE D 232 -6.69 30.10 9.90
C ILE D 232 -7.82 31.09 10.13
N GLY D 233 -8.55 31.03 11.23
CA GLY D 233 -9.69 31.88 11.46
C GLY D 233 -9.39 33.25 12.02
N PHE D 234 -10.47 33.96 12.34
CA PHE D 234 -10.38 35.31 12.89
C PHE D 234 -9.64 35.31 14.22
N GLY D 235 -10.02 34.41 15.13
CA GLY D 235 -9.41 34.37 16.43
C GLY D 235 -7.96 33.96 16.40
N ALA D 236 -7.60 33.08 15.49
CA ALA D 236 -6.23 32.60 15.39
C ALA D 236 -5.27 33.70 14.97
N THR D 237 -4.06 33.64 15.52
CA THR D 237 -3.01 34.59 15.20
C THR D 237 -2.18 34.05 14.04
N VAL D 238 -1.93 34.91 13.05
CA VAL D 238 -1.17 34.55 11.85
C VAL D 238 0.19 35.21 11.91
N LYS D 239 1.23 34.45 11.62
CA LYS D 239 2.60 34.93 11.62
C LYS D 239 3.14 34.98 10.20
N ALA D 240 3.76 36.10 9.85
CA ALA D 240 4.32 36.28 8.52
C ALA D 240 5.40 35.23 8.25
N LYS D 241 5.43 34.75 7.01
CA LYS D 241 6.40 33.75 6.61
C LYS D 241 7.83 34.25 6.76
N SER D 242 8.08 35.50 6.33
CA SER D 242 9.42 36.05 6.42
C SER D 242 9.89 36.21 7.86
N ASP D 243 9.02 36.69 8.74
CA ASP D 243 9.37 36.91 10.14
C ASP D 243 9.14 35.63 10.94
N LYS D 244 10.04 34.67 10.71
CA LYS D 244 10.03 33.38 11.39
C LYS D 244 11.42 33.09 11.91
N ALA D 245 11.48 32.28 12.96
CA ALA D 245 12.76 31.91 13.56
C ALA D 245 13.56 31.01 12.62
N SER D 246 14.86 31.27 12.55
CA SER D 246 15.76 30.50 11.71
C SER D 246 16.16 29.20 12.39
N GLU D 247 16.73 28.30 11.59
CA GLU D 247 17.19 27.01 12.11
C GLU D 247 18.19 27.20 13.24
N GLY D 248 19.12 28.13 13.07
CA GLY D 248 20.12 28.37 14.10
C GLY D 248 19.55 29.00 15.35
N GLU D 249 18.41 29.68 15.24
CA GLU D 249 17.76 30.33 16.36
C GLU D 249 16.70 29.46 17.01
N LEU D 250 16.35 28.33 16.39
CA LEU D 250 15.40 27.41 16.97
C LEU D 250 16.08 26.34 17.78
N LEU D 251 17.28 25.93 17.37
CA LEU D 251 18.03 24.92 18.11
C LEU D 251 18.38 25.41 19.51
N ALA D 252 18.51 26.73 19.68
CA ALA D 252 18.80 27.27 21.00
C ALA D 252 17.68 26.97 21.98
N GLN D 253 16.47 26.74 21.48
CA GLN D 253 15.32 26.40 22.29
C GLN D 253 15.06 24.90 22.30
N VAL D 254 16.07 24.11 21.93
CA VAL D 254 15.92 22.67 21.88
C VAL D 254 15.80 22.11 23.29
N GLU D 255 14.95 21.13 23.45
CA GLU D 255 14.72 20.45 24.71
C GLU D 255 14.63 18.96 24.40
N PRO D 256 14.77 18.10 25.41
CA PRO D 256 14.72 16.66 25.14
C PRO D 256 13.47 16.19 24.44
N GLU D 257 12.29 16.70 24.81
CA GLU D 257 11.05 16.28 24.17
C GLU D 257 11.10 16.46 22.66
N ASP D 258 11.84 17.45 22.18
CA ASP D 258 11.99 17.65 20.75
C ASP D 258 12.76 16.47 20.14
N LEU D 259 13.83 16.06 20.81
CA LEU D 259 14.65 14.95 20.33
C LEU D 259 13.88 13.64 20.34
N ILE D 260 12.94 13.48 21.26
CA ILE D 260 12.13 12.25 21.29
C ILE D 260 11.37 12.12 19.99
N LYS D 261 10.70 13.19 19.57
CA LYS D 261 9.95 13.16 18.33
C LYS D 261 10.86 12.95 17.14
N PHE D 262 12.12 13.38 17.25
CA PHE D 262 13.06 13.19 16.16
C PHE D 262 13.44 11.72 16.02
N GLY D 263 13.48 10.98 17.11
CA GLY D 263 13.82 9.57 17.08
C GLY D 263 14.68 9.07 18.22
N LEU D 264 15.32 9.98 18.94
CA LEU D 264 16.17 9.57 20.04
C LEU D 264 15.35 9.05 21.22
N ILE D 265 15.84 7.99 21.84
CA ILE D 265 15.20 7.34 22.97
C ILE D 265 15.38 8.22 24.19
N PRO D 266 14.41 8.29 25.11
CA PRO D 266 14.61 9.11 26.32
C PRO D 266 15.81 8.67 27.12
N GLU D 267 16.02 7.36 27.20
CA GLU D 267 17.15 6.81 27.93
C GLU D 267 18.47 7.35 27.40
N PHE D 268 18.57 7.51 26.09
CA PHE D 268 19.79 7.98 25.46
C PHE D 268 20.10 9.43 25.79
N ILE D 269 19.08 10.29 25.81
CA ILE D 269 19.33 11.70 26.06
C ILE D 269 19.76 11.94 27.50
N GLY D 270 19.33 11.10 28.44
CA GLY D 270 19.75 11.28 29.79
C GLY D 270 21.23 11.06 29.93
N ARG D 271 21.76 10.09 29.18
CA ARG D 271 23.19 9.82 29.18
C ARG D 271 23.98 11.02 28.69
N LEU D 272 23.36 11.89 27.89
CA LEU D 272 23.94 13.11 27.34
C LEU D 272 23.26 14.32 27.97
N PRO D 273 23.67 14.75 29.16
CA PRO D 273 22.98 15.87 29.82
C PRO D 273 23.09 17.23 29.15
N VAL D 274 24.31 17.64 28.84
CA VAL D 274 24.56 18.96 28.28
C VAL D 274 24.51 18.87 26.77
N VAL D 275 23.83 19.84 26.16
CA VAL D 275 23.67 19.93 24.72
C VAL D 275 24.25 21.24 24.26
N ALA D 276 25.24 21.18 23.38
CA ALA D 276 25.88 22.34 22.80
C ALA D 276 25.31 22.53 21.41
N THR D 277 24.87 23.75 21.13
CA THR D 277 24.28 24.07 19.85
C THR D 277 25.22 24.99 19.09
N LEU D 278 25.46 24.63 17.83
CA LEU D 278 26.31 25.38 16.94
C LEU D 278 25.42 26.19 16.02
N ASN D 279 25.72 27.47 15.90
CA ASN D 279 24.91 28.35 15.09
C ASN D 279 25.35 28.34 13.63
N GLU D 280 24.41 28.69 12.75
CA GLU D 280 24.71 28.77 11.34
C GLU D 280 25.75 29.84 11.09
N LEU D 281 26.69 29.55 10.20
CA LEU D 281 27.73 30.51 9.89
C LEU D 281 27.17 31.63 9.03
N SER D 282 27.53 32.85 9.39
CA SER D 282 27.11 34.04 8.66
C SER D 282 28.21 34.44 7.68
N GLU D 283 27.95 35.50 6.92
CA GLU D 283 28.94 36.00 5.97
C GLU D 283 30.22 36.41 6.67
N GLU D 284 30.09 37.17 7.77
CA GLU D 284 31.26 37.61 8.50
C GLU D 284 32.10 36.44 8.98
N ALA D 285 31.44 35.39 9.47
CA ALA D 285 32.17 34.20 9.90
C ALA D 285 32.85 33.51 8.72
N LEU D 286 32.15 33.43 7.60
CA LEU D 286 32.70 32.79 6.42
C LEU D 286 33.93 33.53 5.92
N ILE D 287 33.91 34.86 5.99
CA ILE D 287 35.07 35.63 5.57
C ILE D 287 36.26 35.30 6.45
N GLN D 288 36.04 35.27 7.76
CA GLN D 288 37.10 34.95 8.70
C GLN D 288 37.67 33.56 8.42
N ILE D 289 36.79 32.62 8.07
CA ILE D 289 37.20 31.24 7.80
C ILE D 289 38.21 31.20 6.68
N LEU D 290 38.03 32.03 5.66
CA LEU D 290 38.91 32.06 4.52
C LEU D 290 40.29 32.60 4.84
N LYS D 291 40.44 33.43 5.87
CA LYS D 291 41.72 34.06 6.22
C LYS D 291 42.29 33.66 7.56
N GLU D 292 41.50 33.75 8.63
CA GLU D 292 42.05 33.58 9.98
C GLU D 292 42.55 32.18 10.30
N PRO D 293 41.79 31.10 10.08
CA PRO D 293 42.28 29.76 10.45
C PRO D 293 43.64 29.34 9.98
N LYS D 294 44.18 28.34 10.68
CA LYS D 294 45.50 27.83 10.40
C LYS D 294 45.54 27.07 9.08
N ASN D 295 44.48 26.33 8.78
CA ASN D 295 44.34 25.56 7.56
C ASN D 295 43.24 26.15 6.68
N ALA D 296 43.17 27.48 6.68
CA ALA D 296 42.17 28.20 5.94
C ALA D 296 42.22 27.85 4.46
N LEU D 297 41.06 27.96 3.84
CA LEU D 297 40.91 27.64 2.43
C LEU D 297 41.88 28.42 1.55
N THR D 298 41.97 29.73 1.78
CA THR D 298 42.86 30.56 0.97
C THR D 298 44.30 30.10 1.11
N LYS D 299 44.73 29.74 2.31
CA LYS D 299 46.10 29.29 2.50
C LYS D 299 46.36 27.99 1.77
N GLN D 300 45.35 27.12 1.69
CA GLN D 300 45.51 25.86 0.97
C GLN D 300 45.82 26.12 -0.50
N TYR D 301 45.02 26.98 -1.13
CA TYR D 301 45.25 27.29 -2.54
C TYR D 301 46.54 28.07 -2.73
N GLN D 302 46.86 28.97 -1.81
CA GLN D 302 48.13 29.69 -1.91
C GLN D 302 49.29 28.73 -1.86
N ALA D 303 49.19 27.71 -1.01
CA ALA D 303 50.24 26.70 -0.92
C ALA D 303 50.28 25.87 -2.17
N LEU D 304 49.10 25.52 -2.69
CA LEU D 304 49.01 24.75 -3.91
C LEU D 304 49.72 25.45 -5.06
N PHE D 305 49.57 26.77 -5.13
CA PHE D 305 50.23 27.57 -6.16
C PHE D 305 51.69 27.84 -5.81
N ASN D 306 52.00 28.01 -4.52
CA ASN D 306 53.37 28.30 -4.10
C ASN D 306 54.33 27.21 -4.53
N LEU D 307 53.97 25.94 -4.30
CA LEU D 307 54.84 24.85 -4.71
C LEU D 307 54.96 24.74 -6.22
N GLU D 308 54.10 25.43 -6.97
CA GLU D 308 54.13 25.45 -8.42
C GLU D 308 54.92 26.63 -8.96
N GLY D 309 55.32 27.56 -8.10
CA GLY D 309 56.08 28.72 -8.49
C GLY D 309 55.24 29.95 -8.72
N VAL D 310 54.07 30.04 -8.09
CA VAL D 310 53.16 31.16 -8.25
C VAL D 310 52.66 31.59 -6.88
N ASP D 311 52.31 32.87 -6.79
CA ASP D 311 51.78 33.47 -5.58
C ASP D 311 50.34 33.89 -5.85
N LEU D 312 49.43 33.45 -5.01
CA LEU D 312 48.02 33.77 -5.15
C LEU D 312 47.64 34.84 -4.15
N GLU D 313 46.87 35.82 -4.61
CA GLU D 313 46.42 36.92 -3.77
C GLU D 313 44.93 37.09 -3.94
N PHE D 314 44.21 37.03 -2.83
CA PHE D 314 42.78 37.21 -2.78
C PHE D 314 42.50 38.63 -2.30
N ARG D 315 41.58 39.31 -2.96
CA ARG D 315 41.20 40.66 -2.57
C ARG D 315 40.03 40.57 -1.60
N ASP D 316 39.98 41.55 -0.69
CA ASP D 316 38.94 41.58 0.32
C ASP D 316 37.54 41.57 -0.28
N GLU D 317 37.36 42.32 -1.37
CA GLU D 317 36.05 42.34 -2.03
C GLU D 317 35.65 40.96 -2.50
N ALA D 318 36.62 40.17 -2.97
CA ALA D 318 36.33 38.84 -3.47
C ALA D 318 35.83 37.92 -2.37
N LEU D 319 36.46 37.97 -1.19
CA LEU D 319 36.07 37.10 -0.10
C LEU D 319 34.63 37.34 0.32
N ASP D 320 34.20 38.60 0.31
CA ASP D 320 32.82 38.91 0.64
C ASP D 320 31.88 38.28 -0.38
N ALA D 321 32.24 38.36 -1.66
CA ALA D 321 31.41 37.77 -2.70
C ALA D 321 31.34 36.26 -2.56
N ILE D 322 32.45 35.61 -2.22
CA ILE D 322 32.47 34.18 -2.07
C ILE D 322 31.54 33.76 -0.94
N ALA D 323 31.54 34.53 0.14
CA ALA D 323 30.69 34.20 1.29
C ALA D 323 29.22 34.29 0.92
N LYS D 324 28.83 35.30 0.14
CA LYS D 324 27.43 35.43 -0.25
C LYS D 324 27.00 34.24 -1.09
N LYS D 325 27.83 33.84 -2.05
CA LYS D 325 27.53 32.68 -2.88
C LYS D 325 27.41 31.42 -2.03
N ALA D 326 28.33 31.25 -1.07
CA ALA D 326 28.36 30.07 -0.21
C ALA D 326 27.09 29.95 0.61
N MET D 327 26.66 31.05 1.23
CA MET D 327 25.45 31.02 2.05
C MET D 327 24.25 30.59 1.23
N ALA D 328 24.20 30.96 -0.05
CA ALA D 328 23.09 30.58 -0.91
C ALA D 328 22.99 29.07 -1.06
N ARG D 329 24.14 28.40 -1.16
CA ARG D 329 24.15 26.95 -1.32
C ARG D 329 23.56 26.25 -0.11
N LYS D 330 23.63 26.86 1.06
CA LYS D 330 23.09 26.30 2.29
C LYS D 330 23.69 24.93 2.60
N THR D 331 25.01 24.82 2.44
CA THR D 331 25.77 23.62 2.78
C THR D 331 26.91 23.94 3.74
N GLY D 332 26.82 25.07 4.42
CA GLY D 332 27.83 25.44 5.37
C GLY D 332 29.04 26.10 4.74
N ALA D 333 30.14 26.00 5.45
CA ALA D 333 31.42 26.53 5.00
C ALA D 333 32.05 25.68 3.93
N ARG D 334 31.45 24.55 3.56
CA ARG D 334 31.97 23.72 2.51
C ARG D 334 31.69 24.30 1.13
N GLY D 335 30.67 25.15 1.02
CA GLY D 335 30.36 25.77 -0.24
C GLY D 335 31.49 26.64 -0.75
N LEU D 336 32.29 27.17 0.16
CA LEU D 336 33.42 28.02 -0.21
C LEU D 336 34.38 27.28 -1.13
N ARG D 337 34.62 26.00 -0.86
CA ARG D 337 35.52 25.22 -1.69
C ARG D 337 35.00 25.09 -3.11
N SER D 338 33.69 24.89 -3.25
CA SER D 338 33.09 24.75 -4.57
C SER D 338 33.25 26.02 -5.37
N ILE D 339 32.94 27.16 -4.76
CA ILE D 339 33.03 28.45 -5.43
C ILE D 339 34.46 28.76 -5.84
N VAL D 340 35.39 28.59 -4.91
CA VAL D 340 36.80 28.87 -5.18
C VAL D 340 37.31 27.98 -6.31
N GLU D 341 36.90 26.71 -6.30
CA GLU D 341 37.34 25.80 -7.35
C GLU D 341 36.83 26.25 -8.72
N ALA D 342 35.55 26.62 -8.79
CA ALA D 342 34.95 27.04 -10.05
C ALA D 342 35.60 28.30 -10.60
N ALA D 343 36.01 29.20 -9.71
CA ALA D 343 36.62 30.45 -10.16
C ALA D 343 38.04 30.25 -10.66
N LEU D 344 38.77 29.35 -10.02
CA LEU D 344 40.15 29.06 -10.36
C LEU D 344 40.30 27.82 -11.23
N LEU D 345 39.20 27.28 -11.74
CA LEU D 345 39.27 26.08 -12.57
C LEU D 345 40.09 26.33 -13.82
N ASP D 346 39.65 27.26 -14.66
CA ASP D 346 40.35 27.55 -15.90
C ASP D 346 41.76 28.04 -15.63
N THR D 347 41.95 28.76 -14.52
CA THR D 347 43.27 29.26 -14.17
C THR D 347 44.23 28.12 -13.85
N MET D 348 43.84 27.23 -12.93
CA MET D 348 44.69 26.11 -12.56
C MET D 348 44.94 25.15 -13.69
N TYR D 349 44.06 25.13 -14.70
CA TYR D 349 44.22 24.24 -15.83
C TYR D 349 45.30 24.71 -16.78
N ASP D 350 45.43 26.03 -16.98
CA ASP D 350 46.42 26.58 -17.89
C ASP D 350 47.57 27.31 -17.19
N LEU D 351 47.73 27.15 -15.89
CA LEU D 351 48.82 27.79 -15.17
C LEU D 351 50.16 27.09 -15.34
N PRO D 352 50.24 25.76 -15.28
CA PRO D 352 51.55 25.11 -15.44
C PRO D 352 52.18 25.35 -16.79
N SER D 353 51.38 25.32 -17.86
CA SER D 353 51.89 25.56 -19.19
C SER D 353 52.51 26.96 -19.29
N MET D 354 51.92 27.93 -18.61
CA MET D 354 52.44 29.28 -18.63
C MET D 354 53.80 29.35 -17.99
N GLU D 355 54.62 30.29 -18.47
CA GLU D 355 55.96 30.53 -17.98
C GLU D 355 56.10 31.99 -17.62
N ASP D 356 57.01 32.26 -16.68
CA ASP D 356 57.33 33.61 -16.19
C ASP D 356 56.18 34.22 -15.39
N VAL D 357 55.22 33.43 -14.96
CA VAL D 357 54.10 33.91 -14.16
C VAL D 357 54.47 33.74 -12.69
N GLU D 358 54.52 34.85 -11.96
CA GLU D 358 54.89 34.86 -10.56
C GLU D 358 53.76 35.19 -9.60
N LYS D 359 52.69 35.84 -10.07
CA LYS D 359 51.60 36.20 -9.17
C LYS D 359 50.28 36.17 -9.90
N VAL D 360 49.23 35.83 -9.14
CA VAL D 360 47.86 35.76 -9.62
C VAL D 360 46.99 36.60 -8.70
N VAL D 361 46.08 37.37 -9.29
CA VAL D 361 45.18 38.24 -8.55
C VAL D 361 43.75 37.88 -8.90
N ILE D 362 42.90 37.76 -7.88
CA ILE D 362 41.49 37.43 -8.03
C ILE D 362 40.66 38.62 -7.57
N ASP D 363 39.91 39.21 -8.48
CA ASP D 363 39.04 40.33 -8.21
C ASP D 363 37.61 39.85 -8.01
N GLU D 364 36.77 40.75 -7.49
CA GLU D 364 35.37 40.43 -7.27
C GLU D 364 34.69 39.95 -8.55
N SER D 365 35.03 40.55 -9.68
CA SER D 365 34.42 40.18 -10.95
C SER D 365 34.66 38.72 -11.31
N VAL D 366 35.82 38.18 -10.90
CA VAL D 366 36.16 36.80 -11.21
C VAL D 366 35.14 35.85 -10.60
N ILE D 367 34.70 36.14 -9.38
CA ILE D 367 33.71 35.30 -8.74
C ILE D 367 32.39 35.42 -9.47
N ASP D 368 32.04 36.63 -9.88
CA ASP D 368 30.82 36.86 -10.62
C ASP D 368 30.87 36.22 -12.00
N GLY D 369 32.08 36.07 -12.56
CA GLY D 369 32.26 35.48 -13.86
C GLY D 369 32.34 36.47 -15.00
N GLN D 370 32.17 37.77 -14.71
CA GLN D 370 32.23 38.77 -15.76
C GLN D 370 33.64 38.89 -16.34
N SER D 371 34.65 38.88 -15.48
CA SER D 371 36.04 39.06 -15.87
C SER D 371 36.87 37.81 -15.56
N GLU D 372 38.15 37.91 -15.88
CA GLU D 372 39.15 36.87 -15.67
C GLU D 372 40.18 37.32 -14.64
N PRO D 373 40.86 36.38 -14.00
CA PRO D 373 41.86 36.75 -12.99
C PRO D 373 43.10 37.36 -13.62
N LEU D 374 43.48 38.54 -13.16
CA LEU D 374 44.68 39.20 -13.64
C LEU D 374 45.92 38.38 -13.34
N LEU D 375 46.81 38.30 -14.31
CA LEU D 375 48.07 37.57 -14.20
C LEU D 375 49.25 38.52 -14.31
N ILE D 376 50.22 38.33 -13.42
CA ILE D 376 51.43 39.15 -13.38
C ILE D 376 52.58 38.31 -13.91
N TYR D 377 53.21 38.78 -14.98
CA TYR D 377 54.33 38.10 -15.61
C TYR D 377 55.64 38.71 -15.14
N GLY D 378 56.55 37.86 -14.69
CA GLY D 378 57.85 38.30 -14.22
C GLY D 378 58.94 37.27 -14.47
N LEU E 28 56.36 16.25 -13.94
CA LEU E 28 54.98 15.95 -13.57
C LEU E 28 54.04 16.32 -14.73
N PRO E 29 53.01 15.51 -14.99
CA PRO E 29 52.11 15.83 -16.11
C PRO E 29 51.16 16.98 -15.79
N THR E 30 51.07 17.92 -16.72
CA THR E 30 50.20 19.06 -16.57
C THR E 30 48.77 18.68 -16.97
N PRO E 31 47.79 19.50 -16.62
CA PRO E 31 46.41 19.19 -17.01
C PRO E 31 46.19 19.18 -18.50
N HIS E 32 47.06 19.81 -19.27
CA HIS E 32 46.91 19.80 -20.72
C HIS E 32 47.25 18.44 -21.26
N GLU E 33 48.34 17.85 -20.74
CA GLU E 33 48.74 16.52 -21.17
C GLU E 33 47.67 15.50 -20.81
N ILE E 34 47.09 15.65 -19.63
CA ILE E 34 46.05 14.72 -19.21
C ILE E 34 44.83 14.85 -20.10
N ARG E 35 44.42 16.08 -20.43
CA ARG E 35 43.27 16.26 -21.30
C ARG E 35 43.55 15.68 -22.68
N ASN E 36 44.78 15.80 -23.15
CA ASN E 36 45.13 15.24 -24.45
C ASN E 36 44.96 13.72 -24.42
N HIS E 37 45.37 13.11 -23.31
CA HIS E 37 45.20 11.66 -23.19
C HIS E 37 43.73 11.29 -23.20
N LEU E 38 42.88 12.08 -22.56
CA LEU E 38 41.46 11.81 -22.55
C LEU E 38 40.83 12.12 -23.90
N ASP E 39 41.32 13.15 -24.58
CA ASP E 39 40.75 13.51 -25.87
C ASP E 39 40.93 12.39 -26.88
N ASP E 40 41.99 11.59 -26.72
CA ASP E 40 42.23 10.46 -27.61
C ASP E 40 41.07 9.47 -27.58
N TYR E 41 40.44 9.29 -26.42
CA TYR E 41 39.35 8.35 -26.23
C TYR E 41 37.98 8.98 -26.02
N VAL E 42 37.91 10.24 -25.64
CA VAL E 42 36.66 10.92 -25.35
C VAL E 42 36.52 12.11 -26.28
N ILE E 43 35.27 12.37 -26.68
CA ILE E 43 34.95 13.43 -27.61
C ILE E 43 33.73 14.21 -27.12
N GLY E 44 33.87 15.52 -27.00
CA GLY E 44 32.75 16.40 -26.69
C GLY E 44 32.49 16.74 -25.25
N GLN E 45 33.48 16.62 -24.37
CA GLN E 45 33.33 16.96 -22.96
C GLN E 45 34.54 17.80 -22.57
N GLU E 46 34.42 19.11 -22.68
CA GLU E 46 35.53 20.00 -22.37
C GLU E 46 35.62 20.29 -20.89
N GLN E 47 34.53 20.72 -20.28
CA GLN E 47 34.54 21.06 -18.86
C GLN E 47 34.90 19.86 -18.01
N ALA E 48 34.34 18.69 -18.33
CA ALA E 48 34.62 17.49 -17.57
C ALA E 48 36.10 17.12 -17.64
N LYS E 49 36.70 17.20 -18.82
CA LYS E 49 38.10 16.88 -18.95
C LYS E 49 38.96 17.84 -18.15
N LYS E 50 38.60 19.12 -18.17
CA LYS E 50 39.32 20.12 -17.39
C LYS E 50 39.20 19.84 -15.90
N VAL E 51 37.99 19.56 -15.45
CA VAL E 51 37.74 19.28 -14.04
C VAL E 51 38.52 18.06 -13.59
N LEU E 52 38.43 16.97 -14.35
CA LEU E 52 39.17 15.77 -14.00
C LEU E 52 40.67 15.97 -14.09
N ALA E 53 41.13 16.68 -15.12
CA ALA E 53 42.56 16.93 -15.28
C ALA E 53 43.10 17.74 -14.13
N VAL E 54 42.39 18.79 -13.74
CA VAL E 54 42.83 19.64 -12.65
C VAL E 54 42.83 18.86 -11.34
N ALA E 55 41.81 18.05 -11.11
CA ALA E 55 41.74 17.27 -9.88
C ALA E 55 42.86 16.26 -9.81
N VAL E 56 43.14 15.59 -10.92
CA VAL E 56 44.21 14.61 -10.97
C VAL E 56 45.55 15.30 -10.74
N TYR E 57 45.73 16.48 -11.31
CA TYR E 57 46.97 17.22 -11.14
C TYR E 57 47.14 17.65 -9.69
N ASN E 58 46.08 18.20 -9.11
CA ASN E 58 46.13 18.64 -7.72
C ASN E 58 46.38 17.46 -6.80
N HIS E 59 45.80 16.31 -7.12
CA HIS E 59 46.02 15.11 -6.35
C HIS E 59 47.49 14.75 -6.32
N TYR E 60 48.14 14.82 -7.49
CA TYR E 60 49.56 14.54 -7.59
C TYR E 60 50.36 15.55 -6.78
N LYS E 61 49.97 16.83 -6.85
CA LYS E 61 50.70 17.87 -6.13
C LYS E 61 50.61 17.69 -4.63
N ARG E 62 49.44 17.31 -4.12
CA ARG E 62 49.29 17.10 -2.69
C ARG E 62 50.16 15.94 -2.22
N LEU E 63 50.25 14.89 -3.03
CA LEU E 63 51.04 13.72 -2.67
C LEU E 63 52.53 14.03 -2.61
N ARG E 64 53.04 14.74 -3.63
CA ARG E 64 54.47 15.07 -3.63
C ARG E 64 54.81 15.98 -2.47
N ASN E 65 53.95 16.94 -2.18
CA ASN E 65 54.19 17.86 -1.09
C ASN E 65 54.13 17.14 0.25
N GLY E 66 53.11 16.32 0.45
CA GLY E 66 52.92 15.63 1.69
C GLY E 66 52.20 16.44 2.74
N ASP E 67 51.61 17.57 2.36
CA ASP E 67 50.88 18.45 3.27
C ASP E 67 51.77 18.94 4.41
N THR E 68 53.05 19.14 4.10
CA THR E 68 54.05 19.62 5.06
C THR E 68 54.84 20.80 4.49
N SER E 69 54.28 21.49 3.49
CA SER E 69 54.98 22.61 2.87
C SER E 69 55.27 23.73 3.85
N ASN E 70 54.22 24.26 4.48
CA ASN E 70 54.36 25.34 5.46
C ASN E 70 53.46 25.09 6.67
N GLY E 71 53.19 23.82 6.98
CA GLY E 71 52.35 23.49 8.11
C GLY E 71 50.87 23.55 7.82
N VAL E 72 50.49 23.60 6.55
CA VAL E 72 49.09 23.70 6.13
C VAL E 72 48.67 22.37 5.52
N GLU E 73 47.53 21.87 5.95
CA GLU E 73 47.01 20.60 5.45
C GLU E 73 46.12 20.89 4.26
N LEU E 74 46.47 20.34 3.10
CA LEU E 74 45.71 20.55 1.89
C LEU E 74 44.53 19.61 1.79
N GLY E 75 43.35 20.17 1.79
CA GLY E 75 42.14 19.39 1.66
C GLY E 75 41.87 19.02 0.23
N LYS E 76 41.07 17.99 0.06
CA LYS E 76 40.70 17.47 -1.25
C LYS E 76 39.31 17.96 -1.63
N SER E 77 39.10 18.10 -2.93
CA SER E 77 37.83 18.51 -3.49
C SER E 77 37.34 17.39 -4.40
N ASN E 78 36.24 16.76 -4.01
CA ASN E 78 35.67 15.67 -4.77
C ASN E 78 34.84 16.20 -5.92
N ILE E 79 34.59 15.33 -6.88
CA ILE E 79 33.89 15.65 -8.11
C ILE E 79 32.58 14.89 -8.20
N LEU E 80 31.65 15.46 -8.96
CA LEU E 80 30.34 14.88 -9.23
C LEU E 80 30.07 15.03 -10.71
N LEU E 81 30.03 13.92 -11.43
CA LEU E 81 29.77 13.91 -12.87
C LEU E 81 28.30 13.67 -13.13
N ILE E 82 27.63 14.66 -13.70
CA ILE E 82 26.21 14.61 -14.02
C ILE E 82 26.08 14.62 -15.52
N GLY E 83 25.69 13.51 -16.12
CA GLY E 83 25.51 13.47 -17.54
C GLY E 83 24.55 12.40 -18.03
N PRO E 84 23.94 12.61 -19.20
CA PRO E 84 23.00 11.60 -19.70
C PRO E 84 23.68 10.30 -20.12
N THR E 85 22.87 9.35 -20.53
CA THR E 85 23.36 8.07 -21.01
C THR E 85 24.19 8.26 -22.28
N GLY E 86 25.23 7.45 -22.41
CA GLY E 86 26.09 7.51 -23.58
C GLY E 86 26.80 8.84 -23.74
N SER E 87 27.24 9.43 -22.63
CA SER E 87 27.91 10.72 -22.65
C SER E 87 29.41 10.63 -22.44
N GLY E 88 29.90 9.66 -21.69
CA GLY E 88 31.31 9.49 -21.42
C GLY E 88 31.70 9.52 -19.97
N LYS E 89 30.77 9.22 -19.06
CA LYS E 89 31.10 9.22 -17.65
C LYS E 89 32.01 8.05 -17.30
N THR E 90 31.52 6.84 -17.51
CA THR E 90 32.33 5.66 -17.23
C THR E 90 33.56 5.61 -18.11
N LEU E 91 33.45 6.08 -19.35
CA LEU E 91 34.57 6.08 -20.25
C LEU E 91 35.68 7.00 -19.76
N LEU E 92 35.31 8.16 -19.23
CA LEU E 92 36.29 9.09 -18.71
C LEU E 92 37.08 8.43 -17.57
N ALA E 93 36.37 7.73 -16.69
CA ALA E 93 37.03 7.05 -15.59
C ALA E 93 38.02 6.00 -16.08
N GLU E 94 37.60 5.21 -17.07
CA GLU E 94 38.48 4.16 -17.61
C GLU E 94 39.74 4.76 -18.21
N THR E 95 39.60 5.87 -18.94
CA THR E 95 40.75 6.51 -19.54
C THR E 95 41.78 6.92 -18.50
N LEU E 96 41.32 7.46 -17.38
CA LEU E 96 42.23 7.85 -16.31
C LEU E 96 43.01 6.65 -15.81
N ALA E 97 42.35 5.51 -15.64
CA ALA E 97 43.00 4.30 -15.15
C ALA E 97 44.22 3.94 -15.99
N ARG E 98 44.15 4.21 -17.29
CA ARG E 98 45.27 3.95 -18.17
C ARG E 98 46.43 4.89 -17.89
N LEU E 99 46.12 6.14 -17.51
CA LEU E 99 47.11 7.18 -17.29
C LEU E 99 47.48 7.43 -15.84
N LEU E 100 46.81 6.80 -14.88
CA LEU E 100 47.06 7.08 -13.48
C LEU E 100 48.09 6.16 -12.88
N ASP E 101 49.05 6.76 -12.17
CA ASP E 101 50.07 6.00 -11.46
C ASP E 101 49.50 5.45 -10.16
N VAL E 102 48.71 6.27 -9.47
CA VAL E 102 48.09 5.91 -8.20
C VAL E 102 46.99 4.88 -8.43
N PRO E 103 46.60 4.11 -7.42
CA PRO E 103 45.53 3.14 -7.62
C PRO E 103 44.20 3.79 -7.93
N PHE E 104 43.47 3.15 -8.84
CA PHE E 104 42.16 3.60 -9.28
C PHE E 104 41.24 2.41 -9.33
N THR E 105 40.01 2.59 -8.85
CA THR E 105 39.01 1.56 -8.90
C THR E 105 37.65 2.19 -9.19
N MET E 106 36.74 1.35 -9.66
CA MET E 106 35.37 1.76 -9.98
C MET E 106 34.43 0.97 -9.10
N ALA E 107 33.46 1.66 -8.53
CA ALA E 107 32.46 1.05 -7.66
C ALA E 107 31.06 1.34 -8.18
N ASP E 108 30.14 0.46 -7.81
CA ASP E 108 28.74 0.57 -8.17
C ASP E 108 27.96 0.82 -6.90
N ALA E 109 27.28 1.95 -6.83
CA ALA E 109 26.51 2.31 -5.65
C ALA E 109 25.30 1.44 -5.43
N THR E 110 24.79 0.81 -6.49
CA THR E 110 23.61 -0.03 -6.35
C THR E 110 23.83 -1.18 -5.37
N THR E 111 24.99 -1.83 -5.46
CA THR E 111 25.29 -2.95 -4.58
C THR E 111 25.39 -2.54 -3.13
N LEU E 112 25.84 -1.32 -2.86
CA LEU E 112 26.03 -0.86 -1.50
C LEU E 112 24.70 -0.75 -0.76
N THR E 113 24.76 -1.05 0.54
CA THR E 113 23.61 -0.97 1.44
C THR E 113 24.09 -0.49 2.79
N GLU E 114 23.11 -0.23 3.66
CA GLU E 114 23.38 0.20 5.01
C GLU E 114 24.05 -0.91 5.80
N ALA E 115 24.80 -0.51 6.82
CA ALA E 115 25.48 -1.47 7.67
C ALA E 115 24.47 -2.35 8.39
N GLY E 116 24.80 -3.63 8.48
CA GLY E 116 23.95 -4.60 9.12
C GLY E 116 22.95 -5.27 8.22
N TYR E 117 23.02 -5.03 6.91
CA TYR E 117 22.12 -5.61 5.95
C TYR E 117 22.89 -6.49 4.98
N VAL E 118 22.15 -7.38 4.33
CA VAL E 118 22.70 -8.41 3.47
C VAL E 118 23.43 -7.87 2.24
N GLY E 119 23.00 -6.75 1.69
CA GLY E 119 23.57 -6.28 0.45
C GLY E 119 25.07 -6.12 0.33
N GLU E 120 25.65 -5.19 1.07
CA GLU E 120 27.09 -4.97 1.02
C GLU E 120 27.40 -3.90 2.06
N ASP E 121 28.69 -3.66 2.25
CA ASP E 121 29.19 -2.63 3.14
C ASP E 121 29.94 -1.63 2.29
N VAL E 122 29.96 -0.38 2.73
CA VAL E 122 30.61 0.67 1.99
C VAL E 122 32.13 0.57 2.06
N GLU E 123 32.66 -0.11 3.07
CA GLU E 123 34.11 -0.26 3.18
C GLU E 123 34.67 -1.16 2.10
N ASN E 124 33.83 -1.95 1.43
CA ASN E 124 34.30 -2.85 0.38
C ASN E 124 35.04 -2.10 -0.71
N ILE E 125 34.68 -0.83 -0.94
CA ILE E 125 35.34 -0.03 -1.96
C ILE E 125 36.83 0.04 -1.70
N ILE E 126 37.20 0.31 -0.45
CA ILE E 126 38.62 0.41 -0.09
C ILE E 126 39.31 -0.92 -0.33
N GLN E 127 38.63 -2.04 -0.07
CA GLN E 127 39.23 -3.33 -0.31
C GLN E 127 39.61 -3.49 -1.76
N LYS E 128 38.70 -3.11 -2.67
CA LYS E 128 38.99 -3.18 -4.09
C LYS E 128 40.20 -2.32 -4.42
N LEU E 129 40.26 -1.14 -3.80
CA LEU E 129 41.39 -0.24 -4.00
C LEU E 129 42.68 -0.89 -3.55
N LEU E 130 42.65 -1.58 -2.41
CA LEU E 130 43.85 -2.25 -1.92
C LEU E 130 44.30 -3.36 -2.85
N GLN E 131 43.35 -4.03 -3.51
CA GLN E 131 43.70 -5.09 -4.45
C GLN E 131 44.58 -4.56 -5.56
N LYS E 132 44.26 -3.36 -6.06
CA LYS E 132 45.05 -2.74 -7.10
C LYS E 132 46.39 -2.25 -6.57
N SER E 133 46.46 -1.98 -5.28
CA SER E 133 47.67 -1.51 -4.62
C SER E 133 48.51 -2.62 -4.02
N ASP E 134 48.15 -3.88 -4.28
CA ASP E 134 48.88 -5.03 -3.72
C ASP E 134 48.89 -5.00 -2.20
N TYR E 135 47.79 -4.52 -1.62
CA TYR E 135 47.61 -4.43 -0.17
C TYR E 135 48.69 -3.57 0.49
N ASP E 136 49.04 -2.46 -0.16
CA ASP E 136 49.98 -1.48 0.36
C ASP E 136 49.10 -0.31 0.80
N VAL E 137 48.90 -0.20 2.12
CA VAL E 137 48.03 0.84 2.67
C VAL E 137 48.53 2.22 2.29
N GLN E 138 49.84 2.46 2.42
CA GLN E 138 50.38 3.76 2.12
C GLN E 138 50.16 4.15 0.67
N LYS E 139 50.15 3.17 -0.23
CA LYS E 139 49.92 3.42 -1.65
C LYS E 139 48.44 3.58 -1.96
N ALA E 140 47.58 2.94 -1.17
CA ALA E 140 46.14 3.01 -1.38
C ALA E 140 45.52 4.26 -0.75
N GLN E 141 46.07 4.72 0.37
CA GLN E 141 45.56 5.91 1.05
C GLN E 141 45.59 7.16 0.18
N ARG E 142 46.28 7.14 -0.95
CA ARG E 142 46.42 8.26 -1.87
C ARG E 142 45.80 7.94 -3.22
N GLY E 143 44.81 7.05 -3.25
CA GLY E 143 44.17 6.64 -4.47
C GLY E 143 42.96 7.44 -4.86
N ILE E 144 42.40 7.06 -6.00
CA ILE E 144 41.22 7.66 -6.59
C ILE E 144 40.15 6.60 -6.69
N VAL E 145 38.90 7.02 -6.50
CA VAL E 145 37.74 6.14 -6.55
C VAL E 145 36.67 6.79 -7.39
N TYR E 146 36.03 5.99 -8.24
CA TYR E 146 34.94 6.43 -9.10
C TYR E 146 33.72 5.63 -8.73
N ILE E 147 32.75 6.29 -8.09
CA ILE E 147 31.52 5.66 -7.65
C ILE E 147 30.48 5.95 -8.71
N ASP E 148 30.17 4.94 -9.51
CA ASP E 148 29.20 5.06 -10.58
C ASP E 148 27.80 4.79 -10.07
N GLU E 149 26.83 5.24 -10.85
CA GLU E 149 25.43 5.06 -10.52
C GLU E 149 25.09 5.66 -9.15
N ILE E 150 25.59 6.88 -8.91
CA ILE E 150 25.35 7.54 -7.64
C ILE E 150 23.92 8.05 -7.56
N ASP E 151 23.30 8.35 -8.70
CA ASP E 151 21.92 8.80 -8.71
C ASP E 151 20.98 7.74 -8.18
N LYS E 152 21.37 6.47 -8.25
CA LYS E 152 20.52 5.38 -7.78
C LYS E 152 20.35 5.44 -6.27
N ILE E 153 21.36 5.94 -5.55
CA ILE E 153 21.26 6.07 -4.10
C ILE E 153 20.64 7.44 -3.85
N SER E 154 19.31 7.47 -3.86
CA SER E 154 18.59 8.70 -3.68
C SER E 154 17.25 8.39 -3.05
N ARG E 155 16.71 9.39 -2.35
CA ARG E 155 15.44 9.20 -1.68
C ARG E 155 14.29 9.23 -2.67
N LYS E 156 13.16 8.67 -2.22
CA LYS E 156 11.93 8.61 -3.01
C LYS E 156 12.16 8.00 -4.39
N ASN E 159 12.83 14.60 0.65
CA ASN E 159 12.19 14.78 1.95
C ASN E 159 12.48 13.59 2.86
N PRO E 160 12.23 13.72 4.16
CA PRO E 160 12.44 12.59 5.09
C PRO E 160 11.65 11.36 4.65
N SER E 161 11.99 10.23 5.26
CA SER E 161 11.39 8.95 4.93
C SER E 161 10.91 8.27 6.21
N ILE E 162 9.65 7.83 6.18
CA ILE E 162 9.03 7.18 7.33
C ILE E 162 9.76 5.92 7.75
N THR E 163 10.34 5.20 6.78
CA THR E 163 11.05 3.95 7.04
C THR E 163 12.47 4.04 6.49
N ARG E 164 13.31 3.16 7.00
CA ARG E 164 14.71 3.14 6.60
C ARG E 164 14.86 2.78 5.14
N ASP E 165 15.80 3.45 4.47
CA ASP E 165 16.11 3.22 3.06
C ASP E 165 17.52 2.63 3.06
N VAL E 166 17.58 1.31 3.15
CA VAL E 166 18.85 0.59 3.17
C VAL E 166 19.70 0.96 1.96
N SER E 167 19.09 1.01 0.79
CA SER E 167 19.76 1.41 -0.44
C SER E 167 19.16 2.77 -0.76
N GLY E 168 19.98 3.80 -0.65
CA GLY E 168 19.51 5.15 -0.84
C GLY E 168 20.09 6.03 0.25
N GLU E 169 19.20 6.70 0.99
CA GLU E 169 19.63 7.56 2.09
C GLU E 169 20.57 6.85 3.06
N GLY E 170 20.38 5.54 3.23
CA GLY E 170 21.28 4.79 4.11
C GLY E 170 22.69 4.74 3.57
N VAL E 171 22.84 4.56 2.27
CA VAL E 171 24.16 4.51 1.67
C VAL E 171 24.81 5.89 1.71
N GLN E 172 24.02 6.94 1.48
CA GLN E 172 24.55 8.28 1.51
C GLN E 172 25.10 8.61 2.88
N GLN E 173 24.31 8.32 3.92
CA GLN E 173 24.72 8.57 5.28
C GLN E 173 26.02 7.84 5.61
N ALA E 174 26.19 6.65 5.06
CA ALA E 174 27.37 5.86 5.30
C ALA E 174 28.59 6.36 4.56
N LEU E 175 28.39 6.92 3.36
CA LEU E 175 29.50 7.41 2.58
C LEU E 175 30.03 8.75 3.06
N LEU E 176 29.23 9.52 3.80
CA LEU E 176 29.64 10.85 4.26
C LEU E 176 30.99 10.84 4.94
N LYS E 177 31.10 10.06 6.01
CA LYS E 177 32.35 9.99 6.76
C LYS E 177 33.47 9.40 5.92
N LEU E 178 33.13 8.50 4.99
CA LEU E 178 34.15 7.89 4.13
C LEU E 178 34.76 8.89 3.18
N ILE E 179 33.95 9.79 2.64
CA ILE E 179 34.43 10.80 1.71
C ILE E 179 35.29 11.82 2.43
N GLU E 180 34.76 12.36 3.52
CA GLU E 180 35.48 13.39 4.29
C GLU E 180 36.79 12.87 4.83
N GLY E 181 36.83 11.62 5.25
CA GLY E 181 38.02 11.01 5.79
C GLY E 181 37.83 10.36 7.13
N THR E 182 38.26 9.10 7.24
CA THR E 182 38.17 8.33 8.46
C THR E 182 38.95 7.04 8.26
N VAL E 183 39.09 6.28 9.33
CA VAL E 183 39.80 5.01 9.30
C VAL E 183 38.80 3.90 9.07
N ALA E 184 39.00 3.15 8.00
CA ALA E 184 38.13 2.06 7.63
C ALA E 184 38.80 0.73 7.96
N ALA E 185 38.00 -0.20 8.44
CA ALA E 185 38.48 -1.53 8.79
C ALA E 185 38.28 -2.41 7.56
N VAL E 186 39.37 -3.00 7.09
CA VAL E 186 39.37 -3.83 5.89
C VAL E 186 39.99 -5.20 6.20
N PRO E 187 39.32 -6.32 5.94
CA PRO E 187 39.94 -7.61 6.22
C PRO E 187 41.16 -7.85 5.34
N PRO E 188 42.27 -8.32 5.88
CA PRO E 188 43.44 -8.57 5.02
C PRO E 188 43.24 -9.82 4.17
N GLN E 189 43.67 -9.73 2.92
CA GLN E 189 43.58 -10.83 1.95
C GLN E 189 42.19 -11.46 1.89
N GLU E 198 43.62 -9.81 12.44
CA GLU E 198 43.21 -8.44 12.70
C GLU E 198 42.75 -7.77 11.39
N PHE E 199 42.39 -6.49 11.49
CA PHE E 199 41.90 -5.72 10.36
C PHE E 199 42.89 -4.62 9.99
N LEU E 200 42.76 -4.15 8.75
CA LEU E 200 43.60 -3.09 8.20
C LEU E 200 42.92 -1.74 8.38
N GLN E 201 43.71 -0.75 8.82
CA GLN E 201 43.22 0.60 9.05
C GLN E 201 43.67 1.48 7.90
N VAL E 202 42.72 1.85 7.04
CA VAL E 202 42.97 2.66 5.85
C VAL E 202 42.29 4.01 6.03
N ASP E 203 43.07 5.08 5.98
CA ASP E 203 42.54 6.43 6.09
C ASP E 203 42.15 6.94 4.71
N THR E 204 40.95 7.51 4.60
CA THR E 204 40.43 8.05 3.36
C THR E 204 40.43 9.57 3.35
N SER E 205 41.31 10.19 4.13
CA SER E 205 41.37 11.64 4.19
C SER E 205 42.00 12.21 2.92
N LYS E 206 42.89 11.47 2.28
CA LYS E 206 43.58 11.91 1.07
C LYS E 206 43.08 11.23 -0.19
N ILE E 207 42.09 10.36 -0.11
CA ILE E 207 41.57 9.64 -1.26
C ILE E 207 40.53 10.51 -1.96
N LEU E 208 40.71 10.69 -3.26
CA LEU E 208 39.77 11.44 -4.08
C LEU E 208 38.64 10.53 -4.51
N PHE E 209 37.46 11.12 -4.64
CA PHE E 209 36.26 10.40 -5.02
C PHE E 209 35.58 11.14 -6.15
N ILE E 210 35.17 10.40 -7.16
CA ILE E 210 34.49 10.94 -8.33
C ILE E 210 33.16 10.20 -8.41
N CYS E 211 32.12 10.78 -7.84
CA CYS E 211 30.80 10.17 -7.83
C CYS E 211 30.04 10.64 -9.05
N GLY E 212 30.04 9.82 -10.09
CA GLY E 212 29.38 10.14 -11.33
C GLY E 212 28.12 9.36 -11.59
N GLY E 213 27.00 10.07 -11.77
CA GLY E 213 25.73 9.44 -12.03
C GLY E 213 24.94 10.18 -13.07
N ALA E 214 24.06 9.45 -13.74
CA ALA E 214 23.20 9.97 -14.78
C ALA E 214 21.86 10.33 -14.17
N PHE E 215 21.84 11.51 -13.56
CA PHE E 215 20.64 11.99 -12.90
C PHE E 215 19.53 12.17 -13.91
N ALA E 216 18.46 11.40 -13.76
CA ALA E 216 17.32 11.43 -14.65
C ALA E 216 16.18 12.16 -13.94
N GLY E 217 15.67 13.19 -14.59
CA GLY E 217 14.63 14.02 -14.03
C GLY E 217 15.16 15.29 -13.40
N LEU E 218 16.47 15.47 -13.36
CA LEU E 218 17.06 16.67 -12.79
C LEU E 218 16.77 17.89 -13.65
N ASP E 219 16.73 17.70 -14.97
CA ASP E 219 16.44 18.82 -15.86
C ASP E 219 15.07 19.41 -15.56
N LYS E 220 14.09 18.56 -15.26
CA LYS E 220 12.77 19.06 -14.91
C LYS E 220 12.82 19.83 -13.61
N VAL E 221 13.62 19.35 -12.66
CA VAL E 221 13.76 20.02 -11.36
C VAL E 221 14.34 21.42 -11.54
N ILE E 222 15.40 21.52 -12.33
CA ILE E 222 16.04 22.81 -12.57
C ILE E 222 15.08 23.74 -13.29
N SER E 223 14.26 23.20 -14.20
CA SER E 223 13.34 24.02 -14.97
C SER E 223 12.36 24.74 -14.05
N HIS E 224 11.74 24.00 -13.14
CA HIS E 224 10.81 24.61 -12.21
C HIS E 224 11.49 25.64 -11.32
N ARG E 225 12.77 25.44 -11.03
CA ARG E 225 13.52 26.36 -10.19
C ARG E 225 13.83 27.66 -10.91
N VAL E 226 14.37 27.56 -12.13
CA VAL E 226 14.78 28.73 -12.89
C VAL E 226 13.73 29.22 -13.89
N GLU E 227 12.65 28.46 -14.10
CA GLU E 227 11.58 28.85 -15.02
C GLU E 227 10.29 28.72 -14.23
N THR E 228 9.94 29.80 -13.53
CA THR E 228 8.73 29.85 -12.73
C THR E 228 8.13 31.24 -12.86
N GLY E 229 6.84 31.30 -13.16
CA GLY E 229 6.19 32.59 -13.27
C GLY E 229 5.85 33.15 -11.90
N SER E 230 5.70 34.47 -11.84
CA SER E 230 5.36 35.10 -10.57
C SER E 230 3.98 34.67 -10.11
N GLY E 231 3.05 34.54 -11.05
CA GLY E 231 1.69 34.15 -10.71
C GLY E 231 0.80 34.22 -11.92
N ILE E 232 -0.50 34.05 -11.65
CA ILE E 232 -1.54 34.07 -12.67
C ILE E 232 -2.53 35.17 -12.32
N GLY E 233 -2.79 36.04 -13.29
CA GLY E 233 -3.75 37.11 -13.09
C GLY E 233 -3.41 38.42 -13.77
N PHE E 234 -4.30 39.39 -13.61
CA PHE E 234 -4.11 40.71 -14.19
C PHE E 234 -2.98 41.46 -13.51
N GLY E 235 -2.82 41.27 -12.20
CA GLY E 235 -1.80 41.95 -11.42
C GLY E 235 -0.53 41.16 -11.19
N ALA E 236 -0.34 40.04 -11.88
CA ALA E 236 0.83 39.21 -11.73
C ALA E 236 1.77 39.37 -12.92
N THR E 237 3.06 39.51 -12.64
CA THR E 237 4.06 39.65 -13.68
C THR E 237 4.39 38.27 -14.23
N VAL E 238 4.33 38.15 -15.56
CA VAL E 238 4.58 36.89 -16.26
C VAL E 238 5.95 36.93 -16.92
N LYS E 239 6.72 35.86 -16.70
CA LYS E 239 8.06 35.72 -17.25
C LYS E 239 8.03 34.69 -18.36
N ALA E 240 8.49 35.08 -19.55
CA ALA E 240 8.53 34.16 -20.69
C ALA E 240 9.66 33.16 -20.48
N LYS E 241 9.36 31.88 -20.71
CA LYS E 241 10.36 30.84 -20.52
C LYS E 241 11.49 30.96 -21.54
N SER E 242 11.13 30.91 -22.82
CA SER E 242 12.02 31.03 -23.98
C SER E 242 12.86 29.78 -24.22
N ASP E 243 12.79 28.77 -23.34
CA ASP E 243 13.52 27.52 -23.54
C ASP E 243 12.63 26.55 -24.29
N LYS E 244 13.10 26.10 -25.45
CA LYS E 244 12.33 25.18 -26.28
C LYS E 244 12.76 23.72 -26.10
N ALA E 245 14.04 23.44 -26.31
CA ALA E 245 14.55 22.08 -26.18
C ALA E 245 15.86 22.00 -25.41
N SER E 246 16.33 23.10 -24.82
CA SER E 246 17.60 23.10 -24.10
C SER E 246 17.59 22.12 -22.93
N GLU E 247 18.42 21.09 -23.02
CA GLU E 247 18.57 20.08 -21.98
C GLU E 247 19.98 20.07 -21.39
N GLY E 248 21.00 20.02 -22.23
CA GLY E 248 22.37 20.03 -21.74
C GLY E 248 22.74 21.35 -21.12
N GLU E 249 22.15 22.44 -21.61
CA GLU E 249 22.42 23.77 -21.06
C GLU E 249 21.66 24.00 -19.77
N LEU E 250 20.73 23.11 -19.43
CA LEU E 250 19.98 23.23 -18.19
C LEU E 250 20.78 22.65 -17.03
N LEU E 251 21.51 21.57 -17.27
CA LEU E 251 22.33 20.97 -16.23
C LEU E 251 23.44 21.91 -15.80
N ALA E 252 23.93 22.75 -16.72
CA ALA E 252 24.96 23.70 -16.37
C ALA E 252 24.50 24.71 -15.33
N GLN E 253 23.19 24.87 -15.16
CA GLN E 253 22.63 25.77 -14.16
C GLN E 253 22.34 25.02 -12.86
N VAL E 254 22.91 23.84 -12.69
CA VAL E 254 22.66 23.04 -11.50
C VAL E 254 23.27 23.70 -10.28
N GLU E 255 22.53 23.62 -9.18
CA GLU E 255 22.93 24.15 -7.90
C GLU E 255 22.59 23.08 -6.88
N PRO E 256 23.07 23.19 -5.65
CA PRO E 256 22.76 22.15 -4.65
C PRO E 256 21.29 21.97 -4.38
N GLU E 257 20.52 23.07 -4.26
CA GLU E 257 19.09 22.97 -4.00
C GLU E 257 18.38 22.07 -5.01
N ASP E 258 18.84 22.08 -6.26
CA ASP E 258 18.25 21.20 -7.27
C ASP E 258 18.50 19.74 -6.91
N LEU E 259 19.75 19.42 -6.60
CA LEU E 259 20.11 18.05 -6.23
C LEU E 259 19.44 17.63 -4.95
N ILE E 260 19.24 18.56 -4.02
CA ILE E 260 18.56 18.24 -2.77
C ILE E 260 17.14 17.79 -3.06
N LYS E 261 16.42 18.56 -3.88
CA LYS E 261 15.06 18.18 -4.25
C LYS E 261 15.05 16.87 -5.02
N PHE E 262 16.15 16.51 -5.68
CA PHE E 262 16.22 15.26 -6.39
C PHE E 262 16.39 14.09 -5.44
N GLY E 263 16.87 14.33 -4.22
CA GLY E 263 17.03 13.29 -3.22
C GLY E 263 18.35 13.19 -2.50
N LEU E 264 19.33 13.99 -2.88
CA LEU E 264 20.61 13.96 -2.20
C LEU E 264 20.57 14.80 -0.94
N ILE E 265 21.29 14.36 0.08
CA ILE E 265 21.34 15.03 1.37
C ILE E 265 22.24 16.25 1.24
N PRO E 266 21.98 17.37 1.92
CA PRO E 266 22.91 18.49 1.85
C PRO E 266 24.31 18.12 2.27
N GLU E 267 24.42 17.22 3.24
CA GLU E 267 25.70 16.77 3.73
C GLU E 267 26.50 16.11 2.62
N PHE E 268 25.87 15.20 1.88
CA PHE E 268 26.54 14.48 0.81
C PHE E 268 27.04 15.43 -0.26
N ILE E 269 26.28 16.46 -0.59
CA ILE E 269 26.71 17.38 -1.63
C ILE E 269 27.90 18.19 -1.17
N GLY E 270 27.94 18.57 0.10
CA GLY E 270 29.06 19.31 0.62
C GLY E 270 30.35 18.54 0.43
N ARG E 271 30.29 17.22 0.58
CA ARG E 271 31.44 16.38 0.36
C ARG E 271 31.88 16.40 -1.10
N LEU E 272 30.98 16.79 -2.01
CA LEU E 272 31.23 16.85 -3.45
C LEU E 272 31.09 18.31 -3.90
N PRO E 273 32.14 19.12 -3.74
CA PRO E 273 32.01 20.52 -4.13
C PRO E 273 31.98 20.74 -5.62
N VAL E 274 32.79 20.02 -6.35
CA VAL E 274 32.93 20.21 -7.79
C VAL E 274 31.88 19.38 -8.52
N VAL E 275 31.19 20.03 -9.45
CA VAL E 275 30.17 19.41 -10.28
C VAL E 275 30.57 19.62 -11.72
N ALA E 276 30.63 18.54 -12.47
CA ALA E 276 30.97 18.55 -13.88
C ALA E 276 29.76 18.05 -14.63
N THR E 277 29.36 18.77 -15.66
CA THR E 277 28.21 18.43 -16.46
C THR E 277 28.63 18.04 -17.86
N LEU E 278 28.11 16.92 -18.32
CA LEU E 278 28.38 16.40 -19.64
C LEU E 278 27.23 16.78 -20.55
N ASN E 279 27.56 17.22 -21.75
CA ASN E 279 26.58 17.65 -22.71
C ASN E 279 26.06 16.48 -23.51
N GLU E 280 24.78 16.54 -23.85
CA GLU E 280 24.19 15.49 -24.67
C GLU E 280 24.88 15.48 -26.02
N LEU E 281 25.26 14.29 -26.46
CA LEU E 281 25.98 14.17 -27.71
C LEU E 281 25.13 14.59 -28.90
N SER E 282 25.74 15.37 -29.78
CA SER E 282 25.10 15.88 -30.98
C SER E 282 25.51 15.01 -32.17
N GLU E 283 24.81 15.23 -33.28
CA GLU E 283 25.08 14.48 -34.51
C GLU E 283 26.54 14.61 -34.93
N GLU E 284 27.07 15.84 -34.90
CA GLU E 284 28.45 16.07 -35.29
C GLU E 284 29.41 15.27 -34.43
N ALA E 285 29.11 15.13 -33.14
CA ALA E 285 29.98 14.36 -32.26
C ALA E 285 29.99 12.88 -32.63
N LEU E 286 28.83 12.33 -32.98
CA LEU E 286 28.76 10.91 -33.32
C LEU E 286 29.63 10.60 -34.52
N ILE E 287 29.70 11.53 -35.48
CA ILE E 287 30.57 11.32 -36.63
C ILE E 287 32.00 11.16 -36.17
N GLN E 288 32.42 11.99 -35.22
CA GLN E 288 33.77 11.92 -34.70
C GLN E 288 33.99 10.64 -33.90
N ILE E 289 32.99 10.23 -33.13
CA ILE E 289 33.09 9.03 -32.30
C ILE E 289 33.34 7.80 -33.14
N LEU E 290 32.75 7.75 -34.33
CA LEU E 290 32.91 6.58 -35.17
C LEU E 290 34.31 6.41 -35.73
N LYS E 291 35.07 7.50 -35.92
CA LYS E 291 36.41 7.40 -36.51
C LYS E 291 37.54 8.04 -35.71
N GLU E 292 37.31 9.15 -35.02
CA GLU E 292 38.43 9.82 -34.37
C GLU E 292 39.00 9.06 -33.18
N PRO E 293 38.20 8.59 -32.20
CA PRO E 293 38.78 7.89 -31.05
C PRO E 293 39.68 6.70 -31.36
N LYS E 294 40.52 6.36 -30.36
CA LYS E 294 41.46 5.27 -30.52
C LYS E 294 40.74 3.94 -30.73
N ASN E 295 39.67 3.70 -29.98
CA ASN E 295 38.89 2.48 -30.09
C ASN E 295 37.48 2.90 -30.44
N ALA E 296 37.25 3.05 -31.74
CA ALA E 296 35.98 3.44 -32.32
C ALA E 296 35.34 2.25 -33.01
N LEU E 297 34.03 2.37 -33.22
CA LEU E 297 33.28 1.32 -33.88
C LEU E 297 33.87 0.95 -35.23
N THR E 298 34.14 1.96 -36.06
CA THR E 298 34.68 1.71 -37.38
C THR E 298 36.00 0.98 -37.30
N LYS E 299 36.86 1.39 -36.37
CA LYS E 299 38.14 0.74 -36.20
C LYS E 299 37.98 -0.67 -35.69
N GLN E 300 36.99 -0.89 -34.81
CA GLN E 300 36.75 -2.22 -34.27
C GLN E 300 36.33 -3.18 -35.37
N TYR E 301 35.33 -2.80 -36.16
CA TYR E 301 34.86 -3.67 -37.23
C TYR E 301 35.90 -3.83 -38.32
N GLN E 302 36.70 -2.79 -38.57
CA GLN E 302 37.76 -2.92 -39.56
C GLN E 302 38.74 -3.98 -39.13
N ALA E 303 39.04 -4.04 -37.83
CA ALA E 303 39.94 -5.06 -37.30
C ALA E 303 39.29 -6.42 -37.38
N LEU E 304 38.00 -6.48 -37.08
CA LEU E 304 37.26 -7.73 -37.16
C LEU E 304 37.27 -8.28 -38.56
N PHE E 305 37.12 -7.41 -39.56
CA PHE E 305 37.14 -7.79 -40.96
C PHE E 305 38.57 -7.95 -41.47
N ASN E 306 39.52 -7.18 -40.93
CA ASN E 306 40.89 -7.22 -41.42
C ASN E 306 41.55 -8.55 -41.13
N LEU E 307 41.26 -9.16 -39.98
CA LEU E 307 41.87 -10.45 -39.68
C LEU E 307 41.42 -11.55 -40.66
N GLU E 308 40.35 -11.31 -41.41
CA GLU E 308 39.87 -12.25 -42.42
C GLU E 308 40.41 -11.94 -43.81
N GLY E 309 41.16 -10.85 -43.97
CA GLY E 309 41.68 -10.47 -45.26
C GLY E 309 40.80 -9.51 -46.02
N VAL E 310 39.96 -8.75 -45.31
CA VAL E 310 39.01 -7.83 -45.91
C VAL E 310 39.23 -6.44 -45.35
N ASP E 311 39.24 -5.44 -46.23
CA ASP E 311 39.44 -4.05 -45.86
C ASP E 311 38.09 -3.34 -45.85
N LEU E 312 37.48 -3.24 -44.67
CA LEU E 312 36.21 -2.56 -44.51
C LEU E 312 36.40 -1.06 -44.62
N GLU E 313 35.51 -0.41 -45.36
CA GLU E 313 35.54 1.04 -45.52
C GLU E 313 34.14 1.61 -45.43
N PHE E 314 34.01 2.65 -44.61
CA PHE E 314 32.76 3.38 -44.43
C PHE E 314 32.94 4.72 -45.13
N ARG E 315 32.06 5.03 -46.06
CA ARG E 315 32.13 6.33 -46.69
C ARG E 315 31.60 7.37 -45.73
N ASP E 316 32.08 8.60 -45.88
CA ASP E 316 31.69 9.68 -44.99
C ASP E 316 30.18 9.88 -44.96
N GLU E 317 29.50 9.67 -46.07
CA GLU E 317 28.05 9.84 -46.09
C GLU E 317 27.36 8.81 -45.20
N ALA E 318 27.89 7.58 -45.15
CA ALA E 318 27.28 6.55 -44.33
C ALA E 318 27.34 6.89 -42.84
N LEU E 319 28.46 7.45 -42.40
CA LEU E 319 28.59 7.79 -40.99
C LEU E 319 27.59 8.85 -40.57
N ASP E 320 27.16 9.69 -41.51
CA ASP E 320 26.16 10.69 -41.20
C ASP E 320 24.81 10.04 -40.96
N ALA E 321 24.46 9.06 -41.79
CA ALA E 321 23.19 8.36 -41.66
C ALA E 321 23.09 7.64 -40.33
N ILE E 322 24.18 7.01 -39.91
CA ILE E 322 24.18 6.26 -38.66
C ILE E 322 23.91 7.19 -37.49
N ALA E 323 24.47 8.41 -37.54
CA ALA E 323 24.27 9.35 -36.45
C ALA E 323 22.81 9.77 -36.35
N LYS E 324 22.16 10.05 -37.47
CA LYS E 324 20.76 10.42 -37.45
C LYS E 324 19.92 9.29 -36.88
N LYS E 325 20.21 8.06 -37.32
CA LYS E 325 19.49 6.91 -36.81
C LYS E 325 19.74 6.74 -35.31
N ALA E 326 20.99 6.92 -34.89
CA ALA E 326 21.32 6.79 -33.48
C ALA E 326 20.61 7.85 -32.65
N MET E 327 20.58 9.09 -33.15
CA MET E 327 19.88 10.16 -32.46
C MET E 327 18.42 9.80 -32.21
N ALA E 328 17.80 9.12 -33.17
CA ALA E 328 16.43 8.70 -33.03
C ALA E 328 16.28 7.65 -31.93
N ARG E 329 17.29 6.79 -31.75
CA ARG E 329 17.23 5.77 -30.73
C ARG E 329 17.12 6.38 -29.34
N LYS E 330 17.73 7.54 -29.13
CA LYS E 330 17.70 8.24 -27.84
C LYS E 330 18.33 7.39 -26.75
N THR E 331 19.37 6.65 -27.13
CA THR E 331 20.11 5.77 -26.23
C THR E 331 21.57 6.21 -26.09
N GLY E 332 21.96 7.31 -26.73
CA GLY E 332 23.32 7.79 -26.65
C GLY E 332 24.16 7.28 -27.80
N ALA E 333 25.46 7.25 -27.56
CA ALA E 333 26.40 6.76 -28.55
C ALA E 333 26.43 5.25 -28.63
N ARG E 334 25.75 4.56 -27.71
CA ARG E 334 25.68 3.11 -27.78
C ARG E 334 24.82 2.65 -28.93
N GLY E 335 23.81 3.46 -29.29
CA GLY E 335 22.94 3.13 -30.41
C GLY E 335 23.69 2.84 -31.68
N LEU E 336 24.82 3.51 -31.87
CA LEU E 336 25.65 3.31 -33.06
C LEU E 336 26.00 1.85 -33.25
N ARG E 337 26.47 1.19 -32.19
CA ARG E 337 26.84 -0.22 -32.25
C ARG E 337 25.74 -1.08 -32.82
N SER E 338 24.50 -0.83 -32.41
CA SER E 338 23.37 -1.61 -32.90
C SER E 338 23.20 -1.42 -34.40
N ILE E 339 23.07 -0.17 -34.84
CA ILE E 339 22.86 0.17 -36.23
C ILE E 339 23.91 -0.46 -37.13
N VAL E 340 25.19 -0.28 -36.78
CA VAL E 340 26.27 -0.83 -37.59
C VAL E 340 26.11 -2.34 -37.76
N GLU E 341 25.82 -3.03 -36.67
CA GLU E 341 25.62 -4.48 -36.72
C GLU E 341 24.50 -4.86 -37.68
N ALA E 342 23.35 -4.21 -37.53
CA ALA E 342 22.21 -4.49 -38.39
C ALA E 342 22.50 -4.27 -39.85
N ALA E 343 23.47 -3.42 -40.18
CA ALA E 343 23.84 -3.13 -41.55
C ALA E 343 24.80 -4.15 -42.12
N LEU E 344 25.69 -4.68 -41.29
CA LEU E 344 26.72 -5.63 -41.70
C LEU E 344 26.39 -7.06 -41.33
N LEU E 345 25.19 -7.33 -40.80
CA LEU E 345 24.81 -8.67 -40.42
C LEU E 345 24.95 -9.65 -41.58
N ASP E 346 24.23 -9.37 -42.68
CA ASP E 346 24.29 -10.23 -43.86
C ASP E 346 25.72 -10.44 -44.32
N THR E 347 26.50 -9.36 -44.36
CA THR E 347 27.90 -9.46 -44.77
C THR E 347 28.68 -10.36 -43.83
N MET E 348 28.62 -10.09 -42.53
CA MET E 348 29.35 -10.88 -41.55
C MET E 348 28.93 -12.33 -41.52
N TYR E 349 27.74 -12.65 -42.05
CA TYR E 349 27.27 -14.03 -42.07
C TYR E 349 27.91 -14.84 -43.19
N ASP E 350 28.14 -14.21 -44.35
CA ASP E 350 28.72 -14.88 -45.50
C ASP E 350 30.14 -14.42 -45.82
N LEU E 351 30.78 -13.66 -44.93
CA LEU E 351 32.14 -13.22 -45.22
C LEU E 351 33.16 -14.34 -45.06
N PRO E 352 33.20 -15.10 -43.96
CA PRO E 352 34.19 -16.18 -43.87
C PRO E 352 34.10 -17.18 -44.99
N SER E 353 32.88 -17.58 -45.35
CA SER E 353 32.72 -18.53 -46.45
C SER E 353 33.14 -17.91 -47.77
N MET E 354 32.93 -16.62 -47.93
CA MET E 354 33.34 -15.95 -49.16
C MET E 354 34.85 -15.94 -49.26
N GLU E 355 35.36 -16.09 -50.48
CA GLU E 355 36.78 -16.12 -50.76
C GLU E 355 37.09 -15.18 -51.91
N ASP E 356 38.36 -14.78 -51.98
CA ASP E 356 38.86 -13.88 -53.01
C ASP E 356 38.27 -12.48 -52.89
N VAL E 357 37.85 -12.10 -51.68
CA VAL E 357 37.27 -10.80 -51.40
C VAL E 357 38.29 -9.99 -50.59
N GLU E 358 38.62 -8.80 -51.10
CA GLU E 358 39.60 -7.92 -50.47
C GLU E 358 39.05 -6.61 -49.96
N LYS E 359 37.81 -6.24 -50.28
CA LYS E 359 37.30 -4.96 -49.83
C LYS E 359 35.78 -4.96 -49.75
N VAL E 360 35.28 -4.16 -48.82
CA VAL E 360 33.85 -3.98 -48.57
C VAL E 360 33.60 -2.50 -48.39
N VAL E 361 32.63 -1.97 -49.12
CA VAL E 361 32.28 -0.55 -49.06
C VAL E 361 30.83 -0.43 -48.63
N ILE E 362 30.59 0.44 -47.65
CA ILE E 362 29.26 0.69 -47.11
C ILE E 362 28.86 2.11 -47.50
N ASP E 363 27.84 2.20 -48.34
CA ASP E 363 27.30 3.47 -48.80
C ASP E 363 26.16 3.88 -47.89
N GLU E 364 25.58 5.05 -48.16
CA GLU E 364 24.45 5.51 -47.37
C GLU E 364 23.24 4.61 -47.53
N SER E 365 23.05 4.07 -48.73
CA SER E 365 21.91 3.21 -49.01
C SER E 365 21.89 1.96 -48.13
N VAL E 366 23.06 1.42 -47.81
CA VAL E 366 23.14 0.20 -47.01
C VAL E 366 22.50 0.39 -45.64
N ILE E 367 22.66 1.57 -45.06
CA ILE E 367 22.08 1.84 -43.75
C ILE E 367 20.56 1.82 -43.85
N ASP E 368 20.01 2.45 -44.89
CA ASP E 368 18.57 2.45 -45.06
C ASP E 368 18.04 1.06 -45.38
N GLY E 369 18.88 0.22 -45.99
CA GLY E 369 18.52 -1.14 -46.35
C GLY E 369 18.12 -1.32 -47.80
N GLN E 370 18.03 -0.24 -48.57
CA GLN E 370 17.63 -0.34 -49.96
C GLN E 370 18.63 -1.15 -50.77
N SER E 371 19.92 -0.97 -50.50
CA SER E 371 21.00 -1.64 -51.20
C SER E 371 21.76 -2.58 -50.26
N GLU E 372 22.71 -3.29 -50.84
CA GLU E 372 23.61 -4.20 -50.16
C GLU E 372 25.04 -3.67 -50.26
N PRO E 373 25.92 -3.95 -49.30
CA PRO E 373 27.29 -3.46 -49.39
C PRO E 373 28.01 -3.97 -50.62
N LEU E 374 28.78 -3.07 -51.24
CA LEU E 374 29.55 -3.39 -52.42
C LEU E 374 30.81 -4.17 -52.04
N LEU E 375 31.00 -5.32 -52.66
CA LEU E 375 32.14 -6.18 -52.41
C LEU E 375 33.06 -6.20 -53.63
N ILE E 376 34.37 -6.10 -53.37
CA ILE E 376 35.39 -6.10 -54.40
C ILE E 376 36.13 -7.43 -54.29
N TYR E 377 36.31 -8.09 -55.43
CA TYR E 377 36.97 -9.38 -55.50
C TYR E 377 38.40 -9.22 -55.99
N GLY E 378 39.34 -9.76 -55.23
CA GLY E 378 40.75 -9.68 -55.58
C GLY E 378 41.66 -10.21 -54.49
N LEU F 28 37.47 -22.53 -35.28
CA LEU F 28 36.24 -21.87 -34.90
C LEU F 28 35.23 -22.01 -36.05
N PRO F 29 34.00 -22.45 -35.77
CA PRO F 29 33.03 -22.64 -36.85
C PRO F 29 32.46 -21.35 -37.40
N THR F 30 32.25 -21.33 -38.71
CA THR F 30 31.69 -20.20 -39.39
C THR F 30 30.20 -20.08 -39.08
N PRO F 31 29.61 -18.89 -39.24
CA PRO F 31 28.17 -18.74 -38.97
C PRO F 31 27.32 -19.66 -39.80
N HIS F 32 27.77 -20.02 -41.01
CA HIS F 32 27.02 -20.95 -41.83
C HIS F 32 26.91 -22.30 -41.14
N GLU F 33 28.05 -22.80 -40.66
CA GLU F 33 28.07 -24.07 -39.95
C GLU F 33 27.21 -24.01 -38.70
N ILE F 34 27.24 -22.88 -38.00
CA ILE F 34 26.44 -22.73 -36.79
C ILE F 34 24.95 -22.81 -37.13
N ARG F 35 24.53 -22.17 -38.21
CA ARG F 35 23.14 -22.23 -38.60
C ARG F 35 22.73 -23.65 -38.96
N ASN F 36 23.60 -24.38 -39.64
CA ASN F 36 23.30 -25.76 -39.99
C ASN F 36 23.10 -26.59 -38.73
N HIS F 37 23.96 -26.38 -37.73
CA HIS F 37 23.82 -27.10 -36.48
C HIS F 37 22.55 -26.71 -35.76
N LEU F 38 22.21 -25.42 -35.79
CA LEU F 38 20.99 -24.97 -35.15
C LEU F 38 19.75 -25.47 -35.89
N ASP F 39 19.82 -25.58 -37.21
CA ASP F 39 18.70 -26.08 -37.99
C ASP F 39 18.36 -27.49 -37.58
N ASP F 40 19.38 -28.29 -37.24
CA ASP F 40 19.15 -29.66 -36.82
C ASP F 40 18.31 -29.73 -35.55
N TYR F 41 18.54 -28.82 -34.61
CA TYR F 41 17.84 -28.83 -33.34
C TYR F 41 16.74 -27.79 -33.21
N VAL F 42 16.73 -26.74 -34.03
CA VAL F 42 15.73 -25.68 -33.95
C VAL F 42 15.13 -25.49 -35.32
N ILE F 43 13.80 -25.60 -35.41
CA ILE F 43 13.05 -25.49 -36.65
C ILE F 43 12.13 -24.28 -36.60
N GLY F 44 12.19 -23.43 -37.63
CA GLY F 44 11.25 -22.34 -37.79
C GLY F 44 11.68 -20.93 -37.43
N GLN F 45 12.93 -20.69 -37.04
CA GLN F 45 13.38 -19.33 -36.71
C GLN F 45 14.67 -19.08 -37.48
N GLU F 46 14.53 -18.59 -38.70
CA GLU F 46 15.67 -18.37 -39.59
C GLU F 46 16.45 -17.11 -39.27
N GLN F 47 15.76 -16.00 -39.02
CA GLN F 47 16.47 -14.75 -38.75
C GLN F 47 17.22 -14.80 -37.43
N ALA F 48 16.60 -15.35 -36.39
CA ALA F 48 17.26 -15.42 -35.09
C ALA F 48 18.49 -16.31 -35.16
N LYS F 49 18.41 -17.40 -35.91
CA LYS F 49 19.57 -18.27 -36.07
C LYS F 49 20.71 -17.52 -36.73
N LYS F 50 20.38 -16.67 -37.70
CA LYS F 50 21.37 -15.87 -38.40
C LYS F 50 21.99 -14.83 -37.47
N VAL F 51 21.17 -14.18 -36.66
CA VAL F 51 21.66 -13.15 -35.75
C VAL F 51 22.54 -13.75 -34.67
N LEU F 52 22.15 -14.89 -34.12
CA LEU F 52 22.93 -15.51 -33.05
C LEU F 52 24.23 -16.08 -33.57
N ALA F 53 24.21 -16.63 -34.78
CA ALA F 53 25.44 -17.19 -35.34
C ALA F 53 26.50 -16.13 -35.52
N VAL F 54 26.10 -14.98 -36.05
CA VAL F 54 27.03 -13.89 -36.29
C VAL F 54 27.51 -13.29 -34.97
N ALA F 55 26.59 -13.09 -34.02
CA ALA F 55 26.96 -12.45 -32.76
C ALA F 55 27.94 -13.30 -31.96
N VAL F 56 27.68 -14.60 -31.84
CA VAL F 56 28.60 -15.42 -31.08
C VAL F 56 29.89 -15.65 -31.84
N TYR F 57 29.83 -15.76 -33.16
CA TYR F 57 31.06 -15.97 -33.92
C TYR F 57 31.98 -14.78 -33.75
N ASN F 58 31.43 -13.57 -33.86
CA ASN F 58 32.21 -12.36 -33.68
C ASN F 58 32.71 -12.26 -32.25
N HIS F 59 31.87 -12.60 -31.29
CA HIS F 59 32.26 -12.52 -29.89
C HIS F 59 33.44 -13.42 -29.59
N TYR F 60 33.39 -14.67 -30.05
CA TYR F 60 34.48 -15.59 -29.78
C TYR F 60 35.68 -15.36 -30.70
N LYS F 61 35.49 -14.66 -31.82
CA LYS F 61 36.63 -14.30 -32.64
C LYS F 61 37.46 -13.24 -31.94
N ARG F 62 36.80 -12.34 -31.21
CA ARG F 62 37.49 -11.30 -30.47
C ARG F 62 38.31 -11.90 -29.33
N LEU F 63 37.71 -12.83 -28.59
CA LEU F 63 38.40 -13.47 -27.49
C LEU F 63 39.62 -14.23 -27.97
N ARG F 64 39.48 -14.95 -29.07
CA ARG F 64 40.61 -15.68 -29.62
C ARG F 64 41.71 -14.73 -30.08
N ASN F 65 41.31 -13.60 -30.66
CA ASN F 65 42.28 -12.62 -31.14
C ASN F 65 43.03 -11.97 -29.99
N GLY F 66 42.40 -11.83 -28.84
CA GLY F 66 43.01 -11.18 -27.70
C GLY F 66 42.77 -9.69 -27.63
N ASP F 67 42.00 -9.12 -28.56
CA ASP F 67 41.69 -7.69 -28.59
C ASP F 67 42.94 -6.82 -28.69
N THR F 68 43.98 -7.32 -29.36
CA THR F 68 45.24 -6.60 -29.54
C THR F 68 45.69 -6.65 -30.98
N SER F 69 44.77 -6.42 -31.92
CA SER F 69 45.14 -6.44 -33.33
C SER F 69 46.07 -5.29 -33.67
N ASN F 70 45.61 -4.06 -33.42
CA ASN F 70 46.38 -2.84 -33.68
C ASN F 70 46.24 -1.92 -32.48
N GLY F 71 46.17 -2.48 -31.29
CA GLY F 71 45.96 -1.67 -30.11
C GLY F 71 44.52 -1.29 -29.89
N VAL F 72 43.60 -1.89 -30.62
CA VAL F 72 42.18 -1.60 -30.53
C VAL F 72 41.54 -2.65 -29.64
N GLU F 73 40.86 -2.20 -28.59
CA GLU F 73 40.17 -3.09 -27.67
C GLU F 73 38.78 -3.35 -28.24
N LEU F 74 38.61 -4.53 -28.80
CA LEU F 74 37.33 -4.88 -29.40
C LEU F 74 36.26 -4.96 -28.32
N GLY F 75 35.11 -4.37 -28.61
CA GLY F 75 34.01 -4.33 -27.67
C GLY F 75 33.14 -5.56 -27.71
N LYS F 76 32.13 -5.54 -26.86
CA LYS F 76 31.18 -6.63 -26.72
C LYS F 76 29.78 -6.15 -27.04
N SER F 77 29.07 -6.95 -27.82
CA SER F 77 27.69 -6.69 -28.20
C SER F 77 26.81 -7.79 -27.62
N ASN F 78 25.91 -7.43 -26.71
CA ASN F 78 25.01 -8.39 -26.12
C ASN F 78 23.82 -8.61 -27.03
N ILE F 79 23.04 -9.63 -26.71
CA ILE F 79 21.90 -10.04 -27.52
C ILE F 79 20.62 -9.94 -26.70
N LEU F 80 19.52 -9.66 -27.40
CA LEU F 80 18.19 -9.58 -26.83
C LEU F 80 17.29 -10.43 -27.69
N LEU F 81 16.62 -11.41 -27.08
CA LEU F 81 15.73 -12.32 -27.78
C LEU F 81 14.30 -12.02 -27.39
N ILE F 82 13.50 -11.61 -28.36
CA ILE F 82 12.09 -11.30 -28.15
C ILE F 82 11.30 -12.33 -28.93
N GLY F 83 10.56 -13.16 -28.23
CA GLY F 83 9.74 -14.15 -28.88
C GLY F 83 8.67 -14.66 -27.96
N PRO F 84 7.66 -15.34 -28.51
CA PRO F 84 6.57 -15.85 -27.68
C PRO F 84 6.98 -17.10 -26.93
N THR F 85 6.16 -17.44 -25.94
CA THR F 85 6.42 -18.60 -25.09
C THR F 85 6.43 -19.88 -25.93
N GLY F 86 7.46 -20.70 -25.70
CA GLY F 86 7.62 -21.94 -26.41
C GLY F 86 8.23 -21.81 -27.78
N SER F 87 8.63 -20.61 -28.18
CA SER F 87 9.20 -20.42 -29.51
C SER F 87 10.58 -21.05 -29.66
N GLY F 88 11.35 -21.16 -28.58
CA GLY F 88 12.67 -21.76 -28.63
C GLY F 88 13.82 -20.83 -28.31
N LYS F 89 13.59 -19.83 -27.47
CA LYS F 89 14.67 -18.93 -27.10
C LYS F 89 15.74 -19.66 -26.31
N THR F 90 15.33 -20.37 -25.26
CA THR F 90 16.28 -21.10 -24.43
C THR F 90 16.98 -22.20 -25.21
N LEU F 91 16.25 -22.87 -26.09
CA LEU F 91 16.83 -23.94 -26.89
C LEU F 91 17.94 -23.42 -27.79
N LEU F 92 17.75 -22.23 -28.35
CA LEU F 92 18.76 -21.67 -29.25
C LEU F 92 20.06 -21.43 -28.50
N ALA F 93 19.97 -20.81 -27.33
CA ALA F 93 21.17 -20.53 -26.55
C ALA F 93 21.82 -21.81 -26.06
N GLU F 94 21.01 -22.75 -25.58
CA GLU F 94 21.54 -24.02 -25.09
C GLU F 94 22.20 -24.81 -26.20
N THR F 95 21.58 -24.86 -27.38
CA THR F 95 22.15 -25.58 -28.50
C THR F 95 23.42 -24.92 -28.98
N LEU F 96 23.44 -23.59 -28.99
CA LEU F 96 24.63 -22.86 -29.42
C LEU F 96 25.77 -23.11 -28.45
N ALA F 97 25.46 -23.16 -27.16
CA ALA F 97 26.48 -23.42 -26.16
C ALA F 97 27.09 -24.80 -26.32
N ARG F 98 26.28 -25.81 -26.63
CA ARG F 98 26.82 -27.16 -26.77
C ARG F 98 27.66 -27.31 -28.02
N LEU F 99 27.37 -26.53 -29.06
CA LEU F 99 28.17 -26.58 -30.28
C LEU F 99 29.61 -26.23 -29.94
N LEU F 100 29.78 -25.21 -29.13
CA LEU F 100 31.05 -24.73 -28.62
C LEU F 100 31.32 -25.46 -27.30
N ASP F 101 32.54 -25.31 -26.80
CA ASP F 101 32.90 -25.94 -25.54
C ASP F 101 32.65 -25.03 -24.34
N VAL F 102 32.23 -23.78 -24.57
CA VAL F 102 32.02 -22.80 -23.52
C VAL F 102 30.85 -23.13 -22.59
N PRO F 103 30.91 -22.73 -21.32
CA PRO F 103 29.80 -22.98 -20.41
C PRO F 103 28.58 -22.13 -20.74
N PHE F 104 27.45 -22.54 -20.20
CA PHE F 104 26.19 -21.83 -20.37
C PHE F 104 25.36 -21.97 -19.11
N THR F 105 24.82 -20.87 -18.62
CA THR F 105 23.95 -20.84 -17.47
C THR F 105 22.65 -20.15 -17.89
N MET F 106 21.57 -20.47 -17.19
CA MET F 106 20.25 -19.94 -17.48
C MET F 106 19.69 -19.33 -16.20
N ALA F 107 19.75 -18.02 -16.12
CA ALA F 107 19.28 -17.27 -14.97
C ALA F 107 17.85 -16.81 -15.17
N ASP F 108 17.22 -16.40 -14.07
CA ASP F 108 15.85 -15.91 -14.06
C ASP F 108 15.84 -14.53 -13.42
N ALA F 109 15.28 -13.56 -14.13
CA ALA F 109 15.22 -12.19 -13.65
C ALA F 109 14.18 -12.02 -12.55
N THR F 110 13.09 -12.76 -12.59
CA THR F 110 12.03 -12.62 -11.60
C THR F 110 12.55 -12.84 -10.18
N THR F 111 13.49 -13.77 -10.00
CA THR F 111 14.03 -14.04 -8.68
C THR F 111 14.92 -12.92 -8.16
N LEU F 112 15.50 -12.12 -9.04
CA LEU F 112 16.41 -11.07 -8.65
C LEU F 112 15.69 -9.89 -8.01
N THR F 113 16.42 -9.18 -7.15
CA THR F 113 15.90 -8.01 -6.47
C THR F 113 17.03 -7.03 -6.22
N GLU F 114 16.66 -5.81 -5.87
CA GLU F 114 17.62 -4.78 -5.53
C GLU F 114 18.42 -5.18 -4.29
N ALA F 115 19.66 -4.73 -4.24
CA ALA F 115 20.52 -5.04 -3.11
C ALA F 115 19.90 -4.57 -1.79
N GLY F 116 20.05 -5.40 -0.77
CA GLY F 116 19.51 -5.13 0.54
C GLY F 116 18.14 -5.71 0.79
N TYR F 117 17.57 -6.41 -0.19
CA TYR F 117 16.26 -7.03 -0.06
C TYR F 117 16.39 -8.55 -0.07
N VAL F 118 15.32 -9.19 0.40
CA VAL F 118 15.29 -10.64 0.60
C VAL F 118 15.39 -11.44 -0.69
N GLY F 119 14.87 -10.95 -1.80
CA GLY F 119 14.81 -11.75 -3.01
C GLY F 119 16.05 -12.46 -3.53
N GLU F 120 17.07 -11.74 -3.99
CA GLU F 120 18.27 -12.38 -4.50
C GLU F 120 19.28 -11.28 -4.85
N ASP F 121 20.52 -11.71 -5.07
CA ASP F 121 21.61 -10.84 -5.48
C ASP F 121 21.92 -11.14 -6.94
N VAL F 122 22.20 -10.09 -7.70
CA VAL F 122 22.52 -10.25 -9.11
C VAL F 122 23.85 -10.99 -9.30
N GLU F 123 24.78 -10.86 -8.37
CA GLU F 123 26.08 -11.51 -8.50
C GLU F 123 25.99 -13.03 -8.45
N ASN F 124 24.88 -13.59 -7.98
CA ASN F 124 24.74 -15.05 -7.92
C ASN F 124 24.90 -15.68 -9.29
N ILE F 125 24.47 -14.97 -10.34
CA ILE F 125 24.58 -15.44 -11.71
C ILE F 125 26.00 -15.89 -12.03
N ILE F 126 26.98 -15.07 -11.65
CA ILE F 126 28.37 -15.41 -11.92
C ILE F 126 28.78 -16.65 -11.14
N GLN F 127 28.27 -16.80 -9.92
CA GLN F 127 28.60 -17.97 -9.14
C GLN F 127 28.12 -19.24 -9.82
N LYS F 128 26.92 -19.19 -10.40
CA LYS F 128 26.40 -20.35 -11.12
C LYS F 128 27.28 -20.68 -12.32
N LEU F 129 27.74 -19.63 -13.02
CA LEU F 129 28.62 -19.84 -14.17
C LEU F 129 29.89 -20.56 -13.76
N LEU F 130 30.46 -20.17 -12.62
CA LEU F 130 31.69 -20.82 -12.16
C LEU F 130 31.45 -22.29 -11.86
N GLN F 131 30.32 -22.61 -11.22
CA GLN F 131 29.98 -24.00 -10.93
C GLN F 131 30.00 -24.84 -12.20
N LYS F 132 29.51 -24.28 -13.30
CA LYS F 132 29.51 -25.00 -14.57
C LYS F 132 30.92 -25.24 -15.08
N SER F 133 31.83 -24.32 -14.82
CA SER F 133 33.21 -24.41 -15.28
C SER F 133 34.17 -24.89 -14.19
N ASP F 134 33.67 -25.62 -13.20
CA ASP F 134 34.49 -26.14 -12.10
C ASP F 134 35.34 -25.03 -11.47
N TYR F 135 34.73 -23.86 -11.31
CA TYR F 135 35.37 -22.69 -10.72
C TYR F 135 36.65 -22.32 -11.46
N ASP F 136 36.56 -22.27 -12.79
CA ASP F 136 37.66 -21.89 -13.66
C ASP F 136 37.31 -20.50 -14.20
N VAL F 137 38.07 -19.50 -13.76
CA VAL F 137 37.80 -18.12 -14.16
C VAL F 137 37.95 -17.93 -15.66
N GLN F 138 38.95 -18.57 -16.26
CA GLN F 138 39.16 -18.41 -17.69
C GLN F 138 37.96 -18.90 -18.48
N LYS F 139 37.56 -20.15 -18.25
CA LYS F 139 36.40 -20.71 -18.95
C LYS F 139 35.14 -19.90 -18.68
N ALA F 140 35.05 -19.28 -17.50
CA ALA F 140 33.87 -18.49 -17.16
C ALA F 140 33.81 -17.19 -17.96
N GLN F 141 34.93 -16.48 -18.05
CA GLN F 141 34.96 -15.24 -18.81
C GLN F 141 34.67 -15.46 -20.29
N ARG F 142 34.79 -16.70 -20.76
CA ARG F 142 34.50 -17.11 -22.12
C ARG F 142 33.09 -17.70 -22.22
N GLY F 143 32.28 -17.55 -21.17
CA GLY F 143 30.96 -18.15 -21.13
C GLY F 143 29.84 -17.34 -21.74
N ILE F 144 28.64 -17.89 -21.58
CA ILE F 144 27.39 -17.30 -22.04
C ILE F 144 26.40 -17.35 -20.89
N VAL F 145 25.58 -16.30 -20.78
CA VAL F 145 24.58 -16.18 -19.74
C VAL F 145 23.25 -15.83 -20.38
N TYR F 146 22.25 -16.67 -20.15
CA TYR F 146 20.91 -16.44 -20.67
C TYR F 146 20.04 -16.01 -19.50
N ILE F 147 19.56 -14.78 -19.56
CA ILE F 147 18.72 -14.21 -18.52
C ILE F 147 17.30 -14.22 -19.06
N ASP F 148 16.47 -15.11 -18.53
CA ASP F 148 15.10 -15.26 -18.99
C ASP F 148 14.16 -14.36 -18.19
N GLU F 149 12.96 -14.23 -18.73
CA GLU F 149 11.90 -13.41 -18.14
C GLU F 149 12.39 -12.00 -17.84
N ILE F 150 13.11 -11.43 -18.81
CA ILE F 150 13.61 -10.08 -18.66
C ILE F 150 12.49 -9.06 -18.82
N ASP F 151 11.36 -9.48 -19.41
CA ASP F 151 10.21 -8.60 -19.54
C ASP F 151 9.45 -8.44 -18.25
N LYS F 152 9.61 -9.38 -17.31
CA LYS F 152 8.90 -9.33 -16.04
C LYS F 152 9.49 -8.32 -15.07
N ILE F 153 10.66 -7.76 -15.36
CA ILE F 153 11.29 -6.75 -14.52
C ILE F 153 11.07 -5.35 -15.09
N SER F 154 10.09 -5.19 -15.96
CA SER F 154 9.83 -3.91 -16.61
C SER F 154 9.35 -2.88 -15.61
N ARG F 155 9.66 -1.63 -15.91
CA ARG F 155 9.24 -0.51 -15.08
C ARG F 155 7.72 -0.47 -14.99
N LYS F 156 7.23 -0.19 -13.78
CA LYS F 156 5.79 -0.16 -13.55
C LYS F 156 5.17 1.14 -14.10
N THR F 163 8.18 6.00 -4.37
CA THR F 163 8.45 4.67 -3.84
C THR F 163 9.66 4.06 -4.55
N ARG F 164 10.05 2.86 -4.12
CA ARG F 164 11.19 2.14 -4.67
C ARG F 164 10.73 0.85 -5.32
N ASP F 165 11.27 0.57 -6.51
CA ASP F 165 10.95 -0.63 -7.26
C ASP F 165 12.06 -1.64 -6.99
N VAL F 166 11.72 -2.69 -6.25
CA VAL F 166 12.70 -3.72 -5.86
C VAL F 166 12.86 -4.79 -6.93
N SER F 167 11.76 -5.27 -7.51
CA SER F 167 11.79 -6.33 -8.50
C SER F 167 11.71 -5.84 -9.93
N GLY F 168 11.68 -4.53 -10.14
CA GLY F 168 11.59 -3.95 -11.46
C GLY F 168 12.82 -3.15 -11.81
N GLU F 169 12.65 -1.83 -11.84
CA GLU F 169 13.72 -0.90 -12.16
C GLU F 169 14.98 -1.16 -11.35
N GLY F 170 14.84 -1.57 -10.09
CA GLY F 170 16.01 -1.85 -9.27
C GLY F 170 16.89 -2.95 -9.83
N VAL F 171 16.27 -3.98 -10.38
CA VAL F 171 17.04 -5.09 -10.97
C VAL F 171 17.78 -4.61 -12.20
N GLN F 172 17.11 -3.82 -13.03
CA GLN F 172 17.71 -3.33 -14.26
C GLN F 172 18.93 -2.49 -13.98
N GLN F 173 18.82 -1.59 -13.00
CA GLN F 173 19.94 -0.74 -12.61
C GLN F 173 21.14 -1.59 -12.18
N ALA F 174 20.87 -2.70 -11.51
CA ALA F 174 21.95 -3.56 -11.04
C ALA F 174 22.62 -4.33 -12.17
N LEU F 175 21.88 -4.69 -13.20
CA LEU F 175 22.43 -5.45 -14.31
C LEU F 175 23.26 -4.61 -15.26
N LEU F 176 23.09 -3.28 -15.24
CA LEU F 176 23.82 -2.39 -16.14
C LEU F 176 25.32 -2.60 -16.07
N LYS F 177 25.90 -2.41 -14.88
CA LYS F 177 27.34 -2.53 -14.72
C LYS F 177 27.81 -3.95 -14.99
N LEU F 178 26.96 -4.94 -14.71
CA LEU F 178 27.33 -6.33 -14.94
C LEU F 178 27.52 -6.60 -16.43
N ILE F 179 26.56 -6.18 -17.24
CA ILE F 179 26.61 -6.43 -18.68
C ILE F 179 27.71 -5.62 -19.34
N GLU F 180 27.85 -4.35 -18.96
CA GLU F 180 28.89 -3.51 -19.55
C GLU F 180 30.27 -4.08 -19.28
N GLY F 181 30.48 -4.60 -18.07
CA GLY F 181 31.73 -5.18 -17.67
C GLY F 181 32.28 -4.62 -16.38
N THR F 182 32.53 -5.51 -15.43
CA THR F 182 33.11 -5.14 -14.15
C THR F 182 33.66 -6.41 -13.51
N VAL F 183 34.32 -6.22 -12.37
CA VAL F 183 34.90 -7.32 -11.61
C VAL F 183 33.92 -7.70 -10.51
N ALA F 184 33.48 -8.96 -10.53
CA ALA F 184 32.55 -9.50 -9.56
C ALA F 184 33.28 -10.44 -8.63
N ALA F 185 33.05 -10.28 -7.33
CA ALA F 185 33.69 -11.11 -6.33
C ALA F 185 32.78 -12.30 -6.04
N VAL F 186 33.33 -13.50 -6.18
CA VAL F 186 32.59 -14.74 -5.95
C VAL F 186 33.33 -15.59 -4.91
N PRO F 187 32.68 -16.10 -3.87
CA PRO F 187 33.40 -16.94 -2.90
C PRO F 187 33.83 -18.25 -3.53
N PRO F 188 35.06 -18.71 -3.32
CA PRO F 188 35.47 -19.98 -3.91
C PRO F 188 34.84 -21.16 -3.20
N GLN F 189 34.59 -22.22 -3.98
CA GLN F 189 33.99 -23.45 -3.49
C GLN F 189 32.73 -23.23 -2.65
N PHE F 199 37.79 -15.13 -2.08
CA PHE F 199 36.96 -14.50 -3.10
C PHE F 199 37.69 -14.50 -4.44
N LEU F 200 36.92 -14.71 -5.50
CA LEU F 200 37.43 -14.78 -6.86
C LEU F 200 36.87 -13.62 -7.68
N GLN F 201 37.74 -12.95 -8.42
CA GLN F 201 37.37 -11.81 -9.23
C GLN F 201 37.10 -12.27 -10.66
N VAL F 202 35.88 -12.05 -11.13
CA VAL F 202 35.46 -12.44 -12.46
C VAL F 202 35.10 -11.19 -13.24
N ASP F 203 35.68 -11.07 -14.43
CA ASP F 203 35.43 -9.94 -15.31
C ASP F 203 34.30 -10.29 -16.27
N THR F 204 33.25 -9.48 -16.27
CA THR F 204 32.09 -9.69 -17.13
C THR F 204 32.19 -8.89 -18.42
N SER F 205 33.31 -8.21 -18.66
CA SER F 205 33.46 -7.46 -19.89
C SER F 205 33.50 -8.39 -21.09
N LYS F 206 34.03 -9.59 -20.91
CA LYS F 206 34.11 -10.58 -21.97
C LYS F 206 32.92 -11.52 -22.00
N ILE F 207 32.24 -11.73 -20.87
CA ILE F 207 31.10 -12.64 -20.83
C ILE F 207 29.98 -12.09 -21.69
N LEU F 208 29.31 -12.99 -22.39
CA LEU F 208 28.21 -12.65 -23.29
C LEU F 208 26.88 -12.93 -22.62
N PHE F 209 26.02 -11.92 -22.62
CA PHE F 209 24.71 -12.00 -22.00
C PHE F 209 23.64 -11.99 -23.08
N ILE F 210 22.69 -12.90 -22.95
CA ILE F 210 21.59 -13.05 -23.89
C ILE F 210 20.35 -12.90 -23.03
N CYS F 211 19.76 -11.72 -23.02
CA CYS F 211 18.57 -11.46 -22.23
C CYS F 211 17.37 -11.76 -23.11
N GLY F 212 16.67 -12.83 -22.78
CA GLY F 212 15.51 -13.28 -23.51
C GLY F 212 14.25 -13.00 -22.71
N GLY F 213 13.21 -12.59 -23.40
CA GLY F 213 11.95 -12.31 -22.75
C GLY F 213 10.77 -12.56 -23.64
N ALA F 214 9.68 -12.98 -23.04
CA ALA F 214 8.44 -13.26 -23.74
C ALA F 214 7.56 -12.02 -23.63
N PHE F 215 8.05 -10.96 -24.26
CA PHE F 215 7.36 -9.68 -24.24
C PHE F 215 5.94 -9.82 -24.73
N ALA F 216 5.00 -9.56 -23.84
CA ALA F 216 3.58 -9.63 -24.10
C ALA F 216 3.04 -8.22 -24.02
N GLY F 217 2.42 -7.76 -25.11
CA GLY F 217 1.92 -6.42 -25.22
C GLY F 217 2.73 -5.56 -26.15
N LEU F 218 3.97 -5.99 -26.46
CA LEU F 218 4.82 -5.23 -27.35
C LEU F 218 4.23 -5.18 -28.76
N ASP F 219 3.54 -6.23 -29.18
CA ASP F 219 2.92 -6.22 -30.50
C ASP F 219 1.90 -5.10 -30.60
N LYS F 220 1.11 -4.90 -29.54
CA LYS F 220 0.15 -3.81 -29.53
C LYS F 220 0.86 -2.48 -29.65
N VAL F 221 1.99 -2.34 -28.95
CA VAL F 221 2.77 -1.11 -28.99
C VAL F 221 3.27 -0.85 -30.40
N ILE F 222 3.86 -1.87 -31.01
CA ILE F 222 4.40 -1.73 -32.36
C ILE F 222 3.30 -1.42 -33.36
N SER F 223 2.19 -2.15 -33.27
CA SER F 223 1.09 -1.93 -34.20
C SER F 223 0.52 -0.53 -34.06
N HIS F 224 0.61 0.05 -32.87
CA HIS F 224 0.15 1.41 -32.64
C HIS F 224 1.05 2.42 -33.32
N ARG F 225 2.32 2.06 -33.53
CA ARG F 225 3.30 2.96 -34.12
C ARG F 225 3.60 2.71 -35.59
N VAL F 226 3.38 1.49 -36.10
CA VAL F 226 3.72 1.18 -37.49
C VAL F 226 2.57 0.52 -38.26
N GLU F 227 1.47 0.20 -37.57
CA GLU F 227 0.32 -0.43 -38.21
C GLU F 227 -0.88 0.50 -38.08
N THR F 228 -1.87 0.25 -38.92
CA THR F 228 -3.08 1.06 -38.90
C THR F 228 -3.73 0.99 -37.52
N GLY F 229 -4.10 2.16 -37.01
CA GLY F 229 -4.76 2.26 -35.72
C GLY F 229 -6.17 1.68 -35.81
N SER F 230 -6.94 1.98 -34.77
CA SER F 230 -8.33 1.54 -34.70
C SER F 230 -8.48 0.02 -34.75
N GLY F 231 -7.92 -0.65 -33.74
CA GLY F 231 -8.06 -2.08 -33.62
C GLY F 231 -9.41 -2.54 -33.09
N ILE F 232 -10.31 -1.61 -32.76
CA ILE F 232 -11.65 -1.89 -32.29
C ILE F 232 -12.63 -1.15 -33.19
N GLY F 233 -13.71 -1.81 -33.57
CA GLY F 233 -14.74 -1.22 -34.40
C GLY F 233 -15.17 -2.14 -35.51
N PHE F 234 -16.15 -1.67 -36.28
CA PHE F 234 -16.65 -2.44 -37.40
C PHE F 234 -15.58 -2.61 -38.46
N GLY F 235 -14.97 -1.51 -38.89
CA GLY F 235 -13.94 -1.56 -39.91
C GLY F 235 -12.63 -2.15 -39.43
N ALA F 236 -12.38 -2.11 -38.13
CA ALA F 236 -11.14 -2.61 -37.56
C ALA F 236 -10.92 -4.08 -37.89
N THR F 237 -9.64 -4.44 -38.01
CA THR F 237 -9.25 -5.81 -38.25
C THR F 237 -9.31 -6.59 -36.94
N VAL F 238 -9.52 -7.89 -37.04
CA VAL F 238 -9.64 -8.75 -35.87
C VAL F 238 -8.89 -10.06 -36.11
N LYS F 239 -8.56 -10.73 -35.01
CA LYS F 239 -7.88 -12.01 -35.08
C LYS F 239 -8.75 -13.05 -35.76
N ALA F 240 -8.13 -13.92 -36.55
CA ALA F 240 -8.83 -14.98 -37.26
C ALA F 240 -7.97 -16.23 -37.33
N ALA F 245 -0.60 -18.61 -34.99
CA ALA F 245 -0.68 -17.22 -35.42
C ALA F 245 0.67 -16.74 -35.93
N SER F 246 0.68 -15.63 -36.66
CA SER F 246 1.90 -15.05 -37.21
C SER F 246 1.99 -13.57 -36.84
N GLU F 247 2.59 -13.29 -35.69
CA GLU F 247 2.83 -11.95 -35.19
C GLU F 247 4.31 -11.60 -35.20
N GLY F 248 5.15 -12.45 -35.78
CA GLY F 248 6.58 -12.15 -35.85
C GLY F 248 6.88 -10.98 -36.74
N GLU F 249 6.15 -10.85 -37.86
CA GLU F 249 6.35 -9.74 -38.76
C GLU F 249 6.13 -8.43 -38.04
N LEU F 250 5.18 -8.41 -37.10
CA LEU F 250 4.94 -7.22 -36.30
C LEU F 250 6.08 -6.99 -35.31
N LEU F 251 6.69 -8.07 -34.81
CA LEU F 251 7.80 -7.95 -33.88
C LEU F 251 9.13 -7.74 -34.58
N ALA F 252 9.20 -7.89 -35.89
CA ALA F 252 10.45 -7.69 -36.60
C ALA F 252 10.71 -6.23 -36.92
N GLN F 253 9.79 -5.35 -36.55
CA GLN F 253 9.93 -3.91 -36.73
C GLN F 253 10.15 -3.22 -35.39
N VAL F 254 10.63 -3.97 -34.39
CA VAL F 254 10.84 -3.42 -33.06
C VAL F 254 12.03 -2.48 -33.06
N GLU F 255 11.88 -1.38 -32.35
CA GLU F 255 12.91 -0.38 -32.16
C GLU F 255 12.94 -0.05 -30.69
N PRO F 256 14.01 0.58 -30.20
CA PRO F 256 14.07 0.89 -28.77
C PRO F 256 12.92 1.70 -28.25
N GLU F 257 12.35 2.60 -29.05
CA GLU F 257 11.23 3.41 -28.60
C GLU F 257 10.09 2.55 -28.11
N ASP F 258 9.86 1.41 -28.78
CA ASP F 258 8.82 0.49 -28.36
C ASP F 258 9.15 -0.11 -27.00
N LEU F 259 10.41 -0.48 -26.79
CA LEU F 259 10.83 -1.08 -25.54
C LEU F 259 10.70 -0.09 -24.38
N ILE F 260 10.98 1.19 -24.64
CA ILE F 260 10.83 2.20 -23.59
C ILE F 260 9.39 2.23 -23.11
N LYS F 261 8.45 2.22 -24.07
CA LYS F 261 7.04 2.19 -23.70
C LYS F 261 6.71 0.94 -22.93
N PHE F 262 7.39 -0.17 -23.22
CA PHE F 262 7.17 -1.40 -22.49
C PHE F 262 7.59 -1.23 -21.04
N GLY F 263 8.66 -0.48 -20.81
CA GLY F 263 9.14 -0.19 -19.48
C GLY F 263 10.63 -0.38 -19.27
N LEU F 264 11.38 -0.70 -20.32
CA LEU F 264 12.81 -0.88 -20.18
C LEU F 264 13.52 0.46 -20.16
N ILE F 265 14.52 0.58 -19.30
CA ILE F 265 15.30 1.80 -19.15
C ILE F 265 16.06 2.05 -20.45
N PRO F 266 16.29 3.31 -20.83
CA PRO F 266 17.08 3.55 -22.05
C PRO F 266 18.47 2.96 -22.00
N GLU F 267 19.18 3.15 -20.89
CA GLU F 267 20.54 2.63 -20.79
C GLU F 267 20.58 1.12 -20.83
N PHE F 268 19.58 0.44 -20.26
CA PHE F 268 19.57 -1.01 -20.29
C PHE F 268 19.51 -1.53 -21.72
N ILE F 269 18.74 -0.86 -22.57
CA ILE F 269 18.63 -1.30 -23.96
C ILE F 269 19.94 -1.08 -24.69
N GLY F 270 20.63 0.01 -24.38
CA GLY F 270 21.91 0.28 -25.01
C GLY F 270 22.90 -0.84 -24.79
N ARG F 271 22.85 -1.47 -23.61
CA ARG F 271 23.72 -2.59 -23.33
C ARG F 271 23.39 -3.77 -24.24
N LEU F 272 22.16 -3.84 -24.73
CA LEU F 272 21.66 -4.89 -25.59
C LEU F 272 21.40 -4.34 -26.99
N PRO F 273 22.42 -4.23 -27.84
CA PRO F 273 22.24 -3.68 -29.17
C PRO F 273 21.77 -4.64 -30.25
N VAL F 274 21.82 -5.94 -30.00
CA VAL F 274 21.40 -6.94 -30.97
C VAL F 274 20.04 -7.43 -30.55
N VAL F 275 19.07 -7.31 -31.45
CA VAL F 275 17.69 -7.71 -31.21
C VAL F 275 17.33 -8.80 -32.21
N ALA F 276 17.15 -10.01 -31.70
CA ALA F 276 16.76 -11.16 -32.47
C ALA F 276 15.32 -11.46 -32.14
N THR F 277 14.51 -11.72 -33.15
CA THR F 277 13.09 -11.97 -32.97
C THR F 277 12.67 -13.32 -33.50
N LEU F 278 11.95 -14.05 -32.67
CA LEU F 278 11.39 -15.36 -32.99
C LEU F 278 9.92 -15.14 -33.28
N ASN F 279 9.45 -15.63 -34.42
CA ASN F 279 8.07 -15.27 -34.76
C ASN F 279 6.97 -15.96 -33.95
N GLU F 280 6.81 -17.27 -34.08
CA GLU F 280 5.81 -18.02 -33.31
C GLU F 280 5.93 -19.48 -33.73
N LEU F 281 5.31 -20.35 -32.94
CA LEU F 281 5.25 -21.78 -33.23
C LEU F 281 3.82 -22.13 -33.64
N SER F 282 3.64 -22.51 -34.91
CA SER F 282 2.34 -22.87 -35.46
C SER F 282 2.18 -24.39 -35.54
N GLU F 283 1.01 -24.82 -36.00
CA GLU F 283 0.74 -26.25 -36.12
C GLU F 283 1.68 -26.91 -37.13
N GLU F 284 1.96 -26.24 -38.23
CA GLU F 284 2.86 -26.80 -39.22
C GLU F 284 4.26 -26.93 -38.64
N ALA F 285 4.71 -25.90 -37.91
CA ALA F 285 6.02 -25.97 -37.26
C ALA F 285 6.06 -27.11 -36.26
N LEU F 286 4.97 -27.29 -35.51
CA LEU F 286 4.89 -28.36 -34.53
C LEU F 286 5.04 -29.72 -35.19
N ILE F 287 4.53 -29.87 -36.40
CA ILE F 287 4.66 -31.12 -37.13
C ILE F 287 6.11 -31.37 -37.50
N GLN F 288 6.81 -30.33 -37.95
CA GLN F 288 8.21 -30.47 -38.33
C GLN F 288 9.06 -30.86 -37.14
N ILE F 289 8.70 -30.36 -35.95
CA ILE F 289 9.45 -30.68 -34.74
C ILE F 289 9.43 -32.17 -34.48
N LEU F 290 8.34 -32.83 -34.84
CA LEU F 290 8.21 -34.26 -34.62
C LEU F 290 9.00 -35.10 -35.61
N LYS F 291 9.37 -34.57 -36.77
CA LYS F 291 10.07 -35.34 -37.79
C LYS F 291 11.49 -34.88 -38.11
N GLU F 292 11.70 -33.61 -38.41
CA GLU F 292 13.01 -33.14 -38.86
C GLU F 292 14.15 -33.14 -37.83
N PRO F 293 13.93 -32.71 -36.59
CA PRO F 293 15.05 -32.64 -35.65
C PRO F 293 15.72 -33.97 -35.35
N LYS F 294 17.01 -33.88 -34.99
CA LYS F 294 17.79 -35.05 -34.64
C LYS F 294 17.28 -35.72 -33.38
N ASN F 295 16.68 -34.94 -32.48
CA ASN F 295 16.14 -35.45 -31.22
C ASN F 295 14.62 -35.48 -31.27
N ALA F 296 14.07 -35.65 -32.46
CA ALA F 296 12.63 -35.69 -32.64
C ALA F 296 12.03 -36.86 -31.88
N LEU F 297 10.82 -36.63 -31.36
CA LEU F 297 10.12 -37.67 -30.62
C LEU F 297 9.89 -38.89 -31.48
N THR F 298 9.49 -38.70 -32.74
CA THR F 298 9.25 -39.82 -33.63
C THR F 298 10.54 -40.59 -33.89
N LYS F 299 11.65 -39.86 -34.07
CA LYS F 299 12.94 -40.51 -34.30
C LYS F 299 13.41 -41.27 -33.07
N GLN F 300 13.11 -40.75 -31.89
CA GLN F 300 13.52 -41.43 -30.67
C GLN F 300 12.78 -42.75 -30.49
N TYR F 301 11.46 -42.73 -30.63
CA TYR F 301 10.69 -43.95 -30.46
C TYR F 301 10.94 -44.92 -31.60
N GLN F 302 11.18 -44.42 -32.81
CA GLN F 302 11.48 -45.31 -33.92
C GLN F 302 12.73 -46.11 -33.64
N ALA F 303 13.76 -45.45 -33.11
CA ALA F 303 15.00 -46.14 -32.76
C ALA F 303 14.78 -47.10 -31.61
N LEU F 304 13.98 -46.69 -30.63
CA LEU F 304 13.68 -47.54 -29.49
C LEU F 304 12.95 -48.79 -29.94
N PHE F 305 12.00 -48.64 -30.86
CA PHE F 305 11.27 -49.78 -31.38
C PHE F 305 12.13 -50.57 -32.36
N ASN F 306 13.00 -49.89 -33.13
CA ASN F 306 13.84 -50.56 -34.11
C ASN F 306 14.74 -51.61 -33.48
N LEU F 307 15.37 -51.28 -32.36
CA LEU F 307 16.25 -52.24 -31.70
C LEU F 307 15.45 -53.44 -31.20
N GLU F 308 14.20 -53.21 -30.79
CA GLU F 308 13.35 -54.31 -30.35
C GLU F 308 13.08 -55.28 -31.50
N GLY F 309 13.08 -54.78 -32.73
CA GLY F 309 12.80 -55.55 -33.93
C GLY F 309 11.52 -55.14 -34.61
N VAL F 310 10.74 -54.25 -34.01
CA VAL F 310 9.48 -53.76 -34.55
C VAL F 310 9.74 -52.39 -35.15
N ASP F 311 9.32 -52.19 -36.39
CA ASP F 311 9.51 -50.92 -37.09
C ASP F 311 8.27 -50.06 -36.94
N LEU F 312 8.41 -48.95 -36.23
CA LEU F 312 7.30 -48.02 -36.01
C LEU F 312 7.08 -47.16 -37.24
N GLU F 313 5.84 -46.70 -37.40
CA GLU F 313 5.50 -45.86 -38.55
C GLU F 313 4.31 -44.96 -38.21
N PHE F 314 4.59 -43.68 -38.01
CA PHE F 314 3.54 -42.71 -37.76
C PHE F 314 2.86 -42.35 -39.06
N ARG F 315 1.63 -41.85 -38.94
CA ARG F 315 0.83 -41.43 -40.08
C ARG F 315 0.91 -39.91 -40.17
N ASP F 316 0.79 -39.40 -41.40
CA ASP F 316 0.91 -37.95 -41.60
C ASP F 316 -0.26 -37.18 -40.99
N GLU F 317 -1.36 -37.85 -40.64
CA GLU F 317 -2.49 -37.20 -40.00
C GLU F 317 -2.43 -37.33 -38.49
N ALA F 318 -1.79 -38.38 -37.98
CA ALA F 318 -1.65 -38.55 -36.55
C ALA F 318 -0.87 -37.40 -35.95
N LEU F 319 0.19 -36.99 -36.64
CA LEU F 319 1.01 -35.88 -36.18
C LEU F 319 0.18 -34.61 -36.09
N ASP F 320 -0.70 -34.38 -37.06
CA ASP F 320 -1.56 -33.20 -37.02
C ASP F 320 -2.49 -33.27 -35.82
N ALA F 321 -2.96 -34.48 -35.47
CA ALA F 321 -3.82 -34.63 -34.31
C ALA F 321 -3.07 -34.29 -33.05
N ILE F 322 -1.81 -34.73 -32.95
CA ILE F 322 -0.99 -34.43 -31.78
C ILE F 322 -0.77 -32.93 -31.70
N ALA F 323 -0.49 -32.31 -32.85
CA ALA F 323 -0.27 -30.87 -32.89
C ALA F 323 -1.51 -30.10 -32.47
N LYS F 324 -2.69 -30.57 -32.87
CA LYS F 324 -3.91 -29.89 -32.49
C LYS F 324 -4.16 -30.02 -31.00
N LYS F 325 -3.77 -31.15 -30.41
CA LYS F 325 -3.91 -31.32 -28.97
C LYS F 325 -2.98 -30.35 -28.24
N ALA F 326 -1.75 -30.22 -28.72
CA ALA F 326 -0.78 -29.31 -28.12
C ALA F 326 -1.20 -27.87 -28.31
N MET F 327 -1.96 -27.56 -29.35
CA MET F 327 -2.47 -26.22 -29.52
C MET F 327 -3.69 -25.99 -28.64
N ALA F 328 -4.55 -27.01 -28.52
CA ALA F 328 -5.73 -26.91 -27.68
C ALA F 328 -5.36 -26.60 -26.25
N ARG F 329 -4.39 -27.34 -25.71
CA ARG F 329 -3.85 -27.13 -24.38
C ARG F 329 -2.51 -26.45 -24.61
N LYS F 330 -2.33 -25.25 -24.06
CA LYS F 330 -1.12 -24.51 -24.42
C LYS F 330 0.09 -25.12 -23.73
N THR F 331 0.61 -26.14 -24.41
CA THR F 331 1.81 -26.89 -24.06
C THR F 331 2.63 -27.09 -25.32
N GLY F 332 2.63 -26.07 -26.19
CA GLY F 332 3.33 -26.12 -27.47
C GLY F 332 4.78 -26.54 -27.40
N ALA F 333 5.06 -27.70 -27.99
CA ALA F 333 6.37 -28.33 -28.08
C ALA F 333 6.83 -28.93 -26.76
N ARG F 334 6.07 -28.77 -25.68
CA ARG F 334 6.37 -29.32 -24.37
C ARG F 334 5.53 -30.55 -24.09
N GLY F 335 4.26 -30.52 -24.48
CA GLY F 335 3.33 -31.59 -24.28
C GLY F 335 3.31 -32.63 -25.37
N LEU F 336 4.14 -32.48 -26.40
CA LEU F 336 4.19 -33.49 -27.45
C LEU F 336 4.69 -34.81 -26.89
N ARG F 337 5.68 -34.74 -26.00
CA ARG F 337 6.21 -35.95 -25.39
C ARG F 337 5.15 -36.66 -24.58
N SER F 338 4.39 -35.90 -23.78
CA SER F 338 3.34 -36.48 -22.97
C SER F 338 2.27 -37.14 -23.82
N ILE F 339 1.87 -36.48 -24.90
CA ILE F 339 0.84 -37.02 -25.77
C ILE F 339 1.30 -38.30 -26.45
N VAL F 340 2.54 -38.30 -26.93
CA VAL F 340 3.08 -39.47 -27.60
C VAL F 340 3.25 -40.62 -26.61
N GLU F 341 3.69 -40.30 -25.40
CA GLU F 341 3.89 -41.35 -24.39
C GLU F 341 2.57 -41.97 -23.97
N ALA F 342 1.53 -41.16 -23.80
CA ALA F 342 0.24 -41.66 -23.40
C ALA F 342 -0.37 -42.57 -24.46
N ALA F 343 0.03 -42.41 -25.72
CA ALA F 343 -0.46 -43.22 -26.81
C ALA F 343 0.32 -44.51 -26.99
N LEU F 344 1.62 -44.48 -26.70
CA LEU F 344 2.49 -45.63 -26.85
C LEU F 344 2.82 -46.33 -25.54
N LEU F 345 2.27 -45.89 -24.42
CA LEU F 345 2.56 -46.54 -23.14
C LEU F 345 2.07 -47.99 -23.15
N ASP F 346 0.78 -48.17 -23.44
CA ASP F 346 0.20 -49.51 -23.49
C ASP F 346 0.92 -50.37 -24.52
N THR F 347 1.23 -49.79 -25.68
CA THR F 347 1.91 -50.54 -26.72
C THR F 347 3.31 -50.95 -26.30
N MET F 348 4.06 -50.05 -25.66
CA MET F 348 5.42 -50.38 -25.24
C MET F 348 5.41 -51.45 -24.16
N TYR F 349 4.38 -51.44 -23.31
CA TYR F 349 4.28 -52.44 -22.26
C TYR F 349 4.01 -53.83 -22.82
N ASP F 350 3.18 -53.91 -23.86
CA ASP F 350 2.80 -55.18 -24.47
C ASP F 350 3.57 -55.53 -25.74
N LEU F 351 4.56 -54.72 -26.15
CA LEU F 351 5.29 -55.04 -27.37
C LEU F 351 6.32 -56.16 -27.20
N PRO F 352 7.12 -56.18 -26.12
CA PRO F 352 8.09 -57.28 -25.99
C PRO F 352 7.42 -58.63 -25.83
N SER F 353 6.32 -58.69 -25.08
CA SER F 353 5.61 -59.94 -24.90
C SER F 353 5.20 -60.54 -26.24
N MET F 354 4.65 -59.71 -27.13
CA MET F 354 4.25 -60.19 -28.43
C MET F 354 5.47 -60.57 -29.25
N GLU F 355 5.29 -61.57 -30.10
CA GLU F 355 6.36 -62.09 -30.96
C GLU F 355 5.90 -62.07 -32.42
N ASP F 356 6.89 -62.13 -33.30
CA ASP F 356 6.65 -62.13 -34.75
C ASP F 356 5.90 -60.88 -35.20
N VAL F 357 6.21 -59.74 -34.57
CA VAL F 357 5.61 -58.45 -34.89
C VAL F 357 6.68 -57.59 -35.53
N GLU F 358 6.38 -57.07 -36.73
CA GLU F 358 7.31 -56.26 -37.50
C GLU F 358 6.88 -54.83 -37.76
N LYS F 359 5.64 -54.46 -37.49
CA LYS F 359 5.20 -53.10 -37.77
C LYS F 359 4.14 -52.64 -36.79
N VAL F 360 4.07 -51.32 -36.62
CA VAL F 360 3.10 -50.64 -35.76
C VAL F 360 2.68 -49.38 -36.51
N VAL F 361 1.39 -49.06 -36.48
CA VAL F 361 0.87 -47.89 -37.16
C VAL F 361 -0.04 -47.14 -36.19
N ILE F 362 0.28 -45.87 -35.96
CA ILE F 362 -0.48 -45.00 -35.08
C ILE F 362 -1.35 -44.11 -35.96
N ASP F 363 -2.64 -44.35 -35.94
CA ASP F 363 -3.58 -43.58 -36.72
C ASP F 363 -4.07 -42.37 -35.93
N GLU F 364 -4.79 -41.49 -36.62
CA GLU F 364 -5.32 -40.30 -35.96
C GLU F 364 -6.34 -40.64 -34.89
N SER F 365 -7.01 -41.80 -34.99
CA SER F 365 -7.98 -42.18 -33.99
C SER F 365 -7.29 -42.66 -32.71
N VAL F 366 -6.14 -43.31 -32.85
CA VAL F 366 -5.40 -43.79 -31.69
C VAL F 366 -5.00 -42.64 -30.80
N ILE F 367 -4.65 -41.51 -31.40
CA ILE F 367 -4.25 -40.33 -30.63
C ILE F 367 -5.39 -39.87 -29.73
N ASP F 368 -6.62 -39.98 -30.20
CA ASP F 368 -7.77 -39.57 -29.39
C ASP F 368 -8.17 -40.63 -28.37
N GLY F 369 -7.53 -41.80 -28.38
CA GLY F 369 -7.87 -42.84 -27.42
C GLY F 369 -9.08 -43.66 -27.79
N GLN F 370 -9.61 -43.50 -29.01
CA GLN F 370 -10.79 -44.22 -29.44
C GLN F 370 -10.45 -45.53 -30.16
N SER F 371 -9.16 -45.78 -30.36
CA SER F 371 -8.71 -46.99 -31.05
C SER F 371 -7.33 -47.43 -30.57
N GLU F 372 -6.97 -48.66 -30.91
CA GLU F 372 -5.69 -49.24 -30.54
C GLU F 372 -4.77 -49.26 -31.76
N PRO F 373 -3.46 -49.02 -31.56
CA PRO F 373 -2.60 -49.01 -32.75
C PRO F 373 -2.55 -50.35 -33.46
N LEU F 374 -2.57 -50.29 -34.79
CA LEU F 374 -2.54 -51.47 -35.63
C LEU F 374 -1.21 -52.20 -35.50
N LEU F 375 -1.27 -53.52 -35.49
CA LEU F 375 -0.09 -54.37 -35.37
C LEU F 375 -0.07 -55.33 -36.55
N ILE F 376 1.10 -55.46 -37.19
CA ILE F 376 1.30 -56.34 -38.32
C ILE F 376 2.24 -57.45 -37.88
N TYR F 377 1.86 -58.68 -38.17
CA TYR F 377 2.64 -59.85 -37.78
C TYR F 377 3.35 -60.48 -38.97
N LEU G 1 -18.82 22.36 -16.33
CA LEU G 1 -17.55 21.65 -16.27
C LEU G 1 -16.40 22.62 -16.03
N VAL G 2 -15.39 22.15 -15.30
CA VAL G 2 -14.21 22.94 -14.97
C VAL G 2 -12.96 22.17 -15.41
N PRO G 3 -12.03 22.78 -16.16
CA PRO G 3 -10.84 22.04 -16.57
C PRO G 3 -9.90 21.73 -15.42
N MET G 4 -9.27 20.56 -15.53
CA MET G 4 -8.32 20.06 -14.53
C MET G 4 -6.90 20.34 -15.01
N VAL G 5 -6.44 21.56 -14.75
CA VAL G 5 -5.11 21.97 -15.14
C VAL G 5 -4.07 21.32 -14.24
N ILE G 6 -2.90 21.07 -14.80
CA ILE G 6 -1.79 20.45 -14.10
C ILE G 6 -0.75 21.49 -13.74
N GLU G 7 -0.24 21.42 -12.52
CA GLU G 7 0.80 22.30 -12.02
C GLU G 7 2.10 21.51 -11.98
N GLN G 8 3.13 22.02 -12.63
CA GLN G 8 4.41 21.35 -12.63
C GLN G 8 5.12 21.62 -11.31
N THR G 9 5.79 20.58 -10.79
CA THR G 9 6.53 20.68 -9.54
C THR G 9 7.81 19.87 -9.67
N SER G 10 8.64 19.97 -8.64
CA SER G 10 9.89 19.23 -8.62
C SER G 10 9.62 17.77 -8.30
N ARG G 11 10.00 16.88 -9.21
CA ARG G 11 9.81 15.44 -9.05
C ARG G 11 8.34 15.09 -8.77
N GLY G 12 7.47 15.57 -9.64
CA GLY G 12 6.05 15.29 -9.50
C GLY G 12 5.20 16.33 -10.20
N GLU G 13 3.89 16.07 -10.16
CA GLU G 13 2.90 16.95 -10.75
C GLU G 13 1.67 17.00 -9.84
N ARG G 14 0.94 18.10 -9.92
CA ARG G 14 -0.27 18.31 -9.13
C ARG G 14 -1.41 18.69 -10.06
N SER G 15 -2.42 17.84 -10.14
CA SER G 15 -3.60 18.12 -10.96
C SER G 15 -4.57 18.92 -10.11
N PHE G 16 -4.89 20.12 -10.58
CA PHE G 16 -5.78 21.04 -9.89
C PHE G 16 -6.86 21.53 -10.83
N ASP G 17 -7.93 22.01 -10.21
CA ASP G 17 -9.02 22.62 -10.95
C ASP G 17 -8.59 24.03 -11.33
N ILE G 18 -9.22 24.57 -12.37
CA ILE G 18 -8.86 25.90 -12.83
C ILE G 18 -9.13 26.95 -11.75
N TYR G 19 -10.17 26.77 -10.95
CA TYR G 19 -10.48 27.73 -9.91
C TYR G 19 -9.63 27.55 -8.68
N SER G 20 -8.99 26.39 -8.52
CA SER G 20 -8.11 26.13 -7.40
C SER G 20 -6.68 26.50 -7.73
N ARG G 21 -6.29 26.31 -8.98
CA ARG G 21 -4.95 26.70 -9.41
C ARG G 21 -4.77 28.19 -9.23
N LEU G 22 -5.82 28.94 -9.57
CA LEU G 22 -5.78 30.39 -9.41
C LEU G 22 -5.81 30.77 -7.95
N LEU G 23 -6.54 30.02 -7.13
CA LEU G 23 -6.57 30.28 -5.69
C LEU G 23 -5.17 30.18 -5.12
N LYS G 24 -4.39 29.22 -5.60
CA LYS G 24 -3.01 29.08 -5.16
C LYS G 24 -2.18 30.30 -5.49
N GLU G 25 -2.63 31.12 -6.46
CA GLU G 25 -1.97 32.35 -6.85
C GLU G 25 -2.66 33.57 -6.26
N ARG G 26 -3.45 33.37 -5.21
CA ARG G 26 -4.14 34.46 -4.52
C ARG G 26 -5.10 35.19 -5.44
N VAL G 27 -5.99 34.43 -6.06
CA VAL G 27 -7.01 34.97 -6.95
C VAL G 27 -8.33 34.35 -6.51
N ILE G 28 -9.30 35.19 -6.23
CA ILE G 28 -10.63 34.77 -5.82
C ILE G 28 -11.60 35.29 -6.85
N PHE G 29 -12.64 34.52 -7.12
CA PHE G 29 -13.66 34.86 -8.09
C PHE G 29 -14.98 35.06 -7.37
N LEU G 30 -15.62 36.17 -7.67
CA LEU G 30 -16.90 36.54 -7.09
C LEU G 30 -17.83 36.68 -8.29
N THR G 31 -18.44 35.58 -8.67
CA THR G 31 -19.36 35.51 -9.80
C THR G 31 -20.74 35.14 -9.32
N GLY G 32 -21.74 35.65 -10.02
CA GLY G 32 -23.11 35.37 -9.68
C GLY G 32 -23.60 36.20 -8.53
N GLN G 33 -24.87 35.99 -8.19
CA GLN G 33 -25.49 36.72 -7.10
C GLN G 33 -24.80 36.39 -5.79
N VAL G 34 -24.76 37.39 -4.91
CA VAL G 34 -24.11 37.26 -3.61
C VAL G 34 -25.14 36.70 -2.64
N GLU G 35 -24.94 35.45 -2.23
CA GLU G 35 -25.80 34.75 -1.28
C GLU G 35 -24.98 34.36 -0.06
N ASP G 36 -25.61 33.63 0.86
CA ASP G 36 -24.94 33.24 2.09
C ASP G 36 -23.93 32.13 1.88
N HIS G 37 -24.21 31.19 0.97
CA HIS G 37 -23.30 30.08 0.77
C HIS G 37 -22.02 30.49 0.04
N MET G 38 -22.16 31.19 -1.09
CA MET G 38 -20.97 31.61 -1.82
C MET G 38 -20.14 32.59 -1.00
N ALA G 39 -20.78 33.48 -0.26
CA ALA G 39 -20.04 34.43 0.55
C ALA G 39 -19.24 33.73 1.63
N ASN G 40 -19.86 32.76 2.30
CA ASN G 40 -19.16 31.99 3.31
C ASN G 40 -18.01 31.21 2.70
N LEU G 41 -18.10 30.92 1.41
CA LEU G 41 -17.02 30.23 0.71
C LEU G 41 -15.89 31.19 0.40
N ILE G 42 -16.23 32.38 -0.09
CA ILE G 42 -15.21 33.37 -0.40
C ILE G 42 -14.47 33.78 0.86
N VAL G 43 -15.20 33.90 1.95
CA VAL G 43 -14.61 34.21 3.25
C VAL G 43 -13.54 33.19 3.58
N ALA G 44 -13.87 31.91 3.44
CA ALA G 44 -12.92 30.84 3.74
C ALA G 44 -11.67 30.96 2.90
N GLN G 45 -11.81 31.38 1.65
CA GLN G 45 -10.63 31.54 0.81
C GLN G 45 -9.74 32.65 1.34
N MET G 46 -10.32 33.77 1.77
CA MET G 46 -9.53 34.86 2.33
C MET G 46 -8.76 34.42 3.56
N LEU G 47 -9.47 33.77 4.48
CA LEU G 47 -8.85 33.28 5.71
C LEU G 47 -7.72 32.32 5.40
N PHE G 48 -7.95 31.40 4.48
CA PHE G 48 -6.90 30.45 4.10
C PHE G 48 -5.71 31.18 3.50
N LEU G 49 -5.98 32.10 2.58
CA LEU G 49 -4.92 32.85 1.93
C LEU G 49 -4.16 33.73 2.91
N GLU G 50 -4.88 34.34 3.85
CA GLU G 50 -4.22 35.18 4.85
C GLU G 50 -3.23 34.38 5.66
N ALA G 51 -3.60 33.17 6.06
CA ALA G 51 -2.72 32.34 6.87
C ALA G 51 -1.46 31.96 6.12
N GLU G 52 -1.59 31.66 4.83
CA GLU G 52 -0.41 31.28 4.05
C GLU G 52 0.59 32.42 3.99
N ASN G 53 0.13 33.61 3.60
CA ASN G 53 0.99 34.78 3.49
C ASN G 53 0.16 36.03 3.73
N PRO G 54 0.24 36.64 4.92
CA PRO G 54 -0.53 37.87 5.14
C PRO G 54 0.04 39.08 4.41
N GLU G 55 1.31 39.05 4.02
CA GLU G 55 1.89 40.20 3.33
C GLU G 55 1.38 40.34 1.91
N LYS G 56 1.30 39.23 1.17
CA LYS G 56 0.89 39.28 -0.23
C LYS G 56 -0.55 39.71 -0.38
N ASP G 57 -0.81 40.43 -1.47
CA ASP G 57 -2.14 40.94 -1.78
C ASP G 57 -3.04 39.85 -2.32
N ILE G 58 -4.33 40.00 -2.03
CA ILE G 58 -5.38 39.08 -2.46
C ILE G 58 -6.14 39.74 -3.60
N TYR G 59 -6.19 39.07 -4.73
CA TYR G 59 -6.92 39.55 -5.89
C TYR G 59 -8.31 38.94 -5.89
N LEU G 60 -9.32 39.78 -6.01
CA LEU G 60 -10.72 39.38 -6.01
C LEU G 60 -11.34 39.91 -7.28
N TYR G 61 -11.69 39.02 -8.19
CA TYR G 61 -12.30 39.40 -9.45
C TYR G 61 -13.80 39.44 -9.24
N ILE G 62 -14.43 40.52 -9.69
CA ILE G 62 -15.84 40.76 -9.45
C ILE G 62 -16.59 40.88 -10.75
N ASN G 63 -17.53 39.96 -10.97
CA ASN G 63 -18.44 39.98 -12.11
C ASN G 63 -19.75 39.51 -11.50
N SER G 64 -20.59 40.45 -11.07
CA SER G 64 -21.83 40.07 -10.42
C SER G 64 -22.97 41.06 -10.51
N PRO G 65 -24.22 40.61 -10.61
CA PRO G 65 -25.35 41.56 -10.61
C PRO G 65 -25.87 41.91 -9.22
N GLY G 66 -25.12 41.58 -8.17
CA GLY G 66 -25.53 41.89 -6.81
C GLY G 66 -26.38 40.80 -6.20
N GLY G 67 -26.79 41.05 -4.96
CA GLY G 67 -27.61 40.09 -4.25
C GLY G 67 -27.95 40.50 -2.84
N VAL G 68 -27.94 39.54 -1.92
CA VAL G 68 -28.27 39.82 -0.53
C VAL G 68 -27.21 40.76 0.05
N ILE G 69 -27.63 41.57 1.02
CA ILE G 69 -26.75 42.55 1.62
C ILE G 69 -26.00 41.97 2.81
N THR G 70 -26.66 41.14 3.62
CA THR G 70 -26.01 40.54 4.78
C THR G 70 -24.78 39.76 4.38
N ALA G 71 -24.91 38.93 3.34
CA ALA G 71 -23.78 38.16 2.86
C ALA G 71 -22.64 39.06 2.39
N GLY G 72 -22.98 40.14 1.70
CA GLY G 72 -21.95 41.04 1.22
C GLY G 72 -21.14 41.65 2.34
N MET G 73 -21.79 41.96 3.46
CA MET G 73 -21.06 42.53 4.59
C MET G 73 -20.04 41.55 5.12
N SER G 74 -20.35 40.25 5.08
CA SER G 74 -19.40 39.25 5.55
C SER G 74 -18.12 39.29 4.77
N ILE G 75 -18.23 39.51 3.46
CA ILE G 75 -17.03 39.59 2.63
C ILE G 75 -16.32 40.91 2.89
N TYR G 76 -17.09 41.99 3.06
CA TYR G 76 -16.51 43.30 3.30
C TYR G 76 -15.77 43.33 4.63
N ASP G 77 -16.43 42.90 5.69
CA ASP G 77 -15.81 42.89 7.01
C ASP G 77 -14.55 42.05 7.00
N THR G 78 -14.56 40.96 6.25
CA THR G 78 -13.39 40.10 6.14
C THR G 78 -12.26 40.82 5.42
N MET G 79 -12.58 41.60 4.39
CA MET G 79 -11.55 42.31 3.65
C MET G 79 -10.88 43.37 4.51
N GLN G 80 -11.69 44.13 5.26
CA GLN G 80 -11.15 45.15 6.13
C GLN G 80 -10.53 44.58 7.39
N PHE G 81 -10.82 43.33 7.72
CA PHE G 81 -10.26 42.69 8.89
C PHE G 81 -8.84 42.23 8.65
N ILE G 82 -8.67 41.35 7.65
CA ILE G 82 -7.37 40.77 7.37
C ILE G 82 -6.32 41.83 7.04
N LYS G 83 -5.07 41.47 7.31
CA LYS G 83 -3.95 42.37 7.03
C LYS G 83 -3.71 42.54 5.54
N PRO G 84 -3.63 41.49 4.72
CA PRO G 84 -3.36 41.70 3.29
C PRO G 84 -4.36 42.60 2.59
N ASP G 85 -3.85 43.33 1.61
CA ASP G 85 -4.63 44.26 0.83
C ASP G 85 -5.40 43.50 -0.24
N VAL G 86 -6.72 43.61 -0.21
CA VAL G 86 -7.60 42.91 -1.14
C VAL G 86 -7.79 43.79 -2.37
N SER G 87 -7.11 43.43 -3.45
CA SER G 87 -7.18 44.15 -4.71
C SER G 87 -8.40 43.68 -5.49
N THR G 88 -9.35 44.59 -5.71
CA THR G 88 -10.57 44.26 -6.43
C THR G 88 -10.43 44.61 -7.90
N ILE G 89 -10.94 43.74 -8.74
CA ILE G 89 -10.94 43.90 -10.19
C ILE G 89 -12.35 43.62 -10.68
N CYS G 90 -12.84 44.47 -11.56
CA CYS G 90 -14.18 44.38 -12.11
C CYS G 90 -14.13 43.91 -13.55
N MET G 91 -14.82 42.81 -13.82
CA MET G 91 -14.93 42.23 -15.14
C MET G 91 -16.41 42.15 -15.49
N GLY G 92 -16.80 42.76 -16.58
CA GLY G 92 -18.18 42.68 -16.98
C GLY G 92 -19.08 43.65 -16.23
N GLN G 93 -19.32 43.38 -14.94
CA GLN G 93 -20.17 44.26 -14.16
C GLN G 93 -19.79 44.21 -12.69
N ALA G 94 -20.10 45.29 -12.02
CA ALA G 94 -19.84 45.58 -10.61
C ALA G 94 -21.09 46.14 -9.97
N ALA G 95 -22.22 45.47 -10.16
CA ALA G 95 -23.52 45.94 -9.69
C ALA G 95 -23.49 46.19 -8.18
N SER G 96 -24.58 46.81 -7.71
CA SER G 96 -24.70 47.41 -6.38
C SER G 96 -23.99 46.69 -5.25
N MET G 97 -24.22 45.39 -5.07
CA MET G 97 -23.47 44.73 -4.01
C MET G 97 -22.02 44.55 -4.44
N GLY G 98 -21.80 44.18 -5.70
CA GLY G 98 -20.44 44.06 -6.20
C GLY G 98 -19.69 45.37 -6.14
N ALA G 99 -20.39 46.47 -6.45
CA ALA G 99 -19.77 47.79 -6.42
C ALA G 99 -19.23 48.12 -5.05
N PHE G 100 -20.00 47.84 -4.00
CA PHE G 100 -19.54 48.14 -2.66
C PHE G 100 -18.27 47.35 -2.34
N LEU G 101 -18.20 46.11 -2.81
CA LEU G 101 -17.00 45.31 -2.59
C LEU G 101 -15.87 45.79 -3.48
N LEU G 102 -16.20 46.31 -4.67
CA LEU G 102 -15.17 46.83 -5.56
C LEU G 102 -14.50 48.04 -4.95
N THR G 103 -15.30 49.04 -4.56
CA THR G 103 -14.75 50.23 -3.93
C THR G 103 -14.17 49.94 -2.56
N ALA G 104 -14.54 48.82 -1.94
CA ALA G 104 -14.02 48.46 -0.63
C ALA G 104 -12.62 47.89 -0.70
N GLY G 105 -12.07 47.70 -1.89
CA GLY G 105 -10.73 47.19 -2.01
C GLY G 105 -9.71 48.16 -1.45
N ALA G 106 -8.47 47.70 -1.43
CA ALA G 106 -7.38 48.52 -0.90
C ALA G 106 -7.17 49.73 -1.78
N LYS G 107 -6.96 50.88 -1.14
CA LYS G 107 -6.71 52.12 -1.87
C LYS G 107 -5.50 51.94 -2.77
N GLY G 108 -5.67 52.29 -4.04
CA GLY G 108 -4.63 52.15 -5.02
C GLY G 108 -4.56 50.79 -5.70
N LYS G 109 -5.39 49.84 -5.25
CA LYS G 109 -5.41 48.49 -5.81
C LYS G 109 -6.81 48.09 -6.27
N ARG G 110 -7.64 49.07 -6.63
CA ARG G 110 -8.98 48.83 -7.14
C ARG G 110 -8.92 49.12 -8.62
N PHE G 111 -9.03 48.08 -9.43
CA PHE G 111 -8.93 48.18 -10.87
C PHE G 111 -10.24 47.80 -11.53
N CYS G 112 -10.32 48.16 -12.81
CA CYS G 112 -11.48 47.84 -13.62
C CYS G 112 -11.06 47.82 -15.07
N LEU G 113 -11.63 46.91 -15.82
CA LEU G 113 -11.32 46.79 -17.22
C LEU G 113 -12.01 47.93 -17.98
N PRO G 114 -11.50 48.27 -19.16
CA PRO G 114 -12.08 49.41 -19.90
C PRO G 114 -13.57 49.29 -20.19
N ASN G 115 -14.00 48.20 -20.80
CA ASN G 115 -15.39 48.02 -21.15
C ASN G 115 -16.26 47.56 -19.99
N SER G 116 -15.72 47.55 -18.77
CA SER G 116 -16.50 47.16 -17.61
C SER G 116 -17.47 48.27 -17.24
N ARG G 117 -18.57 47.89 -16.62
CA ARG G 117 -19.59 48.83 -16.19
C ARG G 117 -19.87 48.61 -14.71
N VAL G 118 -20.39 49.66 -14.08
CA VAL G 118 -20.71 49.65 -12.67
C VAL G 118 -22.11 50.24 -12.49
N MET G 119 -22.83 49.71 -11.51
CA MET G 119 -24.18 50.15 -11.21
C MET G 119 -24.35 50.21 -9.70
N ILE G 120 -24.81 51.36 -9.22
CA ILE G 120 -25.03 51.59 -7.80
C ILE G 120 -26.47 52.05 -7.62
N HIS G 121 -27.16 51.46 -6.64
CA HIS G 121 -28.53 51.82 -6.35
C HIS G 121 -28.77 51.57 -4.87
N GLN G 122 -29.87 52.13 -4.37
CA GLN G 122 -30.18 51.98 -2.97
C GLN G 122 -30.65 50.56 -2.69
N PRO G 123 -30.58 50.11 -1.43
CA PRO G 123 -31.04 48.75 -1.11
C PRO G 123 -32.50 48.55 -1.44
N LEU G 124 -32.85 47.29 -1.66
CA LEU G 124 -34.20 46.86 -1.98
C LEU G 124 -34.69 45.92 -0.89
N GLY G 125 -36.00 45.87 -0.72
CA GLY G 125 -36.57 45.02 0.29
C GLY G 125 -38.07 44.99 0.21
N GLY G 126 -38.69 44.54 1.29
CA GLY G 126 -40.12 44.46 1.36
C GLY G 126 -40.57 43.56 2.48
N TYR G 127 -41.81 43.76 2.91
CA TYR G 127 -42.40 42.97 3.98
C TYR G 127 -43.91 42.95 3.81
N GLN G 128 -44.51 41.88 4.32
CA GLN G 128 -45.96 41.69 4.28
C GLN G 128 -46.40 41.26 5.67
N GLY G 129 -47.28 42.04 6.27
CA GLY G 129 -47.76 41.74 7.60
C GLY G 129 -48.40 42.95 8.24
N GLN G 130 -48.40 42.96 9.56
CA GLN G 130 -49.00 44.06 10.31
C GLN G 130 -48.20 45.34 10.11
N ALA G 131 -48.84 46.46 10.45
CA ALA G 131 -48.21 47.76 10.30
C ALA G 131 -47.07 47.94 11.29
N THR G 132 -47.19 47.35 12.49
CA THR G 132 -46.14 47.48 13.48
C THR G 132 -44.85 46.84 12.99
N ASP G 133 -44.92 45.60 12.52
CA ASP G 133 -43.74 44.91 12.02
C ASP G 133 -43.13 45.64 10.83
N ILE G 134 -43.98 46.21 9.97
CA ILE G 134 -43.48 46.91 8.78
C ILE G 134 -42.61 48.09 9.19
N GLU G 135 -42.98 48.79 10.26
CA GLU G 135 -42.19 49.91 10.72
C GLU G 135 -40.80 49.46 11.14
N ILE G 136 -40.72 48.32 11.82
CA ILE G 136 -39.43 47.81 12.29
C ILE G 136 -38.53 47.49 11.10
N HIS G 137 -39.04 46.68 10.16
CA HIS G 137 -38.25 46.32 8.99
C HIS G 137 -37.91 47.54 8.16
N ALA G 138 -38.82 48.51 8.10
CA ALA G 138 -38.56 49.73 7.35
C ALA G 138 -37.43 50.52 7.97
N ARG G 139 -37.41 50.63 9.30
CA ARG G 139 -36.34 51.36 9.96
C ARG G 139 -34.99 50.70 9.73
N GLU G 140 -34.94 49.37 9.75
CA GLU G 140 -33.68 48.66 9.57
C GLU G 140 -33.11 48.87 8.18
N ILE G 141 -33.93 48.69 7.14
CA ILE G 141 -33.46 48.86 5.78
C ILE G 141 -32.96 50.28 5.56
N LEU G 142 -33.54 51.26 6.26
CA LEU G 142 -33.07 52.62 6.13
C LEU G 142 -31.68 52.77 6.74
N LYS G 143 -31.45 52.13 7.89
CA LYS G 143 -30.13 52.19 8.51
C LYS G 143 -29.10 51.54 7.61
N VAL G 144 -29.49 50.47 6.92
CA VAL G 144 -28.58 49.82 5.97
C VAL G 144 -28.23 50.79 4.85
N LYS G 145 -29.25 51.48 4.33
CA LYS G 145 -29.02 52.44 3.25
C LYS G 145 -28.09 53.55 3.74
N GLY G 146 -28.35 54.07 4.94
CA GLY G 146 -27.48 55.10 5.48
C GLY G 146 -26.10 54.55 5.76
N ARG G 147 -26.03 53.36 6.36
CA ARG G 147 -24.75 52.73 6.65
C ARG G 147 -23.97 52.45 5.38
N MET G 148 -24.66 51.93 4.35
CA MET G 148 -24.00 51.63 3.09
C MET G 148 -23.45 52.89 2.44
N ASN G 149 -24.24 53.96 2.46
CA ASN G 149 -23.81 55.22 1.84
C ASN G 149 -22.60 55.79 2.59
N GLU G 150 -22.57 55.64 3.92
CA GLU G 150 -21.44 56.12 4.68
C GLU G 150 -20.17 55.41 4.26
N LEU G 151 -20.25 54.09 4.11
CA LEU G 151 -19.09 53.30 3.70
C LEU G 151 -18.68 53.62 2.28
N MET G 152 -19.66 53.79 1.39
CA MET G 152 -19.35 54.12 0.00
C MET G 152 -18.63 55.46 -0.09
N ALA G 153 -19.08 56.43 0.71
CA ALA G 153 -18.44 57.74 0.71
C ALA G 153 -17.05 57.69 1.31
N LEU G 154 -16.81 56.78 2.25
CA LEU G 154 -15.52 56.69 2.89
C LEU G 154 -14.45 56.18 1.92
N HIS G 155 -14.79 55.19 1.10
CA HIS G 155 -13.82 54.64 0.17
C HIS G 155 -13.69 55.49 -1.08
N THR G 156 -14.81 55.93 -1.65
CA THR G 156 -14.77 56.76 -2.85
C THR G 156 -14.19 58.12 -2.54
N GLY G 157 -14.32 58.59 -1.31
CA GLY G 157 -13.85 59.91 -0.93
C GLY G 157 -14.83 61.02 -1.25
N GLN G 158 -16.02 60.68 -1.75
CA GLN G 158 -17.04 61.66 -2.07
C GLN G 158 -17.79 62.07 -0.80
N SER G 159 -18.64 63.06 -0.95
CA SER G 159 -19.43 63.56 0.17
C SER G 159 -20.66 62.69 0.36
N LEU G 160 -20.99 62.41 1.64
CA LEU G 160 -22.16 61.62 1.98
C LEU G 160 -23.41 62.16 1.28
N GLU G 161 -23.54 63.49 1.21
CA GLU G 161 -24.70 64.09 0.56
C GLU G 161 -24.75 63.73 -0.91
N GLN G 162 -23.59 63.78 -1.58
CA GLN G 162 -23.53 63.45 -3.00
C GLN G 162 -23.92 62.00 -3.23
N ILE G 163 -23.47 61.10 -2.35
CA ILE G 163 -23.76 59.69 -2.51
C ILE G 163 -25.26 59.42 -2.35
N GLU G 164 -25.90 60.05 -1.38
CA GLU G 164 -27.32 59.83 -1.19
C GLU G 164 -28.12 60.30 -2.39
N ARG G 165 -27.76 61.46 -2.95
CA ARG G 165 -28.49 62.01 -4.09
C ARG G 165 -28.32 61.15 -5.34
N ASP G 166 -27.12 60.61 -5.54
CA ASP G 166 -26.84 59.82 -6.73
C ASP G 166 -27.37 58.39 -6.62
N THR G 167 -27.47 57.86 -5.40
CA THR G 167 -27.90 56.48 -5.20
C THR G 167 -29.40 56.32 -5.00
N GLU G 168 -30.19 57.40 -5.08
CA GLU G 168 -31.64 57.27 -4.92
C GLU G 168 -32.21 56.36 -6.00
N ARG G 169 -31.69 56.49 -7.22
CA ARG G 169 -32.12 55.72 -8.37
C ARG G 169 -30.92 55.05 -9.02
N ASP G 170 -31.21 54.04 -9.83
CA ASP G 170 -30.18 53.29 -10.55
C ASP G 170 -29.26 54.22 -11.30
N ARG G 171 -27.98 54.19 -10.95
CA ARG G 171 -26.95 55.01 -11.57
C ARG G 171 -25.90 54.10 -12.16
N PHE G 172 -25.67 54.25 -13.46
CA PHE G 172 -24.69 53.45 -14.18
C PHE G 172 -23.42 54.25 -14.37
N LEU G 173 -22.29 53.53 -14.35
CA LEU G 173 -20.99 54.16 -14.50
C LEU G 173 -20.08 53.23 -15.28
N SER G 174 -19.37 53.80 -16.25
CA SER G 174 -18.40 53.05 -17.02
C SER G 174 -17.07 53.11 -16.28
N ALA G 175 -16.06 52.46 -16.84
CA ALA G 175 -14.74 52.50 -16.21
C ALA G 175 -14.20 53.92 -16.06
N PRO G 176 -14.21 54.78 -17.08
CA PRO G 176 -13.69 56.15 -16.87
C PRO G 176 -14.48 56.94 -15.86
N GLU G 177 -15.81 56.86 -15.91
CA GLU G 177 -16.65 57.59 -14.98
C GLU G 177 -16.37 57.17 -13.54
N ALA G 178 -16.14 55.87 -13.33
CA ALA G 178 -15.89 55.35 -12.00
C ALA G 178 -14.63 55.94 -11.40
N VAL G 179 -13.59 56.12 -12.22
CA VAL G 179 -12.33 56.68 -11.72
C VAL G 179 -12.54 58.07 -11.16
N GLU G 180 -13.30 58.90 -11.89
CA GLU G 180 -13.57 60.24 -11.41
C GLU G 180 -14.44 60.22 -10.16
N TYR G 181 -15.28 59.20 -10.02
CA TYR G 181 -16.14 59.07 -8.86
C TYR G 181 -15.42 58.51 -7.65
N GLY G 182 -14.23 57.94 -7.83
CA GLY G 182 -13.46 57.37 -6.76
C GLY G 182 -13.74 55.92 -6.46
N LEU G 183 -14.64 55.28 -7.22
CA LEU G 183 -14.93 53.87 -6.98
C LEU G 183 -13.72 53.01 -7.28
N VAL G 184 -13.03 53.31 -8.38
CA VAL G 184 -11.86 52.57 -8.81
C VAL G 184 -10.71 53.53 -8.96
N ASP G 185 -9.50 53.01 -8.80
CA ASP G 185 -8.28 53.79 -8.85
C ASP G 185 -7.72 53.96 -10.27
N SER G 186 -7.59 52.86 -11.01
CA SER G 186 -7.03 52.89 -12.34
C SER G 186 -7.69 51.83 -13.20
N ILE G 187 -7.46 51.95 -14.51
CA ILE G 187 -7.98 51.04 -15.51
C ILE G 187 -6.84 50.20 -16.06
N LEU G 188 -7.18 48.98 -16.48
CA LEU G 188 -6.24 48.01 -17.04
C LEU G 188 -6.60 47.78 -18.50
N THR G 189 -5.99 48.54 -19.40
CA THR G 189 -6.26 48.36 -20.83
C THR G 189 -5.44 47.23 -21.40
N HIS G 190 -4.11 47.32 -21.27
CA HIS G 190 -3.18 46.31 -21.77
C HIS G 190 -2.19 45.97 -20.67
N ARG G 191 -1.36 44.97 -20.94
CA ARG G 191 -0.36 44.50 -20.01
C ARG G 191 0.95 45.26 -20.22
N ASN G 192 1.44 45.89 -19.16
CA ASN G 192 2.69 46.65 -19.20
C ASN G 192 3.68 46.06 -18.22
N LEU H 1 -19.34 24.97 -6.47
CA LEU H 1 -18.03 24.33 -6.42
C LEU H 1 -17.27 24.75 -5.17
N VAL H 2 -16.53 23.81 -4.60
CA VAL H 2 -15.73 24.01 -3.41
C VAL H 2 -14.26 23.88 -3.82
N PRO H 3 -13.42 24.89 -3.58
CA PRO H 3 -12.01 24.74 -3.97
C PRO H 3 -11.29 23.72 -3.10
N MET H 4 -10.29 23.08 -3.70
CA MET H 4 -9.48 22.07 -3.04
C MET H 4 -8.11 22.69 -2.78
N VAL H 5 -7.85 22.99 -1.51
CA VAL H 5 -6.61 23.61 -1.08
C VAL H 5 -5.60 22.55 -0.66
N ILE H 6 -4.40 22.65 -1.20
CA ILE H 6 -3.32 21.74 -0.89
C ILE H 6 -2.70 22.14 0.45
N GLU H 7 -2.38 21.15 1.26
CA GLU H 7 -1.76 21.36 2.56
C GLU H 7 -0.38 20.73 2.59
N GLN H 8 0.58 21.45 3.16
CA GLN H 8 1.96 21.01 3.28
C GLN H 8 2.14 20.37 4.65
N THR H 9 2.51 19.10 4.67
CA THR H 9 2.73 18.37 5.91
C THR H 9 4.01 17.56 5.81
N SER H 10 4.46 17.08 6.96
CA SER H 10 5.67 16.26 7.03
C SER H 10 5.49 14.95 6.28
N ARG H 11 4.28 14.39 6.31
CA ARG H 11 4.00 13.12 5.67
C ARG H 11 3.76 13.26 4.16
N GLY H 12 3.53 14.47 3.67
CA GLY H 12 3.29 14.69 2.26
C GLY H 12 2.28 15.79 2.05
N GLU H 13 1.93 15.99 0.79
CA GLU H 13 0.96 17.00 0.39
C GLU H 13 -0.42 16.36 0.32
N ARG H 14 -1.30 16.76 1.24
CA ARG H 14 -2.66 16.25 1.31
C ARG H 14 -3.60 17.31 0.78
N SER H 15 -4.36 16.95 -0.26
CA SER H 15 -5.31 17.87 -0.87
C SER H 15 -6.57 17.87 -0.02
N PHE H 16 -6.98 19.05 0.42
CA PHE H 16 -8.12 19.24 1.29
C PHE H 16 -9.10 20.22 0.68
N ASP H 17 -10.36 20.03 1.01
CA ASP H 17 -11.39 20.98 0.62
C ASP H 17 -11.26 22.20 1.52
N ILE H 18 -11.77 23.33 1.03
CA ILE H 18 -11.66 24.57 1.78
C ILE H 18 -12.42 24.48 3.10
N TYR H 19 -13.45 23.65 3.17
CA TYR H 19 -14.22 23.52 4.39
C TYR H 19 -13.63 22.49 5.34
N SER H 20 -12.90 21.52 4.82
CA SER H 20 -12.25 20.52 5.66
C SER H 20 -10.94 21.03 6.20
N ARG H 21 -10.24 21.85 5.42
CA ARG H 21 -8.99 22.44 5.88
C ARG H 21 -9.24 23.30 7.10
N LEU H 22 -10.34 24.04 7.08
CA LEU H 22 -10.69 24.88 8.22
C LEU H 22 -11.13 24.05 9.41
N LEU H 23 -11.81 22.92 9.15
CA LEU H 23 -12.20 22.03 10.24
C LEU H 23 -10.97 21.55 10.99
N LYS H 24 -9.91 21.26 10.24
CA LYS H 24 -8.64 20.86 10.84
C LYS H 24 -8.09 21.93 11.78
N GLU H 25 -8.54 23.18 11.61
CA GLU H 25 -8.14 24.30 12.44
C GLU H 25 -9.22 24.68 13.45
N ARG H 26 -10.16 23.78 13.69
CA ARG H 26 -11.23 23.98 14.67
C ARG H 26 -12.13 25.16 14.28
N VAL H 27 -12.61 25.13 13.04
CA VAL H 27 -13.51 26.14 12.51
C VAL H 27 -14.69 25.40 11.91
N ILE H 28 -15.88 25.73 12.39
CA ILE H 28 -17.12 25.13 11.95
C ILE H 28 -17.95 26.23 11.32
N PHE H 29 -18.67 25.90 10.28
CA PHE H 29 -19.48 26.85 9.55
C PHE H 29 -20.95 26.47 9.69
N LEU H 30 -21.77 27.44 10.05
CA LEU H 30 -23.20 27.29 10.19
C LEU H 30 -23.79 28.29 9.22
N THR H 31 -23.99 27.84 7.99
CA THR H 31 -24.53 28.67 6.93
C THR H 31 -25.90 28.16 6.52
N GLY H 32 -26.74 29.09 6.11
CA GLY H 32 -28.06 28.74 5.64
C GLY H 32 -29.05 28.42 6.74
N GLN H 33 -30.23 28.00 6.30
CA GLN H 33 -31.30 27.63 7.21
C GLN H 33 -30.87 26.47 8.10
N VAL H 34 -31.30 26.52 9.35
CA VAL H 34 -30.99 25.51 10.34
C VAL H 34 -32.03 24.40 10.24
N GLU H 35 -31.61 23.25 9.73
CA GLU H 35 -32.44 22.07 9.58
C GLU H 35 -31.83 20.94 10.41
N ASP H 36 -32.44 19.76 10.34
CA ASP H 36 -31.98 18.63 11.13
C ASP H 36 -30.69 18.03 10.57
N HIS H 37 -30.58 17.95 9.25
CA HIS H 37 -29.41 17.33 8.64
C HIS H 37 -28.14 18.13 8.88
N MET H 38 -28.19 19.44 8.62
CA MET H 38 -27.01 20.26 8.87
C MET H 38 -26.65 20.27 10.34
N ALA H 39 -27.65 20.31 11.23
CA ALA H 39 -27.36 20.30 12.65
C ALA H 39 -26.71 18.98 13.05
N ASN H 40 -27.22 17.88 12.52
CA ASN H 40 -26.64 16.57 12.76
C ASN H 40 -25.20 16.53 12.30
N LEU H 41 -24.86 17.30 11.27
CA LEU H 41 -23.51 17.38 10.77
C LEU H 41 -22.63 18.25 11.65
N ILE H 42 -23.15 19.41 12.05
CA ILE H 42 -22.39 20.33 12.89
C ILE H 42 -22.11 19.67 14.23
N VAL H 43 -23.08 18.93 14.74
CA VAL H 43 -22.91 18.20 15.97
C VAL H 43 -21.72 17.26 15.86
N ALA H 44 -21.69 16.46 14.80
CA ALA H 44 -20.59 15.52 14.59
C ALA H 44 -19.26 16.23 14.47
N GLN H 45 -19.23 17.42 13.89
CA GLN H 45 -17.98 18.14 13.79
C GLN H 45 -17.47 18.52 15.17
N MET H 46 -18.37 18.89 16.07
CA MET H 46 -17.97 19.24 17.43
C MET H 46 -17.39 18.06 18.17
N LEU H 47 -18.08 16.92 18.13
CA LEU H 47 -17.62 15.73 18.82
C LEU H 47 -16.28 15.26 18.29
N PHE H 48 -16.07 15.32 16.99
CA PHE H 48 -14.79 14.94 16.42
C PHE H 48 -13.67 15.83 16.93
N LEU H 49 -13.94 17.14 17.02
CA LEU H 49 -12.94 18.08 17.48
C LEU H 49 -12.69 17.94 18.97
N GLU H 50 -13.74 17.65 19.73
CA GLU H 50 -13.59 17.44 21.17
C GLU H 50 -12.63 16.30 21.45
N ALA H 51 -12.81 15.18 20.75
CA ALA H 51 -11.93 14.05 20.93
C ALA H 51 -10.52 14.36 20.49
N GLU H 52 -10.38 15.11 19.39
CA GLU H 52 -9.07 15.48 18.88
C GLU H 52 -8.26 16.21 19.95
N ASN H 53 -8.78 17.32 20.45
CA ASN H 53 -8.13 18.09 21.50
C ASN H 53 -9.23 18.78 22.29
N PRO H 54 -9.67 18.22 23.42
CA PRO H 54 -10.74 18.88 24.18
C PRO H 54 -10.31 20.19 24.81
N GLU H 55 -9.02 20.44 24.99
CA GLU H 55 -8.59 21.68 25.59
C GLU H 55 -8.79 22.87 24.65
N LYS H 56 -8.37 22.72 23.40
CA LYS H 56 -8.45 23.81 22.44
C LYS H 56 -9.90 24.23 22.17
N ASP H 57 -10.07 25.51 21.89
CA ASP H 57 -11.37 26.09 21.63
C ASP H 57 -11.88 25.77 20.24
N ILE H 58 -13.20 25.76 20.11
CA ILE H 58 -13.91 25.49 18.87
C ILE H 58 -14.52 26.79 18.38
N TYR H 59 -14.34 27.09 17.11
CA TYR H 59 -14.89 28.28 16.49
C TYR H 59 -16.08 27.87 15.63
N LEU H 60 -17.15 28.66 15.73
CA LEU H 60 -18.39 28.42 15.00
C LEU H 60 -18.79 29.72 14.34
N TYR H 61 -18.71 29.78 13.02
CA TYR H 61 -19.07 30.96 12.26
C TYR H 61 -20.53 30.85 11.90
N ILE H 62 -21.27 31.94 12.11
CA ILE H 62 -22.72 31.96 11.97
C ILE H 62 -23.14 33.01 10.97
N ASN H 63 -23.76 32.56 9.88
CA ASN H 63 -24.37 33.40 8.86
C ASN H 63 -25.62 32.62 8.51
N SER H 64 -26.74 32.93 9.16
CA SER H 64 -27.95 32.17 8.94
C SER H 64 -29.25 32.94 9.18
N PRO H 65 -30.30 32.68 8.40
CA PRO H 65 -31.58 33.35 8.64
C PRO H 65 -32.51 32.63 9.61
N GLY H 66 -32.04 31.61 10.32
CA GLY H 66 -32.84 30.89 11.28
C GLY H 66 -33.15 29.48 10.80
N GLY H 67 -34.15 28.89 11.44
CA GLY H 67 -34.55 27.55 11.06
C GLY H 67 -35.32 26.87 12.17
N VAL H 68 -35.38 25.54 12.05
CA VAL H 68 -36.08 24.72 13.02
C VAL H 68 -35.44 24.86 14.39
N ILE H 69 -36.28 25.01 15.40
CA ILE H 69 -35.82 25.20 16.78
C ILE H 69 -35.23 23.91 17.33
N THR H 70 -35.88 22.77 17.07
CA THR H 70 -35.38 21.50 17.59
C THR H 70 -33.98 21.19 17.09
N ALA H 71 -33.72 21.43 15.80
CA ALA H 71 -32.40 21.18 15.27
C ALA H 71 -31.37 22.09 15.91
N GLY H 72 -31.73 23.36 16.14
CA GLY H 72 -30.82 24.27 16.78
C GLY H 72 -30.50 23.87 18.20
N MET H 73 -31.48 23.31 18.91
CA MET H 73 -31.24 22.87 20.27
C MET H 73 -30.21 21.77 20.35
N SER H 74 -30.19 20.88 19.35
CA SER H 74 -29.18 19.83 19.32
C SER H 74 -27.80 20.43 19.28
N ILE H 75 -27.65 21.54 18.57
CA ILE H 75 -26.38 22.23 18.48
C ILE H 75 -26.09 22.92 19.80
N TYR H 76 -27.11 23.53 20.41
CA TYR H 76 -26.91 24.26 21.66
C TYR H 76 -26.58 23.33 22.80
N ASP H 77 -27.31 22.22 22.91
CA ASP H 77 -27.05 21.26 23.98
C ASP H 77 -25.67 20.68 23.83
N THR H 78 -25.26 20.39 22.60
CA THR H 78 -23.94 19.82 22.38
C THR H 78 -22.84 20.82 22.71
N MET H 79 -23.07 22.10 22.45
CA MET H 79 -22.07 23.11 22.75
C MET H 79 -21.81 23.18 24.24
N GLN H 80 -22.87 23.13 25.03
CA GLN H 80 -22.72 23.17 26.48
C GLN H 80 -22.12 21.88 27.01
N PHE H 81 -22.51 20.74 26.43
CA PHE H 81 -22.04 19.46 26.91
C PHE H 81 -20.52 19.32 26.75
N ILE H 82 -20.01 19.62 25.57
CA ILE H 82 -18.59 19.47 25.34
C ILE H 82 -17.77 20.41 26.22
N LYS H 83 -16.61 19.93 26.64
CA LYS H 83 -15.72 20.72 27.48
C LYS H 83 -15.18 21.97 26.79
N PRO H 84 -14.73 21.92 25.53
CA PRO H 84 -14.17 23.12 24.91
C PRO H 84 -15.15 24.27 24.80
N ASP H 85 -14.58 25.47 24.92
CA ASP H 85 -15.35 26.68 24.76
C ASP H 85 -15.63 26.89 23.29
N VAL H 86 -16.91 27.10 22.95
CA VAL H 86 -17.32 27.27 21.57
C VAL H 86 -17.45 28.76 21.29
N SER H 87 -16.43 29.31 20.64
CA SER H 87 -16.43 30.70 20.24
C SER H 87 -17.35 30.89 19.04
N THR H 88 -18.30 31.80 19.17
CA THR H 88 -19.31 32.05 18.14
C THR H 88 -19.13 33.43 17.53
N ILE H 89 -18.83 33.43 16.24
CA ILE H 89 -18.62 34.64 15.45
C ILE H 89 -19.78 34.76 14.49
N CYS H 90 -20.36 35.95 14.38
CA CYS H 90 -21.49 36.20 13.50
C CYS H 90 -21.03 37.02 12.32
N MET H 91 -21.21 36.48 11.12
CA MET H 91 -20.86 37.14 9.89
C MET H 91 -22.14 37.38 9.10
N GLY H 92 -22.32 38.60 8.65
CA GLY H 92 -23.48 38.92 7.86
C GLY H 92 -24.76 39.07 8.64
N GLN H 93 -25.25 37.98 9.20
CA GLN H 93 -26.50 38.06 9.94
C GLN H 93 -26.65 36.86 10.86
N ALA H 94 -27.50 37.05 11.86
CA ALA H 94 -27.84 36.02 12.81
C ALA H 94 -29.29 36.22 13.20
N ALA H 95 -30.12 35.23 12.91
CA ALA H 95 -31.55 35.28 13.18
C ALA H 95 -31.82 34.72 14.56
N SER H 96 -33.10 34.46 14.85
CA SER H 96 -33.51 33.96 16.17
C SER H 96 -32.68 32.75 16.60
N MET H 97 -32.58 31.73 15.75
CA MET H 97 -31.77 30.59 16.11
C MET H 97 -30.29 30.91 16.03
N GLY H 98 -29.89 31.67 15.01
CA GLY H 98 -28.49 32.06 14.90
C GLY H 98 -28.05 32.89 16.09
N ALA H 99 -28.87 33.84 16.50
CA ALA H 99 -28.57 34.66 17.66
C ALA H 99 -28.58 33.82 18.91
N PHE H 100 -29.49 32.85 18.99
CA PHE H 100 -29.54 31.96 20.13
C PHE H 100 -28.26 31.16 20.22
N LEU H 101 -27.74 30.72 19.08
CA LEU H 101 -26.48 29.99 19.02
C LEU H 101 -25.28 30.91 19.09
N LEU H 102 -25.48 32.23 18.97
CA LEU H 102 -24.42 33.19 19.06
C LEU H 102 -24.20 33.59 20.52
N THR H 103 -25.28 33.87 21.23
CA THR H 103 -25.19 34.22 22.63
C THR H 103 -24.86 33.00 23.49
N ALA H 104 -25.10 31.80 22.97
CA ALA H 104 -24.81 30.58 23.71
C ALA H 104 -23.32 30.25 23.76
N GLY H 105 -22.50 31.00 23.03
CA GLY H 105 -21.08 30.76 23.05
C GLY H 105 -20.48 31.03 24.41
N ALA H 106 -19.19 30.72 24.51
CA ALA H 106 -18.48 30.92 25.76
C ALA H 106 -18.40 32.40 26.11
N LYS H 107 -18.58 32.70 27.38
CA LYS H 107 -18.51 34.08 27.85
C LYS H 107 -17.13 34.65 27.53
N GLY H 108 -17.11 35.79 26.87
CA GLY H 108 -15.88 36.43 26.47
C GLY H 108 -15.32 35.93 25.16
N LYS H 109 -15.97 34.93 24.55
CA LYS H 109 -15.55 34.36 23.28
C LYS H 109 -16.64 34.44 22.23
N ARG H 110 -17.59 35.35 22.40
CA ARG H 110 -18.68 35.57 21.46
C ARG H 110 -18.34 36.88 20.77
N PHE H 111 -17.88 36.79 19.54
CA PHE H 111 -17.47 37.93 18.75
C PHE H 111 -18.47 38.19 17.65
N CYS H 112 -18.34 39.37 17.07
CA CYS H 112 -19.21 39.80 16.00
C CYS H 112 -18.45 40.77 15.13
N LEU H 113 -18.75 40.74 13.85
CA LEU H 113 -18.14 41.66 12.93
C LEU H 113 -18.86 42.99 13.02
N PRO H 114 -18.22 44.09 12.65
CA PRO H 114 -18.88 45.40 12.82
C PRO H 114 -20.16 45.58 12.04
N ASN H 115 -20.19 45.19 10.77
CA ASN H 115 -21.37 45.37 9.93
C ASN H 115 -22.34 44.21 10.04
N SER H 116 -22.14 43.30 10.98
CA SER H 116 -23.04 42.18 11.15
C SER H 116 -24.34 42.63 11.78
N ARG H 117 -25.37 41.83 11.57
CA ARG H 117 -26.70 42.11 12.08
C ARG H 117 -27.19 40.95 12.92
N VAL H 118 -28.09 41.26 13.84
CA VAL H 118 -28.66 40.29 14.75
C VAL H 118 -30.16 40.54 14.81
N MET H 119 -30.93 39.46 14.86
CA MET H 119 -32.39 39.53 14.93
C MET H 119 -32.91 38.48 15.88
N ILE H 120 -33.69 38.92 16.86
CA ILE H 120 -34.31 38.03 17.85
C ILE H 120 -35.81 38.19 17.74
N HIS H 121 -36.53 37.08 17.83
CA HIS H 121 -37.98 37.12 17.73
C HIS H 121 -38.55 35.89 18.41
N GLN H 122 -39.87 35.89 18.52
CA GLN H 122 -40.57 34.80 19.15
C GLN H 122 -40.64 33.58 18.23
N PRO H 123 -40.78 32.38 18.78
CA PRO H 123 -40.91 31.20 17.92
C PRO H 123 -42.15 31.29 17.03
N LEU H 124 -42.10 30.56 15.93
CA LEU H 124 -43.18 30.49 14.96
C LEU H 124 -43.67 29.05 14.88
N GLY H 125 -44.94 28.90 14.54
CA GLY H 125 -45.51 27.57 14.45
C GLY H 125 -46.85 27.59 13.77
N GLY H 126 -47.61 26.52 14.00
CA GLY H 126 -48.92 26.39 13.41
C GLY H 126 -49.47 24.99 13.49
N TYR H 127 -50.78 24.84 13.31
CA TYR H 127 -51.43 23.55 13.37
C TYR H 127 -52.79 23.66 12.70
N GLN H 128 -53.24 22.54 12.13
CA GLN H 128 -54.55 22.46 11.49
C GLN H 128 -55.15 21.13 11.91
N GLY H 129 -56.30 21.19 12.58
CA GLY H 129 -56.97 19.99 13.04
C GLY H 129 -58.02 20.35 14.06
N GLN H 130 -58.33 19.38 14.92
CA GLN H 130 -59.32 19.59 15.96
C GLN H 130 -58.80 20.57 17.01
N ALA H 131 -59.74 21.14 17.77
CA ALA H 131 -59.38 22.09 18.80
C ALA H 131 -58.60 21.45 19.92
N THR H 132 -58.88 20.18 20.23
CA THR H 132 -58.17 19.50 21.32
C THR H 132 -56.69 19.40 21.02
N ASP H 133 -56.34 18.91 19.83
CA ASP H 133 -54.93 18.79 19.46
C ASP H 133 -54.25 20.15 19.40
N ILE H 134 -54.98 21.18 18.97
CA ILE H 134 -54.40 22.51 18.89
C ILE H 134 -53.98 23.00 20.26
N GLU H 135 -54.78 22.70 21.28
CA GLU H 135 -54.43 23.10 22.65
C GLU H 135 -53.11 22.48 23.07
N ILE H 136 -52.90 21.20 22.75
CA ILE H 136 -51.68 20.52 23.14
C ILE H 136 -50.48 21.17 22.47
N HIS H 137 -50.53 21.31 21.14
CA HIS H 137 -49.44 21.92 20.41
C HIS H 137 -49.24 23.38 20.82
N ALA H 138 -50.32 24.06 21.17
CA ALA H 138 -50.23 25.45 21.59
C ALA H 138 -49.43 25.57 22.89
N ARG H 139 -49.71 24.70 23.86
CA ARG H 139 -48.99 24.74 25.12
C ARG H 139 -47.49 24.50 24.91
N GLU H 140 -47.15 23.56 24.04
CA GLU H 140 -45.74 23.24 23.81
C GLU H 140 -44.98 24.42 23.23
N ILE H 141 -45.51 25.02 22.16
CA ILE H 141 -44.81 26.13 21.52
C ILE H 141 -44.59 27.26 22.51
N LEU H 142 -45.51 27.45 23.46
CA LEU H 142 -45.32 28.47 24.47
C LEU H 142 -44.16 28.11 25.38
N LYS H 143 -44.02 26.82 25.71
CA LYS H 143 -42.91 26.37 26.54
C LYS H 143 -41.58 26.63 25.85
N VAL H 144 -41.54 26.43 24.53
CA VAL H 144 -40.32 26.71 23.78
C VAL H 144 -39.99 28.18 23.88
N LYS H 145 -41.00 29.03 23.70
CA LYS H 145 -40.79 30.47 23.82
C LYS H 145 -40.31 30.83 25.21
N GLY H 146 -40.95 30.27 26.23
CA GLY H 146 -40.51 30.54 27.59
C GLY H 146 -39.13 29.98 27.85
N ARG H 147 -38.88 28.75 27.40
CA ARG H 147 -37.59 28.12 27.60
C ARG H 147 -36.49 28.89 26.88
N MET H 148 -36.76 29.30 25.63
CA MET H 148 -35.77 30.07 24.88
C MET H 148 -35.46 31.39 25.57
N ASN H 149 -36.49 32.09 26.06
CA ASN H 149 -36.28 33.35 26.73
C ASN H 149 -35.47 33.17 28.00
N GLU H 150 -35.69 32.08 28.72
CA GLU H 150 -34.91 31.81 29.93
C GLU H 150 -33.44 31.64 29.59
N LEU H 151 -33.16 30.87 28.55
CA LEU H 151 -31.77 30.63 28.15
C LEU H 151 -31.13 31.90 27.63
N MET H 152 -31.88 32.71 26.88
CA MET H 152 -31.33 33.96 26.37
C MET H 152 -31.00 34.90 27.52
N ALA H 153 -31.85 34.92 28.54
CA ALA H 153 -31.62 35.76 29.70
C ALA H 153 -30.41 35.30 30.48
N LEU H 154 -30.12 34.01 30.47
CA LEU H 154 -28.99 33.48 31.22
C LEU H 154 -27.66 33.90 30.62
N HIS H 155 -27.56 33.87 29.29
CA HIS H 155 -26.31 34.23 28.64
C HIS H 155 -26.14 35.74 28.52
N THR H 156 -27.21 36.45 28.16
CA THR H 156 -27.12 37.89 28.02
C THR H 156 -27.05 38.57 29.37
N GLY H 157 -27.64 37.97 30.41
CA GLY H 157 -27.67 38.55 31.72
C GLY H 157 -28.84 39.47 31.94
N GLN H 158 -29.76 39.56 30.99
CA GLN H 158 -30.92 40.41 31.10
C GLN H 158 -32.01 39.70 31.88
N SER H 159 -33.06 40.44 32.20
CA SER H 159 -34.19 39.89 32.93
C SER H 159 -35.16 39.24 31.95
N LEU H 160 -35.72 38.11 32.37
CA LEU H 160 -36.67 37.38 31.52
C LEU H 160 -37.81 38.28 31.06
N GLU H 161 -38.29 39.16 31.94
CA GLU H 161 -39.38 40.05 31.55
C GLU H 161 -38.94 40.97 30.43
N GLN H 162 -37.70 41.49 30.49
CA GLN H 162 -37.20 42.36 29.43
C GLN H 162 -37.13 41.62 28.11
N ILE H 163 -36.69 40.36 28.14
CA ILE H 163 -36.56 39.58 26.93
C ILE H 163 -37.92 39.34 26.29
N GLU H 164 -38.94 39.04 27.10
CA GLU H 164 -40.27 38.79 26.56
C GLU H 164 -40.81 40.04 25.87
N ARG H 165 -40.55 41.22 26.44
CA ARG H 165 -41.01 42.45 25.82
C ARG H 165 -40.25 42.72 24.52
N ASP H 166 -38.97 42.37 24.48
CA ASP H 166 -38.16 42.58 23.29
C ASP H 166 -38.32 41.46 22.27
N THR H 167 -38.69 40.26 22.71
CA THR H 167 -38.85 39.12 21.84
C THR H 167 -40.28 38.96 21.32
N GLU H 168 -41.24 39.75 21.81
CA GLU H 168 -42.62 39.64 21.35
C GLU H 168 -42.75 39.98 19.87
N ARG H 169 -41.81 40.73 19.31
CA ARG H 169 -41.85 41.12 17.92
C ARG H 169 -40.44 41.15 17.36
N ASP H 170 -40.35 41.07 16.04
CA ASP H 170 -39.07 41.07 15.35
C ASP H 170 -38.27 42.30 15.75
N ARG H 171 -37.12 42.08 16.38
CA ARG H 171 -36.24 43.13 16.85
C ARG H 171 -34.87 42.93 16.24
N PHE H 172 -34.37 43.97 15.57
CA PHE H 172 -33.07 43.94 14.92
C PHE H 172 -32.04 44.65 15.78
N LEU H 173 -30.81 44.16 15.72
CA LEU H 173 -29.72 44.72 16.49
C LEU H 173 -28.43 44.67 15.70
N SER H 174 -27.64 45.71 15.83
CA SER H 174 -26.34 45.81 15.17
C SER H 174 -25.29 45.27 16.13
N ALA H 175 -24.03 45.25 15.67
CA ALA H 175 -22.97 44.76 16.53
C ALA H 175 -22.79 45.58 17.80
N PRO H 176 -22.70 46.91 17.76
CA PRO H 176 -22.59 47.65 19.02
C PRO H 176 -23.80 47.50 19.92
N GLU H 177 -25.00 47.52 19.35
CA GLU H 177 -26.20 47.35 20.15
C GLU H 177 -26.23 45.99 20.82
N ALA H 178 -25.69 44.98 20.16
CA ALA H 178 -25.66 43.62 20.71
C ALA H 178 -24.79 43.55 21.95
N VAL H 179 -23.67 44.26 21.94
CA VAL H 179 -22.75 44.27 23.09
C VAL H 179 -23.48 44.76 24.33
N GLU H 180 -24.22 45.86 24.20
CA GLU H 180 -24.97 46.40 25.34
C GLU H 180 -26.05 45.42 25.79
N TYR H 181 -26.65 44.68 24.86
CA TYR H 181 -27.69 43.74 25.19
C TYR H 181 -27.14 42.45 25.80
N GLY H 182 -25.86 42.16 25.62
CA GLY H 182 -25.23 40.97 26.16
C GLY H 182 -25.19 39.78 25.23
N LEU H 183 -25.71 39.89 24.01
CA LEU H 183 -25.65 38.78 23.08
C LEU H 183 -24.21 38.46 22.70
N VAL H 184 -23.41 39.50 22.50
CA VAL H 184 -22.01 39.38 22.10
C VAL H 184 -21.18 40.13 23.12
N ASP H 185 -19.89 39.85 23.11
CA ASP H 185 -18.95 40.43 24.06
C ASP H 185 -18.08 41.52 23.46
N SER H 186 -17.49 41.28 22.30
CA SER H 186 -16.62 42.25 21.65
C SER H 186 -16.82 42.21 20.15
N ILE H 187 -16.25 43.20 19.48
CA ILE H 187 -16.31 43.34 18.03
C ILE H 187 -14.90 43.24 17.47
N LEU H 188 -14.79 42.61 16.30
CA LEU H 188 -13.52 42.43 15.61
C LEU H 188 -13.46 43.43 14.46
N THR H 189 -13.00 44.64 14.76
CA THR H 189 -12.91 45.67 13.72
C THR H 189 -11.80 45.38 12.74
N HIS H 190 -10.61 45.05 13.24
CA HIS H 190 -9.45 44.78 12.40
C HIS H 190 -8.53 43.84 13.15
N ARG H 191 -7.61 43.24 12.42
CA ARG H 191 -6.65 42.32 13.01
C ARG H 191 -5.51 43.10 13.64
N ASN H 192 -5.24 42.82 14.92
CA ASN H 192 -4.18 43.48 15.66
C ASN H 192 -3.26 42.45 16.29
N LEU I 1 -22.66 19.32 2.09
CA LEU I 1 -21.30 18.80 2.00
C LEU I 1 -20.86 18.20 3.32
N VAL I 2 -20.24 17.02 3.25
CA VAL I 2 -19.74 16.31 4.42
C VAL I 2 -18.22 16.49 4.47
N PRO I 3 -17.67 16.98 5.57
CA PRO I 3 -16.21 17.15 5.63
C PRO I 3 -15.48 15.82 5.77
N MET I 4 -14.28 15.80 5.21
CA MET I 4 -13.40 14.64 5.25
C MET I 4 -12.37 14.87 6.33
N VAL I 5 -12.36 13.99 7.32
CA VAL I 5 -11.48 14.07 8.47
C VAL I 5 -10.41 13.01 8.37
N ILE I 6 -9.22 13.36 8.84
CA ILE I 6 -8.06 12.48 8.83
C ILE I 6 -7.91 11.79 10.18
N GLU I 7 -7.62 10.50 10.14
CA GLU I 7 -7.37 9.70 11.33
C GLU I 7 -5.93 9.21 11.27
N GLN I 8 -5.21 9.36 12.37
CA GLN I 8 -3.81 8.95 12.42
C GLN I 8 -3.71 7.54 12.97
N THR I 9 -3.07 6.67 12.20
CA THR I 9 -2.86 5.27 12.56
C THR I 9 -1.42 4.91 12.32
N SER I 10 -0.99 3.80 12.92
CA SER I 10 0.37 3.34 12.76
C SER I 10 0.65 3.00 11.30
N ARG I 11 -0.30 2.36 10.64
CA ARG I 11 -0.14 2.01 9.23
C ARG I 11 -0.08 3.27 8.36
N GLY I 12 -0.82 4.30 8.73
CA GLY I 12 -0.84 5.52 7.95
C GLY I 12 -2.06 6.34 8.31
N GLU I 13 -2.31 7.37 7.51
CA GLU I 13 -3.44 8.27 7.67
C GLU I 13 -4.45 8.03 6.57
N ARG I 14 -5.70 7.77 6.95
CA ARG I 14 -6.79 7.50 6.03
C ARG I 14 -7.84 8.57 6.17
N SER I 15 -8.18 9.22 5.06
CA SER I 15 -9.19 10.27 5.05
C SER I 15 -10.56 9.63 5.15
N PHE I 16 -11.31 9.98 6.19
CA PHE I 16 -12.64 9.46 6.45
C PHE I 16 -13.67 10.56 6.39
N ASP I 17 -14.88 10.18 6.01
CA ASP I 17 -15.99 11.10 6.06
C ASP I 17 -16.36 11.28 7.52
N ILE I 18 -16.94 12.43 7.85
CA ILE I 18 -17.29 12.71 9.23
C ILE I 18 -18.28 11.70 9.78
N TYR I 19 -19.15 11.15 8.94
CA TYR I 19 -20.12 10.19 9.42
C TYR I 19 -19.53 8.80 9.52
N SER I 20 -18.54 8.50 8.69
CA SER I 20 -17.89 7.20 8.72
C SER I 20 -16.89 7.10 9.86
N ARG I 21 -16.19 8.20 10.17
CA ARG I 21 -15.25 8.20 11.28
C ARG I 21 -15.97 7.88 12.58
N LEU I 22 -17.19 8.38 12.71
CA LEU I 22 -17.97 8.12 13.90
C LEU I 22 -18.45 6.68 13.94
N LEU I 23 -18.80 6.13 12.78
CA LEU I 23 -19.20 4.74 12.70
C LEU I 23 -18.11 3.82 13.24
N LYS I 24 -16.86 4.16 12.92
CA LYS I 24 -15.72 3.41 13.43
C LYS I 24 -15.68 3.43 14.96
N GLU I 25 -16.32 4.43 15.58
CA GLU I 25 -16.41 4.57 17.01
C GLU I 25 -17.76 4.10 17.55
N ARG I 26 -18.49 3.31 16.77
CA ARG I 26 -19.77 2.76 17.16
C ARG I 26 -20.79 3.86 17.44
N VAL I 27 -20.98 4.72 16.45
CA VAL I 27 -21.92 5.83 16.53
C VAL I 27 -22.73 5.83 15.25
N ILE I 28 -24.05 5.74 15.39
CA ILE I 28 -24.98 5.72 14.28
C ILE I 28 -25.90 6.91 14.43
N PHE I 29 -26.29 7.49 13.31
CA PHE I 29 -27.17 8.65 13.27
C PHE I 29 -28.49 8.28 12.63
N LEU I 30 -29.57 8.61 13.30
CA LEU I 30 -30.92 8.37 12.83
C LEU I 30 -31.54 9.76 12.72
N THR I 31 -31.36 10.35 11.55
CA THR I 31 -31.84 11.69 11.25
C THR I 31 -32.86 11.63 10.14
N GLY I 32 -33.81 12.55 10.17
CA GLY I 32 -34.83 12.63 9.16
C GLY I 32 -35.91 11.59 9.33
N GLN I 33 -36.90 11.68 8.44
CA GLN I 33 -38.02 10.76 8.46
C GLN I 33 -37.54 9.33 8.28
N VAL I 34 -38.13 8.42 9.05
CA VAL I 34 -37.76 7.02 9.02
C VAL I 34 -38.47 6.36 7.85
N GLU I 35 -37.71 6.00 6.83
CA GLU I 35 -38.18 5.35 5.63
C GLU I 35 -37.51 3.98 5.52
N ASP I 36 -37.80 3.28 4.43
CA ASP I 36 -37.26 1.93 4.25
C ASP I 36 -35.79 1.95 3.86
N HIS I 37 -35.37 2.94 3.08
CA HIS I 37 -33.98 2.97 2.61
C HIS I 37 -33.01 3.31 3.74
N MET I 38 -33.30 4.38 4.49
CA MET I 38 -32.42 4.73 5.60
C MET I 38 -32.39 3.64 6.66
N ALA I 39 -33.53 2.99 6.90
CA ALA I 39 -33.59 1.94 7.90
C ALA I 39 -32.71 0.76 7.50
N ASN I 40 -32.80 0.34 6.24
CA ASN I 40 -31.95 -0.74 5.77
C ASN I 40 -30.49 -0.36 5.87
N LEU I 41 -30.19 0.93 5.77
CA LEU I 41 -28.83 1.39 5.91
C LEU I 41 -28.39 1.33 7.36
N ILE I 42 -29.25 1.78 8.28
CA ILE I 42 -28.93 1.74 9.70
C ILE I 42 -28.78 0.30 10.15
N VAL I 43 -29.63 -0.58 9.62
CA VAL I 43 -29.56 -2.00 9.94
C VAL I 43 -28.19 -2.54 9.59
N ALA I 44 -27.72 -2.24 8.39
CA ALA I 44 -26.41 -2.70 7.95
C ALA I 44 -25.30 -2.18 8.84
N GLN I 45 -25.45 -0.97 9.37
CA GLN I 45 -24.43 -0.43 10.26
C GLN I 45 -24.39 -1.22 11.56
N MET I 46 -25.55 -1.61 12.09
CA MET I 46 -25.58 -2.39 13.32
C MET I 46 -24.90 -3.73 13.14
N LEU I 47 -25.31 -4.46 12.10
CA LEU I 47 -24.75 -5.77 11.81
C LEU I 47 -23.24 -5.71 11.65
N PHE I 48 -22.74 -4.68 10.97
CA PHE I 48 -21.30 -4.55 10.80
C PHE I 48 -20.61 -4.36 12.13
N LEU I 49 -21.18 -3.52 13.00
CA LEU I 49 -20.58 -3.25 14.29
C LEU I 49 -20.65 -4.47 15.20
N GLU I 50 -21.77 -5.20 15.14
CA GLU I 50 -21.89 -6.42 15.94
C GLU I 50 -20.77 -7.39 15.63
N ALA I 51 -20.50 -7.60 14.34
CA ALA I 51 -19.45 -8.52 13.93
C ALA I 51 -18.07 -8.03 14.35
N GLU I 52 -17.83 -6.73 14.25
CA GLU I 52 -16.54 -6.18 14.61
C GLU I 52 -16.23 -6.43 16.09
N ASN I 53 -17.17 -6.11 16.96
CA ASN I 53 -17.03 -6.32 18.39
C ASN I 53 -18.43 -6.48 18.97
N PRO I 54 -18.89 -7.71 19.19
CA PRO I 54 -20.23 -7.90 19.75
C PRO I 54 -20.35 -7.66 21.25
N GLU I 55 -19.32 -7.09 21.89
CA GLU I 55 -19.35 -6.81 23.32
C GLU I 55 -19.37 -5.33 23.65
N LYS I 56 -19.03 -4.46 22.70
CA LYS I 56 -19.03 -3.03 22.93
C LYS I 56 -20.39 -2.45 22.59
N ASP I 57 -20.83 -1.50 23.40
CA ASP I 57 -22.14 -0.91 23.22
C ASP I 57 -22.17 0.03 22.02
N ILE I 58 -23.31 0.04 21.35
CA ILE I 58 -23.55 0.88 20.18
C ILE I 58 -24.27 2.12 20.66
N TYR I 59 -24.02 3.23 19.98
CA TYR I 59 -24.65 4.50 20.26
C TYR I 59 -25.41 4.92 19.03
N LEU I 60 -26.69 5.20 19.19
CA LEU I 60 -27.59 5.56 18.11
C LEU I 60 -28.24 6.89 18.46
N TYR I 61 -27.92 7.93 17.68
CA TYR I 61 -28.43 9.26 17.93
C TYR I 61 -29.72 9.46 17.15
N ILE I 62 -30.70 10.08 17.81
CA ILE I 62 -32.05 10.23 17.28
C ILE I 62 -32.45 11.69 17.26
N ASN I 63 -32.56 12.25 16.05
CA ASN I 63 -32.99 13.61 15.76
C ASN I 63 -34.00 13.57 14.64
N SER I 64 -34.96 12.65 14.73
CA SER I 64 -35.93 12.39 13.68
C SER I 64 -37.34 12.86 14.00
N PRO I 65 -38.10 13.34 13.01
CA PRO I 65 -39.49 13.73 13.25
C PRO I 65 -40.49 12.59 13.10
N GLY I 66 -40.03 11.35 12.92
CA GLY I 66 -40.90 10.21 12.77
C GLY I 66 -41.08 9.80 11.31
N GLY I 67 -41.50 8.56 11.13
CA GLY I 67 -41.69 8.05 9.80
C GLY I 67 -42.50 6.78 9.75
N VAL I 68 -42.28 6.02 8.67
CA VAL I 68 -42.99 4.77 8.46
C VAL I 68 -42.73 3.81 9.60
N ILE I 69 -43.80 3.17 10.07
CA ILE I 69 -43.73 2.25 11.20
C ILE I 69 -43.00 0.97 10.81
N THR I 70 -43.24 0.47 9.59
CA THR I 70 -42.63 -0.78 9.15
C THR I 70 -41.11 -0.69 9.20
N ALA I 71 -40.55 0.40 8.68
CA ALA I 71 -39.11 0.57 8.68
C ALA I 71 -38.56 0.66 10.09
N GLY I 72 -39.31 1.25 11.01
CA GLY I 72 -38.84 1.35 12.37
C GLY I 72 -38.74 0.00 13.05
N MET I 73 -39.67 -0.90 12.75
CA MET I 73 -39.62 -2.23 13.33
C MET I 73 -38.34 -2.95 12.93
N SER I 74 -37.90 -2.75 11.69
CA SER I 74 -36.66 -3.36 11.23
C SER I 74 -35.49 -2.93 12.10
N ILE I 75 -35.48 -1.67 12.50
CA ILE I 75 -34.43 -1.16 13.36
C ILE I 75 -34.62 -1.68 14.78
N TYR I 76 -35.86 -1.72 15.25
CA TYR I 76 -36.14 -2.17 16.60
C TYR I 76 -35.83 -3.64 16.77
N ASP I 77 -36.23 -4.46 15.80
CA ASP I 77 -35.94 -5.89 15.87
C ASP I 77 -34.45 -6.14 15.87
N THR I 78 -33.72 -5.41 15.03
CA THR I 78 -32.27 -5.58 14.95
C THR I 78 -31.59 -5.16 16.24
N MET I 79 -32.11 -4.16 16.93
CA MET I 79 -31.50 -3.74 18.20
C MET I 79 -31.57 -4.84 19.23
N GLN I 80 -32.76 -5.42 19.38
CA GLN I 80 -32.95 -6.51 20.33
C GLN I 80 -32.23 -7.77 19.88
N PHE I 81 -32.17 -8.01 18.58
CA PHE I 81 -31.54 -9.21 18.07
C PHE I 81 -30.05 -9.25 18.39
N ILE I 82 -29.34 -8.17 18.13
CA ILE I 82 -27.90 -8.19 18.36
C ILE I 82 -27.60 -8.20 19.85
N LYS I 83 -26.46 -8.78 20.19
CA LYS I 83 -25.98 -8.89 21.57
C LYS I 83 -25.61 -7.56 22.21
N PRO I 84 -24.90 -6.65 21.52
CA PRO I 84 -24.51 -5.41 22.16
C PRO I 84 -25.70 -4.54 22.51
N ASP I 85 -25.55 -3.80 23.60
CA ASP I 85 -26.59 -2.90 24.04
C ASP I 85 -26.54 -1.66 23.16
N VAL I 86 -27.69 -1.29 22.60
CA VAL I 86 -27.79 -0.15 21.70
C VAL I 86 -28.24 1.06 22.50
N SER I 87 -27.27 1.87 22.91
CA SER I 87 -27.57 3.10 23.61
C SER I 87 -28.25 4.08 22.67
N THR I 88 -29.34 4.70 23.14
CA THR I 88 -30.12 5.64 22.35
C THR I 88 -30.07 7.02 22.98
N ILE I 89 -29.54 7.98 22.24
CA ILE I 89 -29.42 9.36 22.67
C ILE I 89 -30.35 10.19 21.78
N CYS I 90 -31.13 11.06 22.40
CA CYS I 90 -32.08 11.91 21.71
C CYS I 90 -31.55 13.33 21.63
N MET I 91 -31.30 13.80 20.42
CA MET I 91 -30.82 15.14 20.17
C MET I 91 -31.89 15.87 19.36
N GLY I 92 -32.29 17.02 19.85
CA GLY I 92 -33.29 17.80 19.17
C GLY I 92 -34.70 17.33 19.34
N GLN I 93 -35.05 16.18 18.77
CA GLN I 93 -36.40 15.70 18.92
C GLN I 93 -36.49 14.22 18.58
N ALA I 94 -37.50 13.59 19.16
CA ALA I 94 -37.82 12.19 18.91
C ALA I 94 -39.34 12.08 18.84
N ALA I 95 -39.84 11.71 17.68
CA ALA I 95 -41.26 11.57 17.43
C ALA I 95 -41.70 10.15 17.75
N SER I 96 -42.92 9.80 17.34
CA SER I 96 -43.51 8.48 17.60
C SER I 96 -42.53 7.34 17.34
N MET I 97 -41.95 7.30 16.13
CA MET I 97 -41.01 6.23 15.84
C MET I 97 -39.68 6.47 16.53
N GLY I 98 -39.18 7.70 16.50
CA GLY I 98 -37.94 8.00 17.18
C GLY I 98 -38.01 7.69 18.67
N ALA I 99 -39.14 8.02 19.29
CA ALA I 99 -39.32 7.73 20.71
C ALA I 99 -39.39 6.24 20.94
N PHE I 100 -40.05 5.52 20.02
CA PHE I 100 -40.14 4.07 20.14
C PHE I 100 -38.76 3.46 20.06
N LEU I 101 -37.89 4.02 19.23
CA LEU I 101 -36.53 3.54 19.08
C LEU I 101 -35.60 4.15 20.13
N LEU I 102 -36.09 5.09 20.92
CA LEU I 102 -35.33 5.70 22.01
C LEU I 102 -35.52 4.90 23.28
N THR I 103 -36.77 4.57 23.59
CA THR I 103 -37.08 3.77 24.75
C THR I 103 -36.72 2.31 24.52
N ALA I 104 -36.60 1.88 23.28
CA ALA I 104 -36.23 0.52 22.95
C ALA I 104 -34.76 0.23 23.22
N GLY I 105 -33.98 1.25 23.56
CA GLY I 105 -32.59 1.05 23.86
C GLY I 105 -32.40 0.25 25.13
N ALA I 106 -31.13 -0.02 25.42
CA ALA I 106 -30.78 -0.78 26.60
C ALA I 106 -31.15 -0.05 27.87
N LYS I 107 -31.67 -0.80 28.83
CA LYS I 107 -32.03 -0.23 30.12
C LYS I 107 -30.78 0.30 30.80
N GLY I 108 -30.80 1.59 31.14
CA GLY I 108 -29.68 2.26 31.74
C GLY I 108 -28.76 2.94 30.77
N LYS I 109 -29.04 2.86 29.48
CA LYS I 109 -28.23 3.48 28.43
C LYS I 109 -29.06 4.31 27.48
N ARG I 110 -30.22 4.80 27.92
CA ARG I 110 -31.10 5.65 27.12
C ARG I 110 -30.96 7.05 27.67
N PHE I 111 -30.24 7.90 26.96
CA PHE I 111 -29.99 9.26 27.36
C PHE I 111 -30.77 10.22 26.50
N CYS I 112 -30.84 11.46 26.98
CA CYS I 112 -31.53 12.53 26.30
C CYS I 112 -30.93 13.84 26.74
N LEU I 113 -30.86 14.77 25.84
CA LEU I 113 -30.30 16.06 26.16
C LEU I 113 -31.35 16.89 26.89
N PRO I 114 -30.94 17.86 27.71
CA PRO I 114 -31.92 18.60 28.51
C PRO I 114 -32.97 19.36 27.71
N ASN I 115 -32.58 20.02 26.62
CA ASN I 115 -33.51 20.80 25.83
C ASN I 115 -34.16 20.01 24.72
N SER I 116 -34.10 18.69 24.77
CA SER I 116 -34.71 17.87 23.76
C SER I 116 -36.21 17.77 24.01
N ARG I 117 -36.92 17.23 23.04
CA ARG I 117 -38.37 17.11 23.12
C ARG I 117 -38.81 15.79 22.54
N VAL I 118 -39.58 15.03 23.33
CA VAL I 118 -40.09 13.72 22.94
C VAL I 118 -41.58 13.87 22.63
N MET I 119 -42.05 13.04 21.70
CA MET I 119 -43.44 13.04 21.29
C MET I 119 -43.87 11.63 20.95
N ILE I 120 -45.00 11.22 21.53
CA ILE I 120 -45.59 9.90 21.28
C ILE I 120 -47.03 10.09 20.86
N HIS I 121 -47.49 9.30 19.92
CA HIS I 121 -48.86 9.38 19.44
C HIS I 121 -49.24 8.04 18.82
N GLN I 122 -50.49 7.93 18.43
CA GLN I 122 -51.00 6.71 17.84
C GLN I 122 -50.63 6.64 16.36
N PRO I 123 -50.57 5.44 15.79
CA PRO I 123 -50.28 5.31 14.36
C PRO I 123 -51.26 6.09 13.50
N LEU I 124 -50.81 6.42 12.30
CA LEU I 124 -51.59 7.11 11.30
C LEU I 124 -51.71 6.23 10.07
N GLY I 125 -52.79 6.38 9.33
CA GLY I 125 -53.00 5.58 8.16
C GLY I 125 -54.20 6.02 7.37
N GLY I 126 -54.66 5.13 6.51
CA GLY I 126 -55.81 5.39 5.68
C GLY I 126 -55.88 4.44 4.51
N TYR I 127 -57.06 4.37 3.93
CA TYR I 127 -57.31 3.50 2.79
C TYR I 127 -58.56 3.97 2.08
N GLN I 128 -58.56 3.80 0.76
CA GLN I 128 -59.69 4.17 -0.09
C GLN I 128 -60.04 2.98 -0.95
N GLY I 129 -61.29 2.52 -0.86
CA GLY I 129 -61.73 1.38 -1.63
C GLY I 129 -63.05 0.87 -1.10
N GLN I 130 -63.31 -0.40 -1.36
CA GLN I 130 -64.54 -1.03 -0.90
C GLN I 130 -64.55 -1.15 0.62
N ALA I 131 -65.74 -1.37 1.16
CA ALA I 131 -65.88 -1.51 2.61
C ALA I 131 -65.14 -2.72 3.14
N THR I 132 -65.08 -3.80 2.35
CA THR I 132 -64.38 -5.01 2.78
C THR I 132 -62.90 -4.74 2.97
N ASP I 133 -62.25 -4.13 1.97
CA ASP I 133 -60.83 -3.85 2.06
C ASP I 133 -60.53 -2.89 3.20
N ILE I 134 -61.40 -1.90 3.42
CA ILE I 134 -61.19 -0.92 4.48
C ILE I 134 -61.16 -1.61 5.83
N GLU I 135 -62.02 -2.61 6.04
CA GLU I 135 -62.05 -3.31 7.31
C GLU I 135 -60.74 -4.05 7.56
N ILE I 136 -60.18 -4.69 6.52
CA ILE I 136 -58.95 -5.45 6.67
C ILE I 136 -57.81 -4.54 7.10
N HIS I 137 -57.59 -3.46 6.36
CA HIS I 137 -56.53 -2.52 6.71
C HIS I 137 -56.76 -1.88 8.06
N ALA I 138 -58.03 -1.66 8.43
CA ALA I 138 -58.33 -1.06 9.72
C ALA I 138 -57.91 -1.99 10.85
N ARG I 139 -58.24 -3.27 10.73
CA ARG I 139 -57.85 -4.24 11.75
C ARG I 139 -56.33 -4.32 11.85
N GLU I 140 -55.64 -4.22 10.71
CA GLU I 140 -54.18 -4.31 10.70
C GLU I 140 -53.56 -3.17 11.49
N ILE I 141 -53.96 -1.93 11.20
CA ILE I 141 -53.40 -0.79 11.91
C ILE I 141 -53.78 -0.84 13.38
N LEU I 142 -54.93 -1.42 13.70
CA LEU I 142 -55.33 -1.54 15.09
C LEU I 142 -54.40 -2.49 15.84
N LYS I 143 -54.05 -3.61 15.20
CA LYS I 143 -53.11 -4.55 15.81
C LYS I 143 -51.76 -3.88 16.01
N VAL I 144 -51.36 -3.05 15.05
CA VAL I 144 -50.10 -2.32 15.16
C VAL I 144 -50.13 -1.39 16.36
N LYS I 145 -51.24 -0.67 16.53
CA LYS I 145 -51.38 0.24 17.66
C LYS I 145 -51.29 -0.52 18.97
N GLY I 146 -51.96 -1.66 19.05
CA GLY I 146 -51.88 -2.46 20.25
C GLY I 146 -50.49 -3.05 20.45
N ARG I 147 -49.89 -3.54 19.37
CA ARG I 147 -48.57 -4.13 19.44
C ARG I 147 -47.53 -3.09 19.87
N MET I 148 -47.60 -1.89 19.32
CA MET I 148 -46.65 -0.84 19.69
C MET I 148 -46.80 -0.47 21.16
N ASN I 149 -48.03 -0.37 21.64
CA ASN I 149 -48.26 -0.01 23.04
C ASN I 149 -47.73 -1.08 23.98
N GLU I 150 -47.81 -2.36 23.59
CA GLU I 150 -47.28 -3.42 24.42
C GLU I 150 -45.79 -3.28 24.60
N LEU I 151 -45.08 -2.98 23.51
CA LEU I 151 -43.64 -2.82 23.57
C LEU I 151 -43.26 -1.56 24.34
N MET I 152 -44.01 -0.47 24.14
CA MET I 152 -43.72 0.76 24.87
C MET I 152 -43.87 0.54 26.37
N ALA I 153 -44.89 -0.23 26.76
CA ALA I 153 -45.10 -0.53 28.16
C ALA I 153 -43.99 -1.37 28.73
N LEU I 154 -43.41 -2.25 27.91
CA LEU I 154 -42.35 -3.14 28.38
C LEU I 154 -41.07 -2.38 28.72
N HIS I 155 -40.68 -1.43 27.87
CA HIS I 155 -39.46 -0.68 28.12
C HIS I 155 -39.65 0.40 29.17
N THR I 156 -40.80 1.08 29.14
CA THR I 156 -41.07 2.14 30.11
C THR I 156 -41.51 1.60 31.46
N GLY I 157 -42.04 0.38 31.50
CA GLY I 157 -42.51 -0.20 32.74
C GLY I 157 -43.90 0.26 33.14
N GLN I 158 -44.56 1.06 32.31
CA GLN I 158 -45.90 1.55 32.60
C GLN I 158 -46.93 0.50 32.21
N SER I 159 -48.19 0.79 32.54
CA SER I 159 -49.28 -0.12 32.22
C SER I 159 -49.81 0.16 30.83
N LEU I 160 -50.25 -0.91 30.16
CA LEU I 160 -50.78 -0.76 28.80
C LEU I 160 -51.96 0.18 28.78
N GLU I 161 -52.80 0.15 29.82
CA GLU I 161 -53.95 1.04 29.86
C GLU I 161 -53.52 2.50 29.90
N GLN I 162 -52.52 2.81 30.73
CA GLN I 162 -52.04 4.19 30.81
C GLN I 162 -51.46 4.66 29.49
N ILE I 163 -50.72 3.79 28.81
CA ILE I 163 -50.12 4.16 27.53
C ILE I 163 -51.21 4.46 26.51
N GLU I 164 -52.29 3.67 26.50
CA GLU I 164 -53.37 3.90 25.56
C GLU I 164 -54.02 5.25 25.80
N ARG I 165 -54.14 5.65 27.07
CA ARG I 165 -54.74 6.95 27.37
C ARG I 165 -53.82 8.09 26.97
N ASP I 166 -52.51 7.91 27.12
CA ASP I 166 -51.55 8.94 26.79
C ASP I 166 -51.18 8.96 25.31
N THR I 167 -51.39 7.86 24.60
CA THR I 167 -51.06 7.76 23.18
C THR I 167 -52.25 8.05 22.27
N GLU I 168 -53.46 8.21 22.81
CA GLU I 168 -54.63 8.48 21.98
C GLU I 168 -54.52 9.80 21.23
N ARG I 169 -53.70 10.72 21.72
CA ARG I 169 -53.52 12.01 21.08
C ARG I 169 -52.07 12.42 21.23
N ASP I 170 -51.64 13.33 20.34
CA ASP I 170 -50.27 13.82 20.35
C ASP I 170 -49.92 14.37 21.72
N ARG I 171 -48.92 13.76 22.35
CA ARG I 171 -48.46 14.13 23.68
C ARG I 171 -46.97 14.44 23.60
N PHE I 172 -46.59 15.62 24.05
CA PHE I 172 -45.21 16.07 24.04
C PHE I 172 -44.63 15.92 25.44
N LEU I 173 -43.34 15.60 25.49
CA LEU I 173 -42.63 15.41 26.73
C LEU I 173 -41.25 16.00 26.64
N SER I 174 -40.80 16.61 27.73
CA SER I 174 -39.48 17.16 27.81
C SER I 174 -38.55 16.08 28.36
N ALA I 175 -37.27 16.40 28.46
CA ALA I 175 -36.33 15.43 28.97
C ALA I 175 -36.64 15.00 30.40
N PRO I 176 -36.83 15.91 31.37
CA PRO I 176 -37.15 15.44 32.73
C PRO I 176 -38.47 14.70 32.80
N GLU I 177 -39.48 15.16 32.06
CA GLU I 177 -40.78 14.49 32.06
C GLU I 177 -40.66 13.07 31.56
N ALA I 178 -39.79 12.85 30.57
CA ALA I 178 -39.62 11.52 29.99
C ALA I 178 -39.03 10.55 31.00
N VAL I 179 -38.05 11.01 31.78
CA VAL I 179 -37.43 10.16 32.80
C VAL I 179 -38.49 9.57 33.72
N GLU I 180 -39.40 10.42 34.19
CA GLU I 180 -40.47 9.94 35.05
C GLU I 180 -41.40 9.00 34.30
N TYR I 181 -41.53 9.19 32.99
CA TYR I 181 -42.37 8.32 32.17
C TYR I 181 -41.69 7.02 31.83
N GLY I 182 -40.37 6.94 31.97
CA GLY I 182 -39.60 5.75 31.69
C GLY I 182 -39.11 5.61 30.27
N LEU I 183 -39.40 6.59 29.39
CA LEU I 183 -38.90 6.50 28.03
C LEU I 183 -37.39 6.58 28.00
N VAL I 184 -36.81 7.40 28.89
CA VAL I 184 -35.38 7.59 28.98
C VAL I 184 -34.98 7.33 30.43
N ASP I 185 -33.69 7.12 30.62
CA ASP I 185 -33.13 6.80 31.92
C ASP I 185 -32.50 8.01 32.62
N SER I 186 -31.66 8.75 31.92
CA SER I 186 -30.96 9.88 32.49
C SER I 186 -30.85 10.99 31.46
N ILE I 187 -30.31 12.11 31.91
CA ILE I 187 -30.11 13.30 31.11
C ILE I 187 -28.62 13.63 31.07
N LEU I 188 -28.16 14.02 29.90
CA LEU I 188 -26.77 14.39 29.65
C LEU I 188 -26.69 15.91 29.54
N THR I 189 -26.51 16.57 30.68
CA THR I 189 -26.44 18.02 30.70
C THR I 189 -25.03 18.55 30.46
N HIS I 190 -24.02 17.92 31.04
CA HIS I 190 -22.65 18.33 30.88
C HIS I 190 -21.77 17.10 30.92
N ARG I 191 -20.48 17.29 30.64
CA ARG I 191 -19.54 16.19 30.64
C ARG I 191 -19.01 15.96 32.05
N LEU J 1 -26.12 9.42 2.05
CA LEU J 1 -24.72 9.03 1.99
C LEU J 1 -24.51 7.68 2.65
N VAL J 2 -23.77 6.81 1.99
CA VAL J 2 -23.49 5.46 2.48
C VAL J 2 -22.13 5.49 3.17
N PRO J 3 -22.03 5.10 4.45
CA PRO J 3 -20.73 5.12 5.11
C PRO J 3 -19.78 4.10 4.53
N MET J 4 -18.51 4.49 4.46
CA MET J 4 -17.45 3.62 3.95
C MET J 4 -16.77 2.98 5.14
N VAL J 5 -16.79 1.65 5.16
CA VAL J 5 -16.24 0.87 6.27
C VAL J 5 -14.97 0.17 5.82
N ILE J 6 -13.99 0.16 6.69
CA ILE J 6 -12.69 -0.44 6.44
C ILE J 6 -12.74 -1.92 6.75
N GLU J 7 -12.14 -2.72 5.88
CA GLU J 7 -12.03 -4.16 6.06
C GLU J 7 -10.56 -4.49 6.22
N GLN J 8 -10.24 -5.30 7.22
CA GLN J 8 -8.86 -5.71 7.49
C GLN J 8 -8.58 -7.03 6.80
N THR J 9 -7.63 -7.03 5.87
CA THR J 9 -7.24 -8.21 5.11
C THR J 9 -5.74 -8.42 5.23
N SER J 10 -5.30 -9.63 4.85
CA SER J 10 -3.88 -9.93 4.88
C SER J 10 -3.11 -9.02 3.92
N ARG J 11 -3.70 -8.76 2.74
CA ARG J 11 -3.05 -7.89 1.77
C ARG J 11 -2.95 -6.46 2.30
N GLY J 12 -3.98 -5.99 2.98
CA GLY J 12 -3.97 -4.67 3.54
C GLY J 12 -5.38 -4.14 3.73
N GLU J 13 -5.44 -2.91 4.24
CA GLU J 13 -6.70 -2.25 4.50
C GLU J 13 -7.43 -1.93 3.20
N ARG J 14 -8.69 -2.36 3.11
CA ARG J 14 -9.53 -2.13 1.95
C ARG J 14 -10.78 -1.39 2.40
N SER J 15 -10.99 -0.20 1.87
CA SER J 15 -12.16 0.59 2.21
C SER J 15 -13.33 0.11 1.37
N PHE J 16 -14.44 -0.19 2.03
CA PHE J 16 -15.64 -0.72 1.39
C PHE J 16 -16.86 0.09 1.78
N ASP J 17 -17.86 0.02 0.94
CA ASP J 17 -19.15 0.61 1.21
C ASP J 17 -19.90 -0.32 2.16
N ILE J 18 -20.86 0.24 2.88
CA ILE J 18 -21.59 -0.57 3.85
C ILE J 18 -22.47 -1.62 3.19
N TYR J 19 -22.75 -1.48 1.90
CA TYR J 19 -23.55 -2.45 1.17
C TYR J 19 -22.69 -3.45 0.42
N SER J 20 -21.49 -3.05 0.01
CA SER J 20 -20.57 -3.95 -0.68
C SER J 20 -19.86 -4.84 0.32
N ARG J 21 -19.60 -4.34 1.52
CA ARG J 21 -18.97 -5.14 2.56
C ARG J 21 -19.87 -6.31 2.93
N LEU J 22 -21.17 -6.07 2.93
CA LEU J 22 -22.12 -7.12 3.25
C LEU J 22 -22.26 -8.10 2.09
N LEU J 23 -22.10 -7.62 0.86
CA LEU J 23 -22.13 -8.50 -0.29
C LEU J 23 -20.99 -9.49 -0.20
N LYS J 24 -19.85 -9.05 0.31
CA LYS J 24 -18.70 -9.92 0.52
C LYS J 24 -19.01 -11.04 1.48
N GLU J 25 -20.02 -10.86 2.34
CA GLU J 25 -20.47 -11.85 3.29
C GLU J 25 -21.75 -12.54 2.85
N ARG J 26 -22.07 -12.47 1.56
CA ARG J 26 -23.25 -13.11 0.99
C ARG J 26 -24.54 -12.58 1.61
N VAL J 27 -24.70 -11.27 1.55
CA VAL J 27 -25.88 -10.59 2.05
C VAL J 27 -26.34 -9.61 0.99
N ILE J 28 -27.57 -9.77 0.54
CA ILE J 28 -28.18 -8.94 -0.47
C ILE J 28 -29.37 -8.25 0.17
N PHE J 29 -29.64 -7.03 -0.29
CA PHE J 29 -30.73 -6.23 0.24
C PHE J 29 -31.75 -5.97 -0.85
N LEU J 30 -33.01 -6.21 -0.53
CA LEU J 30 -34.13 -6.00 -1.43
C LEU J 30 -35.03 -5.00 -0.74
N THR J 31 -34.78 -3.72 -0.98
CA THR J 31 -35.53 -2.63 -0.40
C THR J 31 -36.18 -1.82 -1.51
N GLY J 32 -37.31 -1.21 -1.19
CA GLY J 32 -38.02 -0.39 -2.14
C GLY J 32 -38.84 -1.22 -3.12
N GLN J 33 -39.59 -0.50 -3.95
CA GLN J 33 -40.45 -1.15 -4.93
C GLN J 33 -39.62 -1.99 -5.89
N VAL J 34 -40.18 -3.11 -6.31
CA VAL J 34 -39.50 -4.03 -7.21
C VAL J 34 -39.72 -3.55 -8.64
N GLU J 35 -38.66 -3.08 -9.27
CA GLU J 35 -38.67 -2.59 -10.64
C GLU J 35 -37.68 -3.42 -11.45
N ASP J 36 -37.50 -3.03 -12.70
CA ASP J 36 -36.62 -3.77 -13.60
C ASP J 36 -35.15 -3.50 -13.33
N HIS J 37 -34.81 -2.28 -12.95
CA HIS J 37 -33.41 -1.95 -12.74
C HIS J 37 -32.86 -2.56 -11.46
N MET J 38 -33.57 -2.39 -10.33
CA MET J 38 -33.10 -2.98 -9.08
C MET J 38 -33.03 -4.49 -9.16
N ALA J 39 -33.95 -5.11 -9.89
CA ALA J 39 -33.97 -6.57 -9.99
C ALA J 39 -32.72 -7.09 -10.70
N ASN J 40 -32.35 -6.45 -11.81
CA ASN J 40 -31.15 -6.87 -12.52
C ASN J 40 -29.92 -6.73 -11.64
N LEU J 41 -29.90 -5.72 -10.79
CA LEU J 41 -28.80 -5.57 -9.84
C LEU J 41 -28.78 -6.72 -8.86
N ILE J 42 -29.96 -7.09 -8.35
CA ILE J 42 -30.05 -8.20 -7.41
C ILE J 42 -29.66 -9.49 -8.11
N VAL J 43 -30.07 -9.64 -9.36
CA VAL J 43 -29.73 -10.83 -10.14
C VAL J 43 -28.23 -10.95 -10.27
N ALA J 44 -27.58 -9.89 -10.74
CA ALA J 44 -26.14 -9.90 -10.91
C ALA J 44 -25.41 -10.22 -9.62
N GLN J 45 -25.93 -9.77 -8.49
CA GLN J 45 -25.30 -10.09 -7.23
C GLN J 45 -25.37 -11.58 -6.94
N MET J 46 -26.52 -12.20 -7.23
CA MET J 46 -26.65 -13.64 -7.01
C MET J 46 -25.67 -14.41 -7.87
N LEU J 47 -25.60 -14.06 -9.15
CA LEU J 47 -24.69 -14.73 -10.07
C LEU J 47 -23.24 -14.57 -9.64
N PHE J 48 -22.87 -13.38 -9.18
CA PHE J 48 -21.51 -13.16 -8.72
C PHE J 48 -21.21 -14.03 -7.51
N LEU J 49 -22.16 -14.11 -6.58
CA LEU J 49 -21.94 -14.91 -5.37
C LEU J 49 -21.90 -16.39 -5.69
N GLU J 50 -22.72 -16.84 -6.64
CA GLU J 50 -22.71 -18.24 -7.02
C GLU J 50 -21.35 -18.66 -7.55
N ALA J 51 -20.74 -17.82 -8.37
CA ALA J 51 -19.44 -18.16 -8.94
C ALA J 51 -18.34 -18.14 -7.88
N GLU J 52 -18.41 -17.21 -6.93
CA GLU J 52 -17.40 -17.14 -5.88
C GLU J 52 -17.38 -18.42 -5.06
N ASN J 53 -18.55 -18.86 -4.61
CA ASN J 53 -18.67 -20.08 -3.80
C ASN J 53 -20.08 -20.63 -4.03
N PRO J 54 -20.24 -21.63 -4.90
CA PRO J 54 -21.57 -22.19 -5.12
C PRO J 54 -22.06 -23.13 -4.03
N GLU J 55 -21.36 -23.21 -2.90
CA GLU J 55 -21.75 -24.07 -1.78
C GLU J 55 -22.26 -23.29 -0.59
N LYS J 56 -21.84 -22.04 -0.42
CA LYS J 56 -22.26 -21.23 0.72
C LYS J 56 -23.60 -20.58 0.46
N ASP J 57 -24.44 -20.58 1.48
CA ASP J 57 -25.78 -20.01 1.39
C ASP J 57 -25.75 -18.50 1.25
N ILE J 58 -26.71 -17.99 0.50
CA ILE J 58 -26.89 -16.56 0.24
C ILE J 58 -28.01 -16.07 1.13
N TYR J 59 -27.89 -14.83 1.59
CA TYR J 59 -28.88 -14.18 2.44
C TYR J 59 -29.45 -12.99 1.70
N LEU J 60 -30.77 -12.92 1.63
CA LEU J 60 -31.48 -11.87 0.93
C LEU J 60 -32.49 -11.24 1.89
N TYR J 61 -32.26 -9.98 2.26
CA TYR J 61 -33.12 -9.27 3.19
C TYR J 61 -34.23 -8.57 2.42
N ILE J 62 -35.44 -8.64 2.95
CA ILE J 62 -36.64 -8.12 2.28
C ILE J 62 -37.39 -7.13 3.17
N ASN J 63 -37.34 -5.86 2.78
CA ASN J 63 -38.04 -4.76 3.43
C ASN J 63 -38.73 -3.91 2.37
N SER J 64 -39.42 -4.58 1.43
CA SER J 64 -40.02 -3.93 0.27
C SER J 64 -41.55 -3.94 0.27
N PRO J 65 -42.19 -2.90 -0.27
CA PRO J 65 -43.65 -2.89 -0.40
C PRO J 65 -44.18 -3.58 -1.64
N GLY J 66 -43.32 -4.18 -2.45
CA GLY J 66 -43.73 -4.87 -3.66
C GLY J 66 -43.58 -4.01 -4.91
N GLY J 67 -43.78 -4.66 -6.05
CA GLY J 67 -43.67 -3.97 -7.31
C GLY J 67 -44.06 -4.78 -8.54
N VAL J 68 -43.33 -4.57 -9.62
CA VAL J 68 -43.59 -5.26 -10.89
C VAL J 68 -43.42 -6.76 -10.72
N ILE J 69 -44.36 -7.52 -11.26
CA ILE J 69 -44.32 -8.98 -11.16
C ILE J 69 -43.20 -9.55 -12.03
N THR J 70 -43.05 -9.04 -13.25
CA THR J 70 -42.03 -9.56 -14.17
C THR J 70 -40.64 -9.43 -13.56
N ALA J 71 -40.35 -8.30 -12.92
CA ALA J 71 -39.06 -8.11 -12.30
C ALA J 71 -38.86 -9.10 -11.16
N GLY J 72 -39.93 -9.38 -10.41
CA GLY J 72 -39.83 -10.33 -9.31
C GLY J 72 -39.57 -11.74 -9.80
N MET J 73 -40.17 -12.11 -10.93
CA MET J 73 -39.95 -13.45 -11.47
C MET J 73 -38.49 -13.63 -11.85
N SER J 74 -37.85 -12.58 -12.36
CA SER J 74 -36.44 -12.66 -12.72
C SER J 74 -35.61 -12.98 -11.50
N ILE J 75 -35.96 -12.40 -10.36
CA ILE J 75 -35.26 -12.69 -9.13
C ILE J 75 -35.61 -14.09 -8.65
N TYR J 76 -36.88 -14.47 -8.78
CA TYR J 76 -37.31 -15.79 -8.33
C TYR J 76 -36.67 -16.90 -9.15
N ASP J 77 -36.61 -16.73 -10.48
CA ASP J 77 -36.01 -17.75 -11.32
C ASP J 77 -34.54 -17.91 -11.00
N THR J 78 -33.85 -16.81 -10.74
CA THR J 78 -32.43 -16.87 -10.42
C THR J 78 -32.19 -17.59 -9.11
N MET J 79 -33.08 -17.44 -8.15
CA MET J 79 -32.92 -18.10 -6.86
C MET J 79 -32.97 -19.62 -7.02
N GLN J 80 -33.93 -20.11 -7.79
CA GLN J 80 -34.06 -21.54 -8.02
C GLN J 80 -32.91 -22.07 -8.87
N PHE J 81 -32.50 -21.30 -9.87
CA PHE J 81 -31.45 -21.73 -10.77
C PHE J 81 -30.13 -21.96 -10.06
N ILE J 82 -29.70 -21.00 -9.26
CA ILE J 82 -28.40 -21.15 -8.61
C ILE J 82 -28.44 -22.24 -7.55
N LYS J 83 -27.32 -22.94 -7.44
CA LYS J 83 -27.19 -24.02 -6.49
C LYS J 83 -27.29 -23.58 -5.03
N PRO J 84 -26.67 -22.48 -4.60
CA PRO J 84 -26.75 -22.09 -3.20
C PRO J 84 -28.17 -21.80 -2.72
N ASP J 85 -28.41 -22.14 -1.46
CA ASP J 85 -29.71 -21.89 -0.85
C ASP J 85 -29.84 -20.40 -0.58
N VAL J 86 -30.92 -19.81 -1.08
CA VAL J 86 -31.15 -18.38 -0.92
C VAL J 86 -31.97 -18.18 0.34
N SER J 87 -31.27 -18.01 1.47
CA SER J 87 -31.95 -17.73 2.72
C SER J 87 -32.60 -16.36 2.62
N THR J 88 -33.88 -16.27 2.96
CA THR J 88 -34.64 -15.03 2.90
C THR J 88 -35.11 -14.61 4.27
N ILE J 89 -34.77 -13.38 4.64
CA ILE J 89 -35.13 -12.78 5.92
C ILE J 89 -36.01 -11.59 5.63
N CYS J 90 -37.13 -11.50 6.35
CA CYS J 90 -38.10 -10.43 6.20
C CYS J 90 -37.94 -9.42 7.33
N MET J 91 -37.50 -8.22 6.96
CA MET J 91 -37.30 -7.14 7.91
C MET J 91 -38.33 -6.07 7.61
N GLY J 92 -39.08 -5.68 8.62
CA GLY J 92 -40.08 -4.65 8.47
C GLY J 92 -41.33 -5.07 7.77
N GLN J 93 -41.26 -5.39 6.48
CA GLN J 93 -42.44 -5.81 5.76
C GLN J 93 -42.06 -6.54 4.48
N ALA J 94 -43.01 -7.32 3.98
CA ALA J 94 -42.84 -8.07 2.74
C ALA J 94 -44.21 -8.17 2.08
N ALA J 95 -44.43 -7.37 1.05
CA ALA J 95 -45.69 -7.34 0.32
C ALA J 95 -45.76 -8.53 -0.63
N SER J 96 -46.78 -8.54 -1.48
CA SER J 96 -47.03 -9.62 -2.45
C SER J 96 -45.76 -10.14 -3.13
N MET J 97 -44.97 -9.25 -3.72
CA MET J 97 -43.74 -9.69 -4.36
C MET J 97 -42.70 -10.09 -3.32
N GLY J 98 -42.54 -9.30 -2.27
CA GLY J 98 -41.59 -9.65 -1.24
C GLY J 98 -41.94 -10.95 -0.55
N ALA J 99 -43.23 -11.14 -0.28
CA ALA J 99 -43.70 -12.36 0.35
C ALA J 99 -43.47 -13.55 -0.58
N PHE J 100 -43.72 -13.37 -1.87
CA PHE J 100 -43.49 -14.44 -2.82
C PHE J 100 -42.00 -14.77 -2.88
N LEU J 101 -41.15 -13.76 -2.83
CA LEU J 101 -39.72 -13.98 -2.80
C LEU J 101 -39.26 -14.46 -1.45
N LEU J 102 -40.04 -14.21 -0.40
CA LEU J 102 -39.70 -14.67 0.94
C LEU J 102 -39.95 -16.16 1.08
N THR J 103 -41.12 -16.62 0.62
CA THR J 103 -41.45 -18.02 0.68
C THR J 103 -40.71 -18.83 -0.38
N ALA J 104 -40.17 -18.17 -1.41
CA ALA J 104 -39.42 -18.86 -2.45
C ALA J 104 -38.03 -19.27 -1.99
N GLY J 105 -37.61 -18.86 -0.80
CA GLY J 105 -36.30 -19.24 -0.32
C GLY J 105 -36.21 -20.72 -0.05
N ALA J 106 -35.01 -21.13 0.35
CA ALA J 106 -34.75 -22.53 0.63
C ALA J 106 -35.55 -22.99 1.83
N LYS J 107 -36.07 -24.21 1.75
CA LYS J 107 -36.83 -24.77 2.86
C LYS J 107 -35.94 -24.87 4.09
N GLY J 108 -36.42 -24.32 5.19
CA GLY J 108 -35.69 -24.30 6.44
C GLY J 108 -34.74 -23.14 6.61
N LYS J 109 -34.64 -22.26 5.62
CA LYS J 109 -33.76 -21.10 5.66
C LYS J 109 -34.52 -19.81 5.38
N ARG J 110 -35.81 -19.80 5.68
CA ARG J 110 -36.67 -18.63 5.50
C ARG J 110 -36.99 -18.12 6.89
N PHE J 111 -36.39 -17.00 7.25
CA PHE J 111 -36.58 -16.40 8.55
C PHE J 111 -37.44 -15.16 8.45
N CYS J 112 -37.91 -14.73 9.62
CA CYS J 112 -38.77 -13.56 9.75
C CYS J 112 -38.54 -12.96 11.11
N LEU J 113 -38.56 -11.64 11.17
CA LEU J 113 -38.39 -10.97 12.44
C LEU J 113 -39.73 -10.94 13.16
N PRO J 114 -39.72 -10.81 14.49
CA PRO J 114 -41.00 -10.87 15.22
C PRO J 114 -42.01 -9.80 14.87
N ASN J 115 -41.60 -8.54 14.78
CA ASN J 115 -42.52 -7.45 14.50
C ASN J 115 -42.71 -7.19 13.01
N SER J 116 -42.28 -8.11 12.16
CA SER J 116 -42.48 -7.95 10.73
C SER J 116 -43.91 -8.31 10.35
N ARG J 117 -44.34 -7.80 9.20
CA ARG J 117 -45.70 -8.02 8.70
C ARG J 117 -45.63 -8.41 7.24
N VAL J 118 -46.27 -9.51 6.91
CA VAL J 118 -46.36 -10.00 5.54
C VAL J 118 -47.72 -9.64 4.98
N MET J 119 -47.77 -9.41 3.67
CA MET J 119 -48.99 -9.04 2.98
C MET J 119 -49.03 -9.78 1.65
N ILE J 120 -50.11 -10.51 1.42
CA ILE J 120 -50.33 -11.27 0.19
C ILE J 120 -51.63 -10.80 -0.43
N HIS J 121 -51.62 -10.61 -1.75
CA HIS J 121 -52.80 -10.15 -2.47
C HIS J 121 -52.68 -10.62 -3.91
N GLN J 122 -53.75 -10.43 -4.65
CA GLN J 122 -53.79 -10.85 -6.04
C GLN J 122 -53.12 -9.81 -6.94
N PRO J 123 -52.64 -10.22 -8.11
CA PRO J 123 -52.01 -9.25 -9.03
C PRO J 123 -52.93 -8.10 -9.39
N LEU J 124 -52.30 -7.00 -9.80
CA LEU J 124 -52.98 -5.79 -10.21
C LEU J 124 -52.58 -5.46 -11.64
N GLY J 125 -53.48 -4.83 -12.36
CA GLY J 125 -53.20 -4.49 -13.74
C GLY J 125 -54.23 -3.56 -14.32
N GLY J 126 -54.28 -3.52 -15.64
CA GLY J 126 -55.22 -2.67 -16.34
C GLY J 126 -54.81 -2.49 -17.79
N TYR J 127 -55.77 -2.04 -18.59
CA TYR J 127 -55.55 -1.81 -20.00
C TYR J 127 -56.63 -0.88 -20.53
N GLN J 128 -56.27 -0.09 -21.52
CA GLN J 128 -57.19 0.84 -22.18
C GLN J 128 -57.01 0.68 -23.68
N GLY J 129 -58.08 0.27 -24.36
CA GLY J 129 -58.01 0.09 -25.80
C GLY J 129 -59.21 -0.68 -26.31
N GLN J 130 -59.02 -1.33 -27.45
CA GLN J 130 -60.09 -2.11 -28.05
C GLN J 130 -60.43 -3.31 -27.17
N ALA J 131 -61.62 -3.86 -27.41
CA ALA J 131 -62.07 -5.01 -26.64
C ALA J 131 -61.24 -6.26 -26.95
N THR J 132 -60.73 -6.36 -28.18
CA THR J 132 -59.93 -7.52 -28.55
C THR J 132 -58.66 -7.58 -27.71
N ASP J 133 -57.92 -6.47 -27.65
CA ASP J 133 -56.69 -6.43 -26.86
C ASP J 133 -56.97 -6.63 -25.38
N ILE J 134 -58.11 -6.13 -24.89
CA ILE J 134 -58.46 -6.28 -23.49
C ILE J 134 -58.59 -7.75 -23.13
N GLU J 135 -59.19 -8.55 -24.02
CA GLU J 135 -59.34 -9.97 -23.77
C GLU J 135 -57.98 -10.64 -23.64
N ILE J 136 -57.03 -10.26 -24.49
CA ILE J 136 -55.69 -10.86 -24.46
C ILE J 136 -55.01 -10.55 -23.13
N HIS J 137 -54.91 -9.28 -22.79
CA HIS J 137 -54.26 -8.90 -21.53
C HIS J 137 -55.01 -9.44 -20.33
N ALA J 138 -56.33 -9.51 -20.40
CA ALA J 138 -57.11 -10.06 -19.30
C ALA J 138 -56.80 -11.53 -19.10
N ARG J 139 -56.75 -12.29 -20.18
CA ARG J 139 -56.41 -13.70 -20.07
C ARG J 139 -55.00 -13.89 -19.55
N GLU J 140 -54.07 -13.03 -19.98
CA GLU J 140 -52.69 -13.15 -19.56
C GLU J 140 -52.52 -12.91 -18.06
N ILE J 141 -53.09 -11.81 -17.55
CA ILE J 141 -52.98 -11.52 -16.13
C ILE J 141 -53.59 -12.63 -15.30
N LEU J 142 -54.65 -13.26 -15.81
CA LEU J 142 -55.26 -14.37 -15.08
C LEU J 142 -54.31 -15.56 -15.01
N LYS J 143 -53.61 -15.83 -16.11
CA LYS J 143 -52.64 -16.92 -16.13
C LYS J 143 -51.52 -16.64 -15.14
N VAL J 144 -51.09 -15.39 -15.04
CA VAL J 144 -50.06 -15.01 -14.10
C VAL J 144 -50.54 -15.25 -12.67
N LYS J 145 -51.78 -14.86 -12.39
CA LYS J 145 -52.34 -15.07 -11.05
C LYS J 145 -52.37 -16.55 -10.71
N GLY J 146 -52.78 -17.38 -11.66
CA GLY J 146 -52.80 -18.82 -11.42
C GLY J 146 -51.41 -19.37 -11.23
N ARG J 147 -50.46 -18.92 -12.06
CA ARG J 147 -49.09 -19.38 -11.95
C ARG J 147 -48.48 -18.99 -10.61
N MET J 148 -48.72 -17.75 -10.19
CA MET J 148 -48.19 -17.29 -8.91
C MET J 148 -48.76 -18.10 -7.75
N ASN J 149 -50.07 -18.37 -7.78
CA ASN J 149 -50.70 -19.12 -6.70
C ASN J 149 -50.18 -20.56 -6.68
N GLU J 150 -49.93 -21.15 -7.85
CA GLU J 150 -49.39 -22.50 -7.90
C GLU J 150 -48.04 -22.56 -7.22
N LEU J 151 -47.18 -21.59 -7.50
CA LEU J 151 -45.85 -21.54 -6.90
C LEU J 151 -45.94 -21.32 -5.40
N MET J 152 -46.86 -20.46 -4.95
CA MET J 152 -47.00 -20.21 -3.53
C MET J 152 -47.42 -21.47 -2.79
N ALA J 153 -48.28 -22.26 -3.41
CA ALA J 153 -48.73 -23.51 -2.79
C ALA J 153 -47.59 -24.52 -2.68
N LEU J 154 -46.66 -24.50 -3.65
CA LEU J 154 -45.55 -25.43 -3.62
C LEU J 154 -44.59 -25.13 -2.48
N HIS J 155 -44.28 -23.86 -2.25
CA HIS J 155 -43.36 -23.48 -1.20
C HIS J 155 -44.02 -23.54 0.18
N THR J 156 -45.22 -22.97 0.30
CA THR J 156 -45.92 -22.98 1.59
C THR J 156 -46.50 -24.34 1.92
N GLY J 157 -46.78 -25.16 0.91
CA GLY J 157 -47.36 -26.45 1.13
C GLY J 157 -48.86 -26.43 1.36
N GLN J 158 -49.50 -25.27 1.19
CA GLN J 158 -50.93 -25.13 1.36
C GLN J 158 -51.66 -25.56 0.10
N SER J 159 -52.97 -25.71 0.23
CA SER J 159 -53.81 -26.13 -0.89
C SER J 159 -54.12 -24.94 -1.79
N LEU J 160 -54.01 -25.17 -3.11
CA LEU J 160 -54.29 -24.13 -4.10
C LEU J 160 -55.66 -23.50 -3.87
N GLU J 161 -56.65 -24.29 -3.45
CA GLU J 161 -57.98 -23.74 -3.19
C GLU J 161 -57.92 -22.71 -2.06
N GLN J 162 -57.16 -23.02 -1.00
CA GLN J 162 -57.01 -22.09 0.10
C GLN J 162 -56.33 -20.80 -0.37
N ILE J 163 -55.32 -20.94 -1.23
CA ILE J 163 -54.59 -19.78 -1.73
C ILE J 163 -55.51 -18.87 -2.54
N GLU J 164 -56.36 -19.46 -3.38
CA GLU J 164 -57.27 -18.65 -4.18
C GLU J 164 -58.24 -17.89 -3.29
N ARG J 165 -58.68 -18.50 -2.19
CA ARG J 165 -59.59 -17.86 -1.26
C ARG J 165 -58.89 -16.81 -0.42
N ASP J 166 -57.63 -17.04 -0.05
CA ASP J 166 -56.87 -16.11 0.78
C ASP J 166 -56.18 -15.02 -0.01
N THR J 167 -55.94 -15.23 -1.30
CA THR J 167 -55.27 -14.25 -2.15
C THR J 167 -56.25 -13.38 -2.93
N GLU J 168 -57.55 -13.72 -2.91
CA GLU J 168 -58.55 -12.93 -3.63
C GLU J 168 -58.58 -11.49 -3.14
N ARG J 169 -58.22 -11.26 -1.88
CA ARG J 169 -58.21 -9.93 -1.30
C ARG J 169 -56.98 -9.80 -0.40
N ASP J 170 -56.63 -8.54 -0.12
CA ASP J 170 -55.47 -8.24 0.71
C ASP J 170 -55.55 -8.93 2.05
N ARG J 171 -54.55 -9.73 2.37
CA ARG J 171 -54.46 -10.46 3.63
C ARG J 171 -53.12 -10.16 4.27
N PHE J 172 -53.16 -9.69 5.51
CA PHE J 172 -51.96 -9.36 6.28
C PHE J 172 -51.67 -10.49 7.25
N LEU J 173 -50.38 -10.70 7.49
CA LEU J 173 -49.93 -11.76 8.39
C LEU J 173 -48.73 -11.29 9.19
N SER J 174 -48.68 -11.71 10.44
CA SER J 174 -47.58 -11.41 11.32
C SER J 174 -46.58 -12.55 11.24
N ALA J 175 -45.49 -12.45 11.98
CA ALA J 175 -44.48 -13.51 11.94
C ALA J 175 -45.02 -14.85 12.44
N PRO J 176 -45.67 -14.94 13.60
CA PRO J 176 -46.17 -16.26 14.02
C PRO J 176 -47.21 -16.83 13.07
N GLU J 177 -48.13 -15.98 12.60
CA GLU J 177 -49.14 -16.43 11.65
C GLU J 177 -48.50 -16.94 10.37
N ALA J 178 -47.36 -16.37 9.98
CA ALA J 178 -46.67 -16.81 8.77
C ALA J 178 -46.14 -18.23 8.93
N VAL J 179 -45.64 -18.56 10.12
CA VAL J 179 -45.08 -19.88 10.36
C VAL J 179 -46.14 -20.96 10.16
N GLU J 180 -47.31 -20.78 10.78
CA GLU J 180 -48.39 -21.75 10.61
C GLU J 180 -48.88 -21.78 9.17
N TYR J 181 -48.71 -20.68 8.43
CA TYR J 181 -49.14 -20.61 7.04
C TYR J 181 -48.11 -21.22 6.09
N GLY J 182 -46.87 -21.40 6.54
CA GLY J 182 -45.82 -21.96 5.73
C GLY J 182 -44.98 -20.97 4.95
N LEU J 183 -45.23 -19.67 5.11
CA LEU J 183 -44.44 -18.68 4.38
C LEU J 183 -43.00 -18.67 4.86
N VAL J 184 -42.80 -18.69 6.17
CA VAL J 184 -41.48 -18.64 6.78
C VAL J 184 -41.36 -19.78 7.78
N ASP J 185 -40.21 -20.43 7.77
CA ASP J 185 -39.99 -21.60 8.61
C ASP J 185 -39.81 -21.25 10.08
N SER J 186 -39.06 -20.20 10.39
CA SER J 186 -38.79 -19.85 11.77
C SER J 186 -38.73 -18.34 11.96
N ILE J 187 -38.63 -17.96 13.23
CA ILE J 187 -38.57 -16.57 13.67
C ILE J 187 -37.28 -16.36 14.44
N LEU J 188 -36.68 -15.20 14.24
CA LEU J 188 -35.43 -14.80 14.87
C LEU J 188 -35.73 -13.71 15.89
N THR J 189 -35.67 -14.05 17.17
CA THR J 189 -35.95 -13.11 18.24
C THR J 189 -34.68 -12.53 18.83
N HIS J 190 -33.69 -13.35 19.14
CA HIS J 190 -32.43 -12.90 19.69
C HIS J 190 -31.30 -13.70 19.07
N ARG J 191 -30.09 -13.25 19.34
CA ARG J 191 -28.88 -13.87 18.83
C ARG J 191 -28.37 -14.86 19.87
N ASN J 192 -28.19 -16.11 19.48
CA ASN J 192 -27.73 -17.16 20.37
C ASN J 192 -26.29 -17.53 20.04
N LEU K 1 -27.57 2.65 -6.61
CA LEU K 1 -26.21 2.34 -6.14
C LEU K 1 -25.82 0.94 -6.56
N VAL K 2 -24.67 0.84 -7.21
CA VAL K 2 -24.13 -0.43 -7.70
C VAL K 2 -23.02 -0.88 -6.76
N PRO K 3 -23.10 -2.07 -6.15
CA PRO K 3 -22.01 -2.49 -5.27
C PRO K 3 -20.72 -2.75 -6.03
N MET K 4 -19.60 -2.35 -5.43
CA MET K 4 -18.29 -2.55 -6.00
C MET K 4 -17.71 -3.83 -5.42
N VAL K 5 -17.43 -4.79 -6.30
CA VAL K 5 -16.91 -6.10 -5.92
C VAL K 5 -15.43 -6.20 -6.25
N ILE K 6 -14.67 -6.76 -5.33
CA ILE K 6 -13.24 -6.96 -5.50
C ILE K 6 -13.00 -8.26 -6.24
N GLU K 7 -12.01 -8.24 -7.13
CA GLU K 7 -11.61 -9.39 -7.92
C GLU K 7 -10.15 -9.69 -7.60
N GLN K 8 -9.83 -10.97 -7.42
CA GLN K 8 -8.49 -11.42 -7.10
C GLN K 8 -7.77 -11.83 -8.37
N THR K 9 -6.59 -11.26 -8.59
CA THR K 9 -5.78 -11.55 -9.75
C THR K 9 -4.31 -11.65 -9.35
N SER K 10 -3.50 -12.14 -10.28
CA SER K 10 -2.07 -12.25 -10.04
C SER K 10 -1.46 -10.88 -9.75
N ARG K 11 -1.87 -9.87 -10.51
CA ARG K 11 -1.35 -8.52 -10.32
C ARG K 11 -1.75 -7.96 -8.96
N GLY K 12 -2.94 -8.30 -8.50
CA GLY K 12 -3.43 -7.81 -7.21
C GLY K 12 -4.93 -7.86 -7.18
N GLU K 13 -5.49 -7.16 -6.20
CA GLU K 13 -6.94 -7.07 -6.03
C GLU K 13 -7.41 -5.75 -6.64
N ARG K 14 -8.34 -5.85 -7.59
CA ARG K 14 -8.88 -4.71 -8.30
C ARG K 14 -10.37 -4.62 -8.04
N SER K 15 -10.83 -3.44 -7.63
CA SER K 15 -12.25 -3.22 -7.38
C SER K 15 -12.98 -3.09 -8.70
N PHE K 16 -14.09 -3.80 -8.83
CA PHE K 16 -14.90 -3.80 -10.02
C PHE K 16 -16.36 -3.55 -9.67
N ASP K 17 -17.04 -2.86 -10.57
CA ASP K 17 -18.46 -2.65 -10.41
C ASP K 17 -19.17 -3.97 -10.69
N ILE K 18 -20.39 -4.11 -10.16
CA ILE K 18 -21.10 -5.36 -10.36
C ILE K 18 -21.49 -5.55 -11.82
N TYR K 19 -21.60 -4.47 -12.59
CA TYR K 19 -21.92 -4.57 -14.00
C TYR K 19 -20.68 -4.68 -14.86
N SER K 20 -19.53 -4.21 -14.37
CA SER K 20 -18.28 -4.31 -15.10
C SER K 20 -17.64 -5.68 -14.90
N ARG K 21 -17.79 -6.25 -13.71
CA ARG K 21 -17.26 -7.58 -13.44
C ARG K 21 -17.91 -8.59 -14.37
N LEU K 22 -19.20 -8.44 -14.59
CA LEU K 22 -19.91 -9.35 -15.47
C LEU K 22 -19.50 -9.12 -16.91
N LEU K 23 -19.27 -7.87 -17.29
CA LEU K 23 -18.81 -7.57 -18.64
C LEU K 23 -17.50 -8.29 -18.92
N LYS K 24 -16.63 -8.35 -17.92
CA LYS K 24 -15.37 -9.05 -18.06
C LYS K 24 -15.58 -10.52 -18.38
N GLU K 25 -16.74 -11.07 -18.03
CA GLU K 25 -17.10 -12.44 -18.31
C GLU K 25 -18.03 -12.55 -19.52
N ARG K 26 -18.07 -11.52 -20.36
CA ARG K 26 -18.88 -11.50 -21.57
C ARG K 26 -20.36 -11.66 -21.26
N VAL K 27 -20.85 -10.77 -20.40
CA VAL K 27 -22.24 -10.73 -20.00
C VAL K 27 -22.71 -9.29 -20.15
N ILE K 28 -23.73 -9.09 -20.97
CA ILE K 28 -24.30 -7.79 -21.25
C ILE K 28 -25.74 -7.82 -20.75
N PHE K 29 -26.21 -6.67 -20.30
CA PHE K 29 -27.56 -6.51 -19.77
C PHE K 29 -28.34 -5.54 -20.64
N LEU K 30 -29.55 -5.93 -20.99
CA LEU K 30 -30.46 -5.11 -21.79
C LEU K 30 -31.71 -4.95 -20.94
N THR K 31 -31.72 -3.93 -20.09
CA THR K 31 -32.81 -3.64 -19.19
C THR K 31 -33.39 -2.27 -19.53
N GLY K 32 -34.68 -2.11 -19.27
CA GLY K 32 -35.34 -0.86 -19.53
C GLY K 32 -35.69 -0.69 -20.99
N GLN K 33 -36.37 0.42 -21.27
CA GLN K 33 -36.79 0.73 -22.63
C GLN K 33 -35.58 0.82 -23.55
N VAL K 34 -35.78 0.38 -24.79
CA VAL K 34 -34.73 0.40 -25.80
C VAL K 34 -34.71 1.79 -26.42
N GLU K 35 -33.66 2.54 -26.12
CA GLU K 35 -33.45 3.88 -26.65
C GLU K 35 -32.13 3.91 -27.41
N ASP K 36 -31.78 5.10 -27.90
CA ASP K 36 -30.55 5.25 -28.68
C ASP K 36 -29.31 5.23 -27.81
N HIS K 37 -29.37 5.82 -26.62
CA HIS K 37 -28.20 5.89 -25.76
C HIS K 37 -27.81 4.52 -25.22
N MET K 38 -28.77 3.79 -24.64
CA MET K 38 -28.47 2.45 -24.13
C MET K 38 -28.02 1.53 -25.26
N ALA K 39 -28.60 1.67 -26.45
CA ALA K 39 -28.22 0.82 -27.57
C ALA K 39 -26.77 1.03 -27.95
N ASN K 40 -26.34 2.28 -28.03
CA ASN K 40 -24.95 2.57 -28.34
C ASN K 40 -24.04 2.01 -27.27
N LEU K 41 -24.51 2.01 -26.02
CA LEU K 41 -23.73 1.43 -24.94
C LEU K 41 -23.60 -0.07 -25.11
N ILE K 42 -24.71 -0.73 -25.43
CA ILE K 42 -24.69 -2.17 -25.66
C ILE K 42 -23.81 -2.48 -26.86
N VAL K 43 -23.89 -1.64 -27.89
CA VAL K 43 -23.09 -1.81 -29.08
C VAL K 43 -21.61 -1.76 -28.75
N ALA K 44 -21.19 -0.71 -28.03
CA ALA K 44 -19.79 -0.54 -27.69
C ALA K 44 -19.26 -1.70 -26.87
N GLN K 45 -20.10 -2.28 -26.01
CA GLN K 45 -19.67 -3.42 -25.24
C GLN K 45 -19.35 -4.60 -26.16
N MET K 46 -20.20 -4.83 -27.16
CA MET K 46 -19.97 -5.93 -28.09
C MET K 46 -18.66 -5.76 -28.84
N LEU K 47 -18.43 -4.58 -29.40
CA LEU K 47 -17.20 -4.32 -30.14
C LEU K 47 -15.99 -4.52 -29.26
N PHE K 48 -16.06 -4.08 -28.02
CA PHE K 48 -14.95 -4.27 -27.10
C PHE K 48 -14.74 -5.75 -26.81
N LEU K 49 -15.82 -6.48 -26.55
CA LEU K 49 -15.71 -7.90 -26.26
C LEU K 49 -15.19 -8.68 -27.44
N GLU K 50 -15.64 -8.34 -28.65
CA GLU K 50 -15.18 -9.03 -29.84
C GLU K 50 -13.68 -8.90 -30.02
N ALA K 51 -13.14 -7.71 -29.81
CA ALA K 51 -11.71 -7.49 -29.99
C ALA K 51 -10.90 -8.27 -28.97
N GLU K 52 -11.35 -8.30 -27.72
CA GLU K 52 -10.61 -9.03 -26.69
C GLU K 52 -10.52 -10.52 -27.02
N ASN K 53 -11.64 -11.12 -27.37
CA ASN K 53 -11.68 -12.53 -27.72
C ASN K 53 -12.83 -12.72 -28.71
N PRO K 54 -12.56 -12.73 -30.01
CA PRO K 54 -13.63 -12.89 -31.00
C PRO K 54 -14.15 -14.30 -31.16
N GLU K 55 -13.74 -15.25 -30.32
CA GLU K 55 -14.18 -16.63 -30.41
C GLU K 55 -15.14 -17.06 -29.30
N LYS K 56 -15.08 -16.40 -28.14
CA LYS K 56 -15.94 -16.78 -27.03
C LYS K 56 -17.34 -16.19 -27.19
N ASP K 57 -18.34 -16.97 -26.84
CA ASP K 57 -19.73 -16.55 -26.98
C ASP K 57 -20.07 -15.45 -26.00
N ILE K 58 -20.90 -14.52 -26.47
CA ILE K 58 -21.38 -13.39 -25.69
C ILE K 58 -22.75 -13.75 -25.15
N TYR K 59 -23.06 -13.26 -23.96
CA TYR K 59 -24.34 -13.47 -23.31
C TYR K 59 -24.99 -12.11 -23.11
N LEU K 60 -26.25 -12.00 -23.51
CA LEU K 60 -27.02 -10.77 -23.44
C LEU K 60 -28.32 -11.07 -22.71
N TYR K 61 -28.45 -10.55 -21.49
CA TYR K 61 -29.64 -10.78 -20.69
C TYR K 61 -30.65 -9.69 -21.00
N ILE K 62 -31.91 -10.10 -21.18
CA ILE K 62 -32.97 -9.20 -21.62
C ILE K 62 -34.14 -9.23 -20.65
N ASN K 63 -34.38 -8.09 -20.01
CA ASN K 63 -35.51 -7.82 -19.12
C ASN K 63 -36.10 -6.48 -19.48
N SER K 64 -36.29 -6.23 -20.78
CA SER K 64 -36.73 -4.95 -21.28
C SER K 64 -38.20 -4.95 -21.71
N PRO K 65 -38.92 -3.83 -21.54
CA PRO K 65 -40.31 -3.75 -22.00
C PRO K 65 -40.47 -3.31 -23.44
N GLY K 66 -39.38 -3.11 -24.17
CA GLY K 66 -39.42 -2.70 -25.56
C GLY K 66 -39.27 -1.21 -25.74
N GLY K 67 -38.87 -0.82 -26.94
CA GLY K 67 -38.66 0.56 -27.27
C GLY K 67 -38.62 0.82 -28.75
N VAL K 68 -37.98 1.93 -29.12
CA VAL K 68 -37.85 2.32 -30.52
C VAL K 68 -37.15 1.24 -31.33
N ILE K 69 -37.69 0.99 -32.52
CA ILE K 69 -37.16 -0.05 -33.40
C ILE K 69 -35.79 0.31 -33.94
N THR K 70 -35.59 1.58 -34.31
CA THR K 70 -34.32 2.03 -34.90
C THR K 70 -33.13 1.68 -34.02
N ALA K 71 -33.26 1.88 -32.72
CA ALA K 71 -32.18 1.55 -31.80
C ALA K 71 -31.96 0.04 -31.75
N GLY K 72 -33.04 -0.73 -31.81
CA GLY K 72 -32.91 -2.17 -31.75
C GLY K 72 -32.19 -2.75 -32.96
N MET K 73 -32.41 -2.19 -34.15
CA MET K 73 -31.74 -2.69 -35.33
C MET K 73 -30.23 -2.57 -35.20
N SER K 74 -29.76 -1.48 -34.58
CA SER K 74 -28.33 -1.31 -34.39
C SER K 74 -27.75 -2.42 -33.55
N ILE K 75 -28.50 -2.87 -32.55
CA ILE K 75 -28.05 -3.97 -31.71
C ILE K 75 -28.11 -5.26 -32.49
N TYR K 76 -29.17 -5.46 -33.26
CA TYR K 76 -29.33 -6.69 -34.03
C TYR K 76 -28.26 -6.82 -35.10
N ASP K 77 -28.01 -5.74 -35.83
CA ASP K 77 -26.99 -5.76 -36.86
C ASP K 77 -25.62 -6.01 -36.26
N THR K 78 -25.35 -5.42 -35.10
CA THR K 78 -24.07 -5.62 -34.44
C THR K 78 -23.90 -7.06 -34.01
N MET K 79 -24.97 -7.70 -33.56
CA MET K 79 -24.90 -9.10 -33.14
C MET K 79 -24.53 -9.99 -34.32
N GLN K 80 -25.19 -9.77 -35.45
CA GLN K 80 -24.92 -10.54 -36.65
C GLN K 80 -23.54 -10.23 -37.21
N PHE K 81 -23.14 -8.96 -37.17
CA PHE K 81 -21.85 -8.55 -37.72
C PHE K 81 -20.69 -9.22 -37.01
N ILE K 82 -20.71 -9.26 -35.68
CA ILE K 82 -19.60 -9.84 -34.96
C ILE K 82 -19.60 -11.36 -35.09
N LYS K 83 -18.40 -11.92 -35.03
CA LYS K 83 -18.16 -13.36 -35.13
C LYS K 83 -18.73 -14.14 -33.95
N PRO K 84 -18.54 -13.67 -32.71
CA PRO K 84 -19.05 -14.42 -31.57
C PRO K 84 -20.56 -14.60 -31.57
N ASP K 85 -20.97 -15.75 -31.03
CA ASP K 85 -22.38 -16.07 -30.91
C ASP K 85 -22.93 -15.29 -29.74
N VAL K 86 -23.95 -14.47 -30.00
CA VAL K 86 -24.55 -13.63 -28.97
C VAL K 86 -25.71 -14.42 -28.36
N SER K 87 -25.39 -15.17 -27.32
CA SER K 87 -26.42 -15.91 -26.61
C SER K 87 -27.36 -14.92 -25.93
N THR K 88 -28.66 -15.17 -26.03
CA THR K 88 -29.67 -14.28 -25.48
C THR K 88 -30.53 -15.03 -24.48
N ILE K 89 -30.60 -14.50 -23.26
CA ILE K 89 -31.37 -15.06 -22.16
C ILE K 89 -32.42 -14.03 -21.78
N CYS K 90 -33.66 -14.49 -21.62
CA CYS K 90 -34.79 -13.63 -21.27
C CYS K 90 -35.15 -13.81 -19.81
N MET K 91 -34.94 -12.77 -19.03
CA MET K 91 -35.25 -12.76 -17.61
C MET K 91 -36.43 -11.84 -17.38
N GLY K 92 -37.46 -12.36 -16.72
CA GLY K 92 -38.64 -11.57 -16.44
C GLY K 92 -39.56 -11.38 -17.62
N GLN K 93 -39.14 -10.62 -18.63
CA GLN K 93 -40.00 -10.43 -19.78
C GLN K 93 -39.21 -9.89 -20.96
N ALA K 94 -39.78 -10.10 -22.14
CA ALA K 94 -39.23 -9.59 -23.39
C ALA K 94 -40.40 -9.11 -24.25
N ALA K 95 -40.35 -7.85 -24.65
CA ALA K 95 -41.39 -7.25 -25.48
C ALA K 95 -41.02 -7.43 -26.94
N SER K 96 -41.74 -6.72 -27.82
CA SER K 96 -41.52 -6.81 -29.27
C SER K 96 -40.05 -6.67 -29.63
N MET K 97 -39.39 -5.62 -29.15
CA MET K 97 -37.98 -5.44 -29.46
C MET K 97 -37.12 -6.45 -28.71
N GLY K 98 -37.44 -6.69 -27.44
CA GLY K 98 -36.70 -7.68 -26.69
C GLY K 98 -36.84 -9.06 -27.31
N ALA K 99 -38.06 -9.39 -27.74
CA ALA K 99 -38.29 -10.67 -28.38
C ALA K 99 -37.54 -10.77 -29.70
N PHE K 100 -37.51 -9.68 -30.46
CA PHE K 100 -36.77 -9.68 -31.71
C PHE K 100 -35.28 -9.86 -31.45
N LEU K 101 -34.78 -9.22 -30.38
CA LEU K 101 -33.38 -9.36 -30.00
C LEU K 101 -33.13 -10.64 -29.23
N LEU K 102 -34.19 -11.36 -28.84
CA LEU K 102 -34.07 -12.62 -28.15
C LEU K 102 -33.94 -13.76 -29.14
N THR K 103 -34.75 -13.75 -30.19
CA THR K 103 -34.68 -14.75 -31.23
C THR K 103 -33.51 -14.52 -32.18
N ALA K 104 -32.96 -13.31 -32.21
CA ALA K 104 -31.83 -13.01 -33.07
C ALA K 104 -30.53 -13.61 -32.57
N GLY K 105 -30.53 -14.18 -31.37
CA GLY K 105 -29.32 -14.80 -30.86
C GLY K 105 -28.89 -15.98 -31.70
N ALA K 106 -27.74 -16.52 -31.33
CA ALA K 106 -27.19 -17.64 -32.06
C ALA K 106 -28.08 -18.86 -31.93
N LYS K 107 -28.25 -19.58 -33.04
CA LYS K 107 -29.07 -20.79 -33.03
C LYS K 107 -28.50 -21.78 -32.04
N GLY K 108 -29.37 -22.28 -31.16
CA GLY K 108 -28.97 -23.21 -30.14
C GLY K 108 -28.43 -22.58 -28.88
N LYS K 109 -28.36 -21.24 -28.82
CA LYS K 109 -27.86 -20.51 -27.68
C LYS K 109 -28.84 -19.44 -27.22
N ARG K 110 -30.13 -19.64 -27.48
CA ARG K 110 -31.18 -18.73 -27.08
C ARG K 110 -31.95 -19.42 -25.97
N PHE K 111 -31.85 -18.88 -24.77
CA PHE K 111 -32.50 -19.45 -23.60
C PHE K 111 -33.57 -18.52 -23.07
N CYS K 112 -34.35 -19.05 -22.14
CA CYS K 112 -35.40 -18.31 -21.47
C CYS K 112 -35.65 -18.97 -20.13
N LEU K 113 -35.96 -18.17 -19.14
CA LEU K 113 -36.23 -18.68 -17.82
C LEU K 113 -37.66 -19.19 -17.76
N PRO K 114 -37.96 -20.13 -16.86
CA PRO K 114 -39.32 -20.70 -16.83
C PRO K 114 -40.46 -19.72 -16.64
N ASN K 115 -40.32 -18.74 -15.75
CA ASN K 115 -41.38 -17.79 -15.47
C ASN K 115 -41.30 -16.52 -16.33
N SER K 116 -40.64 -16.60 -17.48
CA SER K 116 -40.52 -15.44 -18.34
C SER K 116 -41.79 -15.27 -19.17
N ARG K 117 -41.98 -14.06 -19.70
CA ARG K 117 -43.14 -13.74 -20.51
C ARG K 117 -42.67 -12.96 -21.73
N VAL K 118 -42.83 -13.56 -22.90
CA VAL K 118 -42.47 -12.94 -24.15
C VAL K 118 -43.72 -12.32 -24.75
N MET K 119 -43.53 -11.24 -25.50
CA MET K 119 -44.63 -10.53 -26.15
C MET K 119 -44.17 -10.04 -27.51
N ILE K 120 -44.99 -10.29 -28.52
CA ILE K 120 -44.72 -9.88 -29.90
C ILE K 120 -45.93 -9.12 -30.41
N HIS K 121 -45.66 -8.02 -31.12
CA HIS K 121 -46.73 -7.22 -31.70
C HIS K 121 -46.17 -6.47 -32.89
N GLN K 122 -47.05 -5.76 -33.59
CA GLN K 122 -46.66 -5.01 -34.77
C GLN K 122 -46.12 -3.64 -34.38
N PRO K 123 -45.29 -3.03 -35.22
CA PRO K 123 -44.76 -1.70 -34.90
C PRO K 123 -45.86 -0.67 -34.69
N LEU K 124 -45.51 0.38 -33.95
CA LEU K 124 -46.40 1.48 -33.64
C LEU K 124 -45.78 2.78 -34.16
N GLY K 125 -46.65 3.75 -34.42
CA GLY K 125 -46.18 5.03 -34.92
C GLY K 125 -47.29 6.04 -34.99
N GLY K 126 -47.03 7.09 -35.75
CA GLY K 126 -48.01 8.14 -35.93
C GLY K 126 -47.40 9.39 -36.54
N TYR K 127 -48.23 10.25 -37.09
CA TYR K 127 -47.76 11.49 -37.72
C TYR K 127 -48.90 12.49 -37.76
N GLN K 128 -48.54 13.76 -37.75
CA GLN K 128 -49.50 14.85 -37.84
C GLN K 128 -48.94 15.85 -38.84
N GLY K 129 -49.71 16.10 -39.91
CA GLY K 129 -49.28 17.02 -40.94
C GLY K 129 -50.14 16.83 -42.18
N GLN K 130 -49.58 17.23 -43.31
CA GLN K 130 -50.30 17.09 -44.56
C GLN K 130 -50.51 15.63 -44.89
N ALA K 131 -51.51 15.37 -45.75
CA ALA K 131 -51.79 14.00 -46.16
C ALA K 131 -50.64 13.41 -46.97
N THR K 132 -49.90 14.27 -47.67
CA THR K 132 -48.78 13.79 -48.47
C THR K 132 -47.70 13.16 -47.59
N ASP K 133 -47.26 13.90 -46.57
CA ASP K 133 -46.23 13.39 -45.68
C ASP K 133 -46.70 12.16 -44.90
N ILE K 134 -47.98 12.11 -44.55
CA ILE K 134 -48.51 10.97 -43.80
C ILE K 134 -48.34 9.68 -44.59
N GLU K 135 -48.59 9.74 -45.90
CA GLU K 135 -48.42 8.55 -46.73
C GLU K 135 -46.99 8.05 -46.71
N ILE K 136 -46.02 8.98 -46.72
CA ILE K 136 -44.62 8.60 -46.70
C ILE K 136 -44.28 7.86 -45.42
N HIS K 137 -44.57 8.49 -44.27
CA HIS K 137 -44.27 7.85 -42.99
C HIS K 137 -45.09 6.59 -42.79
N ALA K 138 -46.34 6.59 -43.28
CA ALA K 138 -47.17 5.40 -43.16
C ALA K 138 -46.59 4.27 -44.00
N ARG K 139 -46.09 4.59 -45.19
CA ARG K 139 -45.49 3.59 -46.05
C ARG K 139 -44.21 3.03 -45.41
N GLU K 140 -43.42 3.89 -44.78
CA GLU K 140 -42.17 3.46 -44.18
C GLU K 140 -42.40 2.49 -43.02
N ILE K 141 -43.32 2.83 -42.12
CA ILE K 141 -43.60 1.94 -40.99
C ILE K 141 -44.09 0.59 -41.47
N LEU K 142 -44.81 0.57 -42.59
CA LEU K 142 -45.28 -0.70 -43.13
C LEU K 142 -44.10 -1.53 -43.63
N LYS K 143 -43.12 -0.88 -44.24
CA LYS K 143 -41.93 -1.59 -44.71
C LYS K 143 -41.20 -2.22 -43.54
N VAL K 144 -41.12 -1.49 -42.41
CA VAL K 144 -40.46 -2.01 -41.22
C VAL K 144 -41.18 -3.25 -40.73
N LYS K 145 -42.52 -3.21 -40.72
CA LYS K 145 -43.30 -4.36 -40.28
C LYS K 145 -42.99 -5.57 -41.12
N GLY K 146 -42.93 -5.39 -42.45
CA GLY K 146 -42.58 -6.49 -43.32
C GLY K 146 -41.17 -6.97 -43.06
N ARG K 147 -40.22 -6.02 -42.94
CA ARG K 147 -38.83 -6.37 -42.69
C ARG K 147 -38.67 -7.09 -41.35
N MET K 148 -39.34 -6.58 -40.31
CA MET K 148 -39.24 -7.23 -39.00
C MET K 148 -39.80 -8.63 -39.03
N ASN K 149 -40.96 -8.81 -39.68
CA ASN K 149 -41.56 -10.13 -39.77
C ASN K 149 -40.70 -11.09 -40.57
N GLU K 150 -40.02 -10.59 -41.60
CA GLU K 150 -39.15 -11.44 -42.40
C GLU K 150 -38.04 -12.02 -41.55
N LEU K 151 -37.41 -11.18 -40.72
CA LEU K 151 -36.33 -11.63 -39.87
C LEU K 151 -36.84 -12.55 -38.78
N MET K 152 -38.01 -12.25 -38.21
CA MET K 152 -38.59 -13.11 -37.17
C MET K 152 -38.79 -14.52 -37.70
N ALA K 153 -39.26 -14.63 -38.94
CA ALA K 153 -39.48 -15.94 -39.53
C ALA K 153 -38.17 -16.68 -39.80
N LEU K 154 -37.10 -15.93 -40.12
CA LEU K 154 -35.82 -16.56 -40.40
C LEU K 154 -35.24 -17.22 -39.16
N HIS K 155 -35.34 -16.55 -38.01
CA HIS K 155 -34.79 -17.12 -36.79
C HIS K 155 -35.71 -18.17 -36.20
N THR K 156 -37.01 -17.89 -36.12
CA THR K 156 -37.95 -18.87 -35.58
C THR K 156 -38.19 -20.02 -36.53
N GLY K 157 -38.00 -19.80 -37.83
CA GLY K 157 -38.24 -20.83 -38.82
C GLY K 157 -39.70 -21.00 -39.19
N GLN K 158 -40.56 -20.08 -38.77
CA GLN K 158 -41.98 -20.12 -39.08
C GLN K 158 -42.24 -19.52 -40.45
N SER K 159 -43.49 -19.63 -40.90
CA SER K 159 -43.89 -19.07 -42.18
C SER K 159 -44.19 -17.59 -42.04
N LEU K 160 -43.76 -16.81 -43.04
CA LEU K 160 -44.00 -15.36 -43.04
C LEU K 160 -45.47 -15.03 -42.82
N GLU K 161 -46.36 -15.81 -43.42
CA GLU K 161 -47.80 -15.56 -43.23
C GLU K 161 -48.19 -15.76 -41.77
N GLN K 162 -47.59 -16.74 -41.10
CA GLN K 162 -47.88 -16.98 -39.69
C GLN K 162 -47.47 -15.78 -38.84
N ILE K 163 -46.29 -15.21 -39.14
CA ILE K 163 -45.81 -14.06 -38.37
C ILE K 163 -46.76 -12.89 -38.51
N GLU K 164 -47.24 -12.64 -39.74
CA GLU K 164 -48.20 -11.56 -39.95
C GLU K 164 -49.48 -11.83 -39.20
N ARG K 165 -49.93 -13.08 -39.22
CA ARG K 165 -51.16 -13.46 -38.52
C ARG K 165 -51.01 -13.33 -37.01
N ASP K 166 -49.83 -13.66 -36.49
CA ASP K 166 -49.59 -13.61 -35.06
C ASP K 166 -49.13 -12.24 -34.56
N THR K 167 -48.57 -11.40 -35.42
CA THR K 167 -48.08 -10.09 -35.02
C THR K 167 -49.08 -8.97 -35.20
N GLU K 168 -50.26 -9.23 -35.78
CA GLU K 168 -51.24 -8.16 -35.96
C GLU K 168 -51.72 -7.60 -34.63
N ARG K 169 -51.65 -8.38 -33.56
CA ARG K 169 -52.07 -7.96 -32.24
C ARG K 169 -51.12 -8.54 -31.21
N ASP K 170 -51.12 -7.90 -30.03
CA ASP K 170 -50.27 -8.33 -28.93
C ASP K 170 -50.49 -9.78 -28.60
N ARG K 171 -49.44 -10.59 -28.70
CA ARG K 171 -49.49 -12.01 -28.42
C ARG K 171 -48.48 -12.32 -27.32
N PHE K 172 -48.94 -12.91 -26.24
CA PHE K 172 -48.11 -13.26 -25.10
C PHE K 172 -47.74 -14.73 -25.18
N LEU K 173 -46.55 -15.05 -24.71
CA LEU K 173 -46.03 -16.40 -24.74
C LEU K 173 -45.24 -16.69 -23.48
N SER K 174 -45.42 -17.89 -22.95
CA SER K 174 -44.70 -18.35 -21.80
C SER K 174 -43.42 -19.03 -22.28
N ALA K 175 -42.59 -19.46 -21.35
CA ALA K 175 -41.34 -20.14 -21.72
C ALA K 175 -41.57 -21.36 -22.59
N PRO K 176 -42.47 -22.30 -22.25
CA PRO K 176 -42.67 -23.45 -23.14
C PRO K 176 -43.21 -23.07 -24.50
N GLU K 177 -44.20 -22.16 -24.54
CA GLU K 177 -44.79 -21.75 -25.80
C GLU K 177 -43.76 -21.11 -26.72
N ALA K 178 -42.79 -20.40 -26.16
CA ALA K 178 -41.76 -19.77 -26.98
C ALA K 178 -40.94 -20.81 -27.72
N VAL K 179 -40.63 -21.93 -27.06
CA VAL K 179 -39.84 -22.97 -27.70
C VAL K 179 -40.61 -23.57 -28.87
N GLU K 180 -41.91 -23.79 -28.68
CA GLU K 180 -42.72 -24.33 -29.77
C GLU K 180 -42.81 -23.36 -30.93
N TYR K 181 -42.83 -22.07 -30.64
CA TYR K 181 -42.91 -21.04 -31.67
C TYR K 181 -41.55 -20.78 -32.31
N GLY K 182 -40.46 -21.26 -31.70
CA GLY K 182 -39.13 -21.09 -32.22
C GLY K 182 -38.37 -19.84 -31.79
N LEU K 183 -38.93 -19.03 -30.89
CA LEU K 183 -38.22 -17.85 -30.45
C LEU K 183 -36.96 -18.23 -29.68
N VAL K 184 -37.04 -19.27 -28.86
CA VAL K 184 -35.93 -19.72 -28.04
C VAL K 184 -35.73 -21.22 -28.23
N ASP K 185 -34.51 -21.65 -27.92
CA ASP K 185 -34.09 -23.04 -28.09
C ASP K 185 -34.36 -23.91 -26.87
N SER K 186 -34.05 -23.43 -25.68
CA SER K 186 -34.24 -24.23 -24.49
C SER K 186 -34.62 -23.36 -23.30
N ILE K 187 -35.04 -24.03 -22.23
CA ILE K 187 -35.45 -23.41 -20.98
C ILE K 187 -34.43 -23.75 -19.90
N LEU K 188 -34.08 -22.76 -19.10
CA LEU K 188 -33.13 -22.90 -18.01
C LEU K 188 -33.92 -23.01 -16.72
N THR K 189 -34.30 -24.23 -16.35
CA THR K 189 -35.07 -24.45 -15.14
C THR K 189 -34.18 -24.46 -13.90
N HIS K 190 -33.07 -25.18 -13.97
CA HIS K 190 -32.13 -25.29 -12.87
C HIS K 190 -30.73 -25.39 -13.46
N ARG K 191 -29.74 -25.48 -12.58
CA ARG K 191 -28.35 -25.61 -13.01
C ARG K 191 -27.99 -27.09 -13.04
N ASN K 192 -27.36 -27.51 -14.13
CA ASN K 192 -26.94 -28.89 -14.30
C ASN K 192 -25.42 -28.96 -14.36
N LEU L 1 -25.56 4.73 -17.40
CA LEU L 1 -24.45 4.14 -16.66
C LEU L 1 -23.46 3.52 -17.64
N VAL L 2 -22.23 4.03 -17.63
CA VAL L 2 -21.17 3.59 -18.53
C VAL L 2 -20.31 2.56 -17.79
N PRO L 3 -20.27 1.30 -18.22
CA PRO L 3 -19.39 0.34 -17.54
C PRO L 3 -17.94 0.63 -17.83
N MET L 4 -17.10 0.38 -16.84
CA MET L 4 -15.67 0.58 -16.95
C MET L 4 -15.03 -0.71 -17.41
N VAL L 5 -13.96 -0.57 -18.19
CA VAL L 5 -13.24 -1.71 -18.76
C VAL L 5 -11.76 -1.54 -18.49
N ILE L 6 -11.10 -2.66 -18.26
CA ILE L 6 -9.68 -2.70 -17.96
C ILE L 6 -8.90 -2.94 -19.24
N GLU L 7 -7.94 -2.08 -19.51
CA GLU L 7 -7.05 -2.20 -20.65
C GLU L 7 -5.75 -2.79 -20.11
N GLN L 8 -5.46 -4.02 -20.51
CA GLN L 8 -4.24 -4.66 -20.05
C GLN L 8 -3.08 -4.13 -20.84
N THR L 9 -2.02 -3.72 -20.14
CA THR L 9 -0.83 -3.16 -20.75
C THR L 9 0.40 -3.89 -20.25
N SER L 10 1.50 -3.64 -20.93
CA SER L 10 2.77 -4.26 -20.59
C SER L 10 3.23 -3.90 -19.18
N ARG L 11 3.12 -2.62 -18.81
CA ARG L 11 3.60 -2.13 -17.52
C ARG L 11 2.52 -1.99 -16.46
N GLY L 12 1.45 -1.24 -16.73
CA GLY L 12 0.40 -1.06 -15.73
C GLY L 12 -1.03 -1.03 -16.27
N GLU L 13 -1.87 -1.87 -15.71
CA GLU L 13 -3.27 -1.92 -16.11
C GLU L 13 -4.00 -0.67 -15.65
N ARG L 14 -4.78 -0.07 -16.55
CA ARG L 14 -5.54 1.14 -16.27
C ARG L 14 -6.97 0.96 -16.76
N SER L 15 -7.91 1.44 -15.96
CA SER L 15 -9.32 1.32 -16.27
C SER L 15 -9.81 2.49 -17.10
N PHE L 16 -10.68 2.20 -18.06
CA PHE L 16 -11.27 3.18 -18.95
C PHE L 16 -12.77 2.96 -19.03
N ASP L 17 -13.48 4.00 -19.41
CA ASP L 17 -14.90 3.86 -19.62
C ASP L 17 -15.11 3.27 -21.00
N ILE L 18 -16.32 2.77 -21.25
CA ILE L 18 -16.58 2.13 -22.53
C ILE L 18 -16.48 3.10 -23.69
N TYR L 19 -16.75 4.38 -23.46
CA TYR L 19 -16.68 5.37 -24.52
C TYR L 19 -15.29 5.96 -24.70
N SER L 20 -14.38 5.73 -23.75
CA SER L 20 -13.02 6.22 -23.86
C SER L 20 -12.11 5.16 -24.46
N ARG L 21 -12.35 3.90 -24.15
CA ARG L 21 -11.58 2.82 -24.73
C ARG L 21 -11.70 2.84 -26.24
N LEU L 22 -12.92 3.07 -26.72
CA LEU L 22 -13.15 3.14 -28.16
C LEU L 22 -12.55 4.42 -28.74
N LEU L 23 -12.62 5.52 -28.00
CA LEU L 23 -12.01 6.76 -28.44
C LEU L 23 -10.51 6.55 -28.61
N LYS L 24 -9.90 5.76 -27.73
CA LYS L 24 -8.48 5.44 -27.84
C LYS L 24 -8.17 4.71 -29.14
N GLU L 25 -9.18 4.12 -29.77
CA GLU L 25 -9.07 3.43 -31.03
C GLU L 25 -9.65 4.24 -32.17
N ARG L 26 -9.77 5.56 -32.00
CA ARG L 26 -10.28 6.45 -33.03
C ARG L 26 -11.68 6.05 -33.46
N VAL L 27 -12.59 6.04 -32.49
CA VAL L 27 -13.98 5.69 -32.69
C VAL L 27 -14.81 6.71 -31.95
N ILE L 28 -15.71 7.38 -32.67
CA ILE L 28 -16.57 8.40 -32.13
C ILE L 28 -18.01 7.96 -32.33
N PHE L 29 -18.86 8.38 -31.40
CA PHE L 29 -20.28 8.07 -31.42
C PHE L 29 -21.07 9.36 -31.56
N LEU L 30 -22.09 9.32 -32.41
CA LEU L 30 -22.98 10.46 -32.64
C LEU L 30 -24.38 9.92 -32.38
N THR L 31 -24.80 10.00 -31.12
CA THR L 31 -26.10 9.51 -30.68
C THR L 31 -26.95 10.67 -30.20
N GLY L 32 -28.25 10.53 -30.37
CA GLY L 32 -29.19 11.54 -29.92
C GLY L 32 -29.23 12.74 -30.84
N GLN L 33 -30.06 13.69 -30.46
CA GLN L 33 -30.22 14.91 -31.23
C GLN L 33 -28.89 15.65 -31.35
N VAL L 34 -28.71 16.34 -32.46
CA VAL L 34 -27.51 17.11 -32.74
C VAL L 34 -27.71 18.49 -32.12
N GLU L 35 -26.94 18.79 -31.09
CA GLU L 35 -26.99 20.05 -30.36
C GLU L 35 -25.64 20.73 -30.44
N ASP L 36 -25.55 21.89 -29.80
CA ASP L 36 -24.31 22.65 -29.80
C ASP L 36 -23.29 22.08 -28.82
N HIS L 37 -23.75 21.63 -27.65
CA HIS L 37 -22.84 21.10 -26.65
C HIS L 37 -22.28 19.74 -27.06
N MET L 38 -23.16 18.80 -27.42
CA MET L 38 -22.71 17.48 -27.84
C MET L 38 -21.82 17.56 -29.07
N ALA L 39 -22.14 18.48 -29.99
CA ALA L 39 -21.34 18.63 -31.20
C ALA L 39 -19.93 19.10 -30.87
N ASN L 40 -19.81 20.03 -29.93
CA ASN L 40 -18.51 20.51 -29.53
C ASN L 40 -17.66 19.38 -28.97
N LEU L 41 -18.30 18.42 -28.32
CA LEU L 41 -17.58 17.27 -27.79
C LEU L 41 -16.98 16.45 -28.92
N ILE L 42 -17.78 16.20 -29.97
CA ILE L 42 -17.29 15.44 -31.11
C ILE L 42 -16.17 16.19 -31.79
N VAL L 43 -16.29 17.51 -31.87
CA VAL L 43 -15.25 18.33 -32.47
C VAL L 43 -13.96 18.20 -31.68
N ALA L 44 -14.05 18.26 -30.35
CA ALA L 44 -12.87 18.13 -29.52
C ALA L 44 -12.22 16.76 -29.71
N GLN L 45 -13.04 15.72 -29.86
CA GLN L 45 -12.48 14.39 -30.09
C GLN L 45 -11.69 14.35 -31.38
N MET L 46 -12.22 14.96 -32.45
CA MET L 46 -11.52 14.97 -33.72
C MET L 46 -10.18 15.68 -33.63
N LEU L 47 -10.17 16.87 -33.03
CA LEU L 47 -8.94 17.64 -32.91
C LEU L 47 -7.92 16.91 -32.05
N PHE L 48 -8.38 16.22 -31.00
CA PHE L 48 -7.45 15.49 -30.16
C PHE L 48 -6.83 14.33 -30.91
N LEU L 49 -7.65 13.57 -31.64
CA LEU L 49 -7.15 12.42 -32.38
C LEU L 49 -6.17 12.86 -33.45
N GLU L 50 -6.43 14.01 -34.08
CA GLU L 50 -5.52 14.51 -35.09
C GLU L 50 -4.15 14.81 -34.50
N ALA L 51 -4.12 15.34 -33.27
CA ALA L 51 -2.85 15.67 -32.63
C ALA L 51 -2.04 14.41 -32.35
N GLU L 52 -2.71 13.34 -31.90
CA GLU L 52 -2.00 12.09 -31.61
C GLU L 52 -1.32 11.55 -32.85
N ASN L 53 -2.10 11.29 -33.89
CA ASN L 53 -1.57 10.78 -35.16
C ASN L 53 -2.49 11.26 -36.27
N PRO L 54 -2.11 12.31 -37.00
CA PRO L 54 -2.97 12.78 -38.09
C PRO L 54 -2.96 11.91 -39.34
N GLU L 55 -2.19 10.83 -39.35
CA GLU L 55 -2.13 9.93 -40.49
C GLU L 55 -3.03 8.71 -40.36
N LYS L 56 -3.67 8.51 -39.21
CA LYS L 56 -4.55 7.37 -38.98
C LYS L 56 -6.00 7.75 -39.25
N ASP L 57 -6.75 6.79 -39.77
CA ASP L 57 -8.15 7.02 -40.10
C ASP L 57 -9.01 7.09 -38.84
N ILE L 58 -10.05 7.90 -38.90
CA ILE L 58 -11.00 8.10 -37.82
C ILE L 58 -12.32 7.51 -38.23
N TYR L 59 -13.07 7.00 -37.25
CA TYR L 59 -14.38 6.40 -37.46
C TYR L 59 -15.39 7.13 -36.60
N LEU L 60 -16.54 7.43 -37.20
CA LEU L 60 -17.62 8.16 -36.54
C LEU L 60 -18.92 7.42 -36.79
N TYR L 61 -19.53 6.93 -35.71
CA TYR L 61 -20.77 6.17 -35.80
C TYR L 61 -21.95 7.10 -35.61
N ILE L 62 -22.99 6.91 -36.42
CA ILE L 62 -24.14 7.80 -36.45
C ILE L 62 -25.44 7.03 -36.22
N ASN L 63 -26.08 7.29 -35.10
CA ASN L 63 -27.38 6.75 -34.72
C ASN L 63 -28.26 7.87 -34.19
N SER L 64 -28.26 9.01 -34.90
CA SER L 64 -28.96 10.21 -34.47
C SER L 64 -30.24 10.48 -35.28
N PRO L 65 -31.24 11.12 -34.67
CA PRO L 65 -32.47 11.46 -35.38
C PRO L 65 -32.48 12.85 -36.02
N GLY L 66 -31.36 13.55 -36.03
CA GLY L 66 -31.26 14.89 -36.59
C GLY L 66 -31.09 15.92 -35.50
N GLY L 67 -31.17 17.19 -35.92
CA GLY L 67 -31.03 18.27 -34.97
C GLY L 67 -30.79 19.59 -35.66
N VAL L 68 -30.32 20.56 -34.87
CA VAL L 68 -30.05 21.90 -35.39
C VAL L 68 -28.97 21.85 -36.46
N ILE L 69 -29.20 22.60 -37.54
CA ILE L 69 -28.29 22.61 -38.68
C ILE L 69 -26.95 23.24 -38.33
N THR L 70 -26.97 24.30 -37.53
CA THR L 70 -25.72 25.00 -37.18
C THR L 70 -24.72 24.06 -36.52
N ALA L 71 -25.17 23.21 -35.61
CA ALA L 71 -24.28 22.30 -34.92
C ALA L 71 -23.68 21.26 -35.86
N GLY L 72 -24.49 20.72 -36.77
CA GLY L 72 -23.99 19.70 -37.68
C GLY L 72 -22.90 20.21 -38.61
N MET L 73 -23.05 21.45 -39.10
CA MET L 73 -22.04 22.01 -39.98
C MET L 73 -20.69 22.12 -39.28
N SER L 74 -20.72 22.43 -37.99
CA SER L 74 -19.47 22.51 -37.23
C SER L 74 -18.75 21.17 -37.23
N ILE L 75 -19.52 20.08 -37.14
CA ILE L 75 -18.91 18.76 -37.20
C ILE L 75 -18.40 18.49 -38.61
N TYR L 76 -19.20 18.86 -39.63
CA TYR L 76 -18.83 18.59 -41.00
C TYR L 76 -17.58 19.38 -41.42
N ASP L 77 -17.51 20.65 -41.04
CA ASP L 77 -16.36 21.46 -41.42
C ASP L 77 -15.09 20.94 -40.79
N THR L 78 -15.16 20.50 -39.54
CA THR L 78 -13.98 19.98 -38.87
C THR L 78 -13.48 18.69 -39.54
N MET L 79 -14.40 17.84 -39.99
CA MET L 79 -14.02 16.59 -40.64
C MET L 79 -13.17 16.86 -41.87
N GLN L 80 -13.60 17.81 -42.70
CA GLN L 80 -12.87 18.15 -43.90
C GLN L 80 -11.58 18.89 -43.58
N PHE L 81 -11.60 19.77 -42.58
CA PHE L 81 -10.42 20.56 -42.24
C PHE L 81 -9.28 19.69 -41.75
N ILE L 82 -9.58 18.69 -40.91
CA ILE L 82 -8.51 17.84 -40.40
C ILE L 82 -7.98 16.93 -41.50
N LYS L 83 -6.71 16.57 -41.39
CA LYS L 83 -6.03 15.69 -42.35
C LYS L 83 -6.60 14.27 -42.37
N PRO L 84 -6.90 13.64 -41.23
CA PRO L 84 -7.41 12.27 -41.27
C PRO L 84 -8.74 12.13 -41.99
N ASP L 85 -8.88 11.01 -42.70
CA ASP L 85 -10.12 10.69 -43.38
C ASP L 85 -11.10 10.21 -42.33
N VAL L 86 -12.31 10.76 -42.36
CA VAL L 86 -13.33 10.46 -41.37
C VAL L 86 -14.33 9.46 -41.96
N SER L 87 -14.17 8.21 -41.58
CA SER L 87 -15.11 7.17 -41.97
C SER L 87 -16.40 7.36 -41.20
N THR L 88 -17.53 7.09 -41.85
CA THR L 88 -18.84 7.24 -41.25
C THR L 88 -19.64 5.96 -41.39
N ILE L 89 -20.17 5.49 -40.27
CA ILE L 89 -21.00 4.30 -40.21
C ILE L 89 -22.34 4.70 -39.63
N CYS L 90 -23.41 4.24 -40.27
CA CYS L 90 -24.77 4.55 -39.87
C CYS L 90 -25.42 3.34 -39.23
N MET L 91 -25.89 3.52 -38.00
CA MET L 91 -26.54 2.46 -37.25
C MET L 91 -27.92 2.92 -36.80
N GLY L 92 -28.90 2.08 -37.02
CA GLY L 92 -30.25 2.39 -36.59
C GLY L 92 -30.93 3.40 -37.49
N GLN L 93 -30.44 4.63 -37.49
CA GLN L 93 -31.05 5.64 -38.35
C GLN L 93 -30.13 6.84 -38.48
N ALA L 94 -30.38 7.62 -39.52
CA ALA L 94 -29.66 8.86 -39.79
C ALA L 94 -30.64 9.82 -40.46
N ALA L 95 -30.87 10.97 -39.84
CA ALA L 95 -31.76 11.98 -40.37
C ALA L 95 -30.98 12.94 -41.25
N SER L 96 -31.60 14.07 -41.62
CA SER L 96 -30.97 15.05 -42.51
C SER L 96 -29.57 15.44 -42.04
N MET L 97 -29.42 15.79 -40.77
CA MET L 97 -28.10 16.18 -40.27
C MET L 97 -27.18 14.98 -40.18
N GLY L 98 -27.69 13.84 -39.71
CA GLY L 98 -26.86 12.65 -39.66
C GLY L 98 -26.49 12.17 -41.04
N ALA L 99 -27.46 12.23 -41.97
CA ALA L 99 -27.22 11.81 -43.35
C ALA L 99 -26.20 12.71 -44.01
N PHE L 100 -26.29 14.01 -43.77
CA PHE L 100 -25.33 14.94 -44.33
C PHE L 100 -23.93 14.63 -43.80
N LEU L 101 -23.83 14.36 -42.50
CA LEU L 101 -22.56 13.98 -41.93
C LEU L 101 -22.15 12.59 -42.40
N LEU L 102 -23.12 11.70 -42.59
CA LEU L 102 -22.83 10.35 -43.05
C LEU L 102 -22.22 10.38 -44.44
N THR L 103 -22.86 11.08 -45.38
CA THR L 103 -22.34 11.15 -46.74
C THR L 103 -21.10 12.02 -46.82
N ALA L 104 -20.87 12.89 -45.83
CA ALA L 104 -19.70 13.75 -45.84
C ALA L 104 -18.40 13.00 -45.55
N GLY L 105 -18.47 11.74 -45.17
CA GLY L 105 -17.28 10.97 -44.87
C GLY L 105 -16.36 10.84 -46.07
N ALA L 106 -15.19 10.27 -45.80
CA ALA L 106 -14.20 10.08 -46.84
C ALA L 106 -14.71 9.12 -47.90
N LYS L 107 -14.37 9.42 -49.16
CA LYS L 107 -14.79 8.58 -50.28
C LYS L 107 -14.26 7.17 -50.10
N GLY L 108 -15.16 6.20 -50.20
CA GLY L 108 -14.82 4.81 -50.05
C GLY L 108 -14.76 4.33 -48.61
N LYS L 109 -15.00 5.21 -47.64
CA LYS L 109 -14.97 4.87 -46.23
C LYS L 109 -16.29 5.20 -45.53
N ARG L 110 -17.39 5.24 -46.28
CA ARG L 110 -18.72 5.50 -45.74
C ARG L 110 -19.50 4.20 -45.82
N PHE L 111 -19.88 3.67 -44.67
CA PHE L 111 -20.57 2.40 -44.56
C PHE L 111 -21.92 2.57 -43.88
N CYS L 112 -22.73 1.51 -43.98
CA CYS L 112 -24.04 1.48 -43.37
C CYS L 112 -24.45 0.03 -43.17
N LEU L 113 -25.08 -0.24 -42.05
CA LEU L 113 -25.53 -1.58 -41.73
C LEU L 113 -26.75 -1.94 -42.56
N PRO L 114 -27.01 -3.23 -42.77
CA PRO L 114 -28.16 -3.61 -43.62
C PRO L 114 -29.51 -3.08 -43.18
N ASN L 115 -29.82 -3.17 -41.89
CA ASN L 115 -31.11 -2.72 -41.38
C ASN L 115 -31.12 -1.24 -41.02
N SER L 116 -30.16 -0.48 -41.49
CA SER L 116 -30.16 0.94 -41.21
C SER L 116 -31.21 1.64 -42.05
N ARG L 117 -31.59 2.84 -41.61
CA ARG L 117 -32.63 3.61 -42.29
C ARG L 117 -32.18 5.06 -42.36
N VAL L 118 -31.94 5.56 -43.56
CA VAL L 118 -31.50 6.93 -43.76
C VAL L 118 -32.72 7.76 -44.15
N MET L 119 -32.69 9.02 -43.76
CA MET L 119 -33.76 9.96 -44.03
C MET L 119 -33.16 11.31 -44.35
N ILE L 120 -33.68 11.96 -45.40
CA ILE L 120 -33.22 13.27 -45.82
C ILE L 120 -34.45 14.16 -45.99
N HIS L 121 -34.30 15.43 -45.64
CA HIS L 121 -35.41 16.37 -45.72
C HIS L 121 -34.84 17.78 -45.76
N GLN L 122 -35.70 18.73 -46.09
CA GLN L 122 -35.29 20.11 -46.17
C GLN L 122 -35.13 20.70 -44.77
N PRO L 123 -34.37 21.78 -44.63
CA PRO L 123 -34.24 22.40 -43.31
C PRO L 123 -35.57 22.90 -42.78
N LEU L 124 -35.60 23.10 -41.47
CA LEU L 124 -36.78 23.58 -40.75
C LEU L 124 -36.41 24.85 -40.00
N GLY L 125 -37.43 25.66 -39.73
CA GLY L 125 -37.19 26.90 -39.03
C GLY L 125 -38.49 27.56 -38.64
N GLY L 126 -38.40 28.85 -38.37
CA GLY L 126 -39.54 29.64 -37.99
C GLY L 126 -39.13 30.94 -37.35
N TYR L 127 -40.06 31.89 -37.37
CA TYR L 127 -39.81 33.20 -36.79
C TYR L 127 -41.14 33.82 -36.42
N GLN L 128 -41.12 34.65 -35.38
CA GLN L 128 -42.28 35.39 -34.93
C GLN L 128 -41.81 36.80 -34.65
N GLY L 129 -42.34 37.76 -35.40
CA GLY L 129 -41.95 39.14 -35.24
C GLY L 129 -42.40 39.97 -36.42
N GLN L 130 -41.67 41.07 -36.65
CA GLN L 130 -42.01 41.97 -37.74
C GLN L 130 -41.77 41.30 -39.08
N ALA L 131 -42.44 41.85 -40.11
CA ALA L 131 -42.33 41.29 -41.45
C ALA L 131 -40.96 41.52 -42.06
N THR L 132 -40.30 42.63 -41.72
CA THR L 132 -38.98 42.90 -42.28
C THR L 132 -37.97 41.83 -41.85
N ASP L 133 -37.90 41.56 -40.54
CA ASP L 133 -36.98 40.55 -40.04
C ASP L 133 -37.29 39.17 -40.60
N ILE L 134 -38.58 38.88 -40.82
CA ILE L 134 -38.97 37.56 -41.35
C ILE L 134 -38.34 37.33 -42.72
N GLU L 135 -38.31 38.37 -43.56
CA GLU L 135 -37.72 38.21 -44.88
C GLU L 135 -36.23 37.88 -44.79
N ILE L 136 -35.52 38.52 -43.85
CA ILE L 136 -34.09 38.26 -43.69
C ILE L 136 -33.88 36.81 -43.27
N HIS L 137 -34.55 36.38 -42.20
CA HIS L 137 -34.41 35.02 -41.73
C HIS L 137 -34.89 34.02 -42.77
N ALA L 138 -35.91 34.39 -43.55
CA ALA L 138 -36.40 33.51 -44.59
C ALA L 138 -35.34 33.31 -45.66
N ARG L 139 -34.68 34.39 -46.08
CA ARG L 139 -33.63 34.27 -47.09
C ARG L 139 -32.49 33.39 -46.61
N GLU L 140 -32.12 33.49 -45.34
CA GLU L 140 -31.00 32.71 -44.82
C GLU L 140 -31.28 31.21 -44.89
N ILE L 141 -32.45 30.79 -44.40
CA ILE L 141 -32.79 29.37 -44.44
C ILE L 141 -32.82 28.86 -45.87
N LEU L 142 -33.20 29.72 -46.82
CA LEU L 142 -33.18 29.31 -48.22
C LEU L 142 -31.74 29.10 -48.68
N LYS L 143 -30.83 30.00 -48.30
CA LYS L 143 -29.43 29.85 -48.68
C LYS L 143 -28.86 28.58 -48.06
N VAL L 144 -29.24 28.31 -46.82
CA VAL L 144 -28.79 27.10 -46.16
C VAL L 144 -29.29 25.86 -46.90
N LYS L 145 -30.56 25.88 -47.28
CA LYS L 145 -31.13 24.75 -48.02
C LYS L 145 -30.40 24.57 -49.34
N GLY L 146 -30.18 25.66 -50.06
CA GLY L 146 -29.44 25.57 -51.31
C GLY L 146 -28.00 25.15 -51.08
N ARG L 147 -27.36 25.74 -50.07
CA ARG L 147 -25.98 25.39 -49.78
C ARG L 147 -25.86 23.93 -49.35
N MET L 148 -26.79 23.46 -48.52
CA MET L 148 -26.76 22.07 -48.06
C MET L 148 -26.94 21.11 -49.23
N ASN L 149 -27.87 21.42 -50.13
CA ASN L 149 -28.11 20.54 -51.28
C ASN L 149 -26.90 20.46 -52.19
N GLU L 150 -26.16 21.57 -52.33
CA GLU L 150 -24.95 21.56 -53.13
C GLU L 150 -23.93 20.57 -52.57
N LEU L 151 -23.71 20.62 -51.26
CA LEU L 151 -22.76 19.73 -50.62
C LEU L 151 -23.21 18.28 -50.72
N MET L 152 -24.51 18.03 -50.58
CA MET L 152 -25.02 16.66 -50.70
C MET L 152 -24.72 16.09 -52.08
N ALA L 153 -24.87 16.92 -53.12
CA ALA L 153 -24.60 16.47 -54.47
C ALA L 153 -23.13 16.21 -54.70
N LEU L 154 -22.26 16.99 -54.05
CA LEU L 154 -20.82 16.81 -54.23
C LEU L 154 -20.36 15.47 -53.68
N HIS L 155 -20.88 15.07 -52.51
CA HIS L 155 -20.48 13.82 -51.91
C HIS L 155 -21.22 12.63 -52.52
N THR L 156 -22.51 12.79 -52.79
CA THR L 156 -23.28 11.70 -53.39
C THR L 156 -22.98 11.53 -54.87
N GLY L 157 -22.60 12.61 -55.55
CA GLY L 157 -22.35 12.55 -56.97
C GLY L 157 -23.58 12.61 -57.83
N GLN L 158 -24.75 12.85 -57.22
CA GLN L 158 -26.00 12.94 -57.96
C GLN L 158 -26.16 14.36 -58.50
N SER L 159 -27.22 14.56 -59.28
CA SER L 159 -27.48 15.86 -59.87
C SER L 159 -28.14 16.77 -58.84
N LEU L 160 -27.62 18.01 -58.74
CA LEU L 160 -28.15 18.99 -57.80
C LEU L 160 -29.66 19.16 -57.95
N GLU L 161 -30.14 19.13 -59.19
CA GLU L 161 -31.58 19.28 -59.41
C GLU L 161 -32.36 18.14 -58.76
N GLN L 162 -31.84 16.92 -58.85
CA GLN L 162 -32.51 15.77 -58.25
C GLN L 162 -32.56 15.90 -56.73
N ILE L 163 -31.50 16.46 -56.13
CA ILE L 163 -31.47 16.62 -54.67
C ILE L 163 -32.63 17.48 -54.20
N GLU L 164 -32.89 18.59 -54.91
CA GLU L 164 -34.00 19.45 -54.54
C GLU L 164 -35.33 18.73 -54.65
N ARG L 165 -35.48 17.90 -55.69
CA ARG L 165 -36.74 17.18 -55.89
C ARG L 165 -36.96 16.14 -54.79
N ASP L 166 -35.90 15.49 -54.33
CA ASP L 166 -36.04 14.47 -53.29
C ASP L 166 -36.05 15.06 -51.88
N THR L 167 -35.57 16.29 -51.70
CA THR L 167 -35.53 16.93 -50.39
C THR L 167 -36.72 17.84 -50.13
N GLU L 168 -37.61 18.03 -51.11
CA GLU L 168 -38.78 18.86 -50.89
C GLU L 168 -39.68 18.32 -49.78
N ARG L 169 -39.61 17.01 -49.52
CA ARG L 169 -40.37 16.37 -48.48
C ARG L 169 -39.52 15.26 -47.89
N ASP L 170 -39.92 14.80 -46.70
CA ASP L 170 -39.22 13.72 -46.02
C ASP L 170 -39.14 12.49 -46.93
N ARG L 171 -37.91 12.01 -47.15
CA ARG L 171 -37.65 10.85 -47.98
C ARG L 171 -36.87 9.84 -47.18
N PHE L 172 -37.39 8.63 -47.07
CA PHE L 172 -36.77 7.54 -46.34
C PHE L 172 -36.03 6.64 -47.30
N LEU L 173 -34.92 6.10 -46.85
CA LEU L 173 -34.09 5.23 -47.67
C LEU L 173 -33.45 4.15 -46.81
N SER L 174 -33.48 2.93 -47.34
CA SER L 174 -32.86 1.79 -46.69
C SER L 174 -31.38 1.76 -47.07
N ALA L 175 -30.65 0.81 -46.50
CA ALA L 175 -29.23 0.69 -46.83
C ALA L 175 -28.98 0.46 -48.32
N PRO L 176 -29.64 -0.48 -49.00
CA PRO L 176 -29.39 -0.65 -50.44
C PRO L 176 -29.72 0.58 -51.25
N GLU L 177 -30.82 1.25 -50.93
CA GLU L 177 -31.21 2.45 -51.65
C GLU L 177 -30.15 3.54 -51.53
N ALA L 178 -29.52 3.64 -50.36
CA ALA L 178 -28.49 4.64 -50.16
C ALA L 178 -27.27 4.39 -51.04
N VAL L 179 -26.90 3.12 -51.23
CA VAL L 179 -25.73 2.79 -52.05
C VAL L 179 -25.92 3.29 -53.48
N GLU L 180 -27.13 3.12 -54.03
CA GLU L 180 -27.38 3.58 -55.38
C GLU L 180 -27.57 5.08 -55.45
N TYR L 181 -27.80 5.74 -54.32
CA TYR L 181 -27.98 7.18 -54.24
C TYR L 181 -26.67 7.92 -54.00
N GLY L 182 -25.60 7.21 -53.65
CA GLY L 182 -24.31 7.81 -53.39
C GLY L 182 -24.10 8.26 -51.96
N LEU L 183 -25.09 8.07 -51.08
CA LEU L 183 -24.93 8.48 -49.69
C LEU L 183 -23.90 7.62 -48.98
N VAL L 184 -23.95 6.31 -49.21
CA VAL L 184 -23.08 5.34 -48.58
C VAL L 184 -22.32 4.58 -49.65
N ASP L 185 -21.03 4.38 -49.41
CA ASP L 185 -20.18 3.68 -50.37
C ASP L 185 -20.47 2.18 -50.41
N SER L 186 -20.61 1.56 -49.24
CA SER L 186 -20.83 0.13 -49.19
C SER L 186 -21.64 -0.22 -47.94
N ILE L 187 -22.15 -1.45 -47.92
CA ILE L 187 -22.92 -1.98 -46.82
C ILE L 187 -22.09 -3.00 -46.07
N LEU L 188 -22.17 -2.97 -44.74
CA LEU L 188 -21.47 -3.89 -43.86
C LEU L 188 -22.49 -4.92 -43.38
N THR L 189 -22.64 -6.00 -44.14
CA THR L 189 -23.60 -7.04 -43.77
C THR L 189 -23.03 -7.95 -42.70
N HIS L 190 -21.81 -8.43 -42.89
CA HIS L 190 -21.14 -9.31 -41.95
C HIS L 190 -19.66 -8.98 -41.97
N ARG L 191 -18.89 -9.68 -41.15
CA ARG L 191 -17.47 -9.46 -41.06
C ARG L 191 -16.71 -10.31 -42.08
N LEU M 1 -21.78 13.14 -20.68
CA LEU M 1 -20.51 12.56 -20.24
C LEU M 1 -19.41 12.87 -21.24
N VAL M 2 -18.27 13.30 -20.73
CA VAL M 2 -17.10 13.65 -21.54
C VAL M 2 -16.09 12.52 -21.45
N PRO M 3 -15.58 12.00 -22.57
CA PRO M 3 -14.61 10.93 -22.49
C PRO M 3 -13.28 11.40 -21.93
N MET M 4 -12.61 10.50 -21.22
CA MET M 4 -11.31 10.76 -20.62
C MET M 4 -10.25 10.17 -21.53
N VAL M 5 -9.22 10.95 -21.81
CA VAL M 5 -8.12 10.56 -22.69
C VAL M 5 -6.85 10.40 -21.88
N ILE M 6 -6.19 9.26 -22.05
CA ILE M 6 -4.93 9.01 -21.37
C ILE M 6 -3.81 9.73 -22.10
N GLU M 7 -2.87 10.28 -21.34
CA GLU M 7 -1.74 11.01 -21.89
C GLU M 7 -0.45 10.27 -21.52
N GLN M 8 0.43 10.14 -22.50
CA GLN M 8 1.71 9.46 -22.33
C GLN M 8 2.79 10.52 -22.09
N THR M 9 3.48 10.41 -20.97
CA THR M 9 4.53 11.35 -20.60
C THR M 9 5.67 10.58 -19.95
N SER M 10 6.84 11.22 -19.92
CA SER M 10 7.99 10.59 -19.27
C SER M 10 7.74 10.44 -17.78
N ARG M 11 7.03 11.41 -17.19
CA ARG M 11 6.70 11.36 -15.77
C ARG M 11 5.81 10.16 -15.46
N GLY M 12 4.87 9.86 -16.35
CA GLY M 12 3.96 8.76 -16.12
C GLY M 12 2.72 8.90 -17.00
N GLU M 13 1.70 8.12 -16.64
CA GLU M 13 0.44 8.09 -17.35
C GLU M 13 -0.52 9.08 -16.69
N ARG M 14 -1.15 9.93 -17.50
CA ARG M 14 -2.06 10.96 -17.04
C ARG M 14 -3.42 10.79 -17.71
N SER M 15 -4.48 10.88 -16.91
CA SER M 15 -5.85 10.79 -17.39
C SER M 15 -6.50 12.16 -17.28
N PHE M 16 -6.91 12.71 -18.41
CA PHE M 16 -7.56 14.02 -18.47
C PHE M 16 -8.83 13.93 -19.28
N ASP M 17 -9.71 14.89 -19.07
CA ASP M 17 -10.92 14.94 -19.86
C ASP M 17 -10.57 15.56 -21.21
N ILE M 18 -11.48 15.41 -22.17
CA ILE M 18 -11.21 15.90 -23.52
C ILE M 18 -11.05 17.41 -23.55
N TYR M 19 -11.78 18.14 -22.71
CA TYR M 19 -11.67 19.59 -22.73
C TYR M 19 -10.44 20.11 -22.01
N SER M 20 -9.79 19.30 -21.17
CA SER M 20 -8.59 19.71 -20.48
C SER M 20 -7.34 19.39 -21.29
N ARG M 21 -7.34 18.25 -21.99
CA ARG M 21 -6.19 17.90 -22.82
C ARG M 21 -5.98 18.94 -23.90
N LEU M 22 -7.08 19.44 -24.46
CA LEU M 22 -6.98 20.47 -25.48
C LEU M 22 -6.45 21.77 -24.90
N LEU M 23 -6.81 22.06 -23.65
CA LEU M 23 -6.30 23.26 -22.99
C LEU M 23 -4.79 23.27 -22.98
N LYS M 24 -4.17 22.11 -22.78
CA LYS M 24 -2.72 22.03 -22.82
C LYS M 24 -2.17 22.40 -24.18
N GLU M 25 -3.00 22.31 -25.23
CA GLU M 25 -2.63 22.69 -26.57
C GLU M 25 -3.11 24.10 -26.92
N ARG M 26 -3.47 24.89 -25.91
CA ARG M 26 -3.90 26.27 -26.09
C ARG M 26 -5.15 26.34 -26.96
N VAL M 27 -6.17 25.62 -26.53
CA VAL M 27 -7.45 25.55 -27.22
C VAL M 27 -8.54 25.76 -26.21
N ILE M 28 -9.39 26.74 -26.46
CA ILE M 28 -10.52 27.10 -25.62
C ILE M 28 -11.77 27.04 -26.47
N PHE M 29 -12.87 26.67 -25.83
CA PHE M 29 -14.16 26.55 -26.50
C PHE M 29 -15.16 27.48 -25.85
N LEU M 30 -15.86 28.25 -26.67
CA LEU M 30 -16.90 29.18 -26.23
C LEU M 30 -18.15 28.68 -26.93
N THR M 31 -18.85 27.77 -26.25
CA THR M 31 -20.07 27.15 -26.75
C THR M 31 -21.23 27.51 -25.85
N GLY M 32 -22.42 27.55 -26.42
CA GLY M 32 -23.60 27.87 -25.67
C GLY M 32 -23.74 29.36 -25.42
N GLN M 33 -24.84 29.71 -24.77
CA GLN M 33 -25.12 31.10 -24.45
C GLN M 33 -24.03 31.68 -23.57
N VAL M 34 -23.70 32.94 -23.81
CA VAL M 34 -22.66 33.64 -23.08
C VAL M 34 -23.27 34.16 -21.77
N GLU M 35 -22.83 33.61 -20.65
CA GLU M 35 -23.29 34.00 -19.32
C GLU M 35 -22.08 34.31 -18.46
N ASP M 36 -22.32 34.59 -17.18
CA ASP M 36 -21.24 34.95 -16.27
C ASP M 36 -20.39 33.75 -15.86
N HIS M 37 -21.02 32.59 -15.69
CA HIS M 37 -20.27 31.41 -15.27
C HIS M 37 -19.31 30.94 -16.34
N MET M 38 -19.82 30.72 -17.56
CA MET M 38 -18.94 30.27 -18.63
C MET M 38 -17.91 31.32 -18.99
N ALA M 39 -18.30 32.59 -18.97
CA ALA M 39 -17.36 33.66 -19.30
C ALA M 39 -16.26 33.73 -18.26
N ASN M 40 -16.61 33.58 -17.00
CA ASN M 40 -15.63 33.59 -15.94
C ASN M 40 -14.68 32.41 -16.09
N LEU M 41 -15.19 31.29 -16.53
CA LEU M 41 -14.37 30.10 -16.74
C LEU M 41 -13.40 30.32 -17.89
N ILE M 42 -13.88 30.89 -18.99
CA ILE M 42 -13.03 31.13 -20.14
C ILE M 42 -11.94 32.11 -19.79
N VAL M 43 -12.26 33.10 -18.95
CA VAL M 43 -11.28 34.08 -18.51
C VAL M 43 -10.15 33.39 -17.78
N ALA M 44 -10.48 32.51 -16.83
CA ALA M 44 -9.48 31.80 -16.06
C ALA M 44 -8.60 30.95 -16.95
N GLN M 45 -9.17 30.39 -18.01
CA GLN M 45 -8.38 29.60 -18.94
C GLN M 45 -7.34 30.46 -19.65
N MET M 46 -7.74 31.66 -20.08
CA MET M 46 -6.82 32.56 -20.76
C MET M 46 -5.66 32.95 -19.87
N LEU M 47 -5.95 33.44 -18.67
CA LEU M 47 -4.91 33.86 -17.73
C LEU M 47 -3.97 32.71 -17.41
N PHE M 48 -4.51 31.49 -17.32
CA PHE M 48 -3.66 30.34 -17.04
C PHE M 48 -2.71 30.09 -18.20
N LEU M 49 -3.20 30.17 -19.42
CA LEU M 49 -2.35 29.94 -20.59
C LEU M 49 -1.30 31.03 -20.74
N GLU M 50 -1.68 32.29 -20.52
CA GLU M 50 -0.74 33.39 -20.58
C GLU M 50 0.45 33.16 -19.66
N ALA M 51 0.17 32.68 -18.44
CA ALA M 51 1.25 32.45 -17.49
C ALA M 51 2.16 31.33 -17.94
N GLU M 52 1.61 30.30 -18.57
CA GLU M 52 2.44 29.19 -19.05
C GLU M 52 3.45 29.68 -20.06
N ASN M 53 2.97 30.20 -21.18
CA ASN M 53 3.84 30.75 -22.20
C ASN M 53 3.10 31.95 -22.78
N PRO M 54 3.50 33.19 -22.50
CA PRO M 54 2.77 34.35 -23.03
C PRO M 54 3.09 34.71 -24.47
N GLU M 55 3.90 33.93 -25.16
CA GLU M 55 4.26 34.21 -26.55
C GLU M 55 3.42 33.41 -27.53
N LYS M 56 3.16 32.14 -27.24
CA LYS M 56 2.38 31.30 -28.16
C LYS M 56 0.96 31.81 -28.26
N ASP M 57 0.40 31.68 -29.46
CA ASP M 57 -0.96 32.14 -29.72
C ASP M 57 -1.99 31.18 -29.16
N ILE M 58 -3.12 31.75 -28.74
CA ILE M 58 -4.23 31.01 -28.16
C ILE M 58 -5.33 30.88 -29.19
N TYR M 59 -5.83 29.65 -29.35
CA TYR M 59 -6.92 29.35 -30.27
C TYR M 59 -8.22 29.29 -29.49
N LEU M 60 -9.22 30.01 -29.96
CA LEU M 60 -10.53 30.09 -29.32
C LEU M 60 -11.60 29.79 -30.37
N TYR M 61 -12.29 28.67 -30.19
CA TYR M 61 -13.35 28.25 -31.10
C TYR M 61 -14.68 28.78 -30.57
N ILE M 62 -15.49 29.33 -31.46
CA ILE M 62 -16.75 29.98 -31.09
C ILE M 62 -17.92 29.38 -31.86
N ASN M 63 -18.85 28.78 -31.14
CA ASN M 63 -20.09 28.22 -31.65
C ASN M 63 -21.24 28.65 -30.77
N SER M 64 -21.26 29.93 -30.42
CA SER M 64 -22.23 30.51 -29.49
C SER M 64 -23.33 31.29 -30.19
N PRO M 65 -24.59 31.18 -29.76
CA PRO M 65 -25.66 31.96 -30.37
C PRO M 65 -25.89 33.33 -29.72
N GLY M 66 -24.98 33.80 -28.87
CA GLY M 66 -25.10 35.09 -28.22
C GLY M 66 -25.29 34.94 -26.72
N GLY M 67 -25.55 36.07 -26.07
CA GLY M 67 -25.73 36.05 -24.64
C GLY M 67 -25.58 37.44 -24.05
N VAL M 68 -25.32 37.45 -22.74
CA VAL M 68 -25.19 38.70 -21.99
C VAL M 68 -24.00 39.49 -22.51
N ILE M 69 -24.22 40.79 -22.69
CA ILE M 69 -23.17 41.66 -23.19
C ILE M 69 -22.12 41.92 -22.11
N THR M 70 -22.55 42.14 -20.87
CA THR M 70 -21.60 42.38 -19.79
C THR M 70 -20.67 41.21 -19.60
N ALA M 71 -21.22 39.99 -19.63
CA ALA M 71 -20.40 38.81 -19.47
C ALA M 71 -19.41 38.65 -20.61
N GLY M 72 -19.86 38.91 -21.83
CA GLY M 72 -18.97 38.77 -22.98
C GLY M 72 -17.84 39.76 -23.00
N MET M 73 -18.07 40.98 -22.51
CA MET M 73 -17.01 41.97 -22.48
C MET M 73 -15.85 41.53 -21.62
N SER M 74 -16.13 40.78 -20.55
CA SER M 74 -15.05 40.28 -19.71
C SER M 74 -14.13 39.37 -20.52
N ILE M 75 -14.69 38.66 -21.49
CA ILE M 75 -13.88 37.83 -22.37
C ILE M 75 -13.10 38.71 -23.33
N TYR M 76 -13.76 39.73 -23.89
CA TYR M 76 -13.11 40.61 -24.86
C TYR M 76 -12.01 41.43 -24.22
N ASP M 77 -12.28 42.00 -23.05
CA ASP M 77 -11.29 42.82 -22.37
C ASP M 77 -10.07 42.00 -22.01
N THR M 78 -10.28 40.76 -21.58
CA THR M 78 -9.17 39.89 -21.24
C THR M 78 -8.32 39.57 -22.46
N MET M 79 -8.96 39.36 -23.61
CA MET M 79 -8.22 39.02 -24.83
C MET M 79 -7.23 40.11 -25.19
N GLN M 80 -7.67 41.36 -25.13
CA GLN M 80 -6.79 42.48 -25.44
C GLN M 80 -5.71 42.63 -24.38
N PHE M 81 -6.06 42.43 -23.12
CA PHE M 81 -5.09 42.59 -22.04
C PHE M 81 -3.94 41.60 -22.15
N ILE M 82 -4.24 40.34 -22.48
CA ILE M 82 -3.18 39.34 -22.53
C ILE M 82 -2.25 39.60 -23.71
N LYS M 83 -0.97 39.35 -23.48
CA LYS M 83 0.03 39.51 -24.54
C LYS M 83 -0.18 38.57 -25.72
N PRO M 84 -0.53 37.30 -25.52
CA PRO M 84 -0.72 36.40 -26.67
C PRO M 84 -1.85 36.82 -27.60
N ASP M 85 -1.68 36.45 -28.86
CA ASP M 85 -2.69 36.70 -29.88
C ASP M 85 -3.76 35.63 -29.73
N VAL M 86 -5.00 36.04 -29.52
CA VAL M 86 -6.12 35.12 -29.31
C VAL M 86 -6.76 34.83 -30.66
N SER M 87 -6.28 33.79 -31.32
CA SER M 87 -6.86 33.37 -32.58
C SER M 87 -8.31 32.95 -32.35
N THR M 88 -9.22 33.49 -33.15
CA THR M 88 -10.65 33.23 -33.04
C THR M 88 -11.12 32.46 -34.27
N ILE M 89 -11.83 31.35 -34.01
CA ILE M 89 -12.36 30.49 -35.05
C ILE M 89 -13.86 30.32 -34.79
N CYS M 90 -14.65 30.47 -35.84
CA CYS M 90 -16.10 30.36 -35.75
C CYS M 90 -16.59 29.09 -36.44
N MET M 91 -17.37 28.31 -35.71
CA MET M 91 -17.96 27.07 -36.21
C MET M 91 -19.45 27.09 -35.91
N GLY M 92 -20.25 26.65 -36.88
CA GLY M 92 -21.67 26.58 -36.68
C GLY M 92 -22.42 27.89 -36.78
N GLN M 93 -22.18 28.79 -35.82
CA GLN M 93 -22.86 30.07 -35.84
C GLN M 93 -22.21 31.03 -34.86
N ALA M 94 -22.51 32.31 -35.04
CA ALA M 94 -22.01 33.36 -34.16
C ALA M 94 -22.98 34.53 -34.21
N ALA M 95 -23.49 34.91 -33.05
CA ALA M 95 -24.43 36.02 -32.91
C ALA M 95 -23.64 37.30 -32.65
N SER M 96 -24.35 38.37 -32.28
CA SER M 96 -23.71 39.66 -32.03
C SER M 96 -22.55 39.54 -31.06
N MET M 97 -22.76 38.83 -29.95
CA MET M 97 -21.68 38.69 -28.98
C MET M 97 -20.61 37.73 -29.49
N GLY M 98 -21.03 36.59 -30.04
CA GLY M 98 -20.05 35.65 -30.57
C GLY M 98 -19.25 36.28 -31.71
N ALA M 99 -19.95 36.99 -32.60
CA ALA M 99 -19.28 37.66 -33.71
C ALA M 99 -18.38 38.76 -33.19
N PHE M 100 -18.81 39.46 -32.13
CA PHE M 100 -18.00 40.53 -31.57
C PHE M 100 -16.69 39.99 -31.03
N LEU M 101 -16.75 38.85 -30.34
CA LEU M 101 -15.52 38.23 -29.85
C LEU M 101 -14.71 37.67 -31.01
N LEU M 102 -15.40 37.14 -32.02
CA LEU M 102 -14.73 36.58 -33.19
C LEU M 102 -13.86 37.62 -33.88
N THR M 103 -14.42 38.78 -34.17
CA THR M 103 -13.64 39.84 -34.81
C THR M 103 -12.67 40.51 -33.86
N ALA M 104 -12.85 40.32 -32.55
CA ALA M 104 -11.95 40.93 -31.57
C ALA M 104 -10.61 40.24 -31.48
N GLY M 105 -10.42 39.12 -32.16
CA GLY M 105 -9.15 38.43 -32.12
C GLY M 105 -8.02 39.24 -32.70
N ALA M 106 -6.81 38.69 -32.63
CA ALA M 106 -5.64 39.38 -33.16
C ALA M 106 -5.76 39.57 -34.66
N LYS M 107 -5.31 40.73 -35.12
CA LYS M 107 -5.37 41.04 -36.55
C LYS M 107 -4.54 40.03 -37.32
N GLY M 108 -5.14 39.46 -38.36
CA GLY M 108 -4.47 38.46 -39.17
C GLY M 108 -4.52 37.05 -38.62
N LYS M 109 -5.13 36.85 -37.45
CA LYS M 109 -5.24 35.53 -36.83
C LYS M 109 -6.69 35.15 -36.52
N ARG M 110 -7.64 35.76 -37.24
CA ARG M 110 -9.05 35.47 -37.07
C ARG M 110 -9.48 34.66 -38.29
N PHE M 111 -10.06 33.49 -38.05
CA PHE M 111 -10.47 32.60 -39.11
C PHE M 111 -11.91 32.16 -38.91
N CYS M 112 -12.46 31.61 -39.98
CA CYS M 112 -13.81 31.09 -39.99
C CYS M 112 -13.85 29.91 -40.95
N LEU M 113 -14.70 28.96 -40.66
CA LEU M 113 -14.80 27.79 -41.49
C LEU M 113 -15.71 28.09 -42.70
N PRO M 114 -15.52 27.38 -43.82
CA PRO M 114 -16.29 27.69 -45.04
C PRO M 114 -17.80 27.72 -44.89
N ASN M 115 -18.38 26.91 -44.01
CA ASN M 115 -19.83 26.87 -43.82
C ASN M 115 -20.27 27.61 -42.57
N SER M 116 -19.38 28.35 -41.93
CA SER M 116 -19.74 29.09 -40.73
C SER M 116 -20.65 30.26 -41.07
N ARG M 117 -21.54 30.59 -40.14
CA ARG M 117 -22.50 31.66 -40.30
C ARG M 117 -22.27 32.73 -39.23
N VAL M 118 -22.10 33.97 -39.66
CA VAL M 118 -21.88 35.10 -38.77
C VAL M 118 -23.09 36.02 -38.85
N MET M 119 -23.67 36.33 -37.70
CA MET M 119 -24.82 37.22 -37.60
C MET M 119 -24.49 38.33 -36.61
N ILE M 120 -24.76 39.56 -37.02
CA ILE M 120 -24.54 40.75 -36.19
C ILE M 120 -25.87 41.49 -36.08
N HIS M 121 -26.23 41.88 -34.86
CA HIS M 121 -27.46 42.60 -34.63
C HIS M 121 -27.26 43.52 -33.44
N GLN M 122 -28.21 44.44 -33.27
CA GLN M 122 -28.11 45.40 -32.18
C GLN M 122 -28.41 44.74 -30.84
N PRO M 123 -27.92 45.30 -29.73
CA PRO M 123 -28.23 44.73 -28.42
C PRO M 123 -29.72 44.73 -28.12
N LEU M 124 -30.11 43.84 -27.22
CA LEU M 124 -31.47 43.70 -26.77
C LEU M 124 -31.54 44.02 -25.28
N GLY M 125 -32.74 44.38 -24.84
CA GLY M 125 -32.92 44.73 -23.46
C GLY M 125 -34.39 44.87 -23.12
N GLY M 126 -34.63 45.53 -21.99
CA GLY M 126 -35.98 45.73 -21.53
C GLY M 126 -36.01 46.12 -20.08
N TYR M 127 -37.11 46.77 -19.70
CA TYR M 127 -37.29 47.24 -18.34
C TYR M 127 -38.77 47.50 -18.11
N GLN M 128 -39.19 47.33 -16.86
CA GLN M 128 -40.56 47.59 -16.45
C GLN M 128 -40.50 48.32 -15.11
N GLY M 129 -41.09 49.50 -15.07
CA GLY M 129 -41.09 50.30 -13.86
C GLY M 129 -41.46 51.74 -14.18
N GLN M 130 -40.96 52.65 -13.35
CA GLN M 130 -41.23 54.06 -13.54
C GLN M 130 -40.57 54.56 -14.83
N ALA M 131 -41.10 55.67 -15.33
CA ALA M 131 -40.56 56.26 -16.55
C ALA M 131 -39.16 56.81 -16.34
N THR M 132 -38.87 57.33 -15.15
CA THR M 132 -37.55 57.86 -14.87
C THR M 132 -36.49 56.77 -14.98
N ASP M 133 -36.72 55.63 -14.31
CA ASP M 133 -35.77 54.54 -14.38
C ASP M 133 -35.65 54.00 -15.80
N ILE M 134 -36.75 53.99 -16.54
CA ILE M 134 -36.72 53.52 -17.92
C ILE M 134 -35.77 54.37 -18.75
N GLU M 135 -35.77 55.69 -18.50
CA GLU M 135 -34.89 56.58 -19.23
C GLU M 135 -33.42 56.25 -18.97
N ILE M 136 -33.10 55.95 -17.71
CA ILE M 136 -31.71 55.66 -17.34
C ILE M 136 -31.22 54.41 -18.05
N HIS M 137 -31.97 53.30 -17.93
CA HIS M 137 -31.57 52.07 -18.58
C HIS M 137 -31.55 52.22 -20.08
N ALA M 138 -32.46 53.03 -20.63
CA ALA M 138 -32.47 53.25 -22.07
C ALA M 138 -31.19 53.96 -22.52
N ARG M 139 -30.76 54.96 -21.76
CA ARG M 139 -29.54 55.68 -22.11
C ARG M 139 -28.34 54.74 -22.10
N GLU M 140 -28.29 53.82 -21.14
CA GLU M 140 -27.15 52.92 -21.03
C GLU M 140 -27.08 51.95 -22.21
N ILE M 141 -28.20 51.30 -22.55
CA ILE M 141 -28.18 50.36 -23.66
C ILE M 141 -27.82 51.08 -24.95
N LEU M 142 -28.21 52.35 -25.08
CA LEU M 142 -27.82 53.11 -26.25
C LEU M 142 -26.31 53.34 -26.24
N LYS M 143 -25.74 53.63 -25.07
CA LYS M 143 -24.30 53.80 -24.96
C LYS M 143 -23.60 52.49 -25.32
N VAL M 144 -24.16 51.37 -24.87
CA VAL M 144 -23.60 50.07 -25.20
C VAL M 144 -23.66 49.84 -26.69
N LYS M 145 -24.79 50.21 -27.31
CA LYS M 145 -24.93 50.07 -28.76
C LYS M 145 -23.89 50.89 -29.48
N GLY M 146 -23.66 52.11 -29.02
CA GLY M 146 -22.63 52.95 -29.62
C GLY M 146 -21.24 52.39 -29.36
N ARG M 147 -20.99 51.98 -28.12
CA ARG M 147 -19.67 51.44 -27.76
C ARG M 147 -19.37 50.16 -28.53
N MET M 148 -20.37 49.28 -28.65
CA MET M 148 -20.16 48.04 -29.40
C MET M 148 -19.85 48.32 -30.86
N ASN M 149 -20.59 49.27 -31.46
CA ASN M 149 -20.35 49.61 -32.85
C ASN M 149 -18.98 50.21 -33.05
N GLU M 150 -18.54 51.05 -32.10
CA GLU M 150 -17.21 51.64 -32.19
C GLU M 150 -16.14 50.56 -32.19
N LEU M 151 -16.27 49.59 -31.29
CA LEU M 151 -15.29 48.51 -31.20
C LEU M 151 -15.33 47.64 -32.43
N MET M 152 -16.52 47.34 -32.95
CA MET M 152 -16.63 46.50 -34.14
C MET M 152 -15.96 47.18 -35.33
N ALA M 153 -16.16 48.50 -35.45
CA ALA M 153 -15.56 49.24 -36.56
C ALA M 153 -14.04 49.28 -36.44
N LEU M 154 -13.51 49.35 -35.22
CA LEU M 154 -12.07 49.40 -35.05
C LEU M 154 -11.41 48.10 -35.48
N HIS M 155 -12.01 46.96 -35.14
CA HIS M 155 -11.43 45.67 -35.51
C HIS M 155 -11.68 45.36 -36.98
N THR M 156 -12.90 45.62 -37.47
CA THR M 156 -13.21 45.36 -38.87
C THR M 156 -12.54 46.37 -39.79
N GLY M 157 -12.29 47.58 -39.31
CA GLY M 157 -11.71 48.62 -40.12
C GLY M 157 -12.73 49.40 -40.93
N GLN M 158 -14.01 49.12 -40.75
CA GLN M 158 -15.08 49.79 -41.47
C GLN M 158 -15.41 51.12 -40.79
N SER M 159 -16.31 51.87 -41.42
CA SER M 159 -16.71 53.16 -40.88
C SER M 159 -17.83 52.98 -39.86
N LEU M 160 -17.75 53.77 -38.79
CA LEU M 160 -18.75 53.72 -37.73
C LEU M 160 -20.16 53.90 -38.27
N GLU M 161 -20.33 54.76 -39.28
CA GLU M 161 -21.65 54.97 -39.86
C GLU M 161 -22.17 53.71 -40.54
N GLN M 162 -21.29 53.00 -41.25
CA GLN M 162 -21.69 51.78 -41.94
C GLN M 162 -22.16 50.72 -40.94
N ILE M 163 -21.46 50.61 -39.81
CA ILE M 163 -21.82 49.62 -38.80
C ILE M 163 -23.21 49.91 -38.25
N GLU M 164 -23.53 51.18 -38.03
CA GLU M 164 -24.86 51.52 -37.50
C GLU M 164 -25.96 51.12 -38.47
N ARG M 165 -25.73 51.30 -39.78
CA ARG M 165 -26.75 50.97 -40.76
C ARG M 165 -27.00 49.47 -40.82
N ASP M 166 -25.95 48.68 -40.71
CA ASP M 166 -26.06 47.22 -40.79
C ASP M 166 -26.50 46.58 -39.48
N THR M 167 -26.36 47.26 -38.35
CA THR M 167 -26.71 46.69 -37.07
C THR M 167 -28.14 46.99 -36.62
N GLU M 168 -28.87 47.84 -37.33
CA GLU M 168 -30.26 48.14 -36.94
C GLU M 168 -31.14 46.91 -36.96
N ARG M 169 -30.78 45.88 -37.74
CA ARG M 169 -31.58 44.67 -37.82
C ARG M 169 -30.66 43.49 -38.04
N ASP M 170 -31.21 42.30 -37.83
CA ASP M 170 -30.47 41.06 -37.99
C ASP M 170 -29.86 40.96 -39.37
N ARG M 171 -28.52 40.92 -39.42
CA ARG M 171 -27.77 40.83 -40.66
C ARG M 171 -26.96 39.55 -40.63
N PHE M 172 -27.32 38.62 -41.51
CA PHE M 172 -26.63 37.34 -41.62
C PHE M 172 -25.49 37.45 -42.63
N LEU M 173 -24.41 36.74 -42.35
CA LEU M 173 -23.23 36.75 -43.20
C LEU M 173 -22.60 35.37 -43.22
N SER M 174 -22.15 34.97 -44.38
CA SER M 174 -21.48 33.70 -44.58
C SER M 174 -19.98 33.90 -44.44
N ALA M 175 -19.22 32.82 -44.56
CA ALA M 175 -17.77 32.90 -44.47
C ALA M 175 -17.16 33.86 -45.48
N PRO M 176 -17.48 33.82 -46.78
CA PRO M 176 -16.85 34.78 -47.70
C PRO M 176 -17.24 36.22 -47.43
N GLU M 177 -18.50 36.48 -47.11
CA GLU M 177 -18.95 37.84 -46.83
C GLU M 177 -18.21 38.44 -45.65
N ALA M 178 -17.87 37.62 -44.65
CA ALA M 178 -17.16 38.11 -43.49
C ALA M 178 -15.78 38.63 -43.85
N VAL M 179 -15.11 37.97 -44.81
CA VAL M 179 -13.76 38.38 -45.18
C VAL M 179 -13.76 39.78 -45.77
N GLU M 180 -14.72 40.07 -46.64
CA GLU M 180 -14.79 41.40 -47.25
C GLU M 180 -15.32 42.45 -46.28
N TYR M 181 -16.03 42.02 -45.23
CA TYR M 181 -16.54 42.95 -44.23
C TYR M 181 -15.50 43.30 -43.19
N GLY M 182 -14.41 42.53 -43.09
CA GLY M 182 -13.35 42.77 -42.14
C GLY M 182 -13.51 42.04 -40.82
N LEU M 183 -14.60 41.29 -40.63
CA LEU M 183 -14.78 40.56 -39.38
C LEU M 183 -13.71 39.50 -39.20
N VAL M 184 -13.40 38.78 -40.28
CA VAL M 184 -12.42 37.70 -40.27
C VAL M 184 -11.39 37.98 -41.34
N ASP M 185 -10.21 37.41 -41.14
CA ASP M 185 -9.09 37.63 -42.05
C ASP M 185 -9.07 36.65 -43.21
N SER M 186 -9.23 35.36 -42.93
CA SER M 186 -9.21 34.34 -43.97
C SER M 186 -10.11 33.18 -43.55
N ILE M 187 -10.25 32.22 -44.46
CA ILE M 187 -11.06 31.02 -44.25
C ILE M 187 -10.11 29.84 -44.13
N LEU M 188 -10.52 28.83 -43.36
CA LEU M 188 -9.75 27.61 -43.13
C LEU M 188 -10.49 26.44 -43.78
N THR M 189 -10.18 26.20 -45.05
CA THR M 189 -10.83 25.11 -45.78
C THR M 189 -10.12 23.78 -45.54
N HIS M 190 -8.82 23.80 -45.27
CA HIS M 190 -8.05 22.59 -45.02
C HIS M 190 -6.81 22.96 -44.25
N ARG M 191 -6.12 21.95 -43.74
CA ARG M 191 -4.90 22.14 -42.97
C ARG M 191 -3.67 22.04 -43.88
N GLY N 265 33.69 -23.71 16.73
CA GLY N 265 33.05 -23.62 15.40
C GLY N 265 33.07 -22.20 14.88
N GLY N 266 32.22 -21.92 13.89
CA GLY N 266 32.15 -20.60 13.30
C GLY N 266 30.87 -19.87 13.61
N SER N 267 31.02 -18.71 14.25
CA SER N 267 29.87 -17.90 14.63
C SER N 267 29.21 -17.29 13.40
N GLU N 268 27.87 -17.27 13.40
CA GLU N 268 27.09 -16.73 12.30
C GLU N 268 26.51 -15.37 12.69
N ASN N 269 26.61 -14.43 11.76
CA ASN N 269 26.09 -13.08 11.93
C ASN N 269 24.89 -12.91 11.02
N TYR N 270 23.72 -12.69 11.61
CA TYR N 270 22.50 -12.55 10.82
C TYR N 270 22.50 -11.22 10.11
N ALA N 271 22.16 -11.24 8.83
CA ALA N 271 22.09 -10.05 8.00
C ALA N 271 20.63 -9.75 7.74
N LEU N 272 20.15 -8.64 8.31
CA LEU N 272 18.77 -8.24 8.14
C LEU N 272 18.51 -7.86 6.69
N ALA N 273 17.29 -8.11 6.23
CA ALA N 273 16.89 -7.81 4.87
C ALA N 273 15.74 -6.81 4.86
N ALA N 274 15.61 -6.15 3.72
CA ALA N 274 14.58 -5.13 3.48
C ALA N 274 14.58 -4.02 4.52
#